data_2LNH
#
_entry.id   2LNH
#
loop_
_entity.id
_entity.type
_entity.pdbx_description
1 polymer 'Neural Wiskott-Aldrich syndrome protein'
2 polymer 'Brain-specific angiogenesis inhibitor 1-associated protein 2-like protein 1'
3 polymer 'Secreted effector protein EspF(U)'
#
loop_
_entity_poly.entity_id
_entity_poly.type
_entity_poly.pdbx_seq_one_letter_code
_entity_poly.pdbx_strand_id
1 'polypeptide(L)' GSNFQHIGHVGWDPNTGFDLNNLDPELKNLFDMCGISEAQLKDRETSKVIYDFIEKTGGVEAVKN A
2 'polypeptide(L)' GSHMKKQKVKTIFPHTAGSNKTLLSFAQGDVITLLIPEEKDGWLYGEHDVSKARGWFPSSYTKLLEE B
3 'polypeptide(L)' GLPDVAQRLMQHLAEHGIQPARNMAEHIPPAPNWPAPTPPVQNEQSRP C
#
# COMPACT_ATOMS: atom_id res chain seq x y z
N GLY A 1 -1.03 -36.82 8.01
CA GLY A 1 -1.86 -37.53 7.01
C GLY A 1 -1.22 -37.50 5.63
N SER A 2 -1.49 -36.43 4.86
CA SER A 2 -0.96 -36.24 3.49
C SER A 2 -0.65 -34.75 3.18
N ASN A 3 0.19 -34.52 2.17
CA ASN A 3 0.69 -33.20 1.75
C ASN A 3 0.85 -33.11 0.21
N PHE A 4 1.02 -31.88 -0.30
CA PHE A 4 1.30 -31.59 -1.71
C PHE A 4 2.68 -32.09 -2.20
N GLN A 5 2.89 -31.99 -3.52
CA GLN A 5 4.10 -32.45 -4.23
C GLN A 5 4.86 -31.30 -4.90
N HIS A 6 4.26 -30.67 -5.94
CA HIS A 6 4.83 -29.53 -6.65
C HIS A 6 4.91 -28.22 -5.84
N ILE A 7 4.21 -28.17 -4.71
CA ILE A 7 4.06 -27.04 -3.78
C ILE A 7 4.03 -27.59 -2.33
N GLY A 8 3.74 -26.73 -1.36
CA GLY A 8 3.51 -27.08 0.05
C GLY A 8 4.40 -26.28 0.99
N HIS A 9 5.58 -25.87 0.48
CA HIS A 9 6.51 -24.93 1.12
C HIS A 9 5.87 -23.56 1.43
N VAL A 10 5.11 -23.00 0.48
CA VAL A 10 4.40 -21.73 0.65
C VAL A 10 3.30 -21.86 1.70
N GLY A 11 3.33 -20.92 2.65
CA GLY A 11 2.30 -20.67 3.64
C GLY A 11 1.51 -19.45 3.19
N TRP A 12 0.38 -19.72 2.55
CA TRP A 12 -0.65 -18.77 2.17
C TRP A 12 -2.06 -19.36 2.39
N ASP A 13 -3.02 -18.49 2.72
CA ASP A 13 -4.43 -18.86 2.90
C ASP A 13 -5.42 -17.85 2.27
N PRO A 14 -6.55 -18.32 1.70
CA PRO A 14 -7.60 -17.49 1.07
C PRO A 14 -8.44 -16.65 2.06
N ASN A 15 -8.13 -16.70 3.35
CA ASN A 15 -8.80 -15.94 4.41
C ASN A 15 -7.94 -14.80 4.96
N THR A 16 -6.62 -15.00 5.04
CA THR A 16 -5.68 -14.12 5.75
C THR A 16 -4.47 -13.71 4.92
N GLY A 17 -4.05 -14.55 3.96
CA GLY A 17 -2.96 -14.27 3.03
C GLY A 17 -1.67 -15.06 3.31
N PHE A 18 -0.56 -14.57 2.76
CA PHE A 18 0.79 -15.13 3.00
C PHE A 18 1.18 -14.99 4.48
N ASP A 19 1.93 -15.97 4.97
CA ASP A 19 2.38 -16.06 6.37
C ASP A 19 3.76 -15.41 6.58
N LEU A 20 3.83 -14.08 6.63
CA LEU A 20 5.08 -13.30 6.75
C LEU A 20 6.05 -13.80 7.83
N ASN A 21 5.50 -14.16 8.99
CA ASN A 21 6.21 -14.70 10.16
C ASN A 21 7.03 -15.97 9.88
N ASN A 22 6.70 -16.72 8.81
CA ASN A 22 7.31 -18.01 8.45
C ASN A 22 7.53 -18.15 6.93
N LEU A 23 7.57 -17.05 6.18
CA LEU A 23 7.73 -17.05 4.72
C LEU A 23 9.06 -17.70 4.26
N ASP A 24 9.03 -18.28 3.06
CA ASP A 24 10.15 -18.98 2.41
C ASP A 24 11.33 -18.05 2.07
N PRO A 25 12.55 -18.59 1.88
CA PRO A 25 13.75 -17.81 1.57
C PRO A 25 13.73 -17.14 0.19
N GLU A 26 12.77 -17.49 -0.66
CA GLU A 26 12.57 -16.92 -2.00
C GLU A 26 11.35 -15.99 -2.06
N LEU A 27 10.34 -16.25 -1.23
CA LEU A 27 8.98 -15.71 -1.38
C LEU A 27 8.96 -14.20 -1.14
N LYS A 28 9.24 -13.83 0.12
CA LYS A 28 9.42 -12.42 0.53
C LYS A 28 10.48 -11.69 -0.29
N ASN A 29 11.48 -12.44 -0.77
CA ASN A 29 12.66 -11.92 -1.44
C ASN A 29 12.30 -11.42 -2.86
N LEU A 30 11.46 -12.18 -3.58
CA LEU A 30 10.77 -11.73 -4.79
C LEU A 30 9.79 -10.58 -4.50
N PHE A 31 8.97 -10.69 -3.45
CA PHE A 31 7.95 -9.67 -3.16
C PHE A 31 8.59 -8.29 -3.00
N ASP A 32 9.71 -8.21 -2.29
CA ASP A 32 10.52 -6.99 -2.13
C ASP A 32 11.24 -6.56 -3.44
N MET A 33 11.40 -7.48 -4.40
CA MET A 33 12.06 -7.24 -5.68
C MET A 33 11.11 -6.67 -6.75
N CYS A 34 9.99 -7.36 -7.04
CA CYS A 34 9.03 -6.85 -8.04
C CYS A 34 8.30 -5.58 -7.55
N GLY A 35 8.20 -5.41 -6.21
CA GLY A 35 7.70 -4.18 -5.57
C GLY A 35 6.45 -4.39 -4.70
N ILE A 36 6.00 -5.64 -4.54
CA ILE A 36 4.87 -6.05 -3.72
C ILE A 36 5.11 -5.69 -2.23
N SER A 37 4.04 -5.35 -1.50
CA SER A 37 4.09 -5.06 -0.05
C SER A 37 3.22 -6.03 0.76
N GLU A 38 3.50 -6.14 2.06
CA GLU A 38 2.79 -7.01 3.02
C GLU A 38 1.27 -6.79 3.05
N ALA A 39 0.79 -5.59 2.71
CA ALA A 39 -0.63 -5.32 2.51
C ALA A 39 -1.26 -6.18 1.40
N GLN A 40 -0.58 -6.33 0.26
CA GLN A 40 -1.06 -7.13 -0.87
C GLN A 40 -0.99 -8.63 -0.55
N LEU A 41 0.03 -9.06 0.19
CA LEU A 41 0.19 -10.41 0.71
C LEU A 41 -0.91 -10.83 1.67
N LYS A 42 -1.52 -9.86 2.37
CA LYS A 42 -2.66 -10.08 3.27
C LYS A 42 -4.02 -9.79 2.61
N ASP A 43 -4.02 -9.45 1.33
CA ASP A 43 -5.22 -9.17 0.54
C ASP A 43 -5.73 -10.46 -0.10
N ARG A 44 -6.90 -10.98 0.30
CA ARG A 44 -7.46 -12.23 -0.27
C ARG A 44 -7.73 -12.16 -1.77
N GLU A 45 -7.71 -10.95 -2.35
CA GLU A 45 -7.99 -10.68 -3.76
C GLU A 45 -6.71 -10.40 -4.57
N THR A 46 -5.60 -10.05 -3.92
CA THR A 46 -4.28 -9.82 -4.57
C THR A 46 -3.30 -10.96 -4.28
N SER A 47 -3.11 -11.31 -3.02
CA SER A 47 -2.29 -12.46 -2.57
C SER A 47 -2.68 -13.77 -3.25
N LYS A 48 -3.99 -14.00 -3.49
CA LYS A 48 -4.51 -15.12 -4.28
C LYS A 48 -3.86 -15.21 -5.67
N VAL A 49 -3.84 -14.09 -6.41
CA VAL A 49 -3.23 -14.02 -7.74
C VAL A 49 -1.71 -14.22 -7.67
N ILE A 50 -1.06 -13.57 -6.70
CA ILE A 50 0.39 -13.69 -6.52
C ILE A 50 0.76 -15.16 -6.18
N TYR A 51 -0.04 -15.86 -5.37
CA TYR A 51 0.13 -17.28 -5.06
C TYR A 51 -0.12 -18.20 -6.25
N ASP A 52 -1.19 -17.96 -7.03
CA ASP A 52 -1.52 -18.75 -8.23
C ASP A 52 -0.37 -18.76 -9.27
N PHE A 53 0.43 -17.69 -9.31
CA PHE A 53 1.66 -17.62 -10.09
C PHE A 53 2.71 -18.61 -9.58
N ILE A 54 3.02 -18.62 -8.28
CA ILE A 54 4.01 -19.53 -7.71
C ILE A 54 3.58 -21.00 -7.89
N GLU A 55 2.29 -21.29 -7.75
CA GLU A 55 1.73 -22.65 -7.91
C GLU A 55 1.85 -23.21 -9.35
N LYS A 56 2.20 -22.36 -10.33
CA LYS A 56 2.28 -22.71 -11.75
C LYS A 56 3.64 -22.38 -12.42
N THR A 57 4.44 -21.51 -11.80
CA THR A 57 5.63 -20.86 -12.41
C THR A 57 6.75 -20.60 -11.41
N GLY A 58 6.42 -20.52 -10.12
CA GLY A 58 7.39 -20.60 -9.03
C GLY A 58 7.76 -22.07 -8.78
N GLY A 59 7.34 -22.64 -7.65
CA GLY A 59 7.73 -23.97 -7.15
C GLY A 59 9.18 -24.06 -6.68
N VAL A 60 9.40 -24.49 -5.44
CA VAL A 60 10.75 -24.57 -4.82
C VAL A 60 11.74 -25.47 -5.57
N GLU A 61 11.26 -26.54 -6.23
CA GLU A 61 12.08 -27.43 -7.09
C GLU A 61 12.20 -26.92 -8.53
N ALA A 62 11.17 -26.25 -9.04
CA ALA A 62 11.11 -25.66 -10.38
C ALA A 62 12.08 -24.48 -10.55
N VAL A 63 12.20 -23.63 -9.54
CA VAL A 63 13.15 -22.50 -9.51
C VAL A 63 14.60 -22.98 -9.34
N LYS A 64 14.79 -24.12 -8.66
CA LYS A 64 16.10 -24.80 -8.52
C LYS A 64 16.67 -25.32 -9.85
N ASN A 65 15.81 -25.75 -10.78
CA ASN A 65 16.18 -26.24 -12.12
C ASN A 65 15.00 -26.18 -13.13
N GLY B 1 7.91 4.80 -5.61
CA GLY B 1 6.66 4.93 -6.41
C GLY B 1 6.37 6.37 -6.75
N SER B 2 5.48 6.98 -5.96
CA SER B 2 5.04 8.39 -6.06
C SER B 2 4.70 8.97 -4.67
N HIS B 3 4.67 10.30 -4.56
CA HIS B 3 4.41 11.06 -3.32
C HIS B 3 3.77 12.44 -3.61
N MET B 4 3.73 13.31 -2.60
CA MET B 4 3.25 14.70 -2.65
C MET B 4 3.69 15.46 -3.93
N LYS B 5 2.72 16.07 -4.63
CA LYS B 5 2.96 16.86 -5.86
C LYS B 5 3.67 18.19 -5.57
N LYS B 6 4.42 18.71 -6.55
CA LYS B 6 5.20 19.95 -6.43
C LYS B 6 4.30 21.20 -6.34
N GLN B 7 3.29 21.29 -7.21
CA GLN B 7 2.37 22.44 -7.29
C GLN B 7 1.46 22.54 -6.05
N LYS B 8 1.46 23.72 -5.40
CA LYS B 8 0.61 24.04 -4.25
C LYS B 8 0.02 25.44 -4.37
N VAL B 9 -0.98 25.72 -3.52
CA VAL B 9 -1.63 27.02 -3.36
C VAL B 9 -1.83 27.32 -1.88
N LYS B 10 -1.84 28.61 -1.54
CA LYS B 10 -2.35 29.13 -0.27
C LYS B 10 -3.78 29.59 -0.50
N THR B 11 -4.71 29.08 0.31
CA THR B 11 -6.04 29.65 0.41
C THR B 11 -5.93 31.04 1.06
N ILE B 12 -6.66 32.03 0.54
CA ILE B 12 -6.71 33.41 1.07
C ILE B 12 -8.08 33.73 1.70
N PHE B 13 -9.01 32.77 1.64
CA PHE B 13 -10.37 32.85 2.17
C PHE B 13 -10.92 31.45 2.52
N PRO B 14 -11.93 31.35 3.41
CA PRO B 14 -12.57 30.08 3.78
C PRO B 14 -13.48 29.50 2.68
N HIS B 15 -13.84 28.22 2.80
CA HIS B 15 -14.82 27.51 1.95
C HIS B 15 -15.56 26.41 2.74
N THR B 16 -16.76 26.03 2.28
CA THR B 16 -17.71 25.14 2.98
C THR B 16 -18.37 24.15 2.01
N ALA B 17 -18.16 22.86 2.26
CA ALA B 17 -18.68 21.76 1.44
C ALA B 17 -20.21 21.53 1.54
N GLY B 18 -20.75 21.41 2.76
CA GLY B 18 -22.09 20.83 2.96
C GLY B 18 -22.20 19.37 2.49
N SER B 19 -23.44 18.91 2.22
CA SER B 19 -23.74 17.54 1.75
C SER B 19 -23.35 17.32 0.27
N ASN B 20 -22.08 17.01 0.00
CA ASN B 20 -21.61 16.60 -1.34
C ASN B 20 -20.58 15.44 -1.35
N LYS B 21 -19.86 15.21 -0.25
CA LYS B 21 -18.82 14.14 -0.08
C LYS B 21 -17.63 14.19 -1.08
N THR B 22 -17.52 15.26 -1.87
CA THR B 22 -16.49 15.48 -2.91
C THR B 22 -15.83 16.87 -2.84
N LEU B 23 -16.17 17.68 -1.83
CA LEU B 23 -15.64 19.04 -1.65
C LEU B 23 -14.65 19.13 -0.48
N LEU B 24 -13.78 20.14 -0.52
CA LEU B 24 -12.73 20.41 0.47
C LEU B 24 -13.01 21.74 1.18
N SER B 25 -13.05 21.72 2.53
CA SER B 25 -13.30 22.90 3.37
C SER B 25 -12.04 23.31 4.15
N PHE B 26 -11.88 24.61 4.35
CA PHE B 26 -10.70 25.24 4.97
C PHE B 26 -11.00 26.69 5.45
N ALA B 27 -10.00 27.32 6.07
CA ALA B 27 -10.00 28.74 6.43
C ALA B 27 -9.03 29.55 5.53
N GLN B 28 -8.89 30.85 5.77
CA GLN B 28 -7.82 31.67 5.18
C GLN B 28 -6.43 31.28 5.75
N GLY B 29 -5.38 31.34 4.92
CA GLY B 29 -3.99 31.12 5.32
C GLY B 29 -3.58 29.64 5.34
N ASP B 30 -4.51 28.75 5.02
CA ASP B 30 -4.28 27.31 4.83
C ASP B 30 -3.59 26.99 3.49
N VAL B 31 -3.07 25.76 3.34
CA VAL B 31 -2.25 25.32 2.20
C VAL B 31 -2.78 23.99 1.64
N ILE B 32 -2.91 23.92 0.32
CA ILE B 32 -3.47 22.78 -0.43
C ILE B 32 -2.51 22.39 -1.56
N THR B 33 -2.34 21.08 -1.78
CA THR B 33 -1.47 20.52 -2.83
C THR B 33 -2.34 19.99 -3.98
N LEU B 34 -2.12 20.47 -5.21
CA LEU B 34 -2.91 20.08 -6.39
C LEU B 34 -2.62 18.63 -6.81
N LEU B 35 -3.68 17.87 -7.06
CA LEU B 35 -3.63 16.45 -7.46
C LEU B 35 -4.00 16.23 -8.94
N ILE B 36 -4.38 17.29 -9.67
CA ILE B 36 -4.91 17.23 -11.04
C ILE B 36 -4.09 18.17 -11.97
N PRO B 37 -4.03 17.89 -13.29
CA PRO B 37 -3.20 18.65 -14.23
C PRO B 37 -3.74 20.06 -14.59
N GLU B 38 -5.05 20.27 -14.50
CA GLU B 38 -5.74 21.53 -14.85
C GLU B 38 -7.08 21.69 -14.11
N GLU B 39 -7.62 22.91 -14.05
CA GLU B 39 -8.93 23.21 -13.46
C GLU B 39 -10.12 22.72 -14.28
N LYS B 40 -11.31 22.76 -13.64
CA LYS B 40 -12.60 22.47 -14.29
C LYS B 40 -13.71 23.37 -13.74
N ASP B 41 -14.40 24.15 -14.58
CA ASP B 41 -15.49 25.05 -14.14
C ASP B 41 -15.12 26.00 -12.96
N GLY B 42 -13.82 26.29 -12.82
CA GLY B 42 -13.23 27.05 -11.71
C GLY B 42 -12.91 26.24 -10.44
N TRP B 43 -13.30 24.95 -10.40
CA TRP B 43 -12.96 23.97 -9.36
C TRP B 43 -11.63 23.28 -9.64
N LEU B 44 -10.82 23.20 -8.59
CA LEU B 44 -9.52 22.52 -8.54
C LEU B 44 -9.55 21.44 -7.46
N TYR B 45 -8.75 20.39 -7.60
CA TYR B 45 -8.77 19.24 -6.68
C TYR B 45 -7.38 19.03 -6.07
N GLY B 46 -7.36 18.80 -4.77
CA GLY B 46 -6.13 18.76 -3.99
C GLY B 46 -6.29 18.12 -2.62
N GLU B 47 -5.21 18.12 -1.85
CA GLU B 47 -5.11 17.55 -0.50
C GLU B 47 -4.50 18.59 0.45
N HIS B 48 -5.16 18.83 1.58
CA HIS B 48 -4.76 19.82 2.59
C HIS B 48 -3.49 19.39 3.35
N ASP B 49 -2.53 20.31 3.49
CA ASP B 49 -1.22 20.06 4.13
C ASP B 49 -1.24 19.96 5.69
N VAL B 50 -2.43 19.93 6.33
CA VAL B 50 -2.59 19.94 7.81
C VAL B 50 -3.48 18.82 8.34
N SER B 51 -4.33 18.25 7.49
CA SER B 51 -5.38 17.28 7.85
C SER B 51 -5.46 16.11 6.86
N LYS B 52 -4.84 16.25 5.68
CA LYS B 52 -4.83 15.28 4.56
C LYS B 52 -6.22 15.04 3.94
N ALA B 53 -7.16 15.94 4.21
CA ALA B 53 -8.47 16.01 3.58
C ALA B 53 -8.34 16.36 2.09
N ARG B 54 -9.16 15.74 1.24
CA ARG B 54 -9.23 15.93 -0.20
C ARG B 54 -10.63 16.34 -0.65
N GLY B 55 -10.72 17.03 -1.78
CA GLY B 55 -11.97 17.48 -2.36
C GLY B 55 -11.77 18.60 -3.39
N TRP B 56 -12.81 18.91 -4.15
CA TRP B 56 -12.81 20.08 -5.03
C TRP B 56 -12.90 21.35 -4.17
N PHE B 57 -12.04 22.31 -4.47
CA PHE B 57 -12.05 23.65 -3.87
C PHE B 57 -12.05 24.75 -4.94
N PRO B 58 -12.58 25.94 -4.62
CA PRO B 58 -12.56 27.11 -5.50
C PRO B 58 -11.16 27.69 -5.68
N SER B 59 -10.63 27.70 -6.91
CA SER B 59 -9.35 28.37 -7.21
C SER B 59 -9.36 29.85 -6.82
N SER B 60 -10.48 30.55 -7.01
CA SER B 60 -10.59 32.00 -6.79
C SER B 60 -10.33 32.43 -5.32
N TYR B 61 -10.64 31.57 -4.36
CA TYR B 61 -10.30 31.74 -2.94
C TYR B 61 -8.84 31.37 -2.61
N THR B 62 -7.99 31.10 -3.60
CA THR B 62 -6.59 30.69 -3.43
C THR B 62 -5.64 31.39 -4.41
N LYS B 63 -4.32 31.35 -4.14
CA LYS B 63 -3.26 31.81 -5.05
C LYS B 63 -2.05 30.88 -4.98
N LEU B 64 -1.27 30.81 -6.07
CA LEU B 64 -0.10 29.94 -6.18
C LEU B 64 1.01 30.27 -5.16
N LEU B 65 1.88 29.28 -4.95
CA LEU B 65 3.04 29.32 -4.07
C LEU B 65 4.36 29.18 -4.87
N GLU B 66 4.33 29.50 -6.16
CA GLU B 66 5.53 29.77 -6.98
C GLU B 66 6.40 30.93 -6.41
N GLU B 67 7.64 31.06 -6.92
CA GLU B 67 8.69 32.01 -6.48
C GLU B 67 8.86 32.10 -4.94
N LEU C 2 15.35 -16.37 -8.08
CA LEU C 2 14.96 -14.96 -7.76
C LEU C 2 14.81 -14.06 -9.01
N PRO C 3 15.89 -13.64 -9.73
CA PRO C 3 15.80 -12.55 -10.70
C PRO C 3 14.96 -12.89 -11.94
N ASP C 4 15.02 -14.14 -12.40
CA ASP C 4 14.20 -14.63 -13.52
C ASP C 4 12.71 -14.79 -13.16
N VAL C 5 12.39 -15.07 -11.88
CA VAL C 5 11.01 -15.25 -11.40
C VAL C 5 10.22 -13.94 -11.51
N ALA C 6 10.84 -12.79 -11.25
CA ALA C 6 10.19 -11.50 -11.44
C ALA C 6 9.85 -11.19 -12.90
N GLN C 7 10.65 -11.65 -13.88
CA GLN C 7 10.43 -11.34 -15.30
C GLN C 7 9.19 -12.05 -15.88
N ARG C 8 8.76 -13.12 -15.20
CA ARG C 8 7.56 -13.92 -15.49
C ARG C 8 6.37 -13.62 -14.55
N LEU C 9 6.62 -13.09 -13.34
CA LEU C 9 5.56 -12.59 -12.45
C LEU C 9 4.78 -11.43 -13.07
N MET C 10 5.49 -10.43 -13.61
CA MET C 10 4.86 -9.22 -14.16
C MET C 10 3.84 -9.55 -15.28
N GLN C 11 4.15 -10.57 -16.08
CA GLN C 11 3.29 -11.12 -17.13
C GLN C 11 2.01 -11.77 -16.57
N HIS C 12 2.09 -12.44 -15.42
CA HIS C 12 0.90 -13.00 -14.73
C HIS C 12 0.00 -11.91 -14.14
N LEU C 13 0.59 -10.95 -13.43
CA LEU C 13 -0.17 -9.90 -12.73
C LEU C 13 -0.98 -9.03 -13.70
N ALA C 14 -0.48 -8.85 -14.93
CA ALA C 14 -1.12 -8.08 -15.99
C ALA C 14 -2.44 -8.71 -16.49
N GLU C 15 -2.61 -10.02 -16.28
CA GLU C 15 -3.77 -10.81 -16.72
C GLU C 15 -4.99 -10.63 -15.80
N HIS C 16 -4.76 -10.16 -14.57
CA HIS C 16 -5.75 -9.90 -13.53
C HIS C 16 -5.82 -8.42 -13.14
N GLY C 17 -4.99 -7.58 -13.77
CA GLY C 17 -4.80 -6.17 -13.42
C GLY C 17 -4.17 -5.93 -12.03
N ILE C 18 -3.54 -6.93 -11.41
CA ILE C 18 -2.69 -6.73 -10.23
C ILE C 18 -1.46 -5.89 -10.64
N GLN C 19 -0.95 -5.12 -9.68
CA GLN C 19 0.31 -4.38 -9.78
C GLN C 19 1.04 -4.44 -8.43
N PRO C 20 2.38 -4.39 -8.40
CA PRO C 20 3.14 -4.27 -7.15
C PRO C 20 2.83 -2.95 -6.43
N ALA C 21 3.05 -2.92 -5.11
CA ALA C 21 2.75 -1.77 -4.25
C ALA C 21 3.62 -0.52 -4.53
N ARG C 22 4.73 -0.70 -5.25
CA ARG C 22 5.52 0.39 -5.87
C ARG C 22 4.74 1.22 -6.92
N ASN C 23 3.59 0.73 -7.39
CA ASN C 23 2.88 1.24 -8.59
C ASN C 23 1.36 1.42 -8.35
N MET C 24 0.99 2.03 -7.22
CA MET C 24 -0.39 2.36 -6.85
C MET C 24 -0.55 3.82 -6.39
N ALA C 25 -1.70 4.40 -6.71
CA ALA C 25 -2.08 5.79 -6.43
C ALA C 25 -3.61 5.96 -6.33
N GLU C 26 -4.05 7.12 -5.86
CA GLU C 26 -5.46 7.53 -5.86
C GLU C 26 -6.03 7.89 -7.26
N HIS C 27 -7.30 8.28 -7.26
CA HIS C 27 -8.10 8.76 -8.38
C HIS C 27 -8.74 10.12 -8.06
N ILE C 28 -9.42 10.73 -9.04
CA ILE C 28 -10.05 12.05 -8.90
C ILE C 28 -11.59 11.94 -9.08
N PRO C 29 -12.39 12.56 -8.20
CA PRO C 29 -13.86 12.61 -8.24
C PRO C 29 -14.42 13.44 -9.43
N PRO C 30 -15.76 13.47 -9.64
CA PRO C 30 -16.40 14.25 -10.71
C PRO C 30 -16.30 15.77 -10.50
N ALA C 31 -17.13 16.32 -9.60
CA ALA C 31 -17.35 17.76 -9.31
C ALA C 31 -18.79 18.03 -8.77
N PRO C 32 -19.02 19.20 -8.13
CA PRO C 32 -20.35 19.65 -7.69
C PRO C 32 -21.28 20.08 -8.83
N ASN C 33 -22.55 20.36 -8.49
CA ASN C 33 -23.61 20.77 -9.42
C ASN C 33 -23.68 22.30 -9.68
N TRP C 34 -22.77 23.10 -9.10
CA TRP C 34 -22.70 24.57 -9.25
C TRP C 34 -21.25 25.04 -9.47
N PRO C 35 -21.05 26.24 -10.03
CA PRO C 35 -19.71 26.78 -10.27
C PRO C 35 -18.99 27.20 -8.98
N ALA C 36 -17.65 27.25 -9.04
CA ALA C 36 -16.81 27.65 -7.93
C ALA C 36 -17.06 29.13 -7.52
N PRO C 37 -17.22 29.42 -6.21
CA PRO C 37 -17.41 30.78 -5.69
C PRO C 37 -16.17 31.69 -5.86
N THR C 38 -16.37 32.99 -5.64
CA THR C 38 -15.37 34.05 -5.88
C THR C 38 -15.21 35.01 -4.67
N PRO C 39 -14.01 35.59 -4.45
CA PRO C 39 -13.67 36.42 -3.29
C PRO C 39 -14.40 37.78 -3.29
N PRO C 40 -14.38 38.51 -2.14
CA PRO C 40 -14.93 39.86 -2.01
C PRO C 40 -14.13 40.91 -2.81
N VAL C 41 -14.32 40.90 -4.13
CA VAL C 41 -13.71 41.84 -5.09
C VAL C 41 -14.79 42.26 -6.10
N GLN C 42 -15.14 43.55 -6.12
CA GLN C 42 -16.20 44.11 -6.97
C GLN C 42 -15.95 45.59 -7.35
N ASN C 43 -16.75 46.10 -8.29
CA ASN C 43 -16.85 47.52 -8.63
C ASN C 43 -17.62 48.31 -7.54
N GLU C 44 -17.70 49.64 -7.72
CA GLU C 44 -18.38 50.58 -6.82
C GLU C 44 -19.29 51.51 -7.63
N GLN C 45 -20.59 51.58 -7.28
CA GLN C 45 -21.62 52.29 -8.05
C GLN C 45 -21.28 53.78 -8.26
N SER C 46 -21.55 54.28 -9.47
CA SER C 46 -21.22 55.65 -9.89
C SER C 46 -22.38 56.31 -10.64
N ARG C 47 -22.53 57.64 -10.46
CA ARG C 47 -23.56 58.48 -11.10
C ARG C 47 -23.44 58.50 -12.64
N PRO C 48 -24.54 58.80 -13.38
CA PRO C 48 -24.52 58.90 -14.86
C PRO C 48 -23.70 60.09 -15.39
N GLY A 1 -5.71 -33.31 9.04
CA GLY A 1 -4.93 -32.27 8.33
C GLY A 1 -4.37 -32.80 7.02
N SER A 2 -4.87 -32.30 5.89
CA SER A 2 -4.35 -32.62 4.54
C SER A 2 -3.00 -31.93 4.24
N ASN A 3 -2.29 -32.40 3.20
CA ASN A 3 -0.98 -31.91 2.76
C ASN A 3 -0.91 -31.79 1.22
N PHE A 4 0.22 -31.29 0.69
CA PHE A 4 0.50 -31.12 -0.73
C PHE A 4 1.89 -31.68 -1.14
N GLN A 5 2.14 -31.72 -2.46
CA GLN A 5 3.33 -32.30 -3.09
C GLN A 5 4.19 -31.23 -3.78
N HIS A 6 3.69 -30.65 -4.88
CA HIS A 6 4.34 -29.59 -5.66
C HIS A 6 4.38 -28.21 -4.96
N ILE A 7 3.59 -28.05 -3.89
CA ILE A 7 3.39 -26.84 -3.08
C ILE A 7 3.25 -27.25 -1.59
N GLY A 8 2.82 -26.32 -0.73
CA GLY A 8 2.61 -26.58 0.70
C GLY A 8 3.69 -25.93 1.60
N HIS A 9 4.76 -25.43 0.97
CA HIS A 9 5.89 -24.72 1.61
C HIS A 9 5.60 -23.24 1.91
N VAL A 10 4.82 -22.58 1.04
CA VAL A 10 4.63 -21.12 0.98
C VAL A 10 3.87 -20.50 2.17
N GLY A 11 2.95 -21.26 2.77
CA GLY A 11 2.13 -20.82 3.91
C GLY A 11 1.03 -19.79 3.58
N TRP A 12 0.59 -19.69 2.33
CA TRP A 12 -0.51 -18.82 1.95
C TRP A 12 -1.88 -19.44 2.27
N ASP A 13 -2.87 -18.61 2.62
CA ASP A 13 -4.27 -19.02 2.80
C ASP A 13 -5.30 -18.02 2.20
N PRO A 14 -6.43 -18.51 1.66
CA PRO A 14 -7.49 -17.70 1.03
C PRO A 14 -8.33 -16.84 2.00
N ASN A 15 -8.01 -16.85 3.29
CA ASN A 15 -8.69 -16.09 4.36
C ASN A 15 -7.81 -15.02 5.02
N THR A 16 -6.49 -15.23 5.02
CA THR A 16 -5.52 -14.40 5.75
C THR A 16 -4.33 -13.96 4.89
N GLY A 17 -3.97 -14.74 3.86
CA GLY A 17 -2.90 -14.41 2.93
C GLY A 17 -1.59 -15.18 3.20
N PHE A 18 -0.48 -14.66 2.66
CA PHE A 18 0.87 -15.23 2.86
C PHE A 18 1.28 -15.23 4.34
N ASP A 19 2.08 -16.22 4.75
CA ASP A 19 2.58 -16.32 6.15
C ASP A 19 3.93 -15.61 6.34
N LEU A 20 3.96 -14.27 6.45
CA LEU A 20 5.19 -13.46 6.55
C LEU A 20 6.18 -13.97 7.63
N ASN A 21 5.64 -14.38 8.79
CA ASN A 21 6.41 -14.90 9.93
C ASN A 21 7.22 -16.17 9.62
N ASN A 22 6.86 -16.91 8.57
CA ASN A 22 7.48 -18.19 8.17
C ASN A 22 7.64 -18.32 6.64
N LEU A 23 7.67 -17.19 5.91
CA LEU A 23 7.82 -17.16 4.45
C LEU A 23 9.15 -17.81 4.00
N ASP A 24 9.12 -18.38 2.79
CA ASP A 24 10.27 -19.04 2.15
C ASP A 24 11.44 -18.09 1.88
N PRO A 25 12.68 -18.60 1.74
CA PRO A 25 13.88 -17.80 1.50
C PRO A 25 13.87 -17.06 0.15
N GLU A 26 12.96 -17.42 -0.76
CA GLU A 26 12.84 -16.80 -2.10
C GLU A 26 11.55 -15.97 -2.26
N LEU A 27 10.55 -16.20 -1.39
CA LEU A 27 9.18 -15.69 -1.55
C LEU A 27 9.09 -14.20 -1.24
N LYS A 28 9.34 -13.86 0.03
CA LYS A 28 9.47 -12.46 0.48
C LYS A 28 10.54 -11.70 -0.32
N ASN A 29 11.56 -12.44 -0.76
CA ASN A 29 12.69 -11.94 -1.51
C ASN A 29 12.23 -11.41 -2.88
N LEU A 30 11.37 -12.17 -3.58
CA LEU A 30 10.72 -11.73 -4.82
C LEU A 30 9.73 -10.60 -4.57
N PHE A 31 8.91 -10.68 -3.52
CA PHE A 31 7.89 -9.66 -3.25
C PHE A 31 8.55 -8.27 -3.12
N ASP A 32 9.66 -8.19 -2.39
CA ASP A 32 10.47 -6.96 -2.27
C ASP A 32 11.25 -6.60 -3.56
N MET A 33 11.43 -7.55 -4.48
CA MET A 33 12.10 -7.34 -5.77
C MET A 33 11.16 -6.68 -6.80
N CYS A 34 10.01 -7.30 -7.09
CA CYS A 34 9.06 -6.73 -8.06
C CYS A 34 8.40 -5.43 -7.52
N GLY A 35 8.25 -5.34 -6.18
CA GLY A 35 7.71 -4.16 -5.49
C GLY A 35 6.45 -4.41 -4.67
N ILE A 36 5.99 -5.66 -4.59
CA ILE A 36 4.86 -6.07 -3.76
C ILE A 36 5.15 -5.82 -2.26
N SER A 37 4.11 -5.48 -1.48
CA SER A 37 4.22 -5.25 -0.03
C SER A 37 3.25 -6.13 0.79
N GLU A 38 3.48 -6.21 2.10
CA GLU A 38 2.69 -7.01 3.06
C GLU A 38 1.18 -6.81 2.98
N ALA A 39 0.70 -5.61 2.61
CA ALA A 39 -0.72 -5.36 2.41
C ALA A 39 -1.34 -6.20 1.28
N GLN A 40 -0.64 -6.34 0.13
CA GLN A 40 -1.10 -7.18 -0.98
C GLN A 40 -1.07 -8.66 -0.59
N LEU A 41 -0.05 -9.08 0.17
CA LEU A 41 0.15 -10.43 0.68
C LEU A 41 -0.94 -10.88 1.66
N LYS A 42 -1.58 -9.94 2.35
CA LYS A 42 -2.72 -10.20 3.25
C LYS A 42 -4.08 -9.93 2.60
N ASP A 43 -4.09 -9.53 1.32
CA ASP A 43 -5.30 -9.28 0.54
C ASP A 43 -5.78 -10.59 -0.10
N ARG A 44 -6.93 -11.13 0.31
CA ARG A 44 -7.46 -12.40 -0.24
C ARG A 44 -7.71 -12.35 -1.75
N GLU A 45 -7.78 -11.14 -2.33
CA GLU A 45 -8.01 -10.93 -3.75
C GLU A 45 -6.70 -10.71 -4.54
N THR A 46 -5.67 -10.10 -3.93
CA THR A 46 -4.36 -9.86 -4.59
C THR A 46 -3.39 -11.01 -4.32
N SER A 47 -3.21 -11.39 -3.04
CA SER A 47 -2.36 -12.50 -2.62
C SER A 47 -2.71 -13.83 -3.31
N LYS A 48 -4.01 -14.08 -3.55
CA LYS A 48 -4.50 -15.21 -4.35
C LYS A 48 -3.86 -15.26 -5.75
N VAL A 49 -3.85 -14.15 -6.47
CA VAL A 49 -3.24 -14.06 -7.82
C VAL A 49 -1.73 -14.25 -7.74
N ILE A 50 -1.07 -13.58 -6.78
CA ILE A 50 0.38 -13.70 -6.60
C ILE A 50 0.77 -15.16 -6.28
N TYR A 51 -0.03 -15.86 -5.45
CA TYR A 51 0.15 -17.27 -5.12
C TYR A 51 -0.12 -18.21 -6.32
N ASP A 52 -1.18 -17.96 -7.10
CA ASP A 52 -1.49 -18.73 -8.30
C ASP A 52 -0.33 -18.74 -9.31
N PHE A 53 0.45 -17.65 -9.35
CA PHE A 53 1.71 -17.60 -10.11
C PHE A 53 2.75 -18.57 -9.54
N ILE A 54 3.02 -18.54 -8.24
CA ILE A 54 4.01 -19.45 -7.62
C ILE A 54 3.61 -20.92 -7.80
N GLU A 55 2.32 -21.26 -7.68
CA GLU A 55 1.81 -22.62 -7.86
C GLU A 55 1.96 -23.15 -9.30
N LYS A 56 2.22 -22.26 -10.27
CA LYS A 56 2.27 -22.59 -11.71
C LYS A 56 3.59 -22.23 -12.40
N THR A 57 4.43 -21.41 -11.76
CA THR A 57 5.63 -20.77 -12.34
C THR A 57 6.76 -20.56 -11.31
N GLY A 58 6.41 -20.46 -10.02
CA GLY A 58 7.37 -20.54 -8.92
C GLY A 58 7.74 -21.99 -8.65
N GLY A 59 7.29 -22.57 -7.53
CA GLY A 59 7.65 -23.90 -7.03
C GLY A 59 9.10 -24.02 -6.55
N VAL A 60 9.31 -24.42 -5.29
CA VAL A 60 10.65 -24.51 -4.68
C VAL A 60 11.63 -25.42 -5.44
N GLU A 61 11.15 -26.48 -6.11
CA GLU A 61 11.95 -27.37 -6.96
C GLU A 61 12.09 -26.86 -8.41
N ALA A 62 11.06 -26.18 -8.91
CA ALA A 62 11.00 -25.62 -10.26
C ALA A 62 11.99 -24.46 -10.48
N VAL A 63 12.12 -23.57 -9.50
CA VAL A 63 13.06 -22.44 -9.56
C VAL A 63 14.53 -22.91 -9.47
N LYS A 64 14.78 -24.04 -8.78
CA LYS A 64 16.09 -24.71 -8.72
C LYS A 64 16.55 -25.29 -10.06
N ASN A 65 15.63 -25.72 -10.93
CA ASN A 65 15.92 -26.31 -12.26
C ASN A 65 14.72 -26.22 -13.23
N GLY B 1 9.20 11.06 -4.07
CA GLY B 1 8.28 11.22 -2.92
C GLY B 1 6.93 10.59 -3.18
N SER B 2 5.85 11.33 -2.94
CA SER B 2 4.43 10.97 -3.20
C SER B 2 4.03 9.52 -2.84
N HIS B 3 4.42 9.07 -1.64
CA HIS B 3 4.19 7.72 -1.13
C HIS B 3 3.78 7.68 0.36
N MET B 4 3.19 6.55 0.75
CA MET B 4 2.86 6.17 2.13
C MET B 4 4.10 5.90 3.01
N LYS B 5 3.87 5.69 4.32
CA LYS B 5 4.89 5.45 5.38
C LYS B 5 5.93 6.59 5.54
N LYS B 6 5.67 7.78 4.98
CA LYS B 6 6.53 8.98 5.09
C LYS B 6 6.07 9.97 6.19
N GLN B 7 4.79 9.94 6.56
CA GLN B 7 4.23 10.71 7.67
C GLN B 7 3.04 9.97 8.29
N LYS B 8 3.04 9.82 9.61
CA LYS B 8 1.95 9.24 10.40
C LYS B 8 1.65 10.11 11.62
N VAL B 9 0.52 9.83 12.27
CA VAL B 9 0.12 10.40 13.56
C VAL B 9 -0.37 9.30 14.49
N LYS B 10 -0.16 9.51 15.80
CA LYS B 10 -0.85 8.77 16.86
C LYS B 10 -2.03 9.60 17.31
N THR B 11 -3.22 9.05 17.21
CA THR B 11 -4.42 9.62 17.83
C THR B 11 -4.25 9.51 19.36
N ILE B 12 -4.50 10.60 20.09
CA ILE B 12 -4.36 10.68 21.56
C ILE B 12 -5.72 10.76 22.25
N PHE B 13 -6.81 10.75 21.45
CA PHE B 13 -8.20 10.82 21.88
C PHE B 13 -9.13 10.17 20.83
N PRO B 14 -10.35 9.71 21.21
CA PRO B 14 -11.33 9.17 20.28
C PRO B 14 -11.96 10.25 19.38
N HIS B 15 -12.62 9.82 18.30
CA HIS B 15 -13.44 10.66 17.41
C HIS B 15 -14.67 9.89 16.91
N THR B 16 -15.81 10.58 16.81
CA THR B 16 -17.12 10.03 16.43
C THR B 16 -17.60 10.68 15.13
N ALA B 17 -17.49 9.94 14.02
CA ALA B 17 -17.94 10.32 12.69
C ALA B 17 -19.45 10.61 12.58
N GLY B 18 -20.26 9.98 13.46
CA GLY B 18 -21.69 10.22 13.60
C GLY B 18 -22.55 9.59 12.49
N SER B 19 -22.76 10.32 11.39
CA SER B 19 -23.67 9.94 10.29
C SER B 19 -23.14 10.40 8.91
N ASN B 20 -21.81 10.35 8.75
CA ASN B 20 -21.09 10.74 7.51
C ASN B 20 -20.40 9.53 6.85
N LYS B 21 -20.01 9.71 5.58
CA LYS B 21 -19.36 8.68 4.73
C LYS B 21 -17.96 9.09 4.22
N THR B 22 -17.45 10.20 4.75
CA THR B 22 -16.14 10.82 4.44
C THR B 22 -15.30 11.07 5.69
N LEU B 23 -15.72 10.56 6.86
CA LEU B 23 -15.03 10.73 8.15
C LEU B 23 -14.40 9.41 8.64
N LEU B 24 -13.42 9.53 9.53
CA LEU B 24 -12.66 8.43 10.12
C LEU B 24 -12.78 8.45 11.65
N SER B 25 -13.28 7.35 12.23
CA SER B 25 -13.50 7.19 13.68
C SER B 25 -12.54 6.15 14.30
N PHE B 26 -12.15 6.40 15.54
CA PHE B 26 -11.10 5.65 16.27
C PHE B 26 -11.15 5.90 17.79
N ALA B 27 -10.20 5.33 18.52
CA ALA B 27 -9.99 5.51 19.97
C ALA B 27 -8.56 6.03 20.26
N GLN B 28 -8.31 6.50 21.49
CA GLN B 28 -6.95 6.90 21.93
C GLN B 28 -5.95 5.74 21.74
N GLY B 29 -4.75 6.09 21.27
CA GLY B 29 -3.64 5.16 21.08
C GLY B 29 -3.57 4.53 19.69
N ASP B 30 -4.56 4.82 18.84
CA ASP B 30 -4.62 4.33 17.45
C ASP B 30 -3.72 5.16 16.52
N VAL B 31 -3.31 4.58 15.39
CA VAL B 31 -2.32 5.15 14.46
C VAL B 31 -2.92 5.31 13.06
N ILE B 32 -2.75 6.49 12.46
CA ILE B 32 -3.26 6.84 11.12
C ILE B 32 -2.09 7.27 10.22
N THR B 33 -2.10 6.83 8.97
CA THR B 33 -1.11 7.19 7.95
C THR B 33 -1.70 8.26 7.03
N LEU B 34 -1.04 9.42 6.91
CA LEU B 34 -1.53 10.54 6.08
C LEU B 34 -1.48 10.18 4.58
N LEU B 35 -2.47 10.67 3.83
CA LEU B 35 -2.63 10.48 2.38
C LEU B 35 -2.64 11.82 1.61
N ILE B 36 -2.50 12.95 2.30
CA ILE B 36 -2.56 14.32 1.75
C ILE B 36 -1.31 15.14 2.17
N PRO B 37 -0.91 16.17 1.40
CA PRO B 37 0.30 16.95 1.68
C PRO B 37 0.19 17.96 2.84
N GLU B 38 -1.02 18.43 3.15
CA GLU B 38 -1.30 19.45 4.18
C GLU B 38 -2.74 19.37 4.73
N GLU B 39 -2.99 19.97 5.89
CA GLU B 39 -4.33 20.04 6.51
C GLU B 39 -5.29 21.01 5.82
N LYS B 40 -6.57 20.88 6.17
CA LYS B 40 -7.65 21.77 5.71
C LYS B 40 -8.69 22.02 6.79
N ASP B 41 -8.94 23.25 7.21
CA ASP B 41 -9.94 23.56 8.25
C ASP B 41 -9.74 22.77 9.58
N GLY B 42 -8.51 22.32 9.83
CA GLY B 42 -8.12 21.44 10.94
C GLY B 42 -8.37 19.93 10.71
N TRP B 43 -8.98 19.58 9.58
CA TRP B 43 -9.18 18.20 9.10
C TRP B 43 -8.00 17.71 8.27
N LEU B 44 -7.56 16.50 8.58
CA LEU B 44 -6.51 15.74 7.91
C LEU B 44 -7.08 14.42 7.38
N TYR B 45 -6.50 13.86 6.32
CA TYR B 45 -7.02 12.66 5.66
C TYR B 45 -5.95 11.57 5.62
N GLY B 46 -6.36 10.36 5.97
CA GLY B 46 -5.46 9.23 6.15
C GLY B 46 -6.18 7.88 6.17
N GLU B 47 -5.40 6.82 6.36
CA GLU B 47 -5.86 5.43 6.46
C GLU B 47 -5.37 4.81 7.78
N HIS B 48 -6.29 4.23 8.55
CA HIS B 48 -6.00 3.61 9.84
C HIS B 48 -5.17 2.32 9.71
N ASP B 49 -4.12 2.20 10.52
CA ASP B 49 -3.17 1.05 10.49
C ASP B 49 -3.70 -0.27 11.10
N VAL B 50 -5.00 -0.38 11.43
CA VAL B 50 -5.61 -1.58 12.07
C VAL B 50 -6.83 -2.15 11.31
N SER B 51 -7.45 -1.34 10.46
CA SER B 51 -8.72 -1.65 9.77
C SER B 51 -8.73 -1.21 8.29
N LYS B 52 -7.78 -0.34 7.88
CA LYS B 52 -7.66 0.27 6.54
C LYS B 52 -8.86 1.17 6.18
N ALA B 53 -9.62 1.59 7.17
CA ALA B 53 -10.62 2.65 7.06
C ALA B 53 -9.94 3.99 6.73
N ARG B 54 -10.54 4.76 5.82
CA ARG B 54 -10.11 6.10 5.41
C ARG B 54 -11.21 7.12 5.66
N GLY B 55 -10.82 8.37 5.86
CA GLY B 55 -11.73 9.49 6.12
C GLY B 55 -10.99 10.71 6.68
N TRP B 56 -11.67 11.85 6.72
CA TRP B 56 -11.16 13.04 7.39
C TRP B 56 -11.23 12.80 8.90
N PHE B 57 -10.14 13.09 9.59
CA PHE B 57 -10.05 13.06 11.05
C PHE B 57 -9.51 14.40 11.60
N PRO B 58 -9.90 14.76 12.85
CA PRO B 58 -9.41 15.95 13.53
C PRO B 58 -7.93 15.82 13.91
N SER B 59 -7.05 16.65 13.34
CA SER B 59 -5.63 16.67 13.74
C SER B 59 -5.44 16.95 15.24
N SER B 60 -6.29 17.79 15.84
CA SER B 60 -6.20 18.20 17.25
C SER B 60 -6.33 17.03 18.26
N TYR B 61 -7.05 15.96 17.91
CA TYR B 61 -7.09 14.70 18.68
C TYR B 61 -5.90 13.76 18.38
N THR B 62 -4.87 14.23 17.67
CA THR B 62 -3.68 13.45 17.27
C THR B 62 -2.39 14.26 17.42
N LYS B 63 -1.23 13.59 17.33
CA LYS B 63 0.09 14.24 17.23
C LYS B 63 1.00 13.44 16.29
N LEU B 64 1.92 14.14 15.62
CA LEU B 64 2.91 13.56 14.70
C LEU B 64 3.78 12.50 15.41
N LEU B 65 4.27 11.53 14.63
CA LEU B 65 5.16 10.46 15.07
C LEU B 65 6.61 10.66 14.56
N GLU B 66 6.93 11.85 14.06
CA GLU B 66 8.29 12.24 13.68
C GLU B 66 9.25 12.42 14.88
N GLU B 67 8.72 12.72 16.08
CA GLU B 67 9.50 12.89 17.33
C GLU B 67 10.07 11.57 17.92
N LEU C 2 15.16 -16.12 -8.21
CA LEU C 2 14.85 -14.70 -7.84
C LEU C 2 14.78 -13.77 -9.08
N PRO C 3 15.89 -13.41 -9.77
CA PRO C 3 15.87 -12.34 -10.77
C PRO C 3 15.08 -12.69 -12.03
N ASP C 4 15.10 -13.97 -12.44
CA ASP C 4 14.29 -14.47 -13.55
C ASP C 4 12.80 -14.59 -13.19
N VAL C 5 12.47 -14.95 -11.93
CA VAL C 5 11.08 -15.13 -11.46
C VAL C 5 10.29 -13.82 -11.56
N ALA C 6 10.89 -12.68 -11.24
CA ALA C 6 10.24 -11.38 -11.40
C ALA C 6 9.93 -11.03 -12.86
N GLN C 7 10.72 -11.52 -13.83
CA GLN C 7 10.52 -11.23 -15.26
C GLN C 7 9.25 -11.91 -15.81
N ARG C 8 8.81 -12.99 -15.15
CA ARG C 8 7.62 -13.80 -15.46
C ARG C 8 6.45 -13.55 -14.50
N LEU C 9 6.70 -12.99 -13.30
CA LEU C 9 5.64 -12.52 -12.41
C LEU C 9 4.84 -11.37 -13.05
N MET C 10 5.53 -10.36 -13.59
CA MET C 10 4.85 -9.19 -14.15
C MET C 10 3.91 -9.55 -15.31
N GLN C 11 4.29 -10.58 -16.08
CA GLN C 11 3.44 -11.19 -17.12
C GLN C 11 2.15 -11.80 -16.55
N HIS C 12 2.22 -12.50 -15.41
CA HIS C 12 1.03 -13.06 -14.73
C HIS C 12 0.12 -11.97 -14.17
N LEU C 13 0.68 -11.01 -13.43
CA LEU C 13 -0.10 -9.98 -12.73
C LEU C 13 -0.89 -9.09 -13.70
N ALA C 14 -0.38 -8.90 -14.92
CA ALA C 14 -1.02 -8.12 -15.99
C ALA C 14 -2.33 -8.75 -16.51
N GLU C 15 -2.49 -10.06 -16.32
CA GLU C 15 -3.64 -10.85 -16.78
C GLU C 15 -4.88 -10.66 -15.88
N HIS C 16 -4.66 -10.21 -14.64
CA HIS C 16 -5.68 -9.97 -13.62
C HIS C 16 -5.75 -8.48 -13.22
N GLY C 17 -4.90 -7.64 -13.83
CA GLY C 17 -4.71 -6.23 -13.48
C GLY C 17 -4.12 -5.98 -12.08
N ILE C 18 -3.49 -7.00 -11.45
CA ILE C 18 -2.68 -6.82 -10.23
C ILE C 18 -1.44 -5.97 -10.56
N GLN C 19 -0.93 -5.28 -9.54
CA GLN C 19 0.26 -4.43 -9.61
C GLN C 19 1.00 -4.38 -8.26
N PRO C 20 2.33 -4.19 -8.24
CA PRO C 20 3.10 -4.09 -7.01
C PRO C 20 2.75 -2.80 -6.24
N ALA C 21 3.03 -2.78 -4.93
CA ALA C 21 2.79 -1.62 -4.06
C ALA C 21 3.62 -0.38 -4.45
N ARG C 22 4.74 -0.59 -5.16
CA ARG C 22 5.53 0.46 -5.87
C ARG C 22 4.74 1.24 -6.94
N ASN C 23 3.55 0.79 -7.35
CA ASN C 23 2.73 1.37 -8.42
C ASN C 23 1.23 1.36 -8.06
N MET C 24 0.85 2.10 -7.01
CA MET C 24 -0.55 2.34 -6.60
C MET C 24 -0.74 3.72 -5.95
N ALA C 25 -1.96 4.27 -6.07
CA ALA C 25 -2.40 5.53 -5.44
C ALA C 25 -3.94 5.66 -5.44
N GLU C 26 -4.45 6.64 -4.68
CA GLU C 26 -5.88 6.95 -4.56
C GLU C 26 -6.17 8.47 -4.54
N HIS C 27 -7.40 8.84 -4.91
CA HIS C 27 -7.98 10.17 -4.75
C HIS C 27 -8.29 10.51 -3.28
N ILE C 28 -8.66 11.78 -3.04
CA ILE C 28 -9.01 12.32 -1.72
C ILE C 28 -10.41 12.98 -1.79
N PRO C 29 -11.29 12.73 -0.79
CA PRO C 29 -12.64 13.31 -0.66
C PRO C 29 -12.65 14.83 -0.39
N PRO C 30 -13.84 15.49 -0.39
CA PRO C 30 -13.98 16.93 -0.06
C PRO C 30 -13.69 17.24 1.42
N ALA C 31 -14.67 17.11 2.31
CA ALA C 31 -14.66 17.44 3.75
C ALA C 31 -16.08 17.59 4.35
N PRO C 32 -16.22 17.55 5.69
CA PRO C 32 -17.49 17.81 6.39
C PRO C 32 -17.91 19.30 6.36
N ASN C 33 -19.15 19.56 6.80
CA ASN C 33 -19.76 20.90 6.87
C ASN C 33 -19.43 21.69 8.16
N TRP C 34 -18.58 21.18 9.05
CA TRP C 34 -18.15 21.82 10.30
C TRP C 34 -16.63 21.65 10.54
N PRO C 35 -16.01 22.51 11.36
CA PRO C 35 -14.58 22.42 11.67
C PRO C 35 -14.21 21.24 12.58
N ALA C 36 -12.95 20.83 12.54
CA ALA C 36 -12.45 19.74 13.36
C ALA C 36 -12.55 20.05 14.89
N PRO C 37 -13.07 19.10 15.70
CA PRO C 37 -13.14 19.24 17.17
C PRO C 37 -11.75 19.22 17.84
N THR C 38 -11.71 19.60 19.13
CA THR C 38 -10.48 19.84 19.90
C THR C 38 -10.45 19.11 21.26
N PRO C 39 -9.25 18.75 21.78
CA PRO C 39 -9.09 18.03 23.04
C PRO C 39 -9.50 18.85 24.29
N PRO C 40 -9.60 18.21 25.48
CA PRO C 40 -9.86 18.85 26.76
C PRO C 40 -8.67 19.70 27.26
N VAL C 41 -8.44 20.84 26.60
CA VAL C 41 -7.35 21.78 26.88
C VAL C 41 -7.78 23.25 26.83
N GLN C 42 -8.90 23.56 26.16
CA GLN C 42 -9.48 24.91 26.02
C GLN C 42 -10.83 25.05 26.76
N ASN C 43 -11.08 24.17 27.73
CA ASN C 43 -12.31 24.10 28.54
C ASN C 43 -12.05 24.52 30.01
N GLU C 44 -13.13 24.79 30.74
CA GLU C 44 -13.11 25.16 32.17
C GLU C 44 -12.57 24.01 33.05
N GLN C 45 -11.54 24.29 33.87
CA GLN C 45 -11.02 23.36 34.88
C GLN C 45 -12.00 23.18 36.06
N SER C 46 -11.90 22.03 36.74
CA SER C 46 -12.69 21.69 37.93
C SER C 46 -11.86 20.85 38.91
N ARG C 47 -12.06 21.07 40.22
CA ARG C 47 -11.32 20.45 41.34
C ARG C 47 -9.79 20.37 41.07
N PRO C 48 -9.09 21.51 40.93
CA PRO C 48 -7.64 21.57 40.65
C PRO C 48 -6.77 20.98 41.78
N GLY A 1 -2.34 -39.44 -1.38
CA GLY A 1 -1.35 -38.34 -1.44
C GLY A 1 -1.60 -37.31 -0.35
N SER A 2 -0.97 -37.50 0.82
CA SER A 2 -1.07 -36.59 1.98
C SER A 2 -0.33 -35.25 1.79
N ASN A 3 0.66 -35.21 0.88
CA ASN A 3 1.54 -34.07 0.63
C ASN A 3 1.70 -33.78 -0.88
N PHE A 4 2.12 -32.55 -1.21
CA PHE A 4 2.34 -32.09 -2.59
C PHE A 4 3.76 -32.41 -3.14
N GLN A 5 3.95 -32.11 -4.43
CA GLN A 5 5.19 -32.36 -5.18
C GLN A 5 5.82 -31.06 -5.72
N HIS A 6 5.15 -30.39 -6.68
CA HIS A 6 5.59 -29.11 -7.25
C HIS A 6 5.52 -27.91 -6.29
N ILE A 7 4.80 -28.06 -5.18
CA ILE A 7 4.54 -27.10 -4.10
C ILE A 7 4.64 -27.82 -2.74
N GLY A 8 4.11 -27.22 -1.67
CA GLY A 8 4.10 -27.83 -0.33
C GLY A 8 5.08 -27.15 0.63
N HIS A 9 5.32 -25.85 0.42
CA HIS A 9 6.34 -25.05 1.10
C HIS A 9 5.78 -23.67 1.53
N VAL A 10 5.22 -22.93 0.56
CA VAL A 10 4.53 -21.65 0.71
C VAL A 10 3.42 -21.71 1.77
N GLY A 11 3.38 -20.67 2.61
CA GLY A 11 2.41 -20.49 3.68
C GLY A 11 1.44 -19.37 3.34
N TRP A 12 0.44 -19.66 2.51
CA TRP A 12 -0.64 -18.72 2.18
C TRP A 12 -2.04 -19.29 2.46
N ASP A 13 -3.00 -18.41 2.78
CA ASP A 13 -4.43 -18.75 2.99
C ASP A 13 -5.41 -17.76 2.34
N PRO A 14 -6.55 -18.25 1.79
CA PRO A 14 -7.60 -17.43 1.17
C PRO A 14 -8.44 -16.58 2.15
N ASN A 15 -8.15 -16.65 3.45
CA ASN A 15 -8.86 -15.92 4.51
C ASN A 15 -8.05 -14.78 5.12
N THR A 16 -6.73 -14.85 5.04
CA THR A 16 -5.79 -13.92 5.71
C THR A 16 -4.66 -13.47 4.79
N GLY A 17 -4.05 -14.40 4.05
CA GLY A 17 -3.00 -14.13 3.06
C GLY A 17 -1.71 -14.92 3.32
N PHE A 18 -0.58 -14.44 2.79
CA PHE A 18 0.75 -14.98 3.07
C PHE A 18 1.12 -14.83 4.55
N ASP A 19 1.86 -15.81 5.07
CA ASP A 19 2.29 -15.91 6.47
C ASP A 19 3.68 -15.27 6.68
N LEU A 20 3.78 -13.94 6.73
CA LEU A 20 5.05 -13.19 6.84
C LEU A 20 5.98 -13.72 7.94
N ASN A 21 5.40 -14.05 9.10
CA ASN A 21 6.08 -14.62 10.27
C ASN A 21 6.87 -15.92 10.00
N ASN A 22 6.54 -16.66 8.94
CA ASN A 22 7.11 -17.96 8.58
C ASN A 22 7.35 -18.11 7.05
N LEU A 23 7.43 -17.00 6.31
CA LEU A 23 7.60 -17.01 4.85
C LEU A 23 8.89 -17.71 4.41
N ASP A 24 8.84 -18.29 3.21
CA ASP A 24 9.94 -19.03 2.56
C ASP A 24 11.14 -18.12 2.24
N PRO A 25 12.36 -18.70 2.07
CA PRO A 25 13.57 -17.94 1.77
C PRO A 25 13.57 -17.26 0.40
N GLU A 26 12.63 -17.64 -0.48
CA GLU A 26 12.44 -17.02 -1.80
C GLU A 26 11.20 -16.11 -1.87
N LEU A 27 10.18 -16.38 -1.04
CA LEU A 27 8.84 -15.81 -1.23
C LEU A 27 8.87 -14.29 -1.03
N LYS A 28 9.20 -13.89 0.20
CA LYS A 28 9.41 -12.48 0.56
C LYS A 28 10.50 -11.80 -0.27
N ASN A 29 11.54 -12.56 -0.66
CA ASN A 29 12.66 -12.03 -1.43
C ASN A 29 12.22 -11.55 -2.82
N LEU A 30 11.37 -12.34 -3.50
CA LEU A 30 10.74 -11.95 -4.76
C LEU A 30 9.77 -10.77 -4.54
N PHE A 31 8.94 -10.83 -3.50
CA PHE A 31 7.95 -9.77 -3.24
C PHE A 31 8.62 -8.40 -3.12
N ASP A 32 9.72 -8.32 -2.38
CA ASP A 32 10.54 -7.11 -2.24
C ASP A 32 11.28 -6.70 -3.52
N MET A 33 11.43 -7.64 -4.48
CA MET A 33 12.13 -7.44 -5.75
C MET A 33 11.19 -6.94 -6.86
N CYS A 34 10.08 -7.63 -7.16
CA CYS A 34 9.12 -7.13 -8.17
C CYS A 34 8.41 -5.84 -7.70
N GLY A 35 8.30 -5.66 -6.38
CA GLY A 35 7.84 -4.41 -5.73
C GLY A 35 6.62 -4.58 -4.82
N ILE A 36 6.11 -5.80 -4.67
CA ILE A 36 4.98 -6.17 -3.82
C ILE A 36 5.28 -5.85 -2.33
N SER A 37 4.22 -5.53 -1.58
CA SER A 37 4.30 -5.24 -0.13
C SER A 37 3.35 -6.12 0.70
N GLU A 38 3.56 -6.14 2.01
CA GLU A 38 2.80 -6.94 2.98
C GLU A 38 1.27 -6.70 2.93
N ALA A 39 0.83 -5.51 2.54
CA ALA A 39 -0.59 -5.23 2.31
C ALA A 39 -1.21 -6.08 1.20
N GLN A 40 -0.51 -6.25 0.06
CA GLN A 40 -0.98 -7.08 -1.05
C GLN A 40 -0.97 -8.57 -0.65
N LEU A 41 0.05 -9.00 0.10
CA LEU A 41 0.20 -10.35 0.64
C LEU A 41 -0.89 -10.71 1.64
N LYS A 42 -1.49 -9.73 2.32
CA LYS A 42 -2.63 -9.91 3.23
C LYS A 42 -3.97 -9.59 2.58
N ASP A 43 -3.99 -9.30 1.28
CA ASP A 43 -5.21 -9.04 0.51
C ASP A 43 -5.69 -10.36 -0.10
N ARG A 44 -6.84 -10.89 0.34
CA ARG A 44 -7.41 -12.15 -0.18
C ARG A 44 -7.71 -12.12 -1.68
N GLU A 45 -7.73 -10.93 -2.27
CA GLU A 45 -7.99 -10.70 -3.69
C GLU A 45 -6.70 -10.54 -4.52
N THR A 46 -5.61 -10.03 -3.91
CA THR A 46 -4.30 -9.83 -4.58
C THR A 46 -3.35 -10.98 -4.29
N SER A 47 -3.14 -11.33 -3.01
CA SER A 47 -2.33 -12.46 -2.57
C SER A 47 -2.73 -13.79 -3.21
N LYS A 48 -4.03 -14.00 -3.44
CA LYS A 48 -4.56 -15.14 -4.23
C LYS A 48 -3.92 -15.24 -5.62
N VAL A 49 -3.89 -14.13 -6.37
CA VAL A 49 -3.30 -14.08 -7.72
C VAL A 49 -1.78 -14.27 -7.65
N ILE A 50 -1.12 -13.62 -6.69
CA ILE A 50 0.33 -13.74 -6.51
C ILE A 50 0.71 -15.20 -6.16
N TYR A 51 -0.07 -15.88 -5.32
CA TYR A 51 0.09 -17.30 -5.00
C TYR A 51 -0.15 -18.21 -6.22
N ASP A 52 -1.21 -17.96 -7.00
CA ASP A 52 -1.52 -18.75 -8.19
C ASP A 52 -0.37 -18.76 -9.23
N PHE A 53 0.43 -17.69 -9.27
CA PHE A 53 1.66 -17.65 -10.06
C PHE A 53 2.70 -18.63 -9.52
N ILE A 54 2.99 -18.61 -8.22
CA ILE A 54 3.98 -19.52 -7.63
C ILE A 54 3.54 -20.99 -7.79
N GLU A 55 2.24 -21.28 -7.65
CA GLU A 55 1.69 -22.64 -7.80
C GLU A 55 1.83 -23.19 -9.23
N LYS A 56 2.08 -22.32 -10.23
CA LYS A 56 2.10 -22.67 -11.65
C LYS A 56 3.42 -22.34 -12.38
N THR A 57 4.27 -21.51 -11.76
CA THR A 57 5.46 -20.90 -12.38
C THR A 57 6.62 -20.71 -11.40
N GLY A 58 6.32 -20.53 -10.10
CA GLY A 58 7.32 -20.52 -9.02
C GLY A 58 7.76 -21.95 -8.69
N GLY A 59 7.27 -22.52 -7.59
CA GLY A 59 7.62 -23.84 -7.06
C GLY A 59 9.08 -23.96 -6.55
N VAL A 60 9.25 -24.40 -5.30
CA VAL A 60 10.59 -24.52 -4.66
C VAL A 60 11.56 -25.44 -5.42
N GLU A 61 11.07 -26.46 -6.12
CA GLU A 61 11.86 -27.34 -7.00
C GLU A 61 11.96 -26.85 -8.46
N ALA A 62 10.95 -26.14 -8.95
CA ALA A 62 10.88 -25.65 -10.33
C ALA A 62 11.93 -24.57 -10.64
N VAL A 63 12.13 -23.62 -9.72
CA VAL A 63 13.12 -22.53 -9.88
C VAL A 63 14.57 -23.06 -9.81
N LYS A 64 14.78 -24.21 -9.14
CA LYS A 64 16.08 -24.89 -9.03
C LYS A 64 16.67 -25.36 -10.37
N ASN A 65 15.83 -25.58 -11.39
CA ASN A 65 16.23 -25.99 -12.76
C ASN A 65 17.12 -24.94 -13.46
N GLY B 1 5.42 2.65 -3.11
CA GLY B 1 6.56 1.88 -2.55
C GLY B 1 7.50 2.78 -1.78
N SER B 2 8.16 2.26 -0.74
CA SER B 2 8.88 3.03 0.30
C SER B 2 8.01 4.14 0.95
N HIS B 3 6.71 3.85 1.14
CA HIS B 3 5.70 4.76 1.71
C HIS B 3 5.97 5.18 3.17
N MET B 4 6.93 4.53 3.84
CA MET B 4 7.48 4.89 5.14
C MET B 4 9.01 4.99 5.04
N LYS B 5 9.55 6.18 5.34
CA LYS B 5 11.00 6.40 5.45
C LYS B 5 11.59 5.63 6.64
N LYS B 6 12.91 5.43 6.61
CA LYS B 6 13.72 4.85 7.71
C LYS B 6 13.91 5.79 8.94
N GLN B 7 13.05 6.80 9.09
CA GLN B 7 13.11 7.84 10.12
C GLN B 7 11.69 8.24 10.57
N LYS B 8 11.49 8.39 11.88
CA LYS B 8 10.22 8.79 12.51
C LYS B 8 10.44 9.83 13.62
N VAL B 9 9.36 10.41 14.12
CA VAL B 9 9.36 11.35 15.25
C VAL B 9 8.25 11.04 16.25
N LYS B 10 8.45 11.44 17.50
CA LYS B 10 7.43 11.48 18.56
C LYS B 10 7.01 12.93 18.76
N THR B 11 5.72 13.20 18.68
CA THR B 11 5.15 14.49 19.09
C THR B 11 5.14 14.56 20.62
N ILE B 12 5.52 15.69 21.20
CA ILE B 12 5.57 15.92 22.65
C ILE B 12 4.52 16.94 23.12
N PHE B 13 3.74 17.48 22.18
CA PHE B 13 2.70 18.48 22.40
C PHE B 13 1.62 18.40 21.30
N PRO B 14 0.37 18.86 21.55
CA PRO B 14 -0.70 18.93 20.56
C PRO B 14 -0.49 20.06 19.53
N HIS B 15 -1.23 20.00 18.41
CA HIS B 15 -1.29 21.03 17.37
C HIS B 15 -2.68 21.09 16.73
N THR B 16 -3.10 22.28 16.30
CA THR B 16 -4.46 22.58 15.81
C THR B 16 -4.37 23.35 14.49
N ALA B 17 -4.91 22.78 13.41
CA ALA B 17 -4.76 23.29 12.04
C ALA B 17 -5.42 24.67 11.82
N GLY B 18 -6.66 24.87 12.29
CA GLY B 18 -7.38 26.15 12.19
C GLY B 18 -7.65 26.62 10.75
N SER B 19 -8.75 26.15 10.14
CA SER B 19 -9.20 26.53 8.78
C SER B 19 -8.19 26.19 7.67
N ASN B 20 -7.51 25.04 7.80
CA ASN B 20 -6.49 24.54 6.87
C ASN B 20 -6.70 23.05 6.52
N LYS B 21 -6.19 22.63 5.35
CA LYS B 21 -6.33 21.28 4.77
C LYS B 21 -4.98 20.64 4.37
N THR B 22 -3.87 21.32 4.71
CA THR B 22 -2.48 20.88 4.47
C THR B 22 -1.71 20.71 5.79
N LEU B 23 -2.40 20.76 6.94
CA LEU B 23 -1.83 20.60 8.28
C LEU B 23 -2.25 19.27 8.93
N LEU B 24 -1.47 18.84 9.93
CA LEU B 24 -1.66 17.59 10.68
C LEU B 24 -1.86 17.89 12.17
N SER B 25 -2.88 17.28 12.78
CA SER B 25 -3.28 17.49 14.18
C SER B 25 -3.24 16.18 14.99
N PHE B 26 -2.95 16.30 16.29
CA PHE B 26 -2.62 15.21 17.21
C PHE B 26 -2.57 15.68 18.68
N ALA B 27 -2.20 14.79 19.59
CA ALA B 27 -1.93 15.06 21.00
C ALA B 27 -0.49 14.67 21.40
N GLN B 28 -0.02 15.11 22.58
CA GLN B 28 1.27 14.67 23.12
C GLN B 28 1.37 13.13 23.20
N GLY B 29 2.54 12.60 22.83
CA GLY B 29 2.86 11.17 22.89
C GLY B 29 2.56 10.42 21.60
N ASP B 30 1.96 11.09 20.60
CA ASP B 30 1.64 10.49 19.30
C ASP B 30 2.87 10.40 18.39
N VAL B 31 2.85 9.49 17.41
CA VAL B 31 3.97 9.13 16.53
C VAL B 31 3.62 9.43 15.07
N ILE B 32 4.54 10.08 14.37
CA ILE B 32 4.40 10.44 12.96
C ILE B 32 5.58 9.87 12.17
N THR B 33 5.28 9.20 11.05
CA THR B 33 6.31 8.75 10.09
C THR B 33 6.60 9.87 9.10
N LEU B 34 7.86 10.24 8.91
CA LEU B 34 8.25 11.26 7.92
C LEU B 34 7.99 10.78 6.49
N LEU B 35 7.51 11.68 5.63
CA LEU B 35 7.23 11.45 4.20
C LEU B 35 8.14 12.28 3.27
N ILE B 36 9.00 13.14 3.83
CA ILE B 36 9.87 14.08 3.11
C ILE B 36 11.34 13.89 3.56
N PRO B 37 12.34 14.20 2.70
CA PRO B 37 13.75 13.99 2.99
C PRO B 37 14.36 15.00 3.99
N GLU B 38 13.79 16.20 4.10
CA GLU B 38 14.27 17.30 4.96
C GLU B 38 13.11 18.25 5.36
N GLU B 39 13.28 19.04 6.42
CA GLU B 39 12.28 20.01 6.89
C GLU B 39 12.27 21.32 6.09
N LYS B 40 11.28 22.17 6.39
CA LYS B 40 11.10 23.47 5.72
C LYS B 40 10.51 24.51 6.68
N ASP B 41 11.20 25.63 6.94
CA ASP B 41 10.70 26.68 7.85
C ASP B 41 10.27 26.19 9.26
N GLY B 42 10.83 25.06 9.69
CA GLY B 42 10.44 24.32 10.91
C GLY B 42 9.16 23.49 10.80
N TRP B 43 8.56 23.41 9.62
CA TRP B 43 7.51 22.47 9.29
C TRP B 43 8.10 21.18 8.71
N LEU B 44 7.46 20.07 9.06
CA LEU B 44 7.76 18.71 8.62
C LEU B 44 6.49 18.03 8.11
N TYR B 45 6.59 17.10 7.16
CA TYR B 45 5.43 16.44 6.58
C TYR B 45 5.54 14.93 6.78
N GLY B 46 4.43 14.33 7.19
CA GLY B 46 4.39 12.92 7.57
C GLY B 46 2.98 12.36 7.60
N GLU B 47 2.88 11.10 8.05
CA GLU B 47 1.63 10.36 8.22
C GLU B 47 1.57 9.79 9.65
N HIS B 48 0.46 10.02 10.35
CA HIS B 48 0.23 9.55 11.71
C HIS B 48 0.07 8.03 11.79
N ASP B 49 0.81 7.38 12.70
CA ASP B 49 0.82 5.91 12.87
C ASP B 49 -0.46 5.29 13.48
N VAL B 50 -1.53 6.08 13.75
CA VAL B 50 -2.77 5.63 14.44
C VAL B 50 -4.06 5.88 13.64
N SER B 51 -4.01 6.80 12.67
CA SER B 51 -5.17 7.29 11.91
C SER B 51 -4.87 7.48 10.40
N LYS B 52 -3.58 7.43 10.02
CA LYS B 52 -3.07 7.66 8.65
C LYS B 52 -3.38 9.06 8.10
N ALA B 53 -3.64 10.01 9.00
CA ALA B 53 -3.74 11.44 8.69
C ALA B 53 -2.38 11.98 8.24
N ARG B 54 -2.36 12.77 7.16
CA ARG B 54 -1.17 13.44 6.60
C ARG B 54 -1.34 14.97 6.63
N GLY B 55 -0.22 15.68 6.74
CA GLY B 55 -0.17 17.15 6.78
C GLY B 55 1.16 17.68 7.31
N TRP B 56 1.39 18.98 7.19
CA TRP B 56 2.54 19.64 7.80
C TRP B 56 2.30 19.74 9.32
N PHE B 57 3.29 19.31 10.09
CA PHE B 57 3.33 19.45 11.54
C PHE B 57 4.58 20.26 11.99
N PRO B 58 4.49 20.97 13.13
CA PRO B 58 5.60 21.75 13.68
C PRO B 58 6.69 20.88 14.32
N SER B 59 7.90 20.99 13.77
CA SER B 59 9.12 20.32 14.27
C SER B 59 9.42 20.63 15.74
N SER B 60 9.15 21.86 16.21
CA SER B 60 9.40 22.26 17.60
C SER B 60 8.52 21.52 18.63
N TYR B 61 7.33 21.07 18.25
CA TYR B 61 6.44 20.21 19.06
C TYR B 61 6.77 18.71 18.94
N THR B 62 7.83 18.31 18.21
CA THR B 62 8.24 16.91 18.06
C THR B 62 9.74 16.71 18.34
N LYS B 63 10.18 15.44 18.34
CA LYS B 63 11.59 15.06 18.40
C LYS B 63 11.83 13.74 17.65
N LEU B 64 13.02 13.60 17.07
CA LEU B 64 13.47 12.35 16.45
C LEU B 64 13.44 11.18 17.45
N LEU B 65 13.10 10.00 16.95
CA LEU B 65 13.11 8.75 17.72
C LEU B 65 14.43 7.96 17.51
N GLU B 66 15.44 8.58 16.88
CA GLU B 66 16.79 8.02 16.74
C GLU B 66 17.43 7.63 18.10
N GLU B 67 18.00 6.42 18.18
CA GLU B 67 18.63 5.85 19.39
C GLU B 67 20.10 6.30 19.61
N LEU C 2 15.43 -16.27 -8.24
CA LEU C 2 14.89 -14.96 -7.76
C LEU C 2 14.76 -13.91 -8.88
N PRO C 3 15.83 -13.30 -9.41
CA PRO C 3 15.71 -12.14 -10.30
C PRO C 3 15.01 -12.43 -11.64
N ASP C 4 15.13 -13.67 -12.15
CA ASP C 4 14.38 -14.12 -13.33
C ASP C 4 12.88 -14.35 -13.04
N VAL C 5 12.51 -14.83 -11.85
CA VAL C 5 11.11 -15.10 -11.46
C VAL C 5 10.25 -13.83 -11.52
N ALA C 6 10.82 -12.67 -11.18
CA ALA C 6 10.11 -11.40 -11.28
C ALA C 6 9.76 -11.00 -12.74
N GLN C 7 10.56 -11.36 -13.74
CA GLN C 7 10.31 -10.99 -15.15
C GLN C 7 9.10 -11.73 -15.74
N ARG C 8 8.78 -12.91 -15.16
CA ARG C 8 7.60 -13.74 -15.50
C ARG C 8 6.41 -13.51 -14.55
N LEU C 9 6.63 -13.02 -13.33
CA LEU C 9 5.54 -12.58 -12.44
C LEU C 9 4.75 -11.43 -13.06
N MET C 10 5.42 -10.39 -13.58
CA MET C 10 4.73 -9.22 -14.12
C MET C 10 3.73 -9.59 -15.25
N GLN C 11 4.10 -10.60 -16.05
CA GLN C 11 3.24 -11.16 -17.11
C GLN C 11 1.97 -11.83 -16.56
N HIS C 12 2.05 -12.53 -15.43
CA HIS C 12 0.88 -13.12 -14.75
C HIS C 12 -0.04 -12.04 -14.17
N LEU C 13 0.53 -11.08 -13.44
CA LEU C 13 -0.23 -10.04 -12.74
C LEU C 13 -1.04 -9.16 -13.70
N ALA C 14 -0.55 -8.96 -14.92
CA ALA C 14 -1.19 -8.17 -15.97
C ALA C 14 -2.50 -8.79 -16.49
N GLU C 15 -2.67 -10.10 -16.30
CA GLU C 15 -3.83 -10.88 -16.75
C GLU C 15 -5.05 -10.70 -15.84
N HIS C 16 -4.80 -10.25 -14.60
CA HIS C 16 -5.80 -10.00 -13.56
C HIS C 16 -5.87 -8.50 -13.16
N GLY C 17 -5.03 -7.67 -13.79
CA GLY C 17 -4.83 -6.26 -13.45
C GLY C 17 -4.20 -6.01 -12.08
N ILE C 18 -3.57 -7.03 -11.45
CA ILE C 18 -2.73 -6.84 -10.26
C ILE C 18 -1.48 -6.03 -10.63
N GLN C 19 -0.94 -5.31 -9.65
CA GLN C 19 0.34 -4.60 -9.72
C GLN C 19 1.09 -4.66 -8.38
N PRO C 20 2.43 -4.56 -8.39
CA PRO C 20 3.25 -4.45 -7.19
C PRO C 20 2.99 -3.12 -6.45
N ALA C 21 3.30 -3.06 -5.17
CA ALA C 21 3.07 -1.87 -4.32
C ALA C 21 4.00 -0.69 -4.66
N ARG C 22 5.05 -0.90 -5.45
CA ARG C 22 5.85 0.17 -6.08
C ARG C 22 5.06 1.04 -7.08
N ASN C 23 3.90 0.56 -7.56
CA ASN C 23 3.06 1.29 -8.52
C ASN C 23 2.24 2.45 -7.91
N MET C 24 2.02 2.42 -6.59
CA MET C 24 1.22 3.40 -5.84
C MET C 24 2.11 4.30 -4.98
N ALA C 25 1.81 5.60 -4.95
CA ALA C 25 2.57 6.64 -4.26
C ALA C 25 1.72 7.91 -4.03
N GLU C 26 2.33 8.94 -3.44
CA GLU C 26 1.76 10.27 -3.25
C GLU C 26 2.78 11.40 -3.49
N HIS C 27 2.28 12.63 -3.54
CA HIS C 27 3.04 13.87 -3.58
C HIS C 27 3.04 14.58 -2.21
N ILE C 28 3.81 15.67 -2.10
CA ILE C 28 3.92 16.49 -0.88
C ILE C 28 3.32 17.89 -1.15
N PRO C 29 2.47 18.42 -0.24
CA PRO C 29 1.87 19.77 -0.32
C PRO C 29 2.88 20.92 -0.16
N PRO C 30 2.47 22.19 -0.36
CA PRO C 30 3.34 23.37 -0.20
C PRO C 30 3.82 23.61 1.23
N ALA C 31 2.93 24.17 2.08
CA ALA C 31 3.14 24.63 3.46
C ALA C 31 2.16 25.78 3.85
N PRO C 32 1.98 26.05 5.17
CA PRO C 32 1.19 27.18 5.67
C PRO C 32 1.87 28.56 5.44
N ASN C 33 1.12 29.64 5.68
CA ASN C 33 1.58 31.03 5.52
C ASN C 33 2.25 31.65 6.77
N TRP C 34 2.54 30.85 7.80
CA TRP C 34 3.24 31.24 9.04
C TRP C 34 4.26 30.18 9.47
N PRO C 35 5.27 30.53 10.28
CA PRO C 35 6.25 29.58 10.78
C PRO C 35 5.70 28.63 11.83
N ALA C 36 6.34 27.48 12.01
CA ALA C 36 5.94 26.48 12.99
C ALA C 36 6.00 27.02 14.45
N PRO C 37 4.92 26.86 15.24
CA PRO C 37 4.86 27.31 16.63
C PRO C 37 5.79 26.52 17.56
N THR C 38 6.17 27.14 18.70
CA THR C 38 7.17 26.61 19.65
C THR C 38 6.57 26.18 20.99
N PRO C 39 7.16 25.17 21.66
CA PRO C 39 6.65 24.58 22.92
C PRO C 39 6.70 25.53 24.12
N PRO C 40 5.99 25.21 25.23
CA PRO C 40 6.01 25.93 26.49
C PRO C 40 7.34 25.78 27.23
N VAL C 41 8.36 26.50 26.76
CA VAL C 41 9.73 26.51 27.29
C VAL C 41 10.23 27.96 27.35
N GLN C 42 11.06 28.27 28.34
CA GLN C 42 11.66 29.59 28.57
C GLN C 42 13.15 29.49 28.95
N ASN C 43 13.84 30.63 29.01
CA ASN C 43 15.25 30.73 29.39
C ASN C 43 15.52 31.99 30.25
N GLU C 44 16.47 31.88 31.17
CA GLU C 44 16.88 32.94 32.11
C GLU C 44 18.35 32.74 32.57
N GLN C 45 18.91 33.76 33.24
CA GLN C 45 20.23 33.70 33.86
C GLN C 45 20.29 32.66 35.01
N SER C 46 21.51 32.25 35.37
CA SER C 46 21.80 31.22 36.39
C SER C 46 22.60 31.80 37.58
N ARG C 47 22.28 33.05 37.96
CA ARG C 47 22.94 33.85 39.01
C ARG C 47 24.49 33.86 38.90
N PRO C 48 25.05 34.42 37.81
CA PRO C 48 26.50 34.48 37.55
C PRO C 48 27.27 35.30 38.60
N GLY A 1 2.03 -38.73 6.90
CA GLY A 1 1.21 -39.36 5.83
C GLY A 1 1.77 -39.04 4.46
N SER A 2 1.19 -38.03 3.78
CA SER A 2 1.61 -37.56 2.44
C SER A 2 1.38 -36.06 2.25
N ASN A 3 1.99 -35.49 1.20
CA ASN A 3 1.98 -34.05 0.88
C ASN A 3 2.14 -33.78 -0.64
N PHE A 4 2.06 -32.50 -1.03
CA PHE A 4 2.25 -32.04 -2.42
C PHE A 4 3.66 -32.30 -2.99
N GLN A 5 3.80 -32.14 -4.31
CA GLN A 5 5.03 -32.39 -5.08
C GLN A 5 5.64 -31.11 -5.64
N HIS A 6 4.97 -30.46 -6.61
CA HIS A 6 5.40 -29.18 -7.21
C HIS A 6 5.35 -27.98 -6.26
N ILE A 7 4.64 -28.12 -5.13
CA ILE A 7 4.44 -27.14 -4.05
C ILE A 7 4.55 -27.87 -2.70
N GLY A 8 4.06 -27.28 -1.61
CA GLY A 8 4.10 -27.87 -0.28
C GLY A 8 5.13 -27.22 0.64
N HIS A 9 5.38 -25.92 0.43
CA HIS A 9 6.44 -25.12 1.07
C HIS A 9 5.93 -23.73 1.49
N VAL A 10 5.29 -23.02 0.56
CA VAL A 10 4.62 -21.73 0.75
C VAL A 10 3.57 -21.76 1.85
N GLY A 11 3.43 -20.63 2.54
CA GLY A 11 2.47 -20.40 3.61
C GLY A 11 1.52 -19.28 3.20
N TRP A 12 0.46 -19.62 2.48
CA TRP A 12 -0.65 -18.69 2.16
C TRP A 12 -2.04 -19.29 2.44
N ASP A 13 -3.02 -18.43 2.77
CA ASP A 13 -4.43 -18.79 2.94
C ASP A 13 -5.43 -17.77 2.34
N PRO A 14 -6.58 -18.23 1.79
CA PRO A 14 -7.62 -17.40 1.15
C PRO A 14 -8.45 -16.53 2.10
N ASN A 15 -8.14 -16.54 3.41
CA ASN A 15 -8.83 -15.73 4.44
C ASN A 15 -7.93 -14.67 5.08
N THR A 16 -6.61 -14.89 5.09
CA THR A 16 -5.63 -14.05 5.82
C THR A 16 -4.44 -13.64 4.97
N GLY A 17 -4.10 -14.43 3.95
CA GLY A 17 -3.01 -14.15 3.02
C GLY A 17 -1.71 -14.92 3.31
N PHE A 18 -0.58 -14.42 2.79
CA PHE A 18 0.74 -14.98 3.07
C PHE A 18 1.11 -14.85 4.57
N ASP A 19 1.87 -15.82 5.05
CA ASP A 19 2.31 -15.95 6.45
C ASP A 19 3.71 -15.33 6.67
N LEU A 20 3.79 -13.98 6.71
CA LEU A 20 5.06 -13.22 6.77
C LEU A 20 6.04 -13.72 7.84
N ASN A 21 5.51 -14.06 9.03
CA ASN A 21 6.27 -14.56 10.19
C ASN A 21 7.07 -15.86 9.90
N ASN A 22 6.69 -16.63 8.88
CA ASN A 22 7.28 -17.93 8.52
C ASN A 22 7.47 -18.11 6.99
N LEU A 23 7.52 -17.01 6.24
CA LEU A 23 7.67 -17.04 4.78
C LEU A 23 8.99 -17.69 4.32
N ASP A 24 8.94 -18.29 3.12
CA ASP A 24 10.06 -19.00 2.47
C ASP A 24 11.24 -18.07 2.10
N PRO A 25 12.46 -18.61 1.92
CA PRO A 25 13.66 -17.84 1.63
C PRO A 25 13.64 -17.15 0.26
N GLU A 26 12.72 -17.52 -0.65
CA GLU A 26 12.57 -16.91 -1.98
C GLU A 26 11.28 -16.09 -2.12
N LEU A 27 10.29 -16.30 -1.23
CA LEU A 27 8.93 -15.76 -1.35
C LEU A 27 8.93 -14.25 -1.09
N LYS A 28 9.20 -13.87 0.16
CA LYS A 28 9.38 -12.46 0.57
C LYS A 28 10.46 -11.76 -0.26
N ASN A 29 11.46 -12.54 -0.70
CA ASN A 29 12.61 -12.07 -1.45
C ASN A 29 12.17 -11.56 -2.84
N LEU A 30 11.32 -12.31 -3.54
CA LEU A 30 10.67 -11.88 -4.78
C LEU A 30 9.71 -10.72 -4.54
N PHE A 31 8.91 -10.78 -3.47
CA PHE A 31 7.93 -9.73 -3.20
C PHE A 31 8.61 -8.36 -3.08
N ASP A 32 9.73 -8.29 -2.37
CA ASP A 32 10.57 -7.10 -2.27
C ASP A 32 11.31 -6.75 -3.59
N MET A 33 11.51 -7.73 -4.48
CA MET A 33 12.15 -7.55 -5.78
C MET A 33 11.20 -6.90 -6.79
N CYS A 34 10.03 -7.52 -7.06
CA CYS A 34 9.09 -6.99 -8.05
C CYS A 34 8.37 -5.71 -7.58
N GLY A 35 8.28 -5.51 -6.25
CA GLY A 35 7.78 -4.27 -5.63
C GLY A 35 6.53 -4.45 -4.76
N ILE A 36 6.07 -5.70 -4.60
CA ILE A 36 4.93 -6.10 -3.76
C ILE A 36 5.22 -5.79 -2.28
N SER A 37 4.17 -5.55 -1.49
CA SER A 37 4.29 -5.31 -0.04
C SER A 37 3.28 -6.13 0.79
N GLU A 38 3.45 -6.14 2.10
CA GLU A 38 2.65 -6.89 3.08
C GLU A 38 1.14 -6.67 2.95
N ALA A 39 0.70 -5.48 2.53
CA ALA A 39 -0.72 -5.20 2.30
C ALA A 39 -1.32 -6.06 1.19
N GLN A 40 -0.62 -6.22 0.06
CA GLN A 40 -1.08 -7.06 -1.04
C GLN A 40 -1.04 -8.54 -0.66
N LEU A 41 -0.04 -8.97 0.12
CA LEU A 41 0.12 -10.32 0.64
C LEU A 41 -0.96 -10.73 1.62
N LYS A 42 -1.58 -9.76 2.32
CA LYS A 42 -2.72 -9.97 3.22
C LYS A 42 -4.07 -9.70 2.55
N ASP A 43 -4.08 -9.34 1.27
CA ASP A 43 -5.27 -9.08 0.48
C ASP A 43 -5.78 -10.39 -0.14
N ARG A 44 -6.94 -10.90 0.29
CA ARG A 44 -7.51 -12.16 -0.25
C ARG A 44 -7.78 -12.13 -1.75
N GLU A 45 -7.79 -10.94 -2.35
CA GLU A 45 -8.02 -10.73 -3.78
C GLU A 45 -6.71 -10.53 -4.58
N THR A 46 -5.65 -9.98 -3.96
CA THR A 46 -4.34 -9.79 -4.63
C THR A 46 -3.39 -10.95 -4.33
N SER A 47 -3.20 -11.30 -3.05
CA SER A 47 -2.37 -12.42 -2.60
C SER A 47 -2.75 -13.76 -3.25
N LYS A 48 -4.05 -13.99 -3.48
CA LYS A 48 -4.56 -15.13 -4.26
C LYS A 48 -3.91 -15.23 -5.66
N VAL A 49 -3.86 -14.13 -6.40
CA VAL A 49 -3.25 -14.07 -7.74
C VAL A 49 -1.73 -14.27 -7.65
N ILE A 50 -1.08 -13.61 -6.69
CA ILE A 50 0.37 -13.72 -6.49
C ILE A 50 0.73 -15.19 -6.13
N TYR A 51 -0.08 -15.86 -5.31
CA TYR A 51 0.05 -17.27 -4.97
C TYR A 51 -0.19 -18.20 -6.18
N ASP A 52 -1.23 -17.95 -6.96
CA ASP A 52 -1.55 -18.73 -8.17
C ASP A 52 -0.40 -18.75 -9.20
N PHE A 53 0.40 -17.67 -9.23
CA PHE A 53 1.64 -17.61 -10.01
C PHE A 53 2.69 -18.59 -9.47
N ILE A 54 2.97 -18.58 -8.16
CA ILE A 54 3.95 -19.49 -7.57
C ILE A 54 3.52 -20.96 -7.75
N GLU A 55 2.22 -21.27 -7.63
CA GLU A 55 1.69 -22.63 -7.82
C GLU A 55 1.84 -23.16 -9.26
N LYS A 56 2.17 -22.29 -10.23
CA LYS A 56 2.25 -22.62 -11.66
C LYS A 56 3.57 -22.25 -12.35
N THR A 57 4.39 -21.41 -11.70
CA THR A 57 5.57 -20.74 -12.31
C THR A 57 6.70 -20.54 -11.31
N GLY A 58 6.38 -20.41 -10.02
CA GLY A 58 7.33 -20.57 -8.92
C GLY A 58 7.61 -22.06 -8.68
N GLY A 59 7.24 -22.59 -7.51
CA GLY A 59 7.58 -23.93 -7.01
C GLY A 59 9.03 -24.05 -6.56
N VAL A 60 9.27 -24.48 -5.31
CA VAL A 60 10.63 -24.55 -4.72
C VAL A 60 11.60 -25.46 -5.50
N GLU A 61 11.13 -26.57 -6.07
CA GLU A 61 11.93 -27.49 -6.90
C GLU A 61 11.98 -27.07 -8.38
N ALA A 62 10.97 -26.34 -8.84
CA ALA A 62 10.87 -25.82 -10.20
C ALA A 62 11.88 -24.69 -10.47
N VAL A 63 12.00 -23.73 -9.53
CA VAL A 63 12.95 -22.61 -9.62
C VAL A 63 14.41 -23.09 -9.59
N LYS A 64 14.69 -24.26 -8.97
CA LYS A 64 16.00 -24.92 -8.92
C LYS A 64 16.59 -25.32 -10.29
N ASN A 65 15.77 -25.38 -11.35
CA ASN A 65 16.15 -25.79 -12.72
C ASN A 65 17.46 -25.16 -13.28
N GLY B 1 -4.03 0.02 13.57
CA GLY B 1 -4.06 0.02 12.09
C GLY B 1 -3.25 -1.13 11.51
N SER B 2 -3.89 -2.27 11.23
CA SER B 2 -3.25 -3.50 10.71
C SER B 2 -2.71 -3.38 9.27
N HIS B 3 -3.31 -2.51 8.45
CA HIS B 3 -2.97 -2.28 7.03
C HIS B 3 -1.87 -1.23 6.80
N MET B 4 -1.27 -0.68 7.88
CA MET B 4 -0.27 0.38 7.82
C MET B 4 0.96 0.06 8.70
N LYS B 5 2.01 -0.43 8.03
CA LYS B 5 3.20 -1.08 8.59
C LYS B 5 4.48 -0.37 8.10
N LYS B 6 4.51 0.93 8.34
CA LYS B 6 5.60 1.88 8.03
C LYS B 6 6.00 2.68 9.28
N GLN B 7 6.87 3.68 9.14
CA GLN B 7 7.35 4.52 10.23
C GLN B 7 6.19 5.17 11.03
N LYS B 8 6.31 5.22 12.36
CA LYS B 8 5.37 5.90 13.27
C LYS B 8 6.09 6.75 14.30
N VAL B 9 5.33 7.62 14.97
CA VAL B 9 5.76 8.44 16.11
C VAL B 9 4.67 8.46 17.18
N LYS B 10 5.11 8.64 18.42
CA LYS B 10 4.24 9.01 19.54
C LYS B 10 4.34 10.52 19.75
N THR B 11 3.20 11.20 19.74
CA THR B 11 3.13 12.59 20.19
C THR B 11 3.39 12.64 21.71
N ILE B 12 4.12 13.65 22.16
CA ILE B 12 4.46 13.86 23.59
C ILE B 12 3.84 15.15 24.15
N PHE B 13 3.16 15.92 23.28
CA PHE B 13 2.48 17.19 23.60
C PHE B 13 1.32 17.45 22.61
N PRO B 14 0.33 18.28 22.98
CA PRO B 14 -0.78 18.66 22.10
C PRO B 14 -0.36 19.63 20.98
N HIS B 15 -1.21 19.74 19.94
CA HIS B 15 -1.10 20.73 18.85
C HIS B 15 -2.50 21.11 18.32
N THR B 16 -2.62 22.33 17.77
CA THR B 16 -3.89 22.94 17.33
C THR B 16 -3.68 23.73 16.04
N ALA B 17 -4.44 23.41 14.98
CA ALA B 17 -4.30 23.97 13.63
C ALA B 17 -4.50 25.49 13.53
N GLY B 18 -5.61 26.03 14.06
CA GLY B 18 -5.92 27.47 14.06
C GLY B 18 -6.09 28.09 12.66
N SER B 19 -7.20 27.79 11.98
CA SER B 19 -7.61 28.33 10.67
C SER B 19 -6.84 27.72 9.47
N ASN B 20 -6.49 26.43 9.58
CA ASN B 20 -5.82 25.64 8.53
C ASN B 20 -6.56 24.32 8.26
N LYS B 21 -6.55 23.88 6.99
CA LYS B 21 -7.15 22.61 6.49
C LYS B 21 -6.09 21.56 6.10
N THR B 22 -4.81 21.86 6.37
CA THR B 22 -3.62 21.03 6.05
C THR B 22 -2.82 20.66 7.29
N LEU B 23 -3.32 20.97 8.50
CA LEU B 23 -2.68 20.66 9.78
C LEU B 23 -3.42 19.55 10.53
N LEU B 24 -2.70 18.88 11.45
CA LEU B 24 -3.20 17.77 12.26
C LEU B 24 -3.14 18.14 13.76
N SER B 25 -4.26 17.95 14.46
CA SER B 25 -4.44 18.34 15.87
C SER B 25 -4.71 17.12 16.76
N PHE B 26 -4.13 17.11 17.96
CA PHE B 26 -4.11 15.96 18.88
C PHE B 26 -3.74 16.36 20.31
N ALA B 27 -3.65 15.38 21.22
CA ALA B 27 -3.15 15.52 22.59
C ALA B 27 -1.76 14.85 22.76
N GLN B 28 -1.22 14.86 23.99
CA GLN B 28 -0.06 14.03 24.37
C GLN B 28 -0.43 12.53 24.42
N GLY B 29 0.55 11.67 24.07
CA GLY B 29 0.45 10.21 24.18
C GLY B 29 -0.26 9.54 23.00
N ASP B 30 -0.70 10.35 22.02
CA ASP B 30 -1.31 9.88 20.78
C ASP B 30 -0.26 9.31 19.80
N VAL B 31 -0.71 8.60 18.77
CA VAL B 31 0.14 7.87 17.81
C VAL B 31 -0.24 8.23 16.38
N ILE B 32 0.76 8.60 15.58
CA ILE B 32 0.61 9.04 14.19
C ILE B 32 1.52 8.17 13.31
N THR B 33 0.98 7.66 12.21
CA THR B 33 1.74 6.92 11.19
C THR B 33 2.14 7.85 10.06
N LEU B 34 3.42 7.89 9.69
CA LEU B 34 3.91 8.77 8.63
C LEU B 34 3.40 8.31 7.25
N LEU B 35 3.23 9.28 6.35
CA LEU B 35 2.83 9.08 4.95
C LEU B 35 3.89 9.61 3.96
N ILE B 36 4.98 10.22 4.46
CA ILE B 36 6.05 10.88 3.69
C ILE B 36 7.43 10.27 4.04
N PRO B 37 8.42 10.31 3.13
CA PRO B 37 9.74 9.68 3.33
C PRO B 37 10.69 10.45 4.26
N GLU B 38 10.53 11.76 4.40
CA GLU B 38 11.40 12.67 5.19
C GLU B 38 10.63 13.91 5.70
N GLU B 39 11.18 14.65 6.67
CA GLU B 39 10.55 15.87 7.21
C GLU B 39 10.84 17.13 6.38
N LYS B 40 10.13 18.21 6.70
CA LYS B 40 10.26 19.51 6.02
C LYS B 40 10.05 20.67 6.97
N ASP B 41 11.03 21.56 7.16
CA ASP B 41 10.88 22.72 8.07
C ASP B 41 10.44 22.36 9.52
N GLY B 42 10.74 21.12 9.93
CA GLY B 42 10.29 20.49 11.18
C GLY B 42 8.83 20.01 11.19
N TRP B 43 8.13 20.10 10.06
CA TRP B 43 6.82 19.52 9.83
C TRP B 43 6.94 18.11 9.24
N LEU B 44 6.02 17.25 9.67
CA LEU B 44 5.85 15.87 9.25
C LEU B 44 4.39 15.58 8.90
N TYR B 45 4.12 14.66 7.97
CA TYR B 45 2.76 14.38 7.51
C TYR B 45 2.42 12.90 7.71
N GLY B 46 1.23 12.66 8.24
CA GLY B 46 0.80 11.36 8.72
C GLY B 46 -0.71 11.25 8.91
N GLU B 47 -1.15 10.10 9.42
CA GLU B 47 -2.54 9.78 9.76
C GLU B 47 -2.62 9.25 11.19
N HIS B 48 -3.53 9.82 11.99
CA HIS B 48 -3.75 9.44 13.39
C HIS B 48 -4.36 8.04 13.53
N ASP B 49 -3.79 7.21 14.41
CA ASP B 49 -4.20 5.80 14.63
C ASP B 49 -5.54 5.60 15.38
N VAL B 50 -6.30 6.67 15.67
CA VAL B 50 -7.56 6.63 16.48
C VAL B 50 -8.78 7.29 15.80
N SER B 51 -8.53 8.15 14.81
CA SER B 51 -9.53 9.01 14.15
C SER B 51 -9.36 9.10 12.63
N LYS B 52 -8.20 8.67 12.10
CA LYS B 52 -7.80 8.73 10.68
C LYS B 52 -7.71 10.17 10.12
N ALA B 53 -7.59 11.15 11.02
CA ALA B 53 -7.25 12.52 10.71
C ALA B 53 -5.82 12.61 10.11
N ARG B 54 -5.67 13.32 8.99
CA ARG B 54 -4.38 13.62 8.35
C ARG B 54 -4.10 15.12 8.34
N GLY B 55 -2.82 15.46 8.30
CA GLY B 55 -2.31 16.84 8.28
C GLY B 55 -0.83 16.92 8.65
N TRP B 56 -0.21 18.08 8.44
CA TRP B 56 1.14 18.33 8.92
C TRP B 56 1.09 18.49 10.45
N PHE B 57 1.92 17.73 11.15
CA PHE B 57 2.15 17.86 12.59
C PHE B 57 3.60 18.28 12.89
N PRO B 58 3.84 18.99 14.00
CA PRO B 58 5.18 19.40 14.41
C PRO B 58 6.00 18.24 14.97
N SER B 59 7.14 17.97 14.33
CA SER B 59 8.11 16.96 14.74
C SER B 59 8.57 17.13 16.19
N SER B 60 8.78 18.37 16.63
CA SER B 60 9.28 18.73 17.98
C SER B 60 8.41 18.21 19.13
N TYR B 61 7.09 18.17 18.92
CA TYR B 61 6.10 17.63 19.87
C TYR B 61 5.92 16.11 19.76
N THR B 62 6.77 15.40 19.02
CA THR B 62 6.71 13.94 18.82
C THR B 62 8.08 13.26 18.95
N LYS B 63 8.10 11.93 19.13
CA LYS B 63 9.32 11.11 19.10
C LYS B 63 9.06 9.79 18.36
N LEU B 64 10.09 9.30 17.65
CA LEU B 64 10.09 8.01 16.95
C LEU B 64 9.75 6.83 17.88
N LEU B 65 9.18 5.78 17.26
CA LEU B 65 8.78 4.52 17.91
C LEU B 65 9.63 3.32 17.45
N GLU B 66 10.74 3.58 16.73
CA GLU B 66 11.74 2.57 16.41
C GLU B 66 12.44 2.04 17.68
N GLU B 67 12.36 0.73 17.92
CA GLU B 67 12.89 0.03 19.12
C GLU B 67 14.30 -0.54 18.89
N LEU C 2 15.21 -16.36 -8.16
CA LEU C 2 14.84 -14.96 -7.78
C LEU C 2 14.72 -14.01 -8.99
N PRO C 3 15.81 -13.61 -9.69
CA PRO C 3 15.74 -12.50 -10.67
C PRO C 3 14.96 -12.85 -11.94
N ASP C 4 15.02 -14.11 -12.39
CA ASP C 4 14.23 -14.60 -13.53
C ASP C 4 12.73 -14.76 -13.19
N VAL C 5 12.39 -15.06 -11.94
CA VAL C 5 11.01 -15.24 -11.47
C VAL C 5 10.21 -13.93 -11.56
N ALA C 6 10.84 -12.80 -11.26
CA ALA C 6 10.20 -11.49 -11.40
C ALA C 6 9.86 -11.11 -12.86
N GLN C 7 10.63 -11.58 -13.85
CA GLN C 7 10.39 -11.23 -15.26
C GLN C 7 9.13 -11.93 -15.82
N ARG C 8 8.75 -13.05 -15.20
CA ARG C 8 7.55 -13.84 -15.48
C ARG C 8 6.38 -13.53 -14.53
N LEU C 9 6.64 -13.03 -13.32
CA LEU C 9 5.60 -12.54 -12.41
C LEU C 9 4.82 -11.38 -13.03
N MET C 10 5.52 -10.37 -13.55
CA MET C 10 4.86 -9.17 -14.10
C MET C 10 3.90 -9.51 -15.26
N GLN C 11 4.24 -10.54 -16.05
CA GLN C 11 3.38 -11.08 -17.11
C GLN C 11 2.10 -11.74 -16.55
N HIS C 12 2.17 -12.46 -15.43
CA HIS C 12 1.00 -13.03 -14.75
C HIS C 12 0.08 -11.96 -14.17
N LEU C 13 0.65 -11.00 -13.44
CA LEU C 13 -0.13 -9.97 -12.73
C LEU C 13 -0.94 -9.08 -13.69
N ALA C 14 -0.43 -8.88 -14.92
CA ALA C 14 -1.06 -8.09 -15.97
C ALA C 14 -2.37 -8.72 -16.51
N GLU C 15 -2.53 -10.03 -16.33
CA GLU C 15 -3.68 -10.82 -16.80
C GLU C 15 -4.91 -10.65 -15.90
N HIS C 16 -4.69 -10.21 -14.66
CA HIS C 16 -5.72 -9.97 -13.63
C HIS C 16 -5.81 -8.48 -13.23
N GLY C 17 -4.96 -7.64 -13.84
CA GLY C 17 -4.79 -6.23 -13.48
C GLY C 17 -4.18 -5.99 -12.08
N ILE C 18 -3.57 -7.00 -11.45
CA ILE C 18 -2.76 -6.82 -10.24
C ILE C 18 -1.53 -5.97 -10.57
N GLN C 19 -1.05 -5.23 -9.57
CA GLN C 19 0.20 -4.47 -9.61
C GLN C 19 0.94 -4.54 -8.26
N PRO C 20 2.27 -4.41 -8.26
CA PRO C 20 3.07 -4.30 -7.03
C PRO C 20 2.76 -3.01 -6.27
N ALA C 21 3.05 -2.99 -4.97
CA ALA C 21 2.83 -1.84 -4.08
C ALA C 21 3.70 -0.61 -4.40
N ARG C 22 4.76 -0.78 -5.21
CA ARG C 22 5.53 0.32 -5.80
C ARG C 22 4.76 1.18 -6.81
N ASN C 23 3.66 0.67 -7.39
CA ASN C 23 2.91 1.32 -8.45
C ASN C 23 1.88 2.35 -7.94
N MET C 24 1.19 2.04 -6.85
CA MET C 24 0.38 3.00 -6.08
C MET C 24 1.25 4.11 -5.44
N ALA C 25 0.64 5.27 -5.19
CA ALA C 25 1.30 6.44 -4.59
C ALA C 25 0.29 7.39 -3.91
N GLU C 26 0.80 8.47 -3.32
CA GLU C 26 0.04 9.54 -2.68
C GLU C 26 0.62 10.93 -2.99
N HIS C 27 -0.22 11.95 -2.82
CA HIS C 27 0.06 13.34 -3.22
C HIS C 27 0.83 14.16 -2.20
N ILE C 28 0.34 14.14 -0.97
CA ILE C 28 0.74 14.97 0.16
C ILE C 28 0.49 16.49 -0.07
N PRO C 29 -0.09 17.21 0.92
CA PRO C 29 -0.31 18.67 0.88
C PRO C 29 0.99 19.50 0.91
N PRO C 30 0.94 20.84 0.73
CA PRO C 30 2.11 21.71 0.78
C PRO C 30 2.76 21.80 2.16
N ALA C 31 2.22 22.66 3.05
CA ALA C 31 2.70 23.01 4.39
C ALA C 31 2.19 24.40 4.85
N PRO C 32 2.24 24.70 6.16
CA PRO C 32 1.89 26.02 6.71
C PRO C 32 2.93 27.11 6.38
N ASN C 33 2.58 28.37 6.68
CA ASN C 33 3.41 29.57 6.44
C ASN C 33 4.39 29.91 7.60
N TRP C 34 4.51 29.05 8.61
CA TRP C 34 5.43 29.18 9.75
C TRP C 34 6.10 27.83 10.10
N PRO C 35 7.26 27.84 10.77
CA PRO C 35 7.93 26.61 11.18
C PRO C 35 7.21 25.89 12.32
N ALA C 36 7.49 24.59 12.48
CA ALA C 36 6.93 23.81 13.57
C ALA C 36 7.32 24.39 14.95
N PRO C 37 6.36 24.52 15.89
CA PRO C 37 6.61 24.96 17.27
C PRO C 37 7.50 23.97 18.05
N THR C 38 7.86 24.32 19.29
CA THR C 38 8.79 23.56 20.15
C THR C 38 8.25 23.33 21.57
N PRO C 39 8.61 22.20 22.22
CA PRO C 39 8.13 21.81 23.55
C PRO C 39 8.62 22.72 24.69
N PRO C 40 8.00 22.65 25.89
CA PRO C 40 8.42 23.37 27.09
C PRO C 40 9.72 22.83 27.70
N VAL C 41 10.84 23.09 27.00
CA VAL C 41 12.19 22.65 27.37
C VAL C 41 13.17 23.81 27.14
N GLN C 42 14.21 23.90 27.96
CA GLN C 42 15.25 24.95 27.90
C GLN C 42 16.66 24.34 27.99
N ASN C 43 17.67 25.10 27.53
CA ASN C 43 19.08 24.71 27.56
C ASN C 43 19.61 24.60 29.01
N GLU C 44 19.78 23.37 29.51
CA GLU C 44 20.27 23.07 30.85
C GLU C 44 21.01 21.71 30.85
N GLN C 45 22.31 21.72 31.18
CA GLN C 45 23.15 20.52 31.27
C GLN C 45 22.83 19.67 32.52
N SER C 46 23.26 18.41 32.51
CA SER C 46 23.04 17.43 33.58
C SER C 46 24.31 17.03 34.35
N ARG C 47 25.47 17.63 34.01
CA ARG C 47 26.79 17.40 34.64
C ARG C 47 27.57 18.72 34.75
N PRO C 48 27.17 19.65 35.65
CA PRO C 48 27.85 20.93 35.87
C PRO C 48 29.27 20.75 36.45
N GLY A 1 -3.15 -36.20 8.73
CA GLY A 1 -1.85 -36.74 8.27
C GLY A 1 -1.73 -36.77 6.75
N SER A 2 -1.80 -35.62 6.08
CA SER A 2 -1.61 -35.47 4.62
C SER A 2 -1.29 -34.01 4.25
N ASN A 3 -0.50 -33.81 3.17
CA ASN A 3 -0.07 -32.51 2.63
C ASN A 3 0.06 -32.55 1.10
N PHE A 4 0.16 -31.38 0.46
CA PHE A 4 0.45 -31.22 -0.97
C PHE A 4 1.83 -31.77 -1.39
N GLN A 5 2.02 -31.90 -2.71
CA GLN A 5 3.22 -32.46 -3.35
C GLN A 5 4.08 -31.38 -4.03
N HIS A 6 3.58 -30.79 -5.12
CA HIS A 6 4.23 -29.72 -5.90
C HIS A 6 4.29 -28.35 -5.19
N ILE A 7 3.50 -28.18 -4.12
CA ILE A 7 3.31 -26.96 -3.33
C ILE A 7 3.17 -27.35 -1.84
N GLY A 8 2.82 -26.38 -0.99
CA GLY A 8 2.52 -26.61 0.43
C GLY A 8 3.51 -25.88 1.35
N HIS A 9 4.74 -25.67 0.87
CA HIS A 9 5.81 -24.88 1.51
C HIS A 9 5.44 -23.39 1.73
N VAL A 10 4.61 -22.84 0.84
CA VAL A 10 4.38 -21.39 0.67
C VAL A 10 3.61 -20.69 1.82
N GLY A 11 2.84 -21.44 2.61
CA GLY A 11 2.10 -20.98 3.79
C GLY A 11 1.02 -19.91 3.55
N TRP A 12 0.56 -19.73 2.31
CA TRP A 12 -0.54 -18.83 1.97
C TRP A 12 -1.92 -19.41 2.35
N ASP A 13 -2.86 -18.54 2.71
CA ASP A 13 -4.27 -18.91 2.93
C ASP A 13 -5.28 -17.91 2.32
N PRO A 14 -6.43 -18.38 1.81
CA PRO A 14 -7.51 -17.56 1.22
C PRO A 14 -8.31 -16.71 2.22
N ASN A 15 -7.96 -16.75 3.51
CA ASN A 15 -8.62 -16.00 4.59
C ASN A 15 -7.74 -14.90 5.22
N THR A 16 -6.42 -15.07 5.17
CA THR A 16 -5.44 -14.22 5.86
C THR A 16 -4.27 -13.79 4.98
N GLY A 17 -3.79 -14.66 4.08
CA GLY A 17 -2.74 -14.37 3.11
C GLY A 17 -1.46 -15.19 3.30
N PHE A 18 -0.36 -14.75 2.68
CA PHE A 18 0.98 -15.33 2.82
C PHE A 18 1.46 -15.31 4.27
N ASP A 19 2.17 -16.35 4.73
CA ASP A 19 2.67 -16.40 6.12
C ASP A 19 3.94 -15.57 6.38
N LEU A 20 3.89 -14.23 6.32
CA LEU A 20 5.05 -13.33 6.46
C LEU A 20 6.04 -13.71 7.57
N ASN A 21 5.49 -14.08 8.74
CA ASN A 21 6.24 -14.53 9.92
C ASN A 21 7.15 -15.75 9.67
N ASN A 22 6.83 -16.62 8.70
CA ASN A 22 7.56 -17.85 8.38
C ASN A 22 7.74 -18.10 6.87
N LEU A 23 7.60 -17.05 6.04
CA LEU A 23 7.71 -17.12 4.58
C LEU A 23 9.03 -17.75 4.09
N ASP A 24 8.98 -18.38 2.92
CA ASP A 24 10.12 -19.08 2.31
C ASP A 24 11.29 -18.13 1.97
N PRO A 25 12.53 -18.65 1.85
CA PRO A 25 13.73 -17.84 1.61
C PRO A 25 13.75 -17.15 0.24
N GLU A 26 12.86 -17.54 -0.68
CA GLU A 26 12.72 -16.97 -2.01
C GLU A 26 11.46 -16.08 -2.14
N LEU A 27 10.43 -16.36 -1.34
CA LEU A 27 9.06 -15.86 -1.56
C LEU A 27 8.98 -14.37 -1.29
N LYS A 28 9.22 -13.98 -0.04
CA LYS A 28 9.34 -12.58 0.38
C LYS A 28 10.39 -11.81 -0.42
N ASN A 29 11.44 -12.53 -0.84
CA ASN A 29 12.59 -11.96 -1.52
C ASN A 29 12.20 -11.48 -2.94
N LEU A 30 11.47 -12.32 -3.68
CA LEU A 30 10.79 -11.99 -4.94
C LEU A 30 9.73 -10.91 -4.75
N PHE A 31 8.92 -11.00 -3.70
CA PHE A 31 7.84 -10.01 -3.53
C PHE A 31 8.41 -8.60 -3.44
N ASP A 32 9.48 -8.42 -2.65
CA ASP A 32 10.14 -7.12 -2.51
C ASP A 32 10.97 -6.71 -3.74
N MET A 33 11.34 -7.66 -4.61
CA MET A 33 12.06 -7.42 -5.87
C MET A 33 11.16 -6.72 -6.90
N CYS A 34 10.01 -7.33 -7.22
CA CYS A 34 9.04 -6.76 -8.15
C CYS A 34 8.41 -5.47 -7.57
N GLY A 35 8.23 -5.43 -6.25
CA GLY A 35 7.76 -4.27 -5.49
C GLY A 35 6.50 -4.52 -4.67
N ILE A 36 5.98 -5.75 -4.64
CA ILE A 36 4.85 -6.17 -3.82
C ILE A 36 5.14 -5.90 -2.32
N SER A 37 4.11 -5.53 -1.55
CA SER A 37 4.22 -5.27 -0.11
C SER A 37 3.33 -6.23 0.71
N GLU A 38 3.59 -6.31 2.03
CA GLU A 38 2.85 -7.17 2.96
C GLU A 38 1.33 -6.92 2.96
N ALA A 39 0.88 -5.72 2.61
CA ALA A 39 -0.54 -5.41 2.41
C ALA A 39 -1.19 -6.25 1.30
N GLN A 40 -0.51 -6.41 0.16
CA GLN A 40 -1.01 -7.22 -0.97
C GLN A 40 -0.96 -8.72 -0.62
N LEU A 41 0.07 -9.16 0.11
CA LEU A 41 0.23 -10.53 0.60
C LEU A 41 -0.83 -10.94 1.61
N LYS A 42 -1.43 -9.97 2.31
CA LYS A 42 -2.56 -10.16 3.23
C LYS A 42 -3.93 -9.90 2.57
N ASP A 43 -3.94 -9.51 1.30
CA ASP A 43 -5.16 -9.23 0.55
C ASP A 43 -5.69 -10.53 -0.07
N ARG A 44 -6.84 -11.03 0.37
CA ARG A 44 -7.42 -12.28 -0.18
C ARG A 44 -7.72 -12.23 -1.68
N GLU A 45 -7.71 -11.02 -2.25
CA GLU A 45 -8.00 -10.77 -3.66
C GLU A 45 -6.72 -10.54 -4.50
N THR A 46 -5.63 -10.03 -3.90
CA THR A 46 -4.34 -9.84 -4.59
C THR A 46 -3.39 -11.01 -4.33
N SER A 47 -3.18 -11.39 -3.06
CA SER A 47 -2.34 -12.53 -2.65
C SER A 47 -2.74 -13.85 -3.33
N LYS A 48 -4.05 -14.08 -3.54
CA LYS A 48 -4.58 -15.21 -4.32
C LYS A 48 -3.97 -15.29 -5.73
N VAL A 49 -3.95 -14.17 -6.46
CA VAL A 49 -3.37 -14.10 -7.81
C VAL A 49 -1.86 -14.32 -7.77
N ILE A 50 -1.18 -13.68 -6.81
CA ILE A 50 0.27 -13.81 -6.66
C ILE A 50 0.64 -15.28 -6.34
N TYR A 51 -0.13 -15.96 -5.49
CA TYR A 51 0.04 -17.38 -5.18
C TYR A 51 -0.22 -18.30 -6.38
N ASP A 52 -1.26 -18.04 -7.16
CA ASP A 52 -1.54 -18.82 -8.37
C ASP A 52 -0.35 -18.83 -9.36
N PHE A 53 0.44 -17.75 -9.39
CA PHE A 53 1.69 -17.69 -10.14
C PHE A 53 2.75 -18.63 -9.56
N ILE A 54 2.96 -18.65 -8.24
CA ILE A 54 3.94 -19.54 -7.60
C ILE A 54 3.56 -21.02 -7.80
N GLU A 55 2.27 -21.36 -7.73
CA GLU A 55 1.75 -22.72 -7.96
C GLU A 55 2.00 -23.23 -9.40
N LYS A 56 2.30 -22.33 -10.34
CA LYS A 56 2.38 -22.62 -11.79
C LYS A 56 3.70 -22.19 -12.46
N THR A 57 4.53 -21.41 -11.75
CA THR A 57 5.73 -20.73 -12.29
C THR A 57 6.84 -20.55 -11.25
N GLY A 58 6.46 -20.42 -9.96
CA GLY A 58 7.35 -20.59 -8.82
C GLY A 58 7.63 -22.08 -8.60
N GLY A 59 7.25 -22.63 -7.45
CA GLY A 59 7.63 -23.96 -6.95
C GLY A 59 9.09 -24.03 -6.48
N VAL A 60 9.30 -24.48 -5.24
CA VAL A 60 10.64 -24.52 -4.61
C VAL A 60 11.67 -25.35 -5.40
N GLU A 61 11.24 -26.45 -6.04
CA GLU A 61 12.10 -27.30 -6.88
C GLU A 61 12.21 -26.81 -8.34
N ALA A 62 11.17 -26.16 -8.84
CA ALA A 62 11.06 -25.62 -10.19
C ALA A 62 12.04 -24.44 -10.43
N VAL A 63 12.09 -23.48 -9.51
CA VAL A 63 12.98 -22.31 -9.59
C VAL A 63 14.47 -22.71 -9.44
N LYS A 64 14.74 -23.82 -8.74
CA LYS A 64 16.06 -24.44 -8.55
C LYS A 64 16.68 -25.07 -9.81
N ASN A 65 15.91 -25.21 -10.90
CA ASN A 65 16.33 -25.83 -12.18
C ASN A 65 15.90 -25.00 -13.41
N GLY B 1 -3.09 -4.83 10.11
CA GLY B 1 -1.72 -5.39 10.02
C GLY B 1 -0.68 -4.28 10.01
N SER B 2 -0.25 -3.85 8.82
CA SER B 2 0.71 -2.75 8.61
C SER B 2 0.04 -1.53 7.95
N HIS B 3 0.53 -0.34 8.27
CA HIS B 3 0.07 0.95 7.74
C HIS B 3 1.18 2.01 7.86
N MET B 4 1.07 3.11 7.10
CA MET B 4 2.00 4.24 7.13
C MET B 4 2.14 4.86 8.54
N LYS B 5 3.40 5.12 8.93
CA LYS B 5 3.83 5.63 10.25
C LYS B 5 4.92 6.72 10.15
N LYS B 6 5.19 7.24 8.93
CA LYS B 6 6.24 8.24 8.64
C LYS B 6 6.16 9.47 9.54
N GLN B 7 4.93 9.96 9.77
CA GLN B 7 4.57 11.01 10.73
C GLN B 7 3.06 11.00 10.95
N LYS B 8 2.61 11.18 12.20
CA LYS B 8 1.19 11.34 12.59
C LYS B 8 1.02 12.51 13.56
N VAL B 9 -0.22 12.96 13.71
CA VAL B 9 -0.64 13.98 14.67
C VAL B 9 -1.92 13.55 15.37
N LYS B 10 -2.10 14.05 16.61
CA LYS B 10 -3.36 14.01 17.34
C LYS B 10 -4.02 15.37 17.19
N THR B 11 -5.27 15.40 16.74
CA THR B 11 -6.09 16.61 16.79
C THR B 11 -6.43 16.89 18.26
N ILE B 12 -6.39 18.16 18.65
CA ILE B 12 -6.69 18.61 20.03
C ILE B 12 -7.97 19.47 20.08
N PHE B 13 -8.56 19.73 18.91
CA PHE B 13 -9.78 20.50 18.70
C PHE B 13 -10.50 20.07 17.40
N PRO B 14 -11.82 20.33 17.26
CA PRO B 14 -12.55 20.09 16.02
C PRO B 14 -12.18 21.12 14.92
N HIS B 15 -12.57 20.80 13.68
CA HIS B 15 -12.48 21.69 12.52
C HIS B 15 -13.67 21.44 11.56
N THR B 16 -14.13 22.50 10.89
CA THR B 16 -15.22 22.45 9.90
C THR B 16 -14.77 23.01 8.56
N ALA B 17 -15.05 22.26 7.49
CA ALA B 17 -14.69 22.62 6.11
C ALA B 17 -15.47 23.84 5.57
N GLY B 18 -16.66 24.14 6.11
CA GLY B 18 -17.45 25.32 5.74
C GLY B 18 -17.74 25.46 4.23
N SER B 19 -18.22 24.39 3.59
CA SER B 19 -18.58 24.32 2.17
C SER B 19 -17.37 24.18 1.23
N ASN B 20 -16.49 23.20 1.51
CA ASN B 20 -15.30 22.88 0.73
C ASN B 20 -15.11 21.36 0.52
N LYS B 21 -14.30 21.00 -0.48
CA LYS B 21 -14.03 19.61 -0.93
C LYS B 21 -12.56 19.19 -0.75
N THR B 22 -11.70 20.11 -0.32
CA THR B 22 -10.24 19.94 -0.12
C THR B 22 -9.85 20.05 1.36
N LEU B 23 -10.83 20.06 2.28
CA LEU B 23 -10.65 20.17 3.73
C LEU B 23 -11.06 18.88 4.46
N LEU B 24 -10.52 18.70 5.67
CA LEU B 24 -10.72 17.52 6.53
C LEU B 24 -11.34 17.93 7.87
N SER B 25 -12.43 17.27 8.26
CA SER B 25 -13.20 17.56 9.48
C SER B 25 -13.18 16.38 10.46
N PHE B 26 -13.19 16.71 11.76
CA PHE B 26 -12.99 15.78 12.88
C PHE B 26 -13.41 16.42 14.22
N ALA B 27 -13.24 15.69 15.32
CA ALA B 27 -13.37 16.19 16.69
C ALA B 27 -11.98 16.30 17.38
N GLN B 28 -11.95 16.71 18.65
CA GLN B 28 -10.77 16.59 19.52
C GLN B 28 -10.47 15.12 19.85
N GLY B 29 -9.17 14.79 20.00
CA GLY B 29 -8.69 13.47 20.43
C GLY B 29 -8.57 12.46 19.27
N ASP B 30 -8.90 12.87 18.05
CA ASP B 30 -8.75 12.08 16.83
C ASP B 30 -7.29 12.03 16.33
N VAL B 31 -6.99 11.11 15.40
CA VAL B 31 -5.64 10.84 14.89
C VAL B 31 -5.64 10.89 13.36
N ILE B 32 -4.68 11.63 12.80
CA ILE B 32 -4.51 11.86 11.36
C ILE B 32 -3.08 11.48 10.95
N THR B 33 -2.94 10.77 9.83
CA THR B 33 -1.64 10.37 9.28
C THR B 33 -1.24 11.29 8.14
N LEU B 34 -0.04 11.87 8.19
CA LEU B 34 0.41 12.83 7.17
C LEU B 34 0.74 12.13 5.85
N LEU B 35 0.36 12.77 4.74
CA LEU B 35 0.60 12.31 3.36
C LEU B 35 1.60 13.21 2.60
N ILE B 36 2.06 14.30 3.23
CA ILE B 36 2.95 15.33 2.66
C ILE B 36 4.25 15.44 3.50
N PRO B 37 5.39 15.85 2.91
CA PRO B 37 6.68 15.93 3.60
C PRO B 37 6.81 17.12 4.58
N GLU B 38 6.07 18.21 4.36
CA GLU B 38 6.10 19.46 5.14
C GLU B 38 4.76 20.22 5.04
N GLU B 39 4.49 21.13 5.99
CA GLU B 39 3.28 21.95 6.01
C GLU B 39 3.31 23.14 5.04
N LYS B 40 2.17 23.82 4.93
CA LYS B 40 2.01 25.00 4.05
C LYS B 40 1.03 26.01 4.67
N ASP B 41 1.46 27.25 4.93
CA ASP B 41 0.57 28.29 5.49
C ASP B 41 -0.16 27.90 6.81
N GLY B 42 0.40 26.93 7.54
CA GLY B 42 -0.20 26.29 8.71
C GLY B 42 -1.25 25.22 8.42
N TRP B 43 -1.47 24.90 7.14
CA TRP B 43 -2.25 23.75 6.70
C TRP B 43 -1.35 22.52 6.50
N LEU B 44 -1.91 21.37 6.84
CA LEU B 44 -1.32 20.04 6.71
C LEU B 44 -2.29 19.08 6.03
N TYR B 45 -1.78 18.06 5.31
CA TYR B 45 -2.62 17.15 4.54
C TYR B 45 -2.36 15.70 4.96
N GLY B 46 -3.45 14.99 5.21
CA GLY B 46 -3.42 13.65 5.79
C GLY B 46 -4.70 12.85 5.57
N GLU B 47 -4.71 11.63 6.10
CA GLU B 47 -5.86 10.73 6.10
C GLU B 47 -6.20 10.33 7.55
N HIS B 48 -7.47 10.46 7.93
CA HIS B 48 -7.97 10.11 9.26
C HIS B 48 -7.97 8.58 9.50
N ASP B 49 -7.40 8.14 10.62
CA ASP B 49 -7.22 6.71 10.95
C ASP B 49 -8.51 5.91 11.26
N VAL B 50 -9.69 6.56 11.28
CA VAL B 50 -10.99 5.96 11.71
C VAL B 50 -12.12 6.10 10.68
N SER B 51 -11.96 7.02 9.73
CA SER B 51 -12.96 7.44 8.73
C SER B 51 -12.40 7.38 7.30
N LYS B 52 -11.06 7.40 7.17
CA LYS B 52 -10.28 7.36 5.90
C LYS B 52 -10.55 8.58 5.00
N ALA B 53 -11.17 9.63 5.56
CA ALA B 53 -11.31 10.95 4.97
C ALA B 53 -9.94 11.64 4.85
N ARG B 54 -9.73 12.32 3.72
CA ARG B 54 -8.55 13.15 3.42
C ARG B 54 -8.94 14.60 3.12
N GLY B 55 -8.00 15.50 3.40
CA GLY B 55 -8.18 16.95 3.23
C GLY B 55 -7.10 17.74 3.98
N TRP B 56 -7.00 19.05 3.69
CA TRP B 56 -6.16 19.94 4.48
C TRP B 56 -6.83 20.16 5.85
N PHE B 57 -6.05 20.00 6.91
CA PHE B 57 -6.42 20.31 8.28
C PHE B 57 -5.48 21.37 8.89
N PRO B 58 -5.98 22.19 9.83
CA PRO B 58 -5.18 23.21 10.52
C PRO B 58 -4.20 22.61 11.52
N SER B 59 -2.90 22.88 11.30
CA SER B 59 -1.81 22.47 12.19
C SER B 59 -2.02 22.94 13.63
N SER B 60 -2.49 24.17 13.86
CA SER B 60 -2.67 24.75 15.19
C SER B 60 -3.70 24.02 16.08
N TYR B 61 -4.69 23.35 15.48
CA TYR B 61 -5.64 22.45 16.17
C TYR B 61 -5.10 21.02 16.35
N THR B 62 -3.82 20.76 16.08
CA THR B 62 -3.18 19.43 16.23
C THR B 62 -1.80 19.53 16.89
N LYS B 63 -1.26 18.39 17.36
CA LYS B 63 0.13 18.27 17.83
C LYS B 63 0.73 16.94 17.37
N LEU B 64 2.04 16.93 17.11
CA LEU B 64 2.81 15.73 16.75
C LEU B 64 2.71 14.65 17.83
N LEU B 65 2.70 13.39 17.38
CA LEU B 65 2.70 12.20 18.25
C LEU B 65 4.11 11.61 18.42
N GLU B 66 5.15 12.33 17.97
CA GLU B 66 6.56 11.99 18.22
C GLU B 66 6.90 11.84 19.72
N GLU B 67 7.73 10.85 20.06
CA GLU B 67 8.10 10.48 21.44
C GLU B 67 9.34 11.23 21.96
N LEU C 2 15.43 -15.90 -8.10
CA LEU C 2 14.96 -14.52 -7.74
C LEU C 2 14.80 -13.59 -8.95
N PRO C 3 15.87 -13.07 -9.60
CA PRO C 3 15.72 -11.98 -10.58
C PRO C 3 14.97 -12.39 -11.86
N ASP C 4 15.06 -13.67 -12.26
CA ASP C 4 14.30 -14.23 -13.39
C ASP C 4 12.83 -14.46 -13.04
N VAL C 5 12.50 -14.78 -11.79
CA VAL C 5 11.12 -15.04 -11.33
C VAL C 5 10.26 -13.76 -11.43
N ALA C 6 10.83 -12.60 -11.14
CA ALA C 6 10.10 -11.34 -11.25
C ALA C 6 9.74 -10.96 -12.70
N GLN C 7 10.56 -11.34 -13.70
CA GLN C 7 10.30 -10.99 -15.11
C GLN C 7 9.06 -11.72 -15.65
N ARG C 8 8.81 -12.93 -15.11
CA ARG C 8 7.66 -13.80 -15.44
C ARG C 8 6.46 -13.55 -14.53
N LEU C 9 6.66 -13.05 -13.31
CA LEU C 9 5.57 -12.61 -12.43
C LEU C 9 4.78 -11.45 -13.05
N MET C 10 5.47 -10.41 -13.55
CA MET C 10 4.80 -9.23 -14.09
C MET C 10 3.88 -9.56 -15.29
N GLN C 11 4.22 -10.61 -16.05
CA GLN C 11 3.36 -11.17 -17.10
C GLN C 11 2.07 -11.80 -16.56
N HIS C 12 2.14 -12.53 -15.42
CA HIS C 12 0.96 -13.09 -14.76
C HIS C 12 0.05 -12.01 -14.18
N LEU C 13 0.62 -11.06 -13.44
CA LEU C 13 -0.15 -10.02 -12.74
C LEU C 13 -0.93 -9.13 -13.70
N ALA C 14 -0.43 -8.94 -14.93
CA ALA C 14 -1.07 -8.15 -15.99
C ALA C 14 -2.38 -8.78 -16.51
N GLU C 15 -2.56 -10.09 -16.32
CA GLU C 15 -3.71 -10.86 -16.77
C GLU C 15 -4.95 -10.66 -15.87
N HIS C 16 -4.70 -10.20 -14.63
CA HIS C 16 -5.70 -9.92 -13.60
C HIS C 16 -5.75 -8.44 -13.20
N GLY C 17 -4.89 -7.62 -13.81
CA GLY C 17 -4.67 -6.20 -13.47
C GLY C 17 -4.05 -5.97 -12.08
N ILE C 18 -3.45 -6.98 -11.45
CA ILE C 18 -2.65 -6.81 -10.23
C ILE C 18 -1.38 -5.99 -10.54
N GLN C 19 -0.88 -5.25 -9.55
CA GLN C 19 0.37 -4.48 -9.62
C GLN C 19 1.09 -4.46 -8.25
N PRO C 20 2.44 -4.29 -8.24
CA PRO C 20 3.21 -4.15 -7.00
C PRO C 20 2.90 -2.83 -6.27
N ALA C 21 3.25 -2.76 -4.98
CA ALA C 21 3.04 -1.58 -4.13
C ALA C 21 3.90 -0.36 -4.54
N ARG C 22 5.01 -0.61 -5.26
CA ARG C 22 5.86 0.43 -5.89
C ARG C 22 5.22 1.08 -7.13
N ASN C 23 4.08 0.56 -7.61
CA ASN C 23 3.34 1.04 -8.79
C ASN C 23 1.92 1.54 -8.42
N MET C 24 1.74 2.00 -7.17
CA MET C 24 0.54 2.67 -6.67
C MET C 24 0.90 3.81 -5.71
N ALA C 25 0.18 4.93 -5.81
CA ALA C 25 0.34 6.14 -5.01
C ALA C 25 -0.88 7.06 -5.14
N GLU C 26 -0.83 8.24 -4.53
CA GLU C 26 -1.82 9.32 -4.68
C GLU C 26 -1.17 10.70 -4.78
N HIS C 27 -1.98 11.68 -5.16
CA HIS C 27 -1.62 13.10 -5.27
C HIS C 27 -2.12 13.91 -4.07
N ILE C 28 -1.69 15.18 -4.00
CA ILE C 28 -2.06 16.13 -2.95
C ILE C 28 -2.73 17.38 -3.58
N PRO C 29 -3.86 17.86 -3.03
CA PRO C 29 -4.59 19.06 -3.47
C PRO C 29 -3.81 20.38 -3.24
N PRO C 30 -4.31 21.53 -3.74
CA PRO C 30 -3.66 22.84 -3.55
C PRO C 30 -3.66 23.32 -2.10
N ALA C 31 -4.82 23.80 -1.61
CA ALA C 31 -5.08 24.45 -0.31
C ALA C 31 -6.29 25.43 -0.37
N PRO C 32 -6.86 25.82 0.79
CA PRO C 32 -7.91 26.84 0.89
C PRO C 32 -7.41 28.27 0.62
N ASN C 33 -8.35 29.22 0.49
CA ASN C 33 -8.10 30.65 0.24
C ASN C 33 -7.82 31.49 1.51
N TRP C 34 -7.77 30.89 2.70
CA TRP C 34 -7.48 31.54 3.98
C TRP C 34 -6.49 30.74 4.83
N PRO C 35 -5.79 31.37 5.80
CA PRO C 35 -4.86 30.67 6.68
C PRO C 35 -5.56 29.76 7.70
N ALA C 36 -4.81 28.77 8.21
CA ALA C 36 -5.31 27.84 9.21
C ALA C 36 -5.74 28.55 10.51
N PRO C 37 -6.95 28.28 11.04
CA PRO C 37 -7.44 28.86 12.29
C PRO C 37 -6.67 28.37 13.53
N THR C 38 -6.75 29.13 14.63
CA THR C 38 -5.97 28.92 15.86
C THR C 38 -6.86 28.57 17.08
N PRO C 39 -6.34 27.78 18.05
CA PRO C 39 -7.10 27.30 19.22
C PRO C 39 -7.49 28.43 20.21
N PRO C 40 -8.43 28.16 21.14
CA PRO C 40 -8.84 29.08 22.22
C PRO C 40 -7.76 29.24 23.31
N VAL C 41 -6.66 29.88 22.93
CA VAL C 41 -5.50 30.16 23.79
C VAL C 41 -5.04 31.61 23.56
N GLN C 42 -4.50 32.25 24.60
CA GLN C 42 -3.94 33.61 24.54
C GLN C 42 -2.45 33.63 24.89
N ASN C 43 -1.71 34.57 24.31
CA ASN C 43 -0.25 34.70 24.48
C ASN C 43 0.13 35.86 25.42
N GLU C 44 -0.81 36.79 25.69
CA GLU C 44 -0.62 38.01 26.51
C GLU C 44 0.66 38.79 26.16
N GLN C 45 0.95 38.92 24.86
CA GLN C 45 2.16 39.54 24.31
C GLN C 45 1.85 40.73 23.38
N SER C 46 2.79 41.67 23.30
CA SER C 46 2.80 42.77 22.33
C SER C 46 4.21 43.36 22.20
N ARG C 47 4.56 43.83 20.99
CA ARG C 47 5.83 44.52 20.65
C ARG C 47 7.08 43.92 21.34
N PRO C 48 7.38 42.62 21.17
CA PRO C 48 8.48 41.91 21.84
C PRO C 48 9.88 42.44 21.47
N GLY A 1 1.59 -30.11 8.66
CA GLY A 1 0.40 -29.32 8.26
C GLY A 1 -0.02 -29.62 6.84
N SER A 2 0.36 -28.77 5.89
CA SER A 2 0.03 -28.90 4.46
C SER A 2 0.56 -30.22 3.85
N ASN A 3 -0.29 -30.95 3.13
CA ASN A 3 0.03 -32.22 2.46
C ASN A 3 -0.03 -32.02 0.92
N PHE A 4 1.10 -31.64 0.33
CA PHE A 4 1.27 -31.39 -1.11
C PHE A 4 2.59 -31.95 -1.65
N GLN A 5 2.73 -31.91 -2.99
CA GLN A 5 3.85 -32.48 -3.74
C GLN A 5 4.63 -31.40 -4.52
N HIS A 6 3.99 -30.80 -5.53
CA HIS A 6 4.56 -29.71 -6.34
C HIS A 6 4.74 -28.37 -5.59
N ILE A 7 4.08 -28.25 -4.43
CA ILE A 7 4.04 -27.08 -3.54
C ILE A 7 4.05 -27.55 -2.07
N GLY A 8 3.81 -26.63 -1.13
CA GLY A 8 3.62 -26.92 0.29
C GLY A 8 4.51 -26.03 1.18
N HIS A 9 5.64 -25.59 0.62
CA HIS A 9 6.55 -24.59 1.18
C HIS A 9 5.89 -23.22 1.43
N VAL A 10 4.97 -22.81 0.55
CA VAL A 10 4.16 -21.59 0.69
C VAL A 10 3.02 -21.82 1.69
N GLY A 11 2.90 -20.92 2.67
CA GLY A 11 1.94 -20.99 3.78
C GLY A 11 0.77 -20.00 3.68
N TRP A 12 0.42 -19.60 2.45
CA TRP A 12 -0.66 -18.67 2.16
C TRP A 12 -2.03 -19.27 2.49
N ASP A 13 -2.99 -18.42 2.86
CA ASP A 13 -4.40 -18.80 3.02
C ASP A 13 -5.41 -17.81 2.39
N PRO A 14 -6.52 -18.29 1.81
CA PRO A 14 -7.58 -17.48 1.19
C PRO A 14 -8.42 -16.64 2.16
N ASN A 15 -8.12 -16.67 3.46
CA ASN A 15 -8.79 -15.88 4.50
C ASN A 15 -7.91 -14.75 5.06
N THR A 16 -6.59 -14.96 5.12
CA THR A 16 -5.64 -14.08 5.82
C THR A 16 -4.44 -13.66 4.97
N GLY A 17 -4.08 -14.45 3.96
CA GLY A 17 -2.98 -14.17 3.04
C GLY A 17 -1.70 -14.96 3.33
N PHE A 18 -0.57 -14.50 2.78
CA PHE A 18 0.76 -15.08 2.99
C PHE A 18 1.14 -15.06 4.49
N ASP A 19 1.97 -16.02 4.89
CA ASP A 19 2.46 -16.22 6.25
C ASP A 19 3.77 -15.47 6.55
N LEU A 20 3.77 -14.12 6.57
CA LEU A 20 4.99 -13.30 6.73
C LEU A 20 5.92 -13.75 7.87
N ASN A 21 5.32 -14.14 9.00
CA ASN A 21 6.03 -14.66 10.19
C ASN A 21 6.83 -15.96 9.95
N ASN A 22 6.52 -16.74 8.90
CA ASN A 22 7.18 -18.02 8.57
C ASN A 22 7.52 -18.19 7.08
N LEU A 23 7.52 -17.10 6.30
CA LEU A 23 7.73 -17.11 4.84
C LEU A 23 9.08 -17.73 4.41
N ASP A 24 9.08 -18.29 3.20
CA ASP A 24 10.24 -18.96 2.59
C ASP A 24 11.41 -18.00 2.28
N PRO A 25 12.65 -18.50 2.13
CA PRO A 25 13.85 -17.71 1.87
C PRO A 25 13.87 -17.06 0.47
N GLU A 26 12.95 -17.41 -0.42
CA GLU A 26 12.81 -16.87 -1.78
C GLU A 26 11.47 -16.14 -2.00
N LEU A 27 10.47 -16.37 -1.15
CA LEU A 27 9.10 -15.85 -1.33
C LEU A 27 9.04 -14.35 -1.11
N LYS A 28 9.28 -13.92 0.14
CA LYS A 28 9.39 -12.51 0.51
C LYS A 28 10.44 -11.75 -0.32
N ASN A 29 11.52 -12.43 -0.69
CA ASN A 29 12.61 -11.85 -1.47
C ASN A 29 12.13 -11.46 -2.88
N LEU A 30 11.36 -12.33 -3.53
CA LEU A 30 10.70 -12.07 -4.81
C LEU A 30 9.66 -10.97 -4.68
N PHE A 31 8.85 -11.00 -3.62
CA PHE A 31 7.80 -10.00 -3.45
C PHE A 31 8.40 -8.58 -3.38
N ASP A 32 9.47 -8.41 -2.60
CA ASP A 32 10.19 -7.14 -2.46
C ASP A 32 10.98 -6.75 -3.73
N MET A 33 11.35 -7.73 -4.57
CA MET A 33 12.08 -7.50 -5.83
C MET A 33 11.20 -6.81 -6.87
N CYS A 34 10.01 -7.38 -7.14
CA CYS A 34 9.05 -6.80 -8.08
C CYS A 34 8.40 -5.52 -7.52
N GLY A 35 8.29 -5.41 -6.18
CA GLY A 35 7.77 -4.23 -5.48
C GLY A 35 6.47 -4.48 -4.71
N ILE A 36 6.03 -5.73 -4.56
CA ILE A 36 4.86 -6.12 -3.78
C ILE A 36 5.12 -5.85 -2.27
N SER A 37 4.09 -5.45 -1.53
CA SER A 37 4.16 -5.16 -0.08
C SER A 37 3.27 -6.09 0.74
N GLU A 38 3.49 -6.15 2.05
CA GLU A 38 2.71 -6.95 3.01
C GLU A 38 1.20 -6.73 2.92
N ALA A 39 0.76 -5.53 2.54
CA ALA A 39 -0.66 -5.24 2.32
C ALA A 39 -1.28 -6.09 1.21
N GLN A 40 -0.59 -6.28 0.08
CA GLN A 40 -1.06 -7.11 -1.03
C GLN A 40 -1.02 -8.59 -0.64
N LEU A 41 0.00 -9.02 0.10
CA LEU A 41 0.17 -10.38 0.64
C LEU A 41 -0.93 -10.77 1.62
N LYS A 42 -1.53 -9.81 2.32
CA LYS A 42 -2.66 -10.01 3.24
C LYS A 42 -4.03 -9.78 2.58
N ASP A 43 -4.05 -9.38 1.31
CA ASP A 43 -5.26 -9.11 0.53
C ASP A 43 -5.76 -10.42 -0.09
N ARG A 44 -6.92 -10.95 0.35
CA ARG A 44 -7.47 -12.21 -0.20
C ARG A 44 -7.75 -12.16 -1.71
N GLU A 45 -7.76 -10.95 -2.29
CA GLU A 45 -8.04 -10.70 -3.70
C GLU A 45 -6.76 -10.46 -4.53
N THR A 46 -5.67 -9.99 -3.90
CA THR A 46 -4.36 -9.79 -4.58
C THR A 46 -3.42 -10.95 -4.30
N SER A 47 -3.22 -11.32 -3.03
CA SER A 47 -2.39 -12.44 -2.60
C SER A 47 -2.78 -13.77 -3.25
N LYS A 48 -4.08 -14.00 -3.50
CA LYS A 48 -4.58 -15.14 -4.28
C LYS A 48 -3.94 -15.24 -5.66
N VAL A 49 -3.90 -14.13 -6.41
CA VAL A 49 -3.29 -14.08 -7.76
C VAL A 49 -1.78 -14.28 -7.67
N ILE A 50 -1.13 -13.62 -6.71
CA ILE A 50 0.32 -13.74 -6.51
C ILE A 50 0.69 -15.20 -6.15
N TYR A 51 -0.11 -15.88 -5.32
CA TYR A 51 0.06 -17.29 -4.98
C TYR A 51 -0.16 -18.23 -6.18
N ASP A 52 -1.21 -18.01 -6.97
CA ASP A 52 -1.50 -18.80 -8.18
C ASP A 52 -0.33 -18.82 -9.16
N PHE A 53 0.47 -17.74 -9.20
CA PHE A 53 1.72 -17.68 -9.97
C PHE A 53 2.79 -18.64 -9.43
N ILE A 54 3.04 -18.66 -8.11
CA ILE A 54 4.06 -19.55 -7.55
C ILE A 54 3.67 -21.03 -7.75
N GLU A 55 2.38 -21.36 -7.61
CA GLU A 55 1.86 -22.71 -7.83
C GLU A 55 1.93 -23.18 -9.30
N LYS A 56 2.31 -22.29 -10.25
CA LYS A 56 2.35 -22.57 -11.69
C LYS A 56 3.65 -22.16 -12.41
N THR A 57 4.52 -21.39 -11.74
CA THR A 57 5.69 -20.72 -12.35
C THR A 57 6.83 -20.50 -11.35
N GLY A 58 6.50 -20.32 -10.07
CA GLY A 58 7.45 -20.46 -8.96
C GLY A 58 7.73 -21.94 -8.68
N GLY A 59 7.45 -22.41 -7.46
CA GLY A 59 7.84 -23.72 -6.91
C GLY A 59 9.35 -23.87 -6.66
N VAL A 60 9.72 -24.28 -5.45
CA VAL A 60 11.14 -24.48 -5.05
C VAL A 60 11.91 -25.45 -5.95
N GLU A 61 11.30 -26.57 -6.37
CA GLU A 61 11.93 -27.53 -7.28
C GLU A 61 11.96 -27.05 -8.75
N ALA A 62 10.97 -26.23 -9.12
CA ALA A 62 10.79 -25.68 -10.45
C ALA A 62 11.78 -24.56 -10.78
N VAL A 63 12.02 -23.65 -9.84
CA VAL A 63 12.97 -22.52 -9.97
C VAL A 63 14.43 -23.02 -10.00
N LYS A 64 14.71 -24.16 -9.34
CA LYS A 64 16.00 -24.87 -9.36
C LYS A 64 16.37 -25.48 -10.74
N ASN A 65 15.40 -25.70 -11.62
CA ASN A 65 15.58 -26.35 -12.94
C ASN A 65 16.53 -25.58 -13.88
N GLY B 1 11.80 -1.27 3.46
CA GLY B 1 11.65 -0.39 2.28
C GLY B 1 10.64 0.71 2.53
N SER B 2 9.43 0.58 1.96
CA SER B 2 8.37 1.61 1.99
C SER B 2 6.98 0.99 2.23
N HIS B 3 6.82 0.37 3.40
CA HIS B 3 5.51 -0.08 3.92
C HIS B 3 4.51 1.08 4.13
N MET B 4 3.28 0.73 4.52
CA MET B 4 2.26 1.64 5.08
C MET B 4 2.79 2.53 6.23
N LYS B 5 1.97 3.49 6.70
CA LYS B 5 2.28 4.41 7.82
C LYS B 5 2.72 3.70 9.12
N LYS B 6 2.43 2.41 9.27
CA LYS B 6 2.74 1.52 10.42
C LYS B 6 1.87 1.87 11.65
N GLN B 7 0.62 2.26 11.38
CA GLN B 7 -0.36 2.62 12.41
C GLN B 7 -1.77 2.29 11.92
N LYS B 8 -2.55 1.65 12.79
CA LYS B 8 -3.97 1.30 12.56
C LYS B 8 -4.79 1.65 13.80
N VAL B 9 -6.11 1.65 13.65
CA VAL B 9 -7.08 1.83 14.74
C VAL B 9 -8.16 0.77 14.66
N LYS B 10 -8.73 0.43 15.81
CA LYS B 10 -9.98 -0.34 15.91
C LYS B 10 -11.10 0.64 16.22
N THR B 11 -12.16 0.61 15.41
CA THR B 11 -13.40 1.31 15.73
C THR B 11 -14.05 0.63 16.95
N ILE B 12 -14.64 1.40 17.85
CA ILE B 12 -15.34 0.90 19.06
C ILE B 12 -16.83 1.25 19.03
N PHE B 13 -17.27 1.97 17.99
CA PHE B 13 -18.65 2.41 17.76
C PHE B 13 -18.92 2.62 16.25
N PRO B 14 -20.18 2.55 15.78
CA PRO B 14 -20.55 2.79 14.39
C PRO B 14 -20.51 4.28 14.00
N HIS B 15 -20.52 4.55 12.69
CA HIS B 15 -20.62 5.90 12.10
C HIS B 15 -21.37 5.85 10.75
N THR B 16 -22.02 6.97 10.37
CA THR B 16 -22.92 7.09 9.22
C THR B 16 -22.71 8.42 8.49
N ALA B 17 -22.31 8.36 7.22
CA ALA B 17 -21.98 9.52 6.39
C ALA B 17 -23.16 10.46 6.05
N GLY B 18 -24.38 9.93 5.92
CA GLY B 18 -25.61 10.67 5.65
C GLY B 18 -25.74 11.22 4.22
N SER B 19 -25.05 12.33 3.92
CA SER B 19 -25.19 13.11 2.67
C SER B 19 -23.85 13.59 2.07
N ASN B 20 -22.72 13.05 2.55
CA ASN B 20 -21.37 13.37 2.09
C ASN B 20 -20.73 12.20 1.32
N LYS B 21 -19.70 12.51 0.51
CA LYS B 21 -18.93 11.59 -0.34
C LYS B 21 -17.44 11.49 0.05
N THR B 22 -17.09 12.03 1.22
CA THR B 22 -15.73 12.09 1.81
C THR B 22 -15.67 11.47 3.20
N LEU B 23 -16.71 10.71 3.60
CA LEU B 23 -16.82 10.06 4.91
C LEU B 23 -16.76 8.53 4.81
N LEU B 24 -16.35 7.89 5.90
CA LEU B 24 -16.20 6.43 6.03
C LEU B 24 -17.17 5.90 7.09
N SER B 25 -18.00 4.92 6.72
CA SER B 25 -19.04 4.33 7.57
C SER B 25 -18.76 2.86 7.87
N PHE B 26 -19.08 2.42 9.08
CA PHE B 26 -18.73 1.12 9.65
C PHE B 26 -19.56 0.77 10.90
N ALA B 27 -19.27 -0.38 11.51
CA ALA B 27 -19.79 -0.81 12.81
C ALA B 27 -18.70 -0.71 13.91
N GLN B 28 -19.04 -1.07 15.15
CA GLN B 28 -18.07 -1.38 16.22
C GLN B 28 -17.25 -2.63 15.90
N GLY B 29 -15.99 -2.64 16.33
CA GLY B 29 -15.09 -3.81 16.23
C GLY B 29 -14.40 -3.94 14.88
N ASP B 30 -14.62 -2.98 13.97
CA ASP B 30 -13.97 -2.90 12.66
C ASP B 30 -12.56 -2.28 12.76
N VAL B 31 -11.76 -2.41 11.70
CA VAL B 31 -10.34 -2.01 11.67
C VAL B 31 -10.07 -1.13 10.44
N ILE B 32 -9.42 0.01 10.68
CA ILE B 32 -9.09 1.01 9.67
C ILE B 32 -7.57 1.28 9.68
N THR B 33 -6.96 1.30 8.50
CA THR B 33 -5.54 1.65 8.31
C THR B 33 -5.40 3.13 7.96
N LEU B 34 -4.58 3.89 8.68
CA LEU B 34 -4.39 5.32 8.43
C LEU B 34 -3.60 5.58 7.13
N LEU B 35 -3.98 6.66 6.43
CA LEU B 35 -3.38 7.11 5.17
C LEU B 35 -2.76 8.53 5.27
N ILE B 36 -2.86 9.19 6.44
CA ILE B 36 -2.46 10.60 6.68
C ILE B 36 -1.44 10.71 7.83
N PRO B 37 -0.60 11.76 7.88
CA PRO B 37 0.43 11.91 8.92
C PRO B 37 -0.11 12.26 10.32
N GLU B 38 -1.23 12.98 10.40
CA GLU B 38 -1.86 13.46 11.66
C GLU B 38 -3.36 13.73 11.47
N GLU B 39 -4.13 13.79 12.56
CA GLU B 39 -5.57 14.07 12.54
C GLU B 39 -5.91 15.54 12.31
N LYS B 40 -7.21 15.81 12.12
CA LYS B 40 -7.73 17.16 11.86
C LYS B 40 -9.12 17.36 12.45
N ASP B 41 -9.33 18.30 13.35
CA ASP B 41 -10.66 18.55 13.97
C ASP B 41 -11.33 17.30 14.60
N GLY B 42 -10.51 16.33 15.00
CA GLY B 42 -10.93 15.00 15.46
C GLY B 42 -11.36 14.01 14.37
N TRP B 43 -11.23 14.38 13.11
CA TRP B 43 -11.35 13.51 11.94
C TRP B 43 -10.00 12.91 11.56
N LEU B 44 -10.05 11.65 11.14
CA LEU B 44 -8.92 10.85 10.65
C LEU B 44 -9.28 10.19 9.32
N TYR B 45 -8.28 9.93 8.46
CA TYR B 45 -8.53 9.39 7.13
C TYR B 45 -7.75 8.09 6.92
N GLY B 46 -8.45 7.08 6.43
CA GLY B 46 -7.95 5.72 6.31
C GLY B 46 -8.75 4.86 5.34
N GLU B 47 -8.38 3.58 5.27
CA GLU B 47 -9.01 2.56 4.45
C GLU B 47 -9.42 1.35 5.32
N HIS B 48 -10.66 0.91 5.19
CA HIS B 48 -11.21 -0.23 5.93
C HIS B 48 -10.59 -1.57 5.47
N ASP B 49 -10.10 -2.37 6.42
CA ASP B 49 -9.40 -3.64 6.15
C ASP B 49 -10.31 -4.84 5.75
N VAL B 50 -11.60 -4.60 5.44
CA VAL B 50 -12.60 -5.64 5.07
C VAL B 50 -13.33 -5.36 3.75
N SER B 51 -13.33 -4.09 3.31
CA SER B 51 -14.13 -3.59 2.17
C SER B 51 -13.35 -2.59 1.29
N LYS B 52 -12.19 -2.08 1.75
CA LYS B 52 -11.35 -1.08 1.07
C LYS B 52 -12.04 0.27 0.83
N ALA B 53 -13.11 0.52 1.60
CA ALA B 53 -13.76 1.82 1.71
C ALA B 53 -12.83 2.84 2.38
N ARG B 54 -12.74 4.04 1.82
CA ARG B 54 -11.96 5.19 2.33
C ARG B 54 -12.85 6.41 2.56
N GLY B 55 -12.45 7.23 3.53
CA GLY B 55 -13.18 8.43 3.97
C GLY B 55 -12.69 8.94 5.32
N TRP B 56 -13.12 10.14 5.71
CA TRP B 56 -12.87 10.66 7.04
C TRP B 56 -13.77 9.90 8.03
N PHE B 57 -13.16 9.39 9.11
CA PHE B 57 -13.85 8.78 10.24
C PHE B 57 -13.57 9.54 11.56
N PRO B 58 -14.50 9.50 12.53
CA PRO B 58 -14.34 10.15 13.83
C PRO B 58 -13.36 9.41 14.75
N SER B 59 -12.30 10.10 15.15
CA SER B 59 -11.29 9.63 16.09
C SER B 59 -11.86 9.20 17.45
N SER B 60 -12.89 9.90 17.96
CA SER B 60 -13.52 9.59 19.25
C SER B 60 -14.26 8.24 19.28
N TYR B 61 -14.74 7.75 18.13
CA TYR B 61 -15.32 6.41 17.96
C TYR B 61 -14.28 5.31 17.65
N THR B 62 -12.98 5.59 17.68
CA THR B 62 -11.91 4.59 17.50
C THR B 62 -10.82 4.71 18.57
N LYS B 63 -9.85 3.79 18.55
CA LYS B 63 -8.61 3.89 19.34
C LYS B 63 -7.45 3.16 18.65
N LEU B 64 -6.23 3.62 18.91
CA LEU B 64 -5.00 3.03 18.37
C LEU B 64 -4.84 1.56 18.75
N LEU B 65 -4.25 0.80 17.84
CA LEU B 65 -3.88 -0.61 18.03
C LEU B 65 -2.38 -0.76 18.38
N GLU B 66 -1.71 0.34 18.76
CA GLU B 66 -0.33 0.30 19.29
C GLU B 66 -0.21 -0.56 20.57
N GLU B 67 1.00 -1.08 20.82
CA GLU B 67 1.35 -1.98 21.95
C GLU B 67 2.81 -1.88 22.41
N LEU C 2 15.33 -16.21 -8.02
CA LEU C 2 14.97 -14.81 -7.63
C LEU C 2 14.84 -13.86 -8.83
N PRO C 3 15.92 -13.42 -9.51
CA PRO C 3 15.85 -12.29 -10.46
C PRO C 3 15.06 -12.59 -11.74
N ASP C 4 15.13 -13.83 -12.25
CA ASP C 4 14.33 -14.26 -13.41
C ASP C 4 12.84 -14.39 -13.07
N VAL C 5 12.49 -14.93 -11.89
CA VAL C 5 11.09 -15.17 -11.47
C VAL C 5 10.24 -13.91 -11.50
N ALA C 6 10.79 -12.78 -11.06
CA ALA C 6 10.10 -11.49 -11.13
C ALA C 6 9.75 -11.05 -12.55
N GLN C 7 10.54 -11.44 -13.58
CA GLN C 7 10.23 -11.09 -14.96
C GLN C 7 9.04 -11.91 -15.50
N ARG C 8 8.85 -13.11 -14.93
CA ARG C 8 7.70 -14.01 -15.18
C ARG C 8 6.45 -13.54 -14.44
N LEU C 9 6.64 -13.05 -13.22
CA LEU C 9 5.56 -12.56 -12.37
C LEU C 9 4.80 -11.42 -13.01
N MET C 10 5.49 -10.42 -13.58
CA MET C 10 4.83 -9.27 -14.18
C MET C 10 3.88 -9.67 -15.33
N GLN C 11 4.23 -10.72 -16.08
CA GLN C 11 3.37 -11.30 -17.13
C GLN C 11 2.08 -11.89 -16.54
N HIS C 12 2.15 -12.59 -15.41
CA HIS C 12 0.98 -13.14 -14.72
C HIS C 12 0.07 -12.04 -14.16
N LEU C 13 0.63 -11.08 -13.44
CA LEU C 13 -0.14 -10.04 -12.76
C LEU C 13 -0.91 -9.15 -13.75
N ALA C 14 -0.40 -8.98 -14.97
CA ALA C 14 -1.02 -8.20 -16.03
C ALA C 14 -2.33 -8.83 -16.56
N GLU C 15 -2.51 -10.14 -16.35
CA GLU C 15 -3.67 -10.92 -16.81
C GLU C 15 -4.90 -10.72 -15.91
N HIS C 16 -4.68 -10.25 -14.70
CA HIS C 16 -5.69 -9.98 -13.67
C HIS C 16 -5.74 -8.49 -13.27
N GLY C 17 -4.88 -7.67 -13.88
CA GLY C 17 -4.67 -6.26 -13.53
C GLY C 17 -4.08 -6.02 -12.13
N ILE C 18 -3.47 -7.03 -11.50
CA ILE C 18 -2.65 -6.86 -10.29
C ILE C 18 -1.39 -6.05 -10.62
N GLN C 19 -0.84 -5.39 -9.60
CA GLN C 19 0.41 -4.60 -9.69
C GLN C 19 1.13 -4.54 -8.32
N PRO C 20 2.44 -4.28 -8.29
CA PRO C 20 3.21 -4.12 -7.05
C PRO C 20 2.87 -2.81 -6.32
N ALA C 21 3.13 -2.76 -5.01
CA ALA C 21 2.91 -1.57 -4.17
C ALA C 21 3.78 -0.36 -4.59
N ARG C 22 4.93 -0.64 -5.24
CA ARG C 22 5.76 0.34 -5.98
C ARG C 22 5.00 1.14 -7.05
N ASN C 23 3.81 0.70 -7.47
CA ASN C 23 2.96 1.34 -8.48
C ASN C 23 1.61 1.82 -7.88
N MET C 24 1.53 1.98 -6.55
CA MET C 24 0.34 2.45 -5.82
C MET C 24 0.60 3.78 -5.09
N ALA C 25 -0.26 4.76 -5.36
CA ALA C 25 -0.27 6.07 -4.70
C ALA C 25 -1.63 6.79 -4.89
N GLU C 26 -1.94 7.73 -4.00
CA GLU C 26 -3.21 8.48 -3.97
C GLU C 26 -3.11 9.79 -3.15
N HIS C 27 -4.16 10.60 -3.27
CA HIS C 27 -4.38 11.84 -2.53
C HIS C 27 -5.34 11.67 -1.33
N ILE C 28 -5.52 12.74 -0.55
CA ILE C 28 -6.41 12.80 0.62
C ILE C 28 -7.45 13.93 0.44
N PRO C 29 -8.75 13.70 0.73
CA PRO C 29 -9.83 14.68 0.64
C PRO C 29 -9.75 15.82 1.70
N PRO C 30 -10.61 16.85 1.63
CA PRO C 30 -10.64 17.96 2.59
C PRO C 30 -11.08 17.56 4.00
N ALA C 31 -12.39 17.37 4.21
CA ALA C 31 -13.11 17.11 5.48
C ALA C 31 -14.58 17.60 5.44
N PRO C 32 -15.44 17.13 6.35
CA PRO C 32 -16.83 17.59 6.52
C PRO C 32 -16.94 19.01 7.13
N ASN C 33 -18.16 19.55 7.12
CA ASN C 33 -18.52 20.88 7.64
C ASN C 33 -18.76 20.94 9.17
N TRP C 34 -18.63 19.82 9.90
CA TRP C 34 -18.84 19.70 11.35
C TRP C 34 -17.74 18.86 12.01
N PRO C 35 -17.51 19.01 13.33
CA PRO C 35 -16.52 18.22 14.06
C PRO C 35 -16.93 16.76 14.23
N ALA C 36 -15.94 15.90 14.48
CA ALA C 36 -16.17 14.48 14.71
C ALA C 36 -17.05 14.22 15.96
N PRO C 37 -18.12 13.40 15.85
CA PRO C 37 -19.01 13.06 16.96
C PRO C 37 -18.32 12.21 18.04
N THR C 38 -18.88 12.22 19.26
CA THR C 38 -18.29 11.61 20.48
C THR C 38 -19.14 10.43 21.01
N PRO C 39 -18.50 9.42 21.64
CA PRO C 39 -19.14 8.19 22.11
C PRO C 39 -20.12 8.40 23.29
N PRO C 40 -20.95 7.39 23.63
CA PRO C 40 -21.85 7.40 24.79
C PRO C 40 -21.09 7.30 26.13
N VAL C 41 -20.39 8.38 26.50
CA VAL C 41 -19.52 8.45 27.69
C VAL C 41 -19.86 9.64 28.59
N GLN C 42 -20.35 10.74 28.02
CA GLN C 42 -20.83 11.93 28.74
C GLN C 42 -21.88 11.59 29.82
N ASN C 43 -21.74 12.16 31.01
CA ASN C 43 -22.62 11.95 32.15
C ASN C 43 -22.55 13.12 33.16
N GLU C 44 -23.63 13.35 33.92
CA GLU C 44 -23.68 14.35 34.99
C GLU C 44 -22.86 13.90 36.21
N GLN C 45 -21.67 14.50 36.43
CA GLN C 45 -20.80 14.18 37.56
C GLN C 45 -21.46 14.55 38.91
N SER C 46 -21.41 13.62 39.86
CA SER C 46 -21.92 13.78 41.24
C SER C 46 -21.11 12.92 42.23
N ARG C 47 -21.00 13.38 43.48
CA ARG C 47 -20.23 12.77 44.60
C ARG C 47 -18.88 12.15 44.14
N PRO C 48 -17.95 12.96 43.57
CA PRO C 48 -16.65 12.47 43.08
C PRO C 48 -15.74 11.95 44.21
N GLY A 1 -0.22 -26.55 3.83
CA GLY A 1 -0.40 -27.99 4.10
C GLY A 1 0.65 -28.83 3.39
N SER A 2 1.44 -29.60 4.15
CA SER A 2 2.51 -30.49 3.67
C SER A 2 1.98 -31.81 3.04
N ASN A 3 1.07 -31.67 2.06
CA ASN A 3 0.28 -32.75 1.47
C ASN A 3 0.30 -32.70 -0.08
N PHE A 4 1.39 -32.15 -0.65
CA PHE A 4 1.59 -31.89 -2.08
C PHE A 4 3.02 -32.26 -2.54
N GLN A 5 3.26 -32.16 -3.86
CA GLN A 5 4.53 -32.54 -4.51
C GLN A 5 5.25 -31.34 -5.15
N HIS A 6 4.62 -30.70 -6.15
CA HIS A 6 5.15 -29.50 -6.82
C HIS A 6 5.19 -28.24 -5.94
N ILE A 7 4.46 -28.27 -4.82
CA ILE A 7 4.28 -27.20 -3.83
C ILE A 7 4.26 -27.81 -2.42
N GLY A 8 4.05 -26.98 -1.41
CA GLY A 8 3.80 -27.38 -0.03
C GLY A 8 4.45 -26.40 0.97
N HIS A 9 5.59 -25.81 0.55
CA HIS A 9 6.35 -24.79 1.26
C HIS A 9 5.56 -23.51 1.59
N VAL A 10 4.84 -22.94 0.60
CA VAL A 10 4.13 -21.65 0.73
C VAL A 10 3.00 -21.76 1.77
N GLY A 11 2.97 -20.80 2.70
CA GLY A 11 2.02 -20.76 3.83
C GLY A 11 0.86 -19.78 3.65
N TRP A 12 0.43 -19.54 2.41
CA TRP A 12 -0.67 -18.62 2.10
C TRP A 12 -2.04 -19.23 2.44
N ASP A 13 -3.02 -18.37 2.78
CA ASP A 13 -4.42 -18.75 2.96
C ASP A 13 -5.44 -17.76 2.36
N PRO A 14 -6.57 -18.25 1.79
CA PRO A 14 -7.63 -17.44 1.16
C PRO A 14 -8.48 -16.61 2.14
N ASN A 15 -8.17 -16.62 3.44
CA ASN A 15 -8.86 -15.85 4.48
C ASN A 15 -7.98 -14.74 5.08
N THR A 16 -6.66 -14.94 5.13
CA THR A 16 -5.71 -14.09 5.89
C THR A 16 -4.50 -13.67 5.08
N GLY A 17 -4.05 -14.48 4.12
CA GLY A 17 -2.94 -14.16 3.21
C GLY A 17 -1.66 -14.94 3.46
N PHE A 18 -0.53 -14.43 2.97
CA PHE A 18 0.80 -15.05 3.12
C PHE A 18 1.25 -15.06 4.59
N ASP A 19 1.94 -16.15 5.01
CA ASP A 19 2.43 -16.32 6.39
C ASP A 19 3.77 -15.59 6.62
N LEU A 20 3.71 -14.26 6.61
CA LEU A 20 4.78 -13.30 6.84
C LEU A 20 5.66 -13.61 8.06
N ASN A 21 5.04 -14.16 9.11
CA ASN A 21 5.67 -14.59 10.36
C ASN A 21 6.86 -15.56 10.14
N ASN A 22 6.78 -16.40 9.10
CA ASN A 22 7.75 -17.47 8.79
C ASN A 22 7.86 -17.72 7.26
N LEU A 23 7.73 -16.67 6.44
CA LEU A 23 7.76 -16.78 4.97
C LEU A 23 9.06 -17.41 4.44
N ASP A 24 8.96 -18.10 3.30
CA ASP A 24 10.07 -18.79 2.65
C ASP A 24 11.24 -17.87 2.25
N PRO A 25 12.48 -18.38 2.12
CA PRO A 25 13.68 -17.60 1.82
C PRO A 25 13.70 -16.97 0.41
N GLU A 26 12.76 -17.35 -0.45
CA GLU A 26 12.60 -16.84 -1.81
C GLU A 26 11.24 -16.13 -2.04
N LEU A 27 10.28 -16.31 -1.13
CA LEU A 27 8.93 -15.75 -1.24
C LEU A 27 8.95 -14.23 -1.01
N LYS A 28 9.21 -13.83 0.24
CA LYS A 28 9.36 -12.41 0.63
C LYS A 28 10.42 -11.67 -0.17
N ASN A 29 11.46 -12.40 -0.59
CA ASN A 29 12.61 -11.87 -1.32
C ASN A 29 12.19 -11.38 -2.72
N LEU A 30 11.43 -12.20 -3.44
CA LEU A 30 10.76 -11.82 -4.69
C LEU A 30 9.73 -10.70 -4.46
N PHE A 31 8.90 -10.79 -3.42
CA PHE A 31 7.88 -9.76 -3.16
C PHE A 31 8.53 -8.37 -3.05
N ASP A 32 9.64 -8.25 -2.33
CA ASP A 32 10.44 -7.01 -2.23
C ASP A 32 11.19 -6.66 -3.53
N MET A 33 11.45 -7.65 -4.40
CA MET A 33 12.12 -7.46 -5.70
C MET A 33 11.18 -6.80 -6.72
N CYS A 34 10.04 -7.43 -7.02
CA CYS A 34 9.09 -6.88 -7.99
C CYS A 34 8.38 -5.61 -7.47
N GLY A 35 8.23 -5.52 -6.13
CA GLY A 35 7.74 -4.33 -5.44
C GLY A 35 6.44 -4.55 -4.65
N ILE A 36 6.00 -5.79 -4.50
CA ILE A 36 4.83 -6.15 -3.70
C ILE A 36 5.06 -5.83 -2.21
N SER A 37 4.00 -5.42 -1.51
CA SER A 37 4.03 -5.11 -0.06
C SER A 37 3.06 -5.98 0.75
N GLU A 38 3.24 -6.02 2.09
CA GLU A 38 2.42 -6.79 3.04
C GLU A 38 0.92 -6.57 2.88
N ALA A 39 0.48 -5.37 2.49
CA ALA A 39 -0.92 -5.08 2.21
C ALA A 39 -1.51 -5.98 1.12
N GLN A 40 -0.76 -6.21 0.03
CA GLN A 40 -1.18 -7.10 -1.06
C GLN A 40 -1.15 -8.56 -0.63
N LEU A 41 -0.14 -8.97 0.16
CA LEU A 41 0.02 -10.31 0.72
C LEU A 41 -1.08 -10.71 1.69
N LYS A 42 -1.72 -9.73 2.35
CA LYS A 42 -2.88 -9.92 3.23
C LYS A 42 -4.22 -9.72 2.51
N ASP A 43 -4.20 -9.33 1.23
CA ASP A 43 -5.39 -9.09 0.42
C ASP A 43 -5.86 -10.41 -0.18
N ARG A 44 -7.00 -10.95 0.24
CA ARG A 44 -7.53 -12.22 -0.28
C ARG A 44 -7.80 -12.21 -1.80
N GLU A 45 -7.80 -11.02 -2.40
CA GLU A 45 -8.05 -10.80 -3.83
C GLU A 45 -6.77 -10.54 -4.63
N THR A 46 -5.68 -10.06 -4.00
CA THR A 46 -4.37 -9.86 -4.65
C THR A 46 -3.39 -10.99 -4.33
N SER A 47 -3.22 -11.32 -3.04
CA SER A 47 -2.40 -12.44 -2.56
C SER A 47 -2.77 -13.78 -3.22
N LYS A 48 -4.06 -14.02 -3.48
CA LYS A 48 -4.54 -15.16 -4.27
C LYS A 48 -3.87 -15.26 -5.65
N VAL A 49 -3.83 -14.17 -6.39
CA VAL A 49 -3.20 -14.11 -7.72
C VAL A 49 -1.69 -14.31 -7.62
N ILE A 50 -1.05 -13.64 -6.65
CA ILE A 50 0.40 -13.77 -6.43
C ILE A 50 0.76 -15.23 -6.06
N TYR A 51 -0.06 -15.91 -5.25
CA TYR A 51 0.10 -17.32 -4.90
C TYR A 51 -0.12 -18.27 -6.09
N ASP A 52 -1.18 -18.05 -6.87
CA ASP A 52 -1.48 -18.85 -8.07
C ASP A 52 -0.31 -18.86 -9.08
N PHE A 53 0.47 -17.77 -9.12
CA PHE A 53 1.70 -17.70 -9.89
C PHE A 53 2.78 -18.65 -9.36
N ILE A 54 3.06 -18.64 -8.06
CA ILE A 54 4.10 -19.53 -7.50
C ILE A 54 3.71 -21.00 -7.67
N GLU A 55 2.42 -21.35 -7.53
CA GLU A 55 1.90 -22.71 -7.73
C GLU A 55 2.06 -23.23 -9.17
N LYS A 56 2.36 -22.33 -10.13
CA LYS A 56 2.37 -22.65 -11.57
C LYS A 56 3.65 -22.23 -12.31
N THR A 57 4.49 -21.41 -11.67
CA THR A 57 5.64 -20.72 -12.29
C THR A 57 6.80 -20.47 -11.31
N GLY A 58 6.50 -20.35 -10.01
CA GLY A 58 7.49 -20.35 -8.93
C GLY A 58 7.97 -21.76 -8.62
N GLY A 59 7.57 -22.34 -7.48
CA GLY A 59 7.96 -23.65 -6.98
C GLY A 59 9.47 -23.82 -6.67
N VAL A 60 9.79 -24.25 -5.44
CA VAL A 60 11.18 -24.44 -4.95
C VAL A 60 12.05 -25.35 -5.83
N GLU A 61 11.48 -26.33 -6.53
CA GLU A 61 12.17 -27.20 -7.50
C GLU A 61 12.04 -26.76 -8.96
N ALA A 62 10.96 -26.07 -9.32
CA ALA A 62 10.72 -25.53 -10.66
C ALA A 62 11.74 -24.46 -11.09
N VAL A 63 12.26 -23.66 -10.16
CA VAL A 63 13.26 -22.63 -10.38
C VAL A 63 14.69 -23.18 -10.50
N LYS A 64 14.92 -24.41 -10.00
CA LYS A 64 16.22 -25.12 -10.06
C LYS A 64 16.50 -25.74 -11.44
N ASN A 65 15.48 -26.30 -12.07
CA ASN A 65 15.53 -26.92 -13.41
C ASN A 65 15.63 -25.89 -14.55
N GLY B 1 2.76 16.69 17.18
CA GLY B 1 1.94 15.57 16.68
C GLY B 1 1.83 15.60 15.17
N SER B 2 1.99 14.45 14.52
CA SER B 2 1.94 14.28 13.05
C SER B 2 1.49 12.85 12.67
N HIS B 3 1.10 12.64 11.40
CA HIS B 3 0.56 11.35 10.90
C HIS B 3 1.50 10.62 9.94
N MET B 4 2.54 11.28 9.42
CA MET B 4 3.56 10.67 8.57
C MET B 4 4.58 9.86 9.39
N LYS B 5 5.04 8.73 8.82
CA LYS B 5 5.90 7.73 9.49
C LYS B 5 7.11 7.28 8.63
N LYS B 6 7.33 7.89 7.45
CA LYS B 6 8.42 7.56 6.51
C LYS B 6 9.80 7.95 7.08
N GLN B 7 10.06 9.26 7.15
CA GLN B 7 11.27 9.87 7.73
C GLN B 7 11.06 11.39 7.91
N LYS B 8 11.72 12.01 8.89
CA LYS B 8 11.70 13.48 9.09
C LYS B 8 13.11 14.02 9.38
N VAL B 9 13.28 15.33 9.25
CA VAL B 9 14.52 16.06 9.57
C VAL B 9 14.19 17.39 10.25
N LYS B 10 15.09 17.85 11.13
CA LYS B 10 15.09 19.20 11.68
C LYS B 10 16.01 20.07 10.83
N THR B 11 15.53 21.21 10.39
CA THR B 11 16.38 22.25 9.80
C THR B 11 17.19 22.92 10.92
N ILE B 12 18.48 23.17 10.69
CA ILE B 12 19.37 23.89 11.64
C ILE B 12 19.76 25.28 11.14
N PHE B 13 19.29 25.64 9.94
CA PHE B 13 19.55 26.91 9.26
C PHE B 13 18.39 27.27 8.31
N PRO B 14 18.21 28.57 7.98
CA PRO B 14 17.18 29.03 7.03
C PRO B 14 17.50 28.68 5.57
N HIS B 15 16.48 28.76 4.70
CA HIS B 15 16.62 28.64 3.23
C HIS B 15 15.61 29.56 2.51
N THR B 16 15.97 30.01 1.29
CA THR B 16 15.28 31.06 0.53
C THR B 16 15.08 30.63 -0.92
N ALA B 17 13.81 30.40 -1.30
CA ALA B 17 13.40 29.91 -2.62
C ALA B 17 13.53 30.94 -3.77
N GLY B 18 13.59 32.24 -3.44
CA GLY B 18 13.64 33.33 -4.42
C GLY B 18 12.36 33.44 -5.27
N SER B 19 12.41 32.97 -6.52
CA SER B 19 11.34 33.09 -7.52
C SER B 19 10.87 31.75 -8.11
N ASN B 20 11.38 30.62 -7.62
CA ASN B 20 10.98 29.27 -8.02
C ASN B 20 9.64 28.83 -7.39
N LYS B 21 9.04 27.76 -7.93
CA LYS B 21 7.75 27.17 -7.49
C LYS B 21 7.85 25.67 -7.10
N THR B 22 9.09 25.16 -6.98
CA THR B 22 9.42 23.77 -6.60
C THR B 22 10.41 23.73 -5.43
N LEU B 23 10.57 24.82 -4.67
CA LEU B 23 11.46 24.92 -3.51
C LEU B 23 10.67 25.12 -2.21
N LEU B 24 11.30 24.75 -1.09
CA LEU B 24 10.74 24.87 0.26
C LEU B 24 11.62 25.79 1.12
N SER B 25 11.03 26.83 1.69
CA SER B 25 11.69 27.83 2.53
C SER B 25 11.25 27.72 4.00
N PHE B 26 12.18 28.02 4.90
CA PHE B 26 12.04 27.84 6.36
C PHE B 26 13.10 28.65 7.13
N ALA B 27 13.05 28.58 8.46
CA ALA B 27 14.07 29.09 9.38
C ALA B 27 14.86 27.94 10.04
N GLN B 28 15.79 28.26 10.96
CA GLN B 28 16.39 27.28 11.88
C GLN B 28 15.37 26.78 12.91
N GLY B 29 15.47 25.50 13.28
CA GLY B 29 14.65 24.85 14.32
C GLY B 29 13.30 24.33 13.81
N ASP B 30 13.02 24.52 12.52
CA ASP B 30 11.83 24.00 11.84
C ASP B 30 11.96 22.48 11.52
N VAL B 31 10.84 21.85 11.14
CA VAL B 31 10.71 20.40 10.96
C VAL B 31 10.06 20.08 9.61
N ILE B 32 10.67 19.17 8.85
CA ILE B 32 10.27 18.77 7.50
C ILE B 32 10.14 17.24 7.44
N THR B 33 9.09 16.73 6.81
CA THR B 33 8.86 15.30 6.59
C THR B 33 9.26 14.93 5.16
N LEU B 34 10.16 13.97 4.97
CA LEU B 34 10.59 13.50 3.65
C LEU B 34 9.46 12.76 2.92
N LEU B 35 9.44 12.91 1.60
CA LEU B 35 8.47 12.28 0.68
C LEU B 35 9.15 11.41 -0.41
N ILE B 36 10.49 11.31 -0.39
CA ILE B 36 11.32 10.62 -1.40
C ILE B 36 12.29 9.61 -0.74
N PRO B 37 12.73 8.56 -1.45
CA PRO B 37 13.58 7.50 -0.88
C PRO B 37 15.06 7.90 -0.69
N GLU B 38 15.58 8.83 -1.48
CA GLU B 38 17.00 9.26 -1.49
C GLU B 38 17.19 10.70 -2.01
N GLU B 39 18.34 11.32 -1.73
CA GLU B 39 18.68 12.66 -2.21
C GLU B 39 19.04 12.73 -3.70
N LYS B 40 19.06 13.95 -4.22
CA LYS B 40 19.48 14.24 -5.62
C LYS B 40 20.25 15.56 -5.69
N ASP B 41 21.49 15.57 -6.17
CA ASP B 41 22.29 16.81 -6.29
C ASP B 41 22.41 17.63 -4.98
N GLY B 42 22.25 16.95 -3.83
CA GLY B 42 22.17 17.54 -2.49
C GLY B 42 20.78 18.07 -2.07
N TRP B 43 19.81 18.06 -2.98
CA TRP B 43 18.40 18.41 -2.77
C TRP B 43 17.58 17.21 -2.32
N LEU B 44 16.76 17.43 -1.28
CA LEU B 44 15.80 16.49 -0.71
C LEU B 44 14.40 17.10 -0.79
N TYR B 45 13.34 16.28 -0.85
CA TYR B 45 11.96 16.75 -1.03
C TYR B 45 11.07 16.28 0.11
N GLY B 46 10.23 17.18 0.59
CA GLY B 46 9.44 16.99 1.80
C GLY B 46 8.33 18.02 1.99
N GLU B 47 7.64 17.91 3.12
CA GLU B 47 6.51 18.75 3.54
C GLU B 47 6.75 19.30 4.96
N HIS B 48 6.63 20.61 5.14
CA HIS B 48 6.82 21.28 6.43
C HIS B 48 5.70 20.95 7.44
N ASP B 49 6.07 20.56 8.66
CA ASP B 49 5.14 20.14 9.72
C ASP B 49 4.36 21.30 10.42
N VAL B 50 4.43 22.54 9.89
CA VAL B 50 3.77 23.76 10.46
C VAL B 50 2.83 24.48 9.48
N SER B 51 3.01 24.25 8.18
CA SER B 51 2.33 24.98 7.08
C SER B 51 1.88 24.05 5.94
N LYS B 52 2.41 22.81 5.88
CA LYS B 52 2.17 21.80 4.83
C LYS B 52 2.64 22.23 3.43
N ALA B 53 3.53 23.22 3.38
CA ALA B 53 4.28 23.60 2.19
C ALA B 53 5.25 22.48 1.80
N ARG B 54 5.36 22.19 0.49
CA ARG B 54 6.28 21.20 -0.08
C ARG B 54 7.22 21.86 -1.09
N GLY B 55 8.39 21.23 -1.29
CA GLY B 55 9.43 21.70 -2.21
C GLY B 55 10.77 21.04 -1.94
N TRP B 56 11.71 21.20 -2.87
CA TRP B 56 13.08 20.75 -2.67
C TRP B 56 13.76 21.68 -1.67
N PHE B 57 14.43 21.08 -0.68
CA PHE B 57 15.25 21.78 0.32
C PHE B 57 16.68 21.22 0.41
N PRO B 58 17.66 22.04 0.84
CA PRO B 58 19.03 21.61 1.06
C PRO B 58 19.19 20.71 2.30
N SER B 59 19.61 19.45 2.12
CA SER B 59 20.00 18.58 3.24
C SER B 59 21.16 19.17 4.07
N SER B 60 22.02 19.99 3.45
CA SER B 60 23.14 20.69 4.10
C SER B 60 22.71 21.55 5.31
N TYR B 61 21.54 22.19 5.23
CA TYR B 61 20.92 22.99 6.30
C TYR B 61 20.02 22.16 7.24
N THR B 62 20.02 20.84 7.15
CA THR B 62 19.22 19.92 8.00
C THR B 62 20.07 18.77 8.55
N LYS B 63 19.47 17.85 9.33
CA LYS B 63 20.16 16.68 9.89
C LYS B 63 19.28 15.42 9.98
N LEU B 64 18.57 15.22 11.09
CA LEU B 64 17.69 14.08 11.38
C LEU B 64 16.76 14.37 12.57
N LEU B 65 15.80 13.48 12.81
CA LEU B 65 14.85 13.49 13.92
C LEU B 65 14.66 12.09 14.53
N GLU B 66 15.71 11.27 14.50
CA GLU B 66 15.80 10.04 15.31
C GLU B 66 15.74 10.36 16.82
N GLU B 67 15.43 9.34 17.64
CA GLU B 67 15.15 9.42 19.10
C GLU B 67 14.29 10.65 19.54
N LEU C 2 15.14 -16.14 -7.87
CA LEU C 2 14.76 -14.71 -7.69
C LEU C 2 14.68 -13.93 -9.03
N PRO C 3 15.80 -13.58 -9.71
CA PRO C 3 15.78 -12.56 -10.76
C PRO C 3 15.03 -12.98 -12.04
N ASP C 4 15.07 -14.27 -12.39
CA ASP C 4 14.27 -14.82 -13.49
C ASP C 4 12.77 -14.79 -13.15
N VAL C 5 12.39 -15.30 -11.98
CA VAL C 5 10.98 -15.40 -11.51
C VAL C 5 10.24 -14.08 -11.58
N ALA C 6 10.85 -12.95 -11.19
CA ALA C 6 10.22 -11.63 -11.31
C ALA C 6 9.86 -11.24 -12.76
N GLN C 7 10.64 -11.69 -13.75
CA GLN C 7 10.35 -11.40 -15.16
C GLN C 7 9.07 -12.17 -15.63
N ARG C 8 8.78 -13.29 -14.95
CA ARG C 8 7.59 -14.14 -15.17
C ARG C 8 6.38 -13.62 -14.38
N LEU C 9 6.63 -13.12 -13.17
CA LEU C 9 5.58 -12.60 -12.29
C LEU C 9 4.84 -11.43 -12.94
N MET C 10 5.57 -10.45 -13.49
CA MET C 10 4.94 -9.26 -14.08
C MET C 10 3.99 -9.61 -15.22
N GLN C 11 4.32 -10.65 -16.00
CA GLN C 11 3.48 -11.19 -17.07
C GLN C 11 2.19 -11.85 -16.52
N HIS C 12 2.26 -12.56 -15.38
CA HIS C 12 1.08 -13.11 -14.70
C HIS C 12 0.17 -12.02 -14.14
N LEU C 13 0.73 -11.06 -13.41
CA LEU C 13 -0.05 -10.03 -12.72
C LEU C 13 -0.84 -9.14 -13.70
N ALA C 14 -0.32 -8.95 -14.92
CA ALA C 14 -0.95 -8.16 -15.98
C ALA C 14 -2.25 -8.79 -16.52
N GLU C 15 -2.43 -10.10 -16.32
CA GLU C 15 -3.58 -10.89 -16.78
C GLU C 15 -4.81 -10.71 -15.89
N HIS C 16 -4.59 -10.25 -14.65
CA HIS C 16 -5.60 -10.00 -13.62
C HIS C 16 -5.68 -8.51 -13.22
N GLY C 17 -4.84 -7.67 -13.84
CA GLY C 17 -4.64 -6.26 -13.49
C GLY C 17 -4.04 -6.01 -12.10
N ILE C 18 -3.41 -7.01 -11.47
CA ILE C 18 -2.61 -6.83 -10.25
C ILE C 18 -1.37 -5.98 -10.57
N GLN C 19 -0.87 -5.26 -9.56
CA GLN C 19 0.39 -4.50 -9.60
C GLN C 19 1.12 -4.55 -8.25
N PRO C 20 2.46 -4.40 -8.24
CA PRO C 20 3.23 -4.21 -7.00
C PRO C 20 2.89 -2.87 -6.34
N ALA C 21 3.14 -2.75 -5.03
CA ALA C 21 2.84 -1.55 -4.24
C ALA C 21 3.70 -0.34 -4.65
N ARG C 22 4.90 -0.60 -5.19
CA ARG C 22 5.81 0.42 -5.76
C ARG C 22 5.24 1.17 -6.99
N ASN C 23 4.14 0.70 -7.59
CA ASN C 23 3.48 1.35 -8.73
C ASN C 23 2.40 2.39 -8.32
N MET C 24 2.22 2.66 -7.03
CA MET C 24 1.21 3.60 -6.51
C MET C 24 1.73 4.41 -5.31
N ALA C 25 2.49 5.47 -5.61
CA ALA C 25 3.00 6.47 -4.67
C ALA C 25 3.07 7.88 -5.29
N GLU C 26 3.53 8.85 -4.50
CA GLU C 26 3.67 10.26 -4.88
C GLU C 26 4.52 10.50 -6.13
N HIS C 27 4.15 11.55 -6.88
CA HIS C 27 4.80 11.96 -8.13
C HIS C 27 6.22 12.52 -7.97
N ILE C 28 6.33 13.48 -7.06
CA ILE C 28 7.51 14.31 -6.81
C ILE C 28 7.91 15.23 -8.00
N PRO C 29 8.18 16.52 -7.75
CA PRO C 29 8.65 17.49 -8.76
C PRO C 29 10.07 17.19 -9.31
N PRO C 30 10.55 17.93 -10.35
CA PRO C 30 11.90 17.75 -10.91
C PRO C 30 13.01 18.17 -9.95
N ALA C 31 13.37 19.46 -9.92
CA ALA C 31 14.48 20.09 -9.16
C ALA C 31 14.91 21.45 -9.76
N PRO C 32 15.62 22.29 -8.98
CA PRO C 32 16.19 23.56 -9.44
C PRO C 32 17.37 23.40 -10.42
N ASN C 33 17.79 24.52 -11.05
CA ASN C 33 18.89 24.60 -12.01
C ASN C 33 20.30 24.72 -11.38
N TRP C 34 20.42 24.71 -10.05
CA TRP C 34 21.68 24.82 -9.31
C TRP C 34 21.74 23.82 -8.14
N PRO C 35 22.94 23.47 -7.64
CA PRO C 35 23.09 22.56 -6.51
C PRO C 35 22.65 23.17 -5.18
N ALA C 36 22.35 22.31 -4.20
CA ALA C 36 21.96 22.74 -2.86
C ALA C 36 23.08 23.56 -2.17
N PRO C 37 22.73 24.67 -1.49
CA PRO C 37 23.66 25.49 -0.71
C PRO C 37 24.23 24.75 0.50
N THR C 38 25.15 25.39 1.25
CA THR C 38 25.85 24.81 2.42
C THR C 38 25.94 25.76 3.62
N PRO C 39 26.01 25.22 4.86
CA PRO C 39 26.07 26.00 6.11
C PRO C 39 27.38 26.81 6.28
N PRO C 40 27.45 27.71 7.27
CA PRO C 40 28.66 28.47 7.63
C PRO C 40 29.69 27.56 8.31
N VAL C 41 30.42 26.78 7.50
CA VAL C 41 31.43 25.82 7.93
C VAL C 41 32.61 25.80 6.93
N GLN C 42 33.80 25.45 7.42
CA GLN C 42 35.05 25.41 6.65
C GLN C 42 35.98 24.28 7.13
N ASN C 43 36.98 23.92 6.33
CA ASN C 43 37.91 22.84 6.62
C ASN C 43 38.81 23.17 7.84
N GLU C 44 38.57 22.49 8.97
CA GLU C 44 39.33 22.68 10.22
C GLU C 44 40.79 22.18 10.17
N GLN C 45 41.14 21.41 9.13
CA GLN C 45 42.52 21.02 8.79
C GLN C 45 42.94 21.67 7.45
N SER C 46 44.25 21.78 7.22
CA SER C 46 44.85 22.40 6.03
C SER C 46 46.10 21.66 5.55
N ARG C 47 46.55 21.96 4.31
CA ARG C 47 47.72 21.33 3.67
C ARG C 47 49.03 21.46 4.51
N PRO C 48 49.94 20.47 4.44
CA PRO C 48 51.22 20.49 5.15
C PRO C 48 52.18 21.58 4.62
N GLY A 1 -1.77 -27.69 4.86
CA GLY A 1 -0.82 -28.21 5.85
C GLY A 1 -0.06 -29.43 5.34
N SER A 2 1.04 -29.22 4.59
CA SER A 2 2.02 -30.24 4.14
C SER A 2 1.42 -31.52 3.51
N ASN A 3 0.42 -31.36 2.63
CA ASN A 3 -0.30 -32.44 1.93
C ASN A 3 -0.23 -32.31 0.39
N PHE A 4 0.91 -31.84 -0.13
CA PHE A 4 1.17 -31.62 -1.56
C PHE A 4 2.57 -32.11 -2.01
N GLN A 5 2.82 -32.05 -3.33
CA GLN A 5 4.03 -32.55 -3.99
C GLN A 5 4.80 -31.44 -4.71
N HIS A 6 4.22 -30.84 -5.76
CA HIS A 6 4.81 -29.72 -6.50
C HIS A 6 4.90 -28.40 -5.70
N ILE A 7 4.18 -28.32 -4.59
CA ILE A 7 4.04 -27.19 -3.65
C ILE A 7 3.98 -27.74 -2.22
N GLY A 8 3.71 -26.86 -1.25
CA GLY A 8 3.48 -27.21 0.16
C GLY A 8 4.37 -26.39 1.10
N HIS A 9 5.53 -25.95 0.58
CA HIS A 9 6.45 -25.01 1.22
C HIS A 9 5.81 -23.64 1.52
N VAL A 10 5.02 -23.09 0.57
CA VAL A 10 4.35 -21.80 0.72
C VAL A 10 3.27 -21.86 1.81
N GLY A 11 3.28 -20.84 2.67
CA GLY A 11 2.32 -20.61 3.74
C GLY A 11 1.42 -19.44 3.37
N TRP A 12 0.37 -19.72 2.60
CA TRP A 12 -0.67 -18.76 2.21
C TRP A 12 -2.08 -19.32 2.47
N ASP A 13 -3.02 -18.43 2.79
CA ASP A 13 -4.43 -18.77 3.03
C ASP A 13 -5.43 -17.79 2.37
N PRO A 14 -6.56 -18.28 1.82
CA PRO A 14 -7.61 -17.47 1.18
C PRO A 14 -8.45 -16.62 2.15
N ASN A 15 -8.14 -16.65 3.45
CA ASN A 15 -8.81 -15.86 4.50
C ASN A 15 -7.96 -14.69 5.02
N THR A 16 -6.63 -14.86 5.06
CA THR A 16 -5.68 -13.94 5.74
C THR A 16 -4.49 -13.57 4.88
N GLY A 17 -4.07 -14.43 3.95
CA GLY A 17 -2.98 -14.18 3.00
C GLY A 17 -1.69 -14.97 3.30
N PHE A 18 -0.56 -14.50 2.75
CA PHE A 18 0.77 -15.05 3.01
C PHE A 18 1.16 -14.88 4.49
N ASP A 19 1.92 -15.84 4.99
CA ASP A 19 2.38 -15.88 6.39
C ASP A 19 3.78 -15.28 6.55
N LEU A 20 3.88 -13.93 6.58
CA LEU A 20 5.16 -13.19 6.65
C LEU A 20 6.12 -13.74 7.73
N ASN A 21 5.57 -14.09 8.89
CA ASN A 21 6.28 -14.66 10.03
C ASN A 21 7.04 -15.96 9.72
N ASN A 22 6.60 -16.75 8.71
CA ASN A 22 7.19 -18.04 8.35
C ASN A 22 7.44 -18.20 6.84
N LEU A 23 7.48 -17.10 6.09
CA LEU A 23 7.68 -17.12 4.64
C LEU A 23 9.02 -17.74 4.21
N ASP A 24 9.01 -18.35 3.03
CA ASP A 24 10.16 -19.04 2.41
C ASP A 24 11.33 -18.09 2.07
N PRO A 25 12.56 -18.61 1.90
CA PRO A 25 13.77 -17.82 1.61
C PRO A 25 13.73 -17.13 0.23
N GLU A 26 12.80 -17.50 -0.64
CA GLU A 26 12.67 -16.95 -2.00
C GLU A 26 11.31 -16.26 -2.24
N LEU A 27 10.34 -16.44 -1.32
CA LEU A 27 8.98 -15.88 -1.44
C LEU A 27 8.99 -14.37 -1.20
N LYS A 28 9.23 -13.97 0.06
CA LYS A 28 9.34 -12.56 0.46
C LYS A 28 10.39 -11.79 -0.35
N ASN A 29 11.45 -12.49 -0.75
CA ASN A 29 12.60 -11.91 -1.45
C ASN A 29 12.19 -11.44 -2.87
N LEU A 30 11.50 -12.32 -3.61
CA LEU A 30 10.83 -12.02 -4.88
C LEU A 30 9.76 -10.93 -4.72
N PHE A 31 8.95 -11.00 -3.67
CA PHE A 31 7.87 -10.03 -3.49
C PHE A 31 8.44 -8.60 -3.41
N ASP A 32 9.52 -8.42 -2.63
CA ASP A 32 10.23 -7.14 -2.50
C ASP A 32 11.01 -6.74 -3.76
N MET A 33 11.40 -7.72 -4.61
CA MET A 33 12.12 -7.48 -5.86
C MET A 33 11.22 -6.78 -6.89
N CYS A 34 10.06 -7.39 -7.19
CA CYS A 34 9.10 -6.85 -8.17
C CYS A 34 8.44 -5.56 -7.65
N GLY A 35 8.20 -5.47 -6.33
CA GLY A 35 7.68 -4.28 -5.66
C GLY A 35 6.39 -4.51 -4.87
N ILE A 36 5.95 -5.76 -4.72
CA ILE A 36 4.80 -6.17 -3.92
C ILE A 36 5.04 -5.84 -2.44
N SER A 37 3.99 -5.39 -1.73
CA SER A 37 4.05 -5.06 -0.29
C SER A 37 3.25 -6.05 0.56
N GLU A 38 3.56 -6.12 1.86
CA GLU A 38 2.88 -6.99 2.83
C GLU A 38 1.35 -6.77 2.89
N ALA A 39 0.87 -5.58 2.54
CA ALA A 39 -0.56 -5.32 2.35
C ALA A 39 -1.20 -6.19 1.25
N GLN A 40 -0.54 -6.32 0.09
CA GLN A 40 -1.04 -7.14 -1.02
C GLN A 40 -0.98 -8.64 -0.67
N LEU A 41 0.06 -9.07 0.05
CA LEU A 41 0.22 -10.41 0.61
C LEU A 41 -0.87 -10.79 1.60
N LYS A 42 -1.49 -9.80 2.28
CA LYS A 42 -2.60 -10.00 3.22
C LYS A 42 -3.98 -9.72 2.59
N ASP A 43 -4.02 -9.42 1.30
CA ASP A 43 -5.25 -9.16 0.55
C ASP A 43 -5.76 -10.48 -0.07
N ARG A 44 -6.93 -10.98 0.34
CA ARG A 44 -7.49 -12.24 -0.19
C ARG A 44 -7.78 -12.18 -1.70
N GLU A 45 -7.79 -10.99 -2.28
CA GLU A 45 -8.08 -10.72 -3.69
C GLU A 45 -6.80 -10.48 -4.52
N THR A 46 -5.67 -10.17 -3.87
CA THR A 46 -4.37 -9.92 -4.53
C THR A 46 -3.39 -11.05 -4.25
N SER A 47 -3.19 -11.42 -2.99
CA SER A 47 -2.35 -12.54 -2.55
C SER A 47 -2.75 -13.87 -3.21
N LYS A 48 -4.04 -14.10 -3.44
CA LYS A 48 -4.58 -15.23 -4.23
C LYS A 48 -3.94 -15.34 -5.62
N VAL A 49 -3.88 -14.26 -6.37
CA VAL A 49 -3.30 -14.21 -7.72
C VAL A 49 -1.79 -14.39 -7.68
N ILE A 50 -1.13 -13.72 -6.72
CA ILE A 50 0.32 -13.84 -6.53
C ILE A 50 0.69 -15.31 -6.18
N TYR A 51 -0.09 -15.98 -5.34
CA TYR A 51 0.07 -17.40 -5.00
C TYR A 51 -0.16 -18.32 -6.22
N ASP A 52 -1.20 -18.06 -7.02
CA ASP A 52 -1.48 -18.83 -8.25
C ASP A 52 -0.28 -18.87 -9.20
N PHE A 53 0.51 -17.80 -9.26
CA PHE A 53 1.75 -17.74 -10.03
C PHE A 53 2.81 -18.71 -9.50
N ILE A 54 3.04 -18.75 -8.18
CA ILE A 54 4.04 -19.66 -7.63
C ILE A 54 3.60 -21.12 -7.82
N GLU A 55 2.31 -21.42 -7.67
CA GLU A 55 1.76 -22.78 -7.85
C GLU A 55 1.82 -23.29 -9.30
N LYS A 56 2.10 -22.38 -10.27
CA LYS A 56 2.11 -22.70 -11.72
C LYS A 56 3.44 -22.38 -12.43
N THR A 57 4.32 -21.63 -11.77
CA THR A 57 5.55 -21.06 -12.37
C THR A 57 6.69 -20.89 -11.37
N GLY A 58 6.38 -20.66 -10.08
CA GLY A 58 7.35 -20.68 -8.99
C GLY A 58 7.76 -22.12 -8.66
N GLY A 59 7.30 -22.68 -7.54
CA GLY A 59 7.68 -24.00 -6.99
C GLY A 59 9.14 -24.08 -6.53
N VAL A 60 9.35 -24.49 -5.27
CA VAL A 60 10.70 -24.59 -4.66
C VAL A 60 11.67 -25.49 -5.46
N GLU A 61 11.18 -26.56 -6.09
CA GLU A 61 11.99 -27.45 -6.94
C GLU A 61 12.12 -26.95 -8.40
N ALA A 62 11.12 -26.24 -8.89
CA ALA A 62 11.04 -25.73 -10.25
C ALA A 62 12.06 -24.60 -10.53
N VAL A 63 12.17 -23.63 -9.62
CA VAL A 63 13.11 -22.50 -9.73
C VAL A 63 14.57 -22.96 -9.63
N LYS A 64 14.82 -24.08 -8.93
CA LYS A 64 16.12 -24.76 -8.76
C LYS A 64 16.66 -25.45 -10.02
N ASN A 65 15.86 -25.52 -11.09
CA ASN A 65 16.14 -26.23 -12.36
C ASN A 65 16.09 -25.31 -13.60
N GLY B 1 -21.08 4.01 -10.84
CA GLY B 1 -19.61 4.23 -10.73
C GLY B 1 -19.22 4.72 -9.35
N SER B 2 -19.26 3.84 -8.34
CA SER B 2 -18.96 4.17 -6.94
C SER B 2 -17.46 4.23 -6.63
N HIS B 3 -16.67 3.37 -7.28
CA HIS B 3 -15.21 3.28 -7.11
C HIS B 3 -14.45 4.22 -8.05
N MET B 4 -13.28 4.70 -7.62
CA MET B 4 -12.42 5.72 -8.26
C MET B 4 -13.10 7.09 -8.43
N LYS B 5 -12.63 8.08 -7.65
CA LYS B 5 -13.21 9.44 -7.51
C LYS B 5 -12.56 10.46 -8.46
N LYS B 6 -12.37 10.04 -9.73
CA LYS B 6 -11.82 10.82 -10.85
C LYS B 6 -12.65 10.60 -12.12
N GLN B 7 -12.53 11.52 -13.07
CA GLN B 7 -13.18 11.42 -14.39
C GLN B 7 -12.71 10.14 -15.12
N LYS B 8 -13.60 9.49 -15.85
CA LYS B 8 -13.29 8.30 -16.66
C LYS B 8 -13.74 8.47 -18.11
N VAL B 9 -13.16 7.67 -19.00
CA VAL B 9 -13.47 7.63 -20.43
C VAL B 9 -13.54 6.20 -20.93
N LYS B 10 -14.42 5.95 -21.91
CA LYS B 10 -14.45 4.71 -22.68
C LYS B 10 -13.64 4.92 -23.94
N THR B 11 -12.65 4.07 -24.15
CA THR B 11 -11.92 3.97 -25.41
C THR B 11 -12.86 3.37 -26.47
N ILE B 12 -12.82 3.91 -27.69
CA ILE B 12 -13.68 3.49 -28.82
C ILE B 12 -12.86 2.83 -29.94
N PHE B 13 -11.54 2.77 -29.77
CA PHE B 13 -10.57 2.19 -30.69
C PHE B 13 -9.31 1.69 -29.94
N PRO B 14 -8.55 0.73 -30.50
CA PRO B 14 -7.29 0.25 -29.93
C PRO B 14 -6.14 1.27 -30.04
N HIS B 15 -5.08 1.06 -29.24
CA HIS B 15 -3.83 1.85 -29.27
C HIS B 15 -2.62 0.96 -28.95
N THR B 16 -1.43 1.33 -29.44
CA THR B 16 -0.16 0.60 -29.25
C THR B 16 0.94 1.50 -28.68
N ALA B 17 1.65 0.99 -27.67
CA ALA B 17 2.80 1.65 -27.05
C ALA B 17 4.11 1.50 -27.86
N GLY B 18 4.15 0.58 -28.82
CA GLY B 18 5.37 0.17 -29.53
C GLY B 18 6.47 -0.31 -28.57
N SER B 19 7.53 0.50 -28.41
CA SER B 19 8.70 0.21 -27.57
C SER B 19 8.81 1.10 -26.31
N ASN B 20 7.86 2.02 -26.08
CA ASN B 20 7.90 2.98 -24.97
C ASN B 20 7.38 2.38 -23.65
N LYS B 21 7.73 3.03 -22.52
CA LYS B 21 7.41 2.62 -21.13
C LYS B 21 6.54 3.66 -20.39
N THR B 22 6.04 4.68 -21.09
CA THR B 22 5.18 5.76 -20.57
C THR B 22 3.83 5.82 -21.32
N LEU B 23 3.49 4.80 -22.09
CA LEU B 23 2.24 4.72 -22.87
C LEU B 23 1.29 3.63 -22.33
N LEU B 24 0.01 3.78 -22.64
CA LEU B 24 -1.06 2.86 -22.25
C LEU B 24 -1.75 2.28 -23.50
N SER B 25 -1.79 0.95 -23.58
CA SER B 25 -2.40 0.20 -24.69
C SER B 25 -3.67 -0.53 -24.24
N PHE B 26 -4.61 -0.70 -25.18
CA PHE B 26 -5.97 -1.20 -24.96
C PHE B 26 -6.66 -1.58 -26.28
N ALA B 27 -7.92 -2.01 -26.20
CA ALA B 27 -8.80 -2.32 -27.32
C ALA B 27 -10.12 -1.49 -27.25
N GLN B 28 -10.88 -1.42 -28.34
CA GLN B 28 -12.20 -0.77 -28.33
C GLN B 28 -13.10 -1.35 -27.22
N GLY B 29 -13.80 -0.46 -26.52
CA GLY B 29 -14.74 -0.80 -25.44
C GLY B 29 -14.10 -0.80 -24.04
N ASP B 30 -12.79 -0.60 -23.94
CA ASP B 30 -12.06 -0.58 -22.67
C ASP B 30 -12.22 0.78 -21.94
N VAL B 31 -12.02 0.78 -20.62
CA VAL B 31 -12.31 1.91 -19.72
C VAL B 31 -11.04 2.37 -18.99
N ILE B 32 -10.83 3.69 -18.94
CA ILE B 32 -9.63 4.34 -18.39
C ILE B 32 -10.05 5.47 -17.42
N THR B 33 -9.36 5.59 -16.29
CA THR B 33 -9.60 6.63 -15.27
C THR B 33 -8.52 7.71 -15.39
N LEU B 34 -8.86 8.95 -15.74
CA LEU B 34 -7.89 10.05 -15.86
C LEU B 34 -7.26 10.37 -14.49
N LEU B 35 -5.97 10.75 -14.51
CA LEU B 35 -5.17 11.08 -13.33
C LEU B 35 -4.61 12.52 -13.37
N ILE B 36 -4.92 13.28 -14.44
CA ILE B 36 -4.39 14.63 -14.71
C ILE B 36 -5.55 15.62 -14.93
N PRO B 37 -5.37 16.93 -14.66
CA PRO B 37 -6.43 17.93 -14.75
C PRO B 37 -6.83 18.33 -16.19
N GLU B 38 -5.92 18.20 -17.16
CA GLU B 38 -6.12 18.60 -18.57
C GLU B 38 -5.21 17.80 -19.53
N GLU B 39 -5.52 17.79 -20.82
CA GLU B 39 -4.72 17.15 -21.87
C GLU B 39 -3.42 17.89 -22.20
N LYS B 40 -2.55 17.20 -22.94
CA LYS B 40 -1.28 17.76 -23.45
C LYS B 40 -0.94 17.21 -24.84
N ASP B 41 -0.79 18.04 -25.86
CA ASP B 41 -0.46 17.59 -27.23
C ASP B 41 -1.42 16.50 -27.80
N GLY B 42 -2.65 16.45 -27.26
CA GLY B 42 -3.66 15.44 -27.54
C GLY B 42 -3.54 14.12 -26.72
N TRP B 43 -2.48 14.00 -25.93
CA TRP B 43 -2.23 12.92 -24.97
C TRP B 43 -2.85 13.21 -23.60
N LEU B 44 -3.53 12.21 -23.07
CA LEU B 44 -4.14 12.19 -21.75
C LEU B 44 -3.53 11.05 -20.93
N TYR B 45 -3.46 11.19 -19.61
CA TYR B 45 -2.84 10.20 -18.73
C TYR B 45 -3.87 9.65 -17.75
N GLY B 46 -3.89 8.33 -17.62
CA GLY B 46 -4.88 7.62 -16.84
C GLY B 46 -4.51 6.17 -16.53
N GLU B 47 -5.45 5.46 -15.91
CA GLU B 47 -5.28 4.14 -15.30
C GLU B 47 -6.42 3.21 -15.73
N HIS B 48 -6.09 2.09 -16.40
CA HIS B 48 -7.05 1.16 -16.97
C HIS B 48 -7.85 0.38 -15.90
N ASP B 49 -9.18 0.36 -16.04
CA ASP B 49 -10.10 -0.29 -15.07
C ASP B 49 -10.19 -1.84 -15.16
N VAL B 50 -9.28 -2.50 -15.89
CA VAL B 50 -9.18 -3.98 -16.02
C VAL B 50 -7.78 -4.54 -15.74
N SER B 51 -6.75 -3.70 -15.89
CA SER B 51 -5.32 -4.07 -15.81
C SER B 51 -4.54 -3.18 -14.83
N LYS B 52 -5.13 -2.04 -14.40
CA LYS B 52 -4.56 -1.04 -13.47
C LYS B 52 -3.26 -0.39 -13.98
N ALA B 53 -2.92 -0.65 -15.24
CA ALA B 53 -1.81 -0.06 -15.97
C ALA B 53 -2.05 1.43 -16.21
N ARG B 54 -0.98 2.21 -16.17
CA ARG B 54 -0.98 3.65 -16.42
C ARG B 54 -0.03 4.02 -17.56
N GLY B 55 -0.36 5.10 -18.25
CA GLY B 55 0.39 5.59 -19.41
C GLY B 55 -0.37 6.70 -20.15
N TRP B 56 0.34 7.42 -21.01
CA TRP B 56 -0.29 8.38 -21.91
C TRP B 56 -1.06 7.61 -22.99
N PHE B 57 -2.29 8.03 -23.24
CA PHE B 57 -3.15 7.52 -24.31
C PHE B 57 -3.78 8.65 -25.15
N PRO B 58 -4.13 8.37 -26.43
CA PRO B 58 -4.79 9.31 -27.32
C PRO B 58 -6.26 9.58 -26.94
N SER B 59 -6.61 10.82 -26.60
CA SER B 59 -8.01 11.24 -26.42
C SER B 59 -8.86 11.06 -27.68
N SER B 60 -8.26 11.14 -28.87
CA SER B 60 -8.98 10.96 -30.15
C SER B 60 -9.60 9.56 -30.30
N TYR B 61 -9.00 8.53 -29.69
CA TYR B 61 -9.53 7.17 -29.61
C TYR B 61 -10.47 6.92 -28.41
N THR B 62 -10.89 7.95 -27.68
CA THR B 62 -11.83 7.83 -26.54
C THR B 62 -12.93 8.91 -26.60
N LYS B 63 -13.93 8.84 -25.71
CA LYS B 63 -14.99 9.87 -25.58
C LYS B 63 -15.23 10.25 -24.11
N LEU B 64 -16.13 9.56 -23.42
CA LEU B 64 -16.58 9.83 -22.06
C LEU B 64 -17.36 8.63 -21.47
N LEU B 65 -17.72 8.74 -20.19
CA LEU B 65 -18.55 7.77 -19.45
C LEU B 65 -19.68 8.43 -18.63
N GLU B 66 -20.02 9.69 -18.95
CA GLU B 66 -21.15 10.42 -18.36
C GLU B 66 -22.49 9.74 -18.67
N GLU B 67 -23.24 9.32 -17.64
CA GLU B 67 -24.57 8.68 -17.75
C GLU B 67 -25.73 9.70 -17.64
N LEU C 2 15.42 -15.94 -7.90
CA LEU C 2 14.98 -14.53 -7.61
C LEU C 2 14.79 -13.68 -8.88
N PRO C 3 15.84 -13.20 -9.59
CA PRO C 3 15.70 -12.11 -10.56
C PRO C 3 14.91 -12.50 -11.81
N ASP C 4 15.02 -13.76 -12.27
CA ASP C 4 14.23 -14.27 -13.40
C ASP C 4 12.76 -14.44 -13.02
N VAL C 5 12.45 -14.88 -11.79
CA VAL C 5 11.08 -15.11 -11.31
C VAL C 5 10.25 -13.82 -11.31
N ALA C 6 10.85 -12.67 -11.05
CA ALA C 6 10.14 -11.40 -11.15
C ALA C 6 9.80 -11.01 -12.61
N GLN C 7 10.67 -11.36 -13.58
CA GLN C 7 10.48 -11.04 -15.00
C GLN C 7 9.25 -11.72 -15.62
N ARG C 8 8.87 -12.87 -15.06
CA ARG C 8 7.69 -13.68 -15.44
C ARG C 8 6.48 -13.46 -14.52
N LEU C 9 6.70 -13.01 -13.27
CA LEU C 9 5.61 -12.57 -12.38
C LEU C 9 4.87 -11.36 -12.93
N MET C 10 5.60 -10.32 -13.36
CA MET C 10 4.97 -9.08 -13.83
C MET C 10 4.05 -9.29 -15.05
N GLN C 11 4.37 -10.29 -15.88
CA GLN C 11 3.53 -10.74 -17.00
C GLN C 11 2.23 -11.40 -16.51
N HIS C 12 2.26 -12.18 -15.42
CA HIS C 12 1.06 -12.77 -14.80
C HIS C 12 0.17 -11.71 -14.14
N LEU C 13 0.75 -10.83 -13.33
CA LEU C 13 0.00 -9.84 -12.53
C LEU C 13 -0.72 -8.78 -13.40
N ALA C 14 -0.24 -8.56 -14.63
CA ALA C 14 -0.86 -7.67 -15.61
C ALA C 14 -2.16 -8.25 -16.22
N GLU C 15 -2.35 -9.57 -16.14
CA GLU C 15 -3.49 -10.29 -16.73
C GLU C 15 -4.75 -10.23 -15.86
N HIS C 16 -4.57 -9.93 -14.57
CA HIS C 16 -5.62 -9.84 -13.54
C HIS C 16 -5.75 -8.43 -12.96
N GLY C 17 -4.95 -7.49 -13.46
CA GLY C 17 -4.85 -6.12 -12.97
C GLY C 17 -4.41 -5.99 -11.51
N ILE C 18 -3.46 -6.82 -11.08
CA ILE C 18 -2.90 -6.77 -9.73
C ILE C 18 -1.92 -5.61 -9.56
N GLN C 19 -0.82 -5.78 -10.26
CA GLN C 19 0.45 -5.02 -10.22
C GLN C 19 1.08 -4.87 -8.80
N PRO C 20 2.40 -4.64 -8.70
CA PRO C 20 3.09 -4.44 -7.41
C PRO C 20 2.64 -3.15 -6.69
N ALA C 21 2.96 -3.03 -5.39
CA ALA C 21 2.62 -1.86 -4.58
C ALA C 21 3.47 -0.61 -4.94
N ARG C 22 4.60 -0.82 -5.65
CA ARG C 22 5.32 0.23 -6.40
C ARG C 22 4.53 0.85 -7.56
N ASN C 23 3.39 0.25 -7.96
CA ASN C 23 2.52 0.73 -9.05
C ASN C 23 1.21 1.31 -8.48
N MET C 24 1.35 2.40 -7.72
CA MET C 24 0.29 3.16 -7.04
C MET C 24 0.42 4.66 -7.34
N ALA C 25 -0.42 5.50 -6.73
CA ALA C 25 -0.35 6.96 -6.86
C ALA C 25 1.01 7.53 -6.39
N GLU C 26 1.72 8.25 -7.25
CA GLU C 26 3.02 8.88 -6.96
C GLU C 26 3.19 10.24 -7.65
N HIS C 27 3.02 10.27 -8.98
CA HIS C 27 3.29 11.42 -9.88
C HIS C 27 2.84 11.10 -11.31
N ILE C 28 2.96 12.06 -12.23
CA ILE C 28 2.62 11.91 -13.65
C ILE C 28 3.92 12.01 -14.51
N PRO C 29 4.11 11.10 -15.49
CA PRO C 29 5.26 11.07 -16.42
C PRO C 29 5.32 12.26 -17.40
N PRO C 30 6.39 12.39 -18.23
CA PRO C 30 6.50 13.44 -19.25
C PRO C 30 5.50 13.27 -20.40
N ALA C 31 5.84 12.47 -21.42
CA ALA C 31 5.10 12.24 -22.68
C ALA C 31 6.00 11.65 -23.79
N PRO C 32 5.40 11.06 -24.85
CA PRO C 32 6.13 10.56 -26.03
C PRO C 32 6.70 11.68 -26.93
N ASN C 33 7.54 11.29 -27.89
CA ASN C 33 8.21 12.19 -28.84
C ASN C 33 7.37 12.53 -30.11
N TRP C 34 6.12 12.06 -30.19
CA TRP C 34 5.18 12.31 -31.31
C TRP C 34 3.77 12.64 -30.81
N PRO C 35 2.92 13.31 -31.62
CA PRO C 35 1.56 13.64 -31.25
C PRO C 35 0.62 12.43 -31.19
N ALA C 36 -0.48 12.57 -30.43
CA ALA C 36 -1.47 11.52 -30.28
C ALA C 36 -2.18 11.17 -31.61
N PRO C 37 -2.32 9.88 -31.95
CA PRO C 37 -2.98 9.42 -33.18
C PRO C 37 -4.50 9.68 -33.19
N THR C 38 -5.12 9.52 -34.37
CA THR C 38 -6.52 9.88 -34.66
C THR C 38 -7.33 8.72 -35.28
N PRO C 39 -8.65 8.66 -35.05
CA PRO C 39 -9.55 7.61 -35.55
C PRO C 39 -9.73 7.62 -37.08
N PRO C 40 -10.35 6.57 -37.67
CA PRO C 40 -10.69 6.49 -39.09
C PRO C 40 -11.85 7.45 -39.44
N VAL C 41 -11.53 8.73 -39.58
CA VAL C 41 -12.46 9.81 -39.90
C VAL C 41 -11.80 10.85 -40.81
N GLN C 42 -12.59 11.47 -41.68
CA GLN C 42 -12.18 12.57 -42.56
C GLN C 42 -13.33 13.57 -42.78
N ASN C 43 -12.98 14.82 -43.11
CA ASN C 43 -13.95 15.93 -43.28
C ASN C 43 -13.48 17.00 -44.28
N GLU C 44 -12.18 17.28 -44.38
CA GLU C 44 -11.59 18.08 -45.47
C GLU C 44 -11.56 17.24 -46.76
N GLN C 45 -12.26 17.71 -47.81
CA GLN C 45 -12.32 17.01 -49.11
C GLN C 45 -10.93 16.84 -49.78
N SER C 46 -10.72 15.70 -50.42
CA SER C 46 -9.52 15.35 -51.20
C SER C 46 -9.81 14.22 -52.19
N ARG C 47 -9.01 14.14 -53.28
CA ARG C 47 -9.14 13.21 -54.44
C ARG C 47 -10.46 13.33 -55.24
N PRO C 48 -10.50 12.89 -56.51
CA PRO C 48 -11.68 12.96 -57.36
C PRO C 48 -12.83 12.03 -56.90
N GLY A 1 -5.93 -35.82 3.20
CA GLY A 1 -5.00 -35.53 2.10
C GLY A 1 -4.68 -34.04 2.00
N SER A 2 -3.56 -33.61 2.59
CA SER A 2 -3.10 -32.20 2.58
C SER A 2 -1.65 -32.01 2.07
N ASN A 3 -0.93 -33.11 1.78
CA ASN A 3 0.41 -33.07 1.17
C ASN A 3 0.37 -32.79 -0.34
N PHE A 4 1.51 -32.41 -0.91
CA PHE A 4 1.68 -32.02 -2.32
C PHE A 4 3.06 -32.42 -2.89
N GLN A 5 3.23 -32.21 -4.20
CA GLN A 5 4.43 -32.55 -4.98
C GLN A 5 5.13 -31.30 -5.53
N HIS A 6 4.49 -30.61 -6.49
CA HIS A 6 5.00 -29.38 -7.12
C HIS A 6 5.02 -28.14 -6.20
N ILE A 7 4.32 -28.20 -5.06
CA ILE A 7 4.13 -27.16 -4.06
C ILE A 7 4.16 -27.78 -2.65
N GLY A 8 3.89 -26.95 -1.63
CA GLY A 8 3.69 -27.39 -0.24
C GLY A 8 4.53 -26.56 0.73
N HIS A 9 5.63 -25.99 0.23
CA HIS A 9 6.55 -25.08 0.93
C HIS A 9 5.92 -23.74 1.36
N VAL A 10 5.00 -23.20 0.55
CA VAL A 10 4.33 -21.91 0.79
C VAL A 10 3.37 -21.98 1.99
N GLY A 11 3.07 -20.82 2.57
CA GLY A 11 2.24 -20.66 3.77
C GLY A 11 1.06 -19.70 3.61
N TRP A 12 0.50 -19.59 2.39
CA TRP A 12 -0.61 -18.69 2.08
C TRP A 12 -1.98 -19.31 2.43
N ASP A 13 -2.97 -18.46 2.76
CA ASP A 13 -4.37 -18.84 2.95
C ASP A 13 -5.39 -17.86 2.33
N PRO A 14 -6.52 -18.35 1.78
CA PRO A 14 -7.58 -17.53 1.17
C PRO A 14 -8.41 -16.69 2.15
N ASN A 15 -8.12 -16.77 3.45
CA ASN A 15 -8.85 -16.05 4.52
C ASN A 15 -8.02 -14.93 5.16
N THR A 16 -6.70 -15.00 5.07
CA THR A 16 -5.76 -14.11 5.77
C THR A 16 -4.64 -13.62 4.85
N GLY A 17 -4.02 -14.51 4.07
CA GLY A 17 -2.97 -14.21 3.09
C GLY A 17 -1.68 -15.01 3.33
N PHE A 18 -0.55 -14.53 2.79
CA PHE A 18 0.78 -15.09 3.03
C PHE A 18 1.16 -15.02 4.51
N ASP A 19 1.92 -16.01 4.98
CA ASP A 19 2.42 -16.09 6.37
C ASP A 19 3.80 -15.42 6.50
N LEU A 20 3.87 -14.09 6.55
CA LEU A 20 5.13 -13.31 6.61
C LEU A 20 6.12 -13.83 7.66
N ASN A 21 5.61 -14.16 8.85
CA ASN A 21 6.38 -14.66 10.00
C ASN A 21 7.12 -15.99 9.75
N ASN A 22 6.73 -16.75 8.72
CA ASN A 22 7.29 -18.06 8.35
C ASN A 22 7.48 -18.22 6.82
N LEU A 23 7.54 -17.11 6.07
CA LEU A 23 7.74 -17.13 4.62
C LEU A 23 9.10 -17.75 4.23
N ASP A 24 9.12 -18.33 3.03
CA ASP A 24 10.29 -18.98 2.41
C ASP A 24 11.44 -17.98 2.14
N PRO A 25 12.69 -18.46 2.02
CA PRO A 25 13.86 -17.64 1.72
C PRO A 25 13.81 -16.99 0.33
N GLU A 26 12.88 -17.40 -0.53
CA GLU A 26 12.68 -16.92 -1.90
C GLU A 26 11.39 -16.09 -2.04
N LEU A 27 10.39 -16.31 -1.17
CA LEU A 27 9.03 -15.80 -1.39
C LEU A 27 8.96 -14.29 -1.16
N LYS A 28 9.21 -13.87 0.08
CA LYS A 28 9.33 -12.45 0.46
C LYS A 28 10.41 -11.71 -0.33
N ASN A 29 11.45 -12.45 -0.75
CA ASN A 29 12.60 -11.91 -1.45
C ASN A 29 12.21 -11.41 -2.85
N LEU A 30 11.41 -12.21 -3.57
CA LEU A 30 10.73 -11.81 -4.81
C LEU A 30 9.74 -10.68 -4.58
N PHE A 31 8.90 -10.76 -3.54
CA PHE A 31 7.89 -9.73 -3.30
C PHE A 31 8.52 -8.34 -3.17
N ASP A 32 9.63 -8.24 -2.43
CA ASP A 32 10.43 -7.02 -2.30
C ASP A 32 11.19 -6.65 -3.60
N MET A 33 11.39 -7.60 -4.51
CA MET A 33 12.06 -7.40 -5.81
C MET A 33 11.10 -6.81 -6.85
N CYS A 34 9.98 -7.48 -7.15
CA CYS A 34 9.02 -6.96 -8.15
C CYS A 34 8.35 -5.66 -7.66
N GLY A 35 8.18 -5.50 -6.34
CA GLY A 35 7.65 -4.29 -5.71
C GLY A 35 6.36 -4.51 -4.91
N ILE A 36 5.93 -5.77 -4.77
CA ILE A 36 4.79 -6.14 -3.91
C ILE A 36 5.07 -5.79 -2.44
N SER A 37 4.02 -5.40 -1.71
CA SER A 37 4.09 -5.06 -0.27
C SER A 37 3.23 -5.98 0.58
N GLU A 38 3.49 -6.04 1.88
CA GLU A 38 2.80 -6.90 2.85
C GLU A 38 1.27 -6.69 2.87
N ALA A 39 0.78 -5.50 2.50
CA ALA A 39 -0.65 -5.26 2.31
C ALA A 39 -1.27 -6.15 1.22
N GLN A 40 -0.61 -6.31 0.06
CA GLN A 40 -1.08 -7.17 -1.03
C GLN A 40 -1.05 -8.65 -0.61
N LEU A 41 -0.02 -9.05 0.15
CA LEU A 41 0.15 -10.38 0.70
C LEU A 41 -0.92 -10.78 1.70
N LYS A 42 -1.54 -9.80 2.37
CA LYS A 42 -2.67 -10.01 3.29
C LYS A 42 -4.04 -9.69 2.65
N ASP A 43 -4.05 -9.41 1.35
CA ASP A 43 -5.25 -9.12 0.57
C ASP A 43 -5.77 -10.41 -0.06
N ARG A 44 -6.92 -10.93 0.36
CA ARG A 44 -7.49 -12.20 -0.14
C ARG A 44 -7.81 -12.19 -1.64
N GLU A 45 -7.84 -10.99 -2.23
CA GLU A 45 -8.13 -10.75 -3.65
C GLU A 45 -6.85 -10.55 -4.49
N THR A 46 -5.72 -10.21 -3.87
CA THR A 46 -4.43 -9.95 -4.54
C THR A 46 -3.41 -11.05 -4.25
N SER A 47 -3.21 -11.39 -2.97
CA SER A 47 -2.38 -12.53 -2.52
C SER A 47 -2.79 -13.85 -3.18
N LYS A 48 -4.09 -14.07 -3.42
CA LYS A 48 -4.62 -15.19 -4.22
C LYS A 48 -3.97 -15.30 -5.61
N VAL A 49 -3.92 -14.20 -6.35
CA VAL A 49 -3.34 -14.16 -7.70
C VAL A 49 -1.81 -14.34 -7.64
N ILE A 50 -1.16 -13.68 -6.67
CA ILE A 50 0.29 -13.81 -6.48
C ILE A 50 0.66 -15.27 -6.13
N TYR A 51 -0.14 -15.96 -5.31
CA TYR A 51 0.03 -17.38 -4.98
C TYR A 51 -0.19 -18.29 -6.20
N ASP A 52 -1.25 -18.04 -6.99
CA ASP A 52 -1.55 -18.82 -8.20
C ASP A 52 -0.36 -18.87 -9.18
N PHE A 53 0.44 -17.80 -9.22
CA PHE A 53 1.69 -17.74 -9.98
C PHE A 53 2.76 -18.69 -9.43
N ILE A 54 2.99 -18.71 -8.11
CA ILE A 54 3.98 -19.63 -7.53
C ILE A 54 3.56 -21.09 -7.74
N GLU A 55 2.26 -21.40 -7.66
CA GLU A 55 1.71 -22.74 -7.94
C GLU A 55 1.91 -23.22 -9.38
N LYS A 56 2.28 -22.32 -10.30
CA LYS A 56 2.34 -22.60 -11.76
C LYS A 56 3.66 -22.18 -12.43
N THR A 57 4.51 -21.44 -11.72
CA THR A 57 5.71 -20.78 -12.27
C THR A 57 6.82 -20.57 -11.23
N GLY A 58 6.45 -20.44 -9.95
CA GLY A 58 7.38 -20.55 -8.83
C GLY A 58 7.70 -22.01 -8.53
N GLY A 59 7.32 -22.53 -7.35
CA GLY A 59 7.71 -23.83 -6.79
C GLY A 59 9.19 -23.89 -6.37
N VAL A 60 9.46 -24.25 -5.11
CA VAL A 60 10.84 -24.30 -4.55
C VAL A 60 11.79 -25.22 -5.33
N GLU A 61 11.30 -26.35 -5.87
CA GLU A 61 12.10 -27.27 -6.71
C GLU A 61 12.14 -26.87 -8.19
N ALA A 62 11.08 -26.23 -8.68
CA ALA A 62 10.93 -25.75 -10.05
C ALA A 62 11.89 -24.61 -10.40
N VAL A 63 12.14 -23.69 -9.45
CA VAL A 63 13.06 -22.56 -9.63
C VAL A 63 14.53 -23.01 -9.63
N LYS A 64 14.86 -24.10 -8.91
CA LYS A 64 16.19 -24.74 -8.95
C LYS A 64 16.56 -25.30 -10.34
N ASN A 65 15.57 -25.81 -11.10
CA ASN A 65 15.77 -26.45 -12.42
C ASN A 65 14.49 -26.45 -13.28
N GLY B 1 -0.88 -1.02 13.09
CA GLY B 1 0.15 0.03 13.25
C GLY B 1 -0.11 1.21 12.34
N SER B 2 0.44 1.18 11.12
CA SER B 2 0.22 2.19 10.06
C SER B 2 0.18 1.56 8.65
N HIS B 3 -0.78 1.99 7.83
CA HIS B 3 -0.99 1.49 6.45
C HIS B 3 -0.15 2.26 5.40
N MET B 4 0.37 3.44 5.76
CA MET B 4 1.09 4.37 4.87
C MET B 4 2.31 4.99 5.58
N LYS B 5 3.06 5.85 4.87
CA LYS B 5 4.31 6.51 5.34
C LYS B 5 4.28 8.05 5.16
N LYS B 6 3.10 8.61 4.88
CA LYS B 6 2.85 10.07 4.80
C LYS B 6 2.28 10.60 6.12
N GLN B 7 2.29 11.93 6.27
CA GLN B 7 1.74 12.63 7.45
C GLN B 7 0.23 12.35 7.61
N LYS B 8 -0.25 12.38 8.87
CA LYS B 8 -1.67 12.34 9.21
C LYS B 8 -2.10 13.52 10.09
N VAL B 9 -3.40 13.73 10.17
CA VAL B 9 -4.06 14.68 11.07
C VAL B 9 -5.27 14.02 11.74
N LYS B 10 -5.59 14.48 12.94
CA LYS B 10 -6.86 14.20 13.62
C LYS B 10 -7.77 15.39 13.43
N THR B 11 -8.94 15.15 12.86
CA THR B 11 -10.01 16.13 12.80
C THR B 11 -10.54 16.34 14.24
N ILE B 12 -10.67 17.60 14.67
CA ILE B 12 -11.12 17.98 16.02
C ILE B 12 -12.55 18.56 16.00
N PHE B 13 -13.13 18.66 14.80
CA PHE B 13 -14.47 19.19 14.53
C PHE B 13 -15.04 18.58 13.22
N PRO B 14 -16.38 18.57 13.05
CA PRO B 14 -17.02 18.11 11.82
C PRO B 14 -16.84 19.08 10.63
N HIS B 15 -17.08 18.58 9.42
CA HIS B 15 -17.15 19.37 8.18
C HIS B 15 -18.20 18.78 7.21
N THR B 16 -18.77 19.63 6.35
CA THR B 16 -19.89 19.31 5.45
C THR B 16 -19.65 19.94 4.07
N ALA B 17 -19.43 19.10 3.05
CA ALA B 17 -19.13 19.49 1.67
C ALA B 17 -20.22 20.33 0.96
N GLY B 18 -21.49 20.15 1.33
CA GLY B 18 -22.62 20.76 0.61
C GLY B 18 -22.73 20.26 -0.84
N SER B 19 -22.74 21.20 -1.80
CA SER B 19 -23.06 20.95 -3.22
C SER B 19 -21.85 20.60 -4.12
N ASN B 20 -20.69 20.25 -3.55
CA ASN B 20 -19.44 19.96 -4.28
C ASN B 20 -19.02 18.48 -4.20
N LYS B 21 -18.16 18.07 -5.15
CA LYS B 21 -17.72 16.67 -5.40
C LYS B 21 -16.19 16.47 -5.32
N THR B 22 -15.47 17.50 -4.86
CA THR B 22 -14.01 17.49 -4.60
C THR B 22 -13.69 17.69 -3.12
N LEU B 23 -14.68 17.68 -2.24
CA LEU B 23 -14.55 17.89 -0.79
C LEU B 23 -14.68 16.58 0.02
N LEU B 24 -14.23 16.63 1.28
CA LEU B 24 -14.25 15.51 2.24
C LEU B 24 -14.99 15.92 3.51
N SER B 25 -15.97 15.11 3.93
CA SER B 25 -16.81 15.35 5.12
C SER B 25 -16.55 14.30 6.20
N PHE B 26 -16.65 14.70 7.47
CA PHE B 26 -16.29 13.89 8.65
C PHE B 26 -16.88 14.47 9.95
N ALA B 27 -16.60 13.82 11.09
CA ALA B 27 -16.96 14.25 12.44
C ALA B 27 -15.72 14.41 13.34
N GLN B 28 -15.86 15.07 14.50
CA GLN B 28 -14.76 15.18 15.48
C GLN B 28 -14.22 13.79 15.88
N GLY B 29 -12.90 13.67 15.98
CA GLY B 29 -12.21 12.45 16.40
C GLY B 29 -11.79 11.55 15.24
N ASP B 30 -12.17 11.90 14.01
CA ASP B 30 -11.81 11.15 12.79
C ASP B 30 -10.39 11.48 12.31
N VAL B 31 -9.78 10.58 11.54
CA VAL B 31 -8.37 10.64 11.14
C VAL B 31 -8.24 10.61 9.61
N ILE B 32 -7.39 11.49 9.07
CA ILE B 32 -7.18 11.68 7.63
C ILE B 32 -5.67 11.59 7.34
N THR B 33 -5.30 10.87 6.28
CA THR B 33 -3.90 10.77 5.79
C THR B 33 -3.69 11.73 4.63
N LEU B 34 -2.70 12.61 4.72
CA LEU B 34 -2.40 13.60 3.67
C LEU B 34 -1.85 12.90 2.41
N LEU B 35 -2.22 13.45 1.25
CA LEU B 35 -1.80 12.97 -0.08
C LEU B 35 -1.03 14.05 -0.88
N ILE B 36 -0.82 15.24 -0.30
CA ILE B 36 -0.20 16.42 -0.93
C ILE B 36 0.95 16.95 -0.06
N PRO B 37 1.96 17.64 -0.64
CA PRO B 37 3.15 18.10 0.09
C PRO B 37 2.91 19.34 0.99
N GLU B 38 1.92 20.17 0.68
CA GLU B 38 1.61 21.43 1.38
C GLU B 38 0.14 21.86 1.21
N GLU B 39 -0.36 22.75 2.06
CA GLU B 39 -1.71 23.30 1.97
C GLU B 39 -1.92 24.30 0.82
N LYS B 40 -3.19 24.61 0.56
CA LYS B 40 -3.61 25.63 -0.41
C LYS B 40 -4.83 26.40 0.08
N ASP B 41 -4.77 27.72 0.23
CA ASP B 41 -5.92 28.54 0.70
C ASP B 41 -6.57 28.06 2.02
N GLY B 42 -5.79 27.33 2.84
CA GLY B 42 -6.25 26.66 4.06
C GLY B 42 -6.89 25.27 3.87
N TRP B 43 -7.07 24.83 2.62
CA TRP B 43 -7.52 23.50 2.21
C TRP B 43 -6.34 22.53 2.06
N LEU B 44 -6.52 21.35 2.63
CA LEU B 44 -5.61 20.20 2.58
C LEU B 44 -6.32 18.99 1.96
N TYR B 45 -5.58 18.07 1.33
CA TYR B 45 -6.17 16.93 0.63
C TYR B 45 -5.60 15.62 1.16
N GLY B 46 -6.52 14.67 1.39
CA GLY B 46 -6.21 13.41 2.07
C GLY B 46 -7.26 12.34 1.86
N GLU B 47 -7.04 11.18 2.48
CA GLU B 47 -7.94 10.02 2.48
C GLU B 47 -8.30 9.65 3.93
N HIS B 48 -9.59 9.47 4.20
CA HIS B 48 -10.11 9.08 5.52
C HIS B 48 -9.75 7.63 5.88
N ASP B 49 -9.24 7.41 7.10
CA ASP B 49 -8.78 6.12 7.61
C ASP B 49 -9.90 5.08 7.95
N VAL B 50 -11.18 5.38 7.65
CA VAL B 50 -12.36 4.56 8.03
C VAL B 50 -13.29 4.20 6.86
N SER B 51 -13.20 4.96 5.76
CA SER B 51 -14.12 4.90 4.61
C SER B 51 -13.38 4.99 3.26
N LYS B 52 -12.11 5.42 3.25
CA LYS B 52 -11.26 5.65 2.07
C LYS B 52 -11.79 6.74 1.12
N ALA B 53 -12.71 7.57 1.62
CA ALA B 53 -13.14 8.81 0.98
C ALA B 53 -11.99 9.81 0.90
N ARG B 54 -11.85 10.48 -0.25
CA ARG B 54 -10.86 11.53 -0.52
C ARG B 54 -11.53 12.84 -0.93
N GLY B 55 -10.89 13.96 -0.61
CA GLY B 55 -11.40 15.30 -0.89
C GLY B 55 -10.60 16.38 -0.15
N TRP B 56 -10.81 17.64 -0.54
CA TRP B 56 -10.25 18.78 0.19
C TRP B 56 -11.01 18.93 1.51
N PHE B 57 -10.26 19.06 2.60
CA PHE B 57 -10.79 19.35 3.93
C PHE B 57 -10.13 20.59 4.56
N PRO B 58 -10.83 21.30 5.46
CA PRO B 58 -10.29 22.44 6.19
C PRO B 58 -9.23 22.03 7.22
N SER B 59 -7.98 22.49 7.06
CA SER B 59 -6.92 22.23 8.08
C SER B 59 -7.31 22.74 9.46
N SER B 60 -8.00 23.89 9.55
CA SER B 60 -8.36 24.56 10.81
C SER B 60 -9.28 23.72 11.72
N TYR B 61 -10.10 22.82 11.16
CA TYR B 61 -10.87 21.81 11.91
C TYR B 61 -10.05 20.55 12.27
N THR B 62 -8.73 20.55 12.08
CA THR B 62 -7.83 19.42 12.35
C THR B 62 -6.53 19.87 13.04
N LYS B 63 -5.77 18.90 13.58
CA LYS B 63 -4.41 19.10 14.11
C LYS B 63 -3.51 17.92 13.75
N LEU B 64 -2.21 18.16 13.62
CA LEU B 64 -1.21 17.14 13.26
C LEU B 64 -1.09 16.02 14.31
N LEU B 65 -0.57 14.89 13.84
CA LEU B 65 -0.28 13.68 14.62
C LEU B 65 1.23 13.38 14.67
N GLU B 66 2.08 14.41 14.49
CA GLU B 66 3.51 14.32 14.80
C GLU B 66 3.81 14.04 16.30
N GLU B 67 2.93 14.49 17.20
CA GLU B 67 3.04 14.32 18.67
C GLU B 67 2.94 12.87 19.17
N LEU C 2 15.43 -16.10 -7.94
CA LEU C 2 14.96 -14.69 -7.72
C LEU C 2 14.81 -13.88 -9.03
N PRO C 3 15.89 -13.44 -9.71
CA PRO C 3 15.78 -12.36 -10.72
C PRO C 3 14.99 -12.76 -11.97
N ASP C 4 15.08 -14.01 -12.41
CA ASP C 4 14.27 -14.53 -13.52
C ASP C 4 12.78 -14.70 -13.13
N VAL C 5 12.47 -15.02 -11.88
CA VAL C 5 11.09 -15.23 -11.40
C VAL C 5 10.27 -13.92 -11.47
N ALA C 6 10.88 -12.77 -11.21
CA ALA C 6 10.20 -11.48 -11.35
C ALA C 6 9.84 -11.12 -12.81
N GLN C 7 10.64 -11.55 -13.80
CA GLN C 7 10.41 -11.22 -15.22
C GLN C 7 9.19 -11.96 -15.80
N ARG C 8 8.78 -13.06 -15.14
CA ARG C 8 7.59 -13.87 -15.42
C ARG C 8 6.42 -13.55 -14.48
N LEU C 9 6.67 -13.07 -13.26
CA LEU C 9 5.62 -12.59 -12.34
C LEU C 9 4.89 -11.38 -12.91
N MET C 10 5.62 -10.37 -13.39
CA MET C 10 5.02 -9.14 -13.89
C MET C 10 4.06 -9.38 -15.07
N GLN C 11 4.36 -10.40 -15.89
CA GLN C 11 3.50 -10.87 -16.97
C GLN C 11 2.18 -11.48 -16.44
N HIS C 12 2.24 -12.27 -15.36
CA HIS C 12 1.04 -12.83 -14.71
C HIS C 12 0.16 -11.75 -14.08
N LEU C 13 0.75 -10.83 -13.30
CA LEU C 13 0.01 -9.82 -12.53
C LEU C 13 -0.70 -8.79 -13.44
N ALA C 14 -0.21 -8.61 -14.67
CA ALA C 14 -0.81 -7.72 -15.67
C ALA C 14 -2.11 -8.30 -16.27
N GLU C 15 -2.30 -9.62 -16.21
CA GLU C 15 -3.45 -10.34 -16.78
C GLU C 15 -4.72 -10.21 -15.92
N HIS C 16 -4.52 -9.87 -14.64
CA HIS C 16 -5.58 -9.68 -13.63
C HIS C 16 -5.61 -8.24 -13.09
N GLY C 17 -4.75 -7.36 -13.63
CA GLY C 17 -4.59 -5.96 -13.23
C GLY C 17 -4.10 -5.73 -11.80
N ILE C 18 -3.42 -6.73 -11.19
CA ILE C 18 -2.94 -6.68 -9.80
C ILE C 18 -1.94 -5.55 -9.57
N GLN C 19 -0.85 -5.70 -10.29
CA GLN C 19 0.41 -4.91 -10.25
C GLN C 19 1.07 -4.84 -8.85
N PRO C 20 2.40 -4.58 -8.76
CA PRO C 20 3.08 -4.41 -7.48
C PRO C 20 2.65 -3.12 -6.75
N ALA C 21 2.88 -3.05 -5.43
CA ALA C 21 2.52 -1.91 -4.60
C ALA C 21 3.29 -0.62 -4.94
N ARG C 22 4.48 -0.78 -5.55
CA ARG C 22 5.27 0.27 -6.22
C ARG C 22 4.55 0.96 -7.41
N ASN C 23 3.35 0.51 -7.79
CA ASN C 23 2.55 1.03 -8.91
C ASN C 23 1.09 1.34 -8.49
N MET C 24 0.90 1.88 -7.28
CA MET C 24 -0.42 2.22 -6.69
C MET C 24 -0.44 3.66 -6.15
N ALA C 25 -0.88 4.60 -6.98
CA ALA C 25 -0.97 6.03 -6.67
C ALA C 25 -2.02 6.76 -7.53
N GLU C 26 -2.34 8.01 -7.17
CA GLU C 26 -3.38 8.84 -7.82
C GLU C 26 -2.95 10.32 -7.95
N HIS C 27 -3.69 11.05 -8.78
CA HIS C 27 -3.65 12.51 -8.93
C HIS C 27 -4.36 13.25 -7.78
N ILE C 28 -4.28 14.58 -7.79
CA ILE C 28 -4.94 15.48 -6.82
C ILE C 28 -5.86 16.48 -7.55
N PRO C 29 -7.10 16.70 -7.07
CA PRO C 29 -8.09 17.64 -7.63
C PRO C 29 -7.68 19.13 -7.48
N PRO C 30 -8.45 20.09 -8.07
CA PRO C 30 -8.17 21.53 -7.97
C PRO C 30 -8.37 22.09 -6.56
N ALA C 31 -9.62 22.32 -6.15
CA ALA C 31 -10.10 22.98 -4.92
C ALA C 31 -11.50 23.63 -5.09
N PRO C 32 -12.19 23.96 -3.97
CA PRO C 32 -13.45 24.72 -3.98
C PRO C 32 -13.27 26.22 -4.33
N ASN C 33 -14.41 26.91 -4.51
CA ASN C 33 -14.47 28.33 -4.88
C ASN C 33 -14.38 29.32 -3.69
N TRP C 34 -14.28 28.82 -2.45
CA TRP C 34 -14.22 29.62 -1.21
C TRP C 34 -13.12 29.09 -0.26
N PRO C 35 -12.64 29.90 0.70
CA PRO C 35 -11.62 29.49 1.66
C PRO C 35 -12.13 28.49 2.71
N ALA C 36 -11.19 27.75 3.32
CA ALA C 36 -11.51 26.78 4.36
C ALA C 36 -12.12 27.43 5.62
N PRO C 37 -13.21 26.87 6.17
CA PRO C 37 -13.84 27.33 7.41
C PRO C 37 -12.97 27.09 8.66
N THR C 38 -13.31 27.75 9.77
CA THR C 38 -12.52 27.82 11.02
C THR C 38 -13.33 27.42 12.27
N PRO C 39 -12.66 26.91 13.33
CA PRO C 39 -13.29 26.42 14.57
C PRO C 39 -13.96 27.53 15.40
N PRO C 40 -14.75 27.18 16.43
CA PRO C 40 -15.35 28.11 17.39
C PRO C 40 -14.30 28.72 18.33
N VAL C 41 -13.57 29.71 17.83
CA VAL C 41 -12.51 30.44 18.54
C VAL C 41 -12.52 31.93 18.15
N GLN C 42 -12.12 32.81 19.07
CA GLN C 42 -12.13 34.27 18.89
C GLN C 42 -10.93 34.95 19.55
N ASN C 43 -10.62 34.61 20.80
CA ASN C 43 -9.47 35.13 21.55
C ASN C 43 -8.15 34.51 21.03
N GLU C 44 -7.52 35.16 20.05
CA GLU C 44 -6.25 34.75 19.43
C GLU C 44 -5.04 34.99 20.38
N GLN C 45 -4.98 34.22 21.46
CA GLN C 45 -3.86 34.17 22.41
C GLN C 45 -2.52 33.81 21.72
N SER C 46 -1.42 34.17 22.39
CA SER C 46 -0.05 33.86 21.96
C SER C 46 0.80 33.40 23.15
N ARG C 47 1.69 32.43 22.90
CA ARG C 47 2.69 31.94 23.87
C ARG C 47 3.62 33.05 24.39
N PRO C 48 4.20 32.90 25.59
CA PRO C 48 5.28 33.78 26.08
C PRO C 48 6.58 33.66 25.26
N GLY A 1 1.55 -37.28 1.49
CA GLY A 1 0.20 -37.88 1.59
C GLY A 1 -0.84 -36.90 2.15
N SER A 2 -0.81 -36.62 3.45
CA SER A 2 -1.81 -35.77 4.14
C SER A 2 -1.77 -34.28 3.71
N ASN A 3 -0.60 -33.78 3.28
CA ASN A 3 -0.39 -32.43 2.77
C ASN A 3 -0.13 -32.43 1.25
N PHE A 4 -0.08 -31.25 0.62
CA PHE A 4 0.29 -31.08 -0.80
C PHE A 4 1.70 -31.61 -1.14
N GLN A 5 1.94 -31.77 -2.45
CA GLN A 5 3.16 -32.39 -3.01
C GLN A 5 4.03 -31.36 -3.76
N HIS A 6 3.53 -30.82 -4.87
CA HIS A 6 4.20 -29.78 -5.67
C HIS A 6 4.28 -28.39 -4.97
N ILE A 7 3.47 -28.19 -3.93
CA ILE A 7 3.30 -26.96 -3.14
C ILE A 7 3.11 -27.33 -1.66
N GLY A 8 2.78 -26.35 -0.81
CA GLY A 8 2.49 -26.56 0.61
C GLY A 8 3.48 -25.83 1.52
N HIS A 9 4.71 -25.65 1.03
CA HIS A 9 5.79 -24.86 1.66
C HIS A 9 5.44 -23.38 1.89
N VAL A 10 4.62 -22.80 0.99
CA VAL A 10 4.42 -21.35 0.83
C VAL A 10 3.64 -20.65 1.96
N GLY A 11 2.85 -21.39 2.75
CA GLY A 11 2.10 -20.91 3.91
C GLY A 11 1.03 -19.84 3.65
N TRP A 12 0.57 -19.69 2.40
CA TRP A 12 -0.52 -18.79 2.05
C TRP A 12 -1.89 -19.39 2.38
N ASP A 13 -2.86 -18.53 2.72
CA ASP A 13 -4.27 -18.91 2.90
C ASP A 13 -5.29 -17.91 2.28
N PRO A 14 -6.43 -18.40 1.76
CA PRO A 14 -7.49 -17.61 1.11
C PRO A 14 -8.32 -16.71 2.05
N ASN A 15 -7.98 -16.67 3.35
CA ASN A 15 -8.64 -15.86 4.37
C ASN A 15 -7.71 -14.86 5.07
N THR A 16 -6.40 -15.17 5.15
CA THR A 16 -5.41 -14.40 5.92
C THR A 16 -4.19 -14.00 5.13
N GLY A 17 -3.87 -14.68 4.03
CA GLY A 17 -2.76 -14.37 3.13
C GLY A 17 -1.48 -15.16 3.37
N PHE A 18 -0.39 -14.72 2.74
CA PHE A 18 0.96 -15.31 2.89
C PHE A 18 1.43 -15.27 4.36
N ASP A 19 2.16 -16.30 4.82
CA ASP A 19 2.65 -16.35 6.20
C ASP A 19 3.91 -15.51 6.49
N LEU A 20 3.84 -14.17 6.44
CA LEU A 20 4.98 -13.25 6.59
C LEU A 20 5.97 -13.62 7.70
N ASN A 21 5.44 -14.03 8.86
CA ASN A 21 6.19 -14.49 10.03
C ASN A 21 7.15 -15.67 9.75
N ASN A 22 6.83 -16.54 8.78
CA ASN A 22 7.62 -17.75 8.44
C ASN A 22 7.75 -18.00 6.92
N LEU A 23 7.59 -16.95 6.10
CA LEU A 23 7.69 -17.00 4.63
C LEU A 23 9.00 -17.63 4.13
N ASP A 24 8.93 -18.25 2.95
CA ASP A 24 10.04 -18.97 2.31
C ASP A 24 11.23 -18.05 1.96
N PRO A 25 12.46 -18.60 1.82
CA PRO A 25 13.67 -17.83 1.56
C PRO A 25 13.70 -17.14 0.17
N GLU A 26 12.77 -17.51 -0.72
CA GLU A 26 12.61 -16.92 -2.05
C GLU A 26 11.39 -16.01 -2.16
N LEU A 27 10.36 -16.26 -1.34
CA LEU A 27 9.02 -15.72 -1.50
C LEU A 27 8.99 -14.21 -1.24
N LYS A 28 9.24 -13.85 0.03
CA LYS A 28 9.41 -12.46 0.46
C LYS A 28 10.49 -11.72 -0.33
N ASN A 29 11.51 -12.46 -0.78
CA ASN A 29 12.66 -11.91 -1.48
C ASN A 29 12.27 -11.39 -2.88
N LEU A 30 11.42 -12.15 -3.60
CA LEU A 30 10.75 -11.69 -4.82
C LEU A 30 9.76 -10.55 -4.54
N PHE A 31 8.93 -10.67 -3.50
CA PHE A 31 7.91 -9.66 -3.21
C PHE A 31 8.55 -8.27 -3.03
N ASP A 32 9.66 -8.20 -2.28
CA ASP A 32 10.44 -6.97 -2.09
C ASP A 32 11.18 -6.51 -3.37
N MET A 33 11.37 -7.41 -4.34
CA MET A 33 12.05 -7.15 -5.61
C MET A 33 11.09 -6.60 -6.69
N CYS A 34 10.01 -7.32 -7.03
CA CYS A 34 9.02 -6.81 -8.00
C CYS A 34 8.29 -5.56 -7.46
N GLY A 35 8.20 -5.42 -6.13
CA GLY A 35 7.74 -4.22 -5.43
C GLY A 35 6.48 -4.42 -4.60
N ILE A 36 5.99 -5.66 -4.52
CA ILE A 36 4.85 -6.07 -3.69
C ILE A 36 5.15 -5.79 -2.19
N SER A 37 4.09 -5.46 -1.43
CA SER A 37 4.18 -5.22 0.03
C SER A 37 3.26 -6.15 0.82
N GLU A 38 3.46 -6.22 2.14
CA GLU A 38 2.71 -7.08 3.06
C GLU A 38 1.18 -6.85 3.01
N ALA A 39 0.74 -5.65 2.64
CA ALA A 39 -0.67 -5.35 2.39
C ALA A 39 -1.29 -6.21 1.30
N GLN A 40 -0.58 -6.39 0.17
CA GLN A 40 -1.06 -7.22 -0.95
C GLN A 40 -1.01 -8.71 -0.60
N LEU A 41 0.01 -9.14 0.16
CA LEU A 41 0.19 -10.50 0.66
C LEU A 41 -0.89 -10.93 1.65
N LYS A 42 -1.51 -9.98 2.35
CA LYS A 42 -2.66 -10.19 3.24
C LYS A 42 -4.01 -9.99 2.55
N ASP A 43 -4.01 -9.56 1.28
CA ASP A 43 -5.22 -9.28 0.51
C ASP A 43 -5.73 -10.59 -0.13
N ARG A 44 -6.91 -11.08 0.27
CA ARG A 44 -7.47 -12.33 -0.28
C ARG A 44 -7.73 -12.27 -1.79
N GLU A 45 -7.73 -11.07 -2.37
CA GLU A 45 -7.95 -10.82 -3.79
C GLU A 45 -6.63 -10.66 -4.56
N THR A 46 -5.59 -10.06 -3.95
CA THR A 46 -4.27 -9.87 -4.58
C THR A 46 -3.34 -11.06 -4.31
N SER A 47 -3.15 -11.43 -3.05
CA SER A 47 -2.30 -12.55 -2.62
C SER A 47 -2.67 -13.88 -3.30
N LYS A 48 -3.97 -14.11 -3.53
CA LYS A 48 -4.48 -15.25 -4.32
C LYS A 48 -3.87 -15.34 -5.71
N VAL A 49 -3.85 -14.24 -6.47
CA VAL A 49 -3.25 -14.16 -7.80
C VAL A 49 -1.74 -14.35 -7.74
N ILE A 50 -1.07 -13.68 -6.79
CA ILE A 50 0.39 -13.79 -6.62
C ILE A 50 0.77 -15.26 -6.30
N TYR A 51 -0.01 -15.93 -5.45
CA TYR A 51 0.13 -17.35 -5.14
C TYR A 51 -0.13 -18.27 -6.33
N ASP A 52 -1.18 -18.02 -7.12
CA ASP A 52 -1.46 -18.79 -8.36
C ASP A 52 -0.25 -18.83 -9.31
N PHE A 53 0.53 -17.73 -9.36
CA PHE A 53 1.78 -17.68 -10.11
C PHE A 53 2.83 -18.64 -9.54
N ILE A 54 3.06 -18.63 -8.23
CA ILE A 54 4.03 -19.54 -7.62
C ILE A 54 3.63 -21.01 -7.81
N GLU A 55 2.35 -21.34 -7.69
CA GLU A 55 1.85 -22.72 -7.87
C GLU A 55 2.04 -23.24 -9.32
N LYS A 56 2.27 -22.34 -10.29
CA LYS A 56 2.33 -22.66 -11.72
C LYS A 56 3.66 -22.30 -12.40
N THR A 57 4.49 -21.47 -11.76
CA THR A 57 5.68 -20.82 -12.35
C THR A 57 6.80 -20.59 -11.33
N GLY A 58 6.46 -20.46 -10.04
CA GLY A 58 7.40 -20.54 -8.93
C GLY A 58 7.76 -22.01 -8.66
N GLY A 59 7.30 -22.57 -7.54
CA GLY A 59 7.64 -23.91 -7.05
C GLY A 59 9.08 -24.03 -6.55
N VAL A 60 9.26 -24.46 -5.31
CA VAL A 60 10.60 -24.54 -4.67
C VAL A 60 11.59 -25.44 -5.43
N GLU A 61 11.12 -26.50 -6.09
CA GLU A 61 11.94 -27.39 -6.95
C GLU A 61 12.05 -26.93 -8.40
N ALA A 62 11.03 -26.22 -8.90
CA ALA A 62 10.95 -25.70 -10.26
C ALA A 62 12.00 -24.59 -10.55
N VAL A 63 12.17 -23.65 -9.62
CA VAL A 63 13.11 -22.51 -9.77
C VAL A 63 14.58 -22.97 -9.78
N LYS A 64 14.90 -24.12 -9.18
CA LYS A 64 16.22 -24.77 -9.24
C LYS A 64 16.64 -25.30 -10.63
N ASN A 65 15.68 -25.44 -11.55
CA ASN A 65 15.82 -26.13 -12.85
C ASN A 65 15.70 -25.21 -14.08
N GLY B 1 -7.37 2.72 7.72
CA GLY B 1 -7.19 2.83 6.25
C GLY B 1 -5.73 3.12 5.88
N SER B 2 -5.41 2.98 4.60
CA SER B 2 -4.07 3.13 4.02
C SER B 2 -4.12 3.92 2.69
N HIS B 3 -4.72 5.11 2.75
CA HIS B 3 -5.04 5.98 1.63
C HIS B 3 -4.80 7.48 1.95
N MET B 4 -4.99 8.35 0.96
CA MET B 4 -4.76 9.81 1.04
C MET B 4 -3.31 10.20 1.39
N LYS B 5 -3.07 11.50 1.64
CA LYS B 5 -1.74 12.09 1.92
C LYS B 5 -1.73 12.86 3.25
N LYS B 6 -0.53 13.12 3.78
CA LYS B 6 -0.28 13.83 5.06
C LYS B 6 -0.49 15.36 5.02
N GLN B 7 -1.28 15.88 4.08
CA GLN B 7 -1.49 17.31 3.83
C GLN B 7 -2.97 17.62 3.53
N LYS B 8 -3.52 18.64 4.22
CA LYS B 8 -4.91 19.12 4.07
C LYS B 8 -4.98 20.65 4.14
N VAL B 9 -6.15 21.19 3.81
CA VAL B 9 -6.50 22.61 3.93
C VAL B 9 -7.86 22.78 4.59
N LYS B 10 -8.05 23.93 5.24
CA LYS B 10 -9.37 24.44 5.63
C LYS B 10 -9.80 25.48 4.60
N THR B 11 -10.99 25.35 4.05
CA THR B 11 -11.63 26.41 3.26
C THR B 11 -12.04 27.54 4.22
N ILE B 12 -11.78 28.79 3.85
CA ILE B 12 -12.16 29.98 4.65
C ILE B 12 -13.29 30.78 3.98
N PHE B 13 -13.71 30.36 2.78
CA PHE B 13 -14.76 30.99 1.96
C PHE B 13 -15.42 29.95 1.03
N PRO B 14 -16.66 30.20 0.57
CA PRO B 14 -17.36 29.34 -0.39
C PRO B 14 -16.76 29.41 -1.80
N HIS B 15 -17.09 28.41 -2.63
CA HIS B 15 -16.78 28.38 -4.07
C HIS B 15 -17.92 27.73 -4.88
N THR B 16 -18.24 28.32 -6.03
CA THR B 16 -19.34 27.89 -6.92
C THR B 16 -18.77 27.33 -8.23
N ALA B 17 -18.78 26.00 -8.35
CA ALA B 17 -18.28 25.24 -9.50
C ALA B 17 -19.06 25.50 -10.81
N GLY B 18 -20.33 25.93 -10.72
CA GLY B 18 -21.19 26.14 -11.88
C GLY B 18 -21.41 24.86 -12.72
N SER B 19 -21.42 25.02 -14.03
CA SER B 19 -21.73 23.97 -15.02
C SER B 19 -20.64 22.89 -15.24
N ASN B 20 -19.48 23.01 -14.59
CA ASN B 20 -18.31 22.12 -14.80
C ASN B 20 -18.45 20.75 -14.11
N LYS B 21 -17.64 19.79 -14.56
CA LYS B 21 -17.56 18.38 -14.06
C LYS B 21 -16.19 18.02 -13.48
N THR B 22 -15.27 18.99 -13.38
CA THR B 22 -13.89 18.86 -12.86
C THR B 22 -13.61 19.86 -11.73
N LEU B 23 -14.64 20.49 -11.16
CA LEU B 23 -14.54 21.48 -10.08
C LEU B 23 -15.17 20.98 -8.77
N LEU B 24 -14.70 21.54 -7.65
CA LEU B 24 -15.14 21.20 -6.29
C LEU B 24 -15.74 22.42 -5.60
N SER B 25 -17.03 22.35 -5.26
CA SER B 25 -17.79 23.40 -4.56
C SER B 25 -18.00 23.07 -3.08
N PHE B 26 -18.00 24.12 -2.25
CA PHE B 26 -18.07 24.04 -0.77
C PHE B 26 -18.49 25.38 -0.15
N ALA B 27 -18.57 25.42 1.19
CA ALA B 27 -18.76 26.62 2.00
C ALA B 27 -17.47 27.00 2.78
N GLN B 28 -17.52 28.05 3.60
CA GLN B 28 -16.49 28.36 4.60
C GLN B 28 -16.46 27.30 5.73
N GLY B 29 -15.28 27.05 6.29
CA GLY B 29 -15.08 26.19 7.47
C GLY B 29 -14.99 24.70 7.14
N ASP B 30 -15.07 24.36 5.85
CA ASP B 30 -14.95 22.99 5.33
C ASP B 30 -13.48 22.53 5.21
N VAL B 31 -13.26 21.23 4.96
CA VAL B 31 -11.93 20.58 4.95
C VAL B 31 -11.75 19.75 3.68
N ILE B 32 -10.61 19.95 3.00
CA ILE B 32 -10.26 19.30 1.74
C ILE B 32 -8.87 18.66 1.87
N THR B 33 -8.73 17.43 1.37
CA THR B 33 -7.45 16.69 1.37
C THR B 33 -6.84 16.75 -0.02
N LEU B 34 -5.64 17.33 -0.16
CA LEU B 34 -4.95 17.47 -1.44
C LEU B 34 -4.53 16.10 -2.00
N LEU B 35 -4.70 15.93 -3.31
CA LEU B 35 -4.36 14.71 -4.06
C LEU B 35 -3.17 14.91 -5.02
N ILE B 36 -2.69 16.14 -5.17
CA ILE B 36 -1.60 16.55 -6.09
C ILE B 36 -0.40 17.14 -5.31
N PRO B 37 0.83 17.04 -5.85
CA PRO B 37 2.05 17.51 -5.16
C PRO B 37 2.24 19.03 -5.14
N GLU B 38 1.65 19.76 -6.10
CA GLU B 38 1.79 21.23 -6.27
C GLU B 38 0.57 21.85 -6.98
N GLU B 39 0.38 23.15 -6.85
CA GLU B 39 -0.70 23.90 -7.50
C GLU B 39 -0.48 24.14 -9.00
N LYS B 40 -1.56 24.58 -9.67
CA LYS B 40 -1.52 24.97 -11.09
C LYS B 40 -2.47 26.14 -11.39
N ASP B 41 -1.96 27.26 -11.91
CA ASP B 41 -2.79 28.45 -12.21
C ASP B 41 -3.65 28.96 -11.01
N GLY B 42 -3.20 28.65 -9.79
CA GLY B 42 -3.91 28.90 -8.53
C GLY B 42 -4.95 27.84 -8.13
N TRP B 43 -5.19 26.85 -8.99
CA TRP B 43 -6.06 25.69 -8.76
C TRP B 43 -5.29 24.54 -8.13
N LEU B 44 -5.91 23.95 -7.11
CA LEU B 44 -5.45 22.78 -6.37
C LEU B 44 -6.51 21.68 -6.47
N TYR B 45 -6.11 20.41 -6.43
CA TYR B 45 -7.03 19.27 -6.58
C TYR B 45 -7.02 18.40 -5.32
N GLY B 46 -8.21 18.00 -4.90
CA GLY B 46 -8.44 17.32 -3.64
C GLY B 46 -9.78 16.63 -3.53
N GLU B 47 -10.04 16.04 -2.37
CA GLU B 47 -11.26 15.30 -2.04
C GLU B 47 -11.82 15.82 -0.70
N HIS B 48 -13.08 16.26 -0.70
CA HIS B 48 -13.73 16.84 0.47
C HIS B 48 -14.02 15.80 1.56
N ASP B 49 -13.62 16.07 2.80
CA ASP B 49 -13.74 15.14 3.94
C ASP B 49 -15.17 14.96 4.52
N VAL B 50 -16.21 15.52 3.86
CA VAL B 50 -17.63 15.48 4.32
C VAL B 50 -18.60 14.91 3.28
N SER B 51 -18.19 14.88 2.01
CA SER B 51 -19.01 14.52 0.84
C SER B 51 -18.28 13.57 -0.12
N LYS B 52 -16.93 13.50 -0.02
CA LYS B 52 -16.03 12.67 -0.85
C LYS B 52 -16.01 13.09 -2.33
N ALA B 53 -16.55 14.27 -2.63
CA ALA B 53 -16.46 14.95 -3.91
C ALA B 53 -15.02 15.39 -4.20
N ARG B 54 -14.61 15.27 -5.47
CA ARG B 54 -13.29 15.65 -5.99
C ARG B 54 -13.43 16.65 -7.13
N GLY B 55 -12.46 17.54 -7.25
CA GLY B 55 -12.44 18.60 -8.24
C GLY B 55 -11.35 19.62 -7.95
N TRP B 56 -11.04 20.47 -8.93
CA TRP B 56 -10.15 21.60 -8.72
C TRP B 56 -10.88 22.63 -7.86
N PHE B 57 -10.20 23.16 -6.85
CA PHE B 57 -10.68 24.25 -6.00
C PHE B 57 -9.64 25.39 -5.91
N PRO B 58 -10.09 26.63 -5.64
CA PRO B 58 -9.21 27.78 -5.46
C PRO B 58 -8.44 27.73 -4.14
N SER B 59 -7.11 27.63 -4.20
CA SER B 59 -6.25 27.79 -3.00
C SER B 59 -6.43 29.14 -2.31
N SER B 60 -6.79 30.19 -3.06
CA SER B 60 -7.04 31.54 -2.54
C SER B 60 -8.12 31.57 -1.44
N TYR B 61 -9.17 30.75 -1.57
CA TYR B 61 -10.24 30.58 -0.60
C TYR B 61 -9.95 29.53 0.49
N THR B 62 -8.72 29.00 0.57
CA THR B 62 -8.31 28.01 1.59
C THR B 62 -6.98 28.40 2.26
N LYS B 63 -6.63 27.71 3.36
CA LYS B 63 -5.30 27.80 4.00
C LYS B 63 -4.83 26.41 4.45
N LEU B 64 -3.52 26.16 4.36
CA LEU B 64 -2.89 24.92 4.84
C LEU B 64 -3.14 24.70 6.34
N LEU B 65 -3.21 23.43 6.73
CA LEU B 65 -3.37 22.97 8.11
C LEU B 65 -2.07 22.33 8.66
N GLU B 66 -0.94 22.60 8.00
CA GLU B 66 0.40 22.29 8.50
C GLU B 66 0.71 22.97 9.87
N GLU B 67 1.60 22.34 10.65
CA GLU B 67 2.00 22.70 12.03
C GLU B 67 0.84 23.16 12.95
N LEU C 2 15.35 -16.16 -8.11
CA LEU C 2 14.98 -14.75 -7.80
C LEU C 2 14.86 -13.84 -9.04
N PRO C 3 15.95 -13.44 -9.73
CA PRO C 3 15.89 -12.34 -10.71
C PRO C 3 15.08 -12.67 -11.97
N ASP C 4 15.14 -13.92 -12.44
CA ASP C 4 14.31 -14.39 -13.56
C ASP C 4 12.84 -14.54 -13.18
N VAL C 5 12.51 -14.89 -11.93
CA VAL C 5 11.12 -15.11 -11.46
C VAL C 5 10.30 -13.82 -11.55
N ALA C 6 10.89 -12.65 -11.30
CA ALA C 6 10.19 -11.38 -11.46
C ALA C 6 9.81 -11.04 -12.92
N GLN C 7 10.60 -11.47 -13.91
CA GLN C 7 10.35 -11.16 -15.32
C GLN C 7 9.13 -11.91 -15.89
N ARG C 8 8.75 -13.02 -15.21
CA ARG C 8 7.58 -13.87 -15.49
C ARG C 8 6.42 -13.62 -14.52
N LEU C 9 6.67 -13.08 -13.32
CA LEU C 9 5.62 -12.59 -12.42
C LEU C 9 4.86 -11.42 -13.03
N MET C 10 5.56 -10.41 -13.53
CA MET C 10 4.91 -9.21 -14.07
C MET C 10 4.00 -9.52 -15.28
N GLN C 11 4.36 -10.56 -16.06
CA GLN C 11 3.52 -11.14 -17.12
C GLN C 11 2.22 -11.76 -16.57
N HIS C 12 2.27 -12.49 -15.45
CA HIS C 12 1.07 -13.05 -14.78
C HIS C 12 0.15 -11.97 -14.21
N LEU C 13 0.71 -11.02 -13.46
CA LEU C 13 -0.07 -9.99 -12.76
C LEU C 13 -0.86 -9.09 -13.73
N ALA C 14 -0.34 -8.89 -14.94
CA ALA C 14 -0.96 -8.10 -16.01
C ALA C 14 -2.26 -8.72 -16.55
N GLU C 15 -2.44 -10.03 -16.36
CA GLU C 15 -3.58 -10.82 -16.84
C GLU C 15 -4.83 -10.65 -15.95
N HIS C 16 -4.62 -10.22 -14.70
CA HIS C 16 -5.63 -9.99 -13.67
C HIS C 16 -5.74 -8.51 -13.26
N GLY C 17 -4.88 -7.66 -13.85
CA GLY C 17 -4.71 -6.25 -13.48
C GLY C 17 -4.13 -6.02 -12.07
N ILE C 18 -3.50 -7.04 -11.46
CA ILE C 18 -2.69 -6.87 -10.23
C ILE C 18 -1.46 -6.00 -10.54
N GLN C 19 -0.94 -5.33 -9.50
CA GLN C 19 0.29 -4.55 -9.55
C GLN C 19 1.03 -4.58 -8.20
N PRO C 20 2.37 -4.41 -8.20
CA PRO C 20 3.14 -4.27 -6.97
C PRO C 20 2.82 -2.95 -6.26
N ALA C 21 3.07 -2.88 -4.96
CA ALA C 21 2.77 -1.69 -4.13
C ALA C 21 3.58 -0.44 -4.57
N ARG C 22 4.72 -0.65 -5.26
CA ARG C 22 5.53 0.40 -5.90
C ARG C 22 4.88 1.07 -7.14
N ASN C 23 3.79 0.51 -7.66
CA ASN C 23 3.10 0.95 -8.89
C ASN C 23 1.73 1.61 -8.57
N MET C 24 1.61 2.24 -7.41
CA MET C 24 0.41 2.94 -6.94
C MET C 24 0.55 4.46 -7.11
N ALA C 25 -0.35 5.06 -7.90
CA ALA C 25 -0.39 6.46 -8.28
C ALA C 25 -1.81 6.88 -8.71
N GLU C 26 -2.01 8.19 -8.93
CA GLU C 26 -3.27 8.78 -9.37
C GLU C 26 -3.11 9.60 -10.67
N HIS C 27 -4.23 9.80 -11.37
CA HIS C 27 -4.29 10.42 -12.69
C HIS C 27 -4.37 11.94 -12.68
N ILE C 28 -5.34 12.44 -11.91
CA ILE C 28 -5.75 13.84 -11.80
C ILE C 28 -6.34 14.43 -13.12
N PRO C 29 -7.48 15.14 -13.05
CA PRO C 29 -8.12 15.82 -14.20
C PRO C 29 -7.28 16.99 -14.76
N PRO C 30 -7.68 17.62 -15.90
CA PRO C 30 -6.96 18.75 -16.49
C PRO C 30 -6.98 20.02 -15.64
N ALA C 31 -8.10 20.76 -15.68
CA ALA C 31 -8.36 22.08 -15.08
C ALA C 31 -9.45 22.88 -15.84
N PRO C 32 -10.04 23.92 -15.21
CA PRO C 32 -10.97 24.85 -15.86
C PRO C 32 -10.29 25.79 -16.88
N ASN C 33 -11.10 26.50 -17.67
CA ASN C 33 -10.64 27.44 -18.70
C ASN C 33 -10.19 28.83 -18.15
N TRP C 34 -10.44 29.13 -16.88
CA TRP C 34 -10.15 30.42 -16.23
C TRP C 34 -9.31 30.23 -14.95
N PRO C 35 -8.59 31.27 -14.49
CA PRO C 35 -7.80 31.21 -13.26
C PRO C 35 -8.65 31.15 -11.99
N ALA C 36 -8.05 30.65 -10.90
CA ALA C 36 -8.71 30.60 -9.61
C ALA C 36 -9.09 32.01 -9.08
N PRO C 37 -10.29 32.19 -8.52
CA PRO C 37 -10.74 33.43 -7.89
C PRO C 37 -9.94 33.79 -6.62
N THR C 38 -10.24 34.93 -5.98
CA THR C 38 -9.56 35.43 -4.78
C THR C 38 -10.53 35.94 -3.69
N PRO C 39 -10.15 35.88 -2.40
CA PRO C 39 -10.98 36.30 -1.26
C PRO C 39 -11.24 37.82 -1.21
N PRO C 40 -12.19 38.29 -0.38
CA PRO C 40 -12.49 39.71 -0.15
C PRO C 40 -11.37 40.42 0.63
N VAL C 41 -10.24 40.65 -0.06
CA VAL C 41 -9.05 41.31 0.45
C VAL C 41 -8.51 42.27 -0.62
N GLN C 42 -7.90 43.39 -0.20
CA GLN C 42 -7.31 44.39 -1.08
C GLN C 42 -5.83 44.61 -0.72
N ASN C 43 -4.94 44.05 -1.55
CA ASN C 43 -3.48 44.13 -1.38
C ASN C 43 -2.89 45.54 -1.56
N GLU C 44 -3.61 46.43 -2.25
CA GLU C 44 -3.25 47.85 -2.40
C GLU C 44 -3.28 48.58 -1.03
N GLN C 45 -2.14 49.12 -0.59
CA GLN C 45 -2.02 49.82 0.70
C GLN C 45 -2.95 51.05 0.80
N SER C 46 -3.35 51.38 2.03
CA SER C 46 -4.20 52.53 2.40
C SER C 46 -3.70 53.20 3.69
N ARG C 47 -4.24 54.40 3.99
CA ARG C 47 -3.86 55.34 5.09
C ARG C 47 -2.57 56.13 4.75
N PRO C 48 -2.53 57.47 4.95
CA PRO C 48 -1.32 58.28 4.75
C PRO C 48 -0.20 57.94 5.74
N GLY A 1 -2.29 -36.62 8.22
CA GLY A 1 -3.25 -36.44 7.10
C GLY A 1 -2.55 -36.66 5.76
N SER A 2 -2.46 -35.61 4.94
CA SER A 2 -1.79 -35.61 3.62
C SER A 2 -1.25 -34.21 3.28
N ASN A 3 -0.33 -34.13 2.31
CA ASN A 3 0.34 -32.90 1.86
C ASN A 3 0.49 -32.84 0.32
N PHE A 4 0.72 -31.64 -0.22
CA PHE A 4 1.03 -31.40 -1.63
C PHE A 4 2.40 -31.96 -2.08
N GLN A 5 2.63 -31.93 -3.41
CA GLN A 5 3.84 -32.44 -4.08
C GLN A 5 4.64 -31.35 -4.80
N HIS A 6 4.05 -30.74 -5.84
CA HIS A 6 4.66 -29.63 -6.60
C HIS A 6 4.80 -28.31 -5.82
N ILE A 7 4.08 -28.21 -4.68
CA ILE A 7 3.99 -27.07 -3.76
C ILE A 7 3.93 -27.59 -2.32
N GLY A 8 3.67 -26.70 -1.36
CA GLY A 8 3.44 -27.06 0.05
C GLY A 8 4.40 -26.32 0.99
N HIS A 9 5.57 -25.94 0.46
CA HIS A 9 6.55 -25.03 1.08
C HIS A 9 5.92 -23.67 1.45
N VAL A 10 5.20 -23.06 0.51
CA VAL A 10 4.55 -21.76 0.65
C VAL A 10 3.47 -21.77 1.75
N GLY A 11 3.48 -20.71 2.54
CA GLY A 11 2.54 -20.46 3.63
C GLY A 11 1.58 -19.34 3.22
N TRP A 12 0.54 -19.69 2.47
CA TRP A 12 -0.57 -18.77 2.14
C TRP A 12 -1.96 -19.37 2.42
N ASP A 13 -2.93 -18.51 2.75
CA ASP A 13 -4.35 -18.87 2.94
C ASP A 13 -5.34 -17.87 2.32
N PRO A 14 -6.48 -18.35 1.75
CA PRO A 14 -7.54 -17.52 1.14
C PRO A 14 -8.38 -16.70 2.13
N ASN A 15 -8.07 -16.73 3.43
CA ASN A 15 -8.76 -15.99 4.49
C ASN A 15 -7.91 -14.86 5.12
N THR A 16 -6.58 -15.00 5.06
CA THR A 16 -5.63 -14.10 5.76
C THR A 16 -4.47 -13.67 4.86
N GLY A 17 -4.04 -14.50 3.92
CA GLY A 17 -2.96 -14.22 2.98
C GLY A 17 -1.67 -14.99 3.28
N PHE A 18 -0.54 -14.50 2.76
CA PHE A 18 0.79 -15.04 3.04
C PHE A 18 1.16 -14.91 4.53
N ASP A 19 1.94 -15.86 5.02
CA ASP A 19 2.36 -15.99 6.42
C ASP A 19 3.76 -15.37 6.65
N LEU A 20 3.85 -14.03 6.72
CA LEU A 20 5.12 -13.27 6.80
C LEU A 20 6.09 -13.79 7.87
N ASN A 21 5.57 -14.16 9.04
CA ASN A 21 6.31 -14.72 10.17
C ASN A 21 7.10 -16.01 9.86
N ASN A 22 6.70 -16.76 8.81
CA ASN A 22 7.26 -18.05 8.42
C ASN A 22 7.45 -18.19 6.90
N LEU A 23 7.52 -17.08 6.17
CA LEU A 23 7.67 -17.07 4.70
C LEU A 23 8.99 -17.73 4.25
N ASP A 24 8.94 -18.31 3.05
CA ASP A 24 10.05 -19.01 2.38
C ASP A 24 11.25 -18.08 2.06
N PRO A 25 12.46 -18.64 1.88
CA PRO A 25 13.67 -17.88 1.57
C PRO A 25 13.63 -17.20 0.18
N GLU A 26 12.66 -17.54 -0.67
CA GLU A 26 12.48 -16.92 -1.98
C GLU A 26 11.25 -16.01 -2.05
N LEU A 27 10.25 -16.25 -1.20
CA LEU A 27 8.90 -15.68 -1.32
C LEU A 27 8.92 -14.19 -1.05
N LYS A 28 9.23 -13.82 0.20
CA LYS A 28 9.41 -12.43 0.62
C LYS A 28 10.47 -11.69 -0.20
N ASN A 29 11.49 -12.43 -0.66
CA ASN A 29 12.62 -11.88 -1.39
C ASN A 29 12.17 -11.38 -2.77
N LEU A 30 11.37 -12.18 -3.49
CA LEU A 30 10.68 -11.76 -4.73
C LEU A 30 9.71 -10.62 -4.47
N PHE A 31 8.90 -10.68 -3.41
CA PHE A 31 7.90 -9.64 -3.13
C PHE A 31 8.58 -8.26 -3.01
N ASP A 32 9.71 -8.19 -2.29
CA ASP A 32 10.53 -6.98 -2.18
C ASP A 32 11.30 -6.63 -3.47
N MET A 33 11.43 -7.58 -4.41
CA MET A 33 12.07 -7.38 -5.72
C MET A 33 11.11 -6.75 -6.73
N CYS A 34 9.97 -7.40 -7.02
CA CYS A 34 9.03 -6.87 -8.02
C CYS A 34 8.29 -5.60 -7.54
N GLY A 35 8.23 -5.39 -6.22
CA GLY A 35 7.69 -4.18 -5.59
C GLY A 35 6.45 -4.40 -4.73
N ILE A 36 6.00 -5.64 -4.59
CA ILE A 36 4.84 -6.06 -3.77
C ILE A 36 5.09 -5.74 -2.28
N SER A 37 4.01 -5.43 -1.54
CA SER A 37 4.06 -5.16 -0.08
C SER A 37 3.29 -6.20 0.76
N GLU A 38 3.53 -6.16 2.07
CA GLU A 38 2.77 -6.92 3.08
C GLU A 38 1.25 -6.69 3.01
N ALA A 39 0.78 -5.53 2.54
CA ALA A 39 -0.64 -5.29 2.33
C ALA A 39 -1.25 -6.19 1.24
N GLN A 40 -0.60 -6.28 0.08
CA GLN A 40 -1.05 -7.13 -1.02
C GLN A 40 -0.99 -8.60 -0.65
N LEU A 41 0.02 -9.03 0.13
CA LEU A 41 0.19 -10.38 0.65
C LEU A 41 -0.90 -10.78 1.64
N LYS A 42 -1.54 -9.82 2.32
CA LYS A 42 -2.66 -10.04 3.23
C LYS A 42 -4.03 -9.76 2.58
N ASP A 43 -4.04 -9.45 1.29
CA ASP A 43 -5.24 -9.15 0.50
C ASP A 43 -5.74 -10.46 -0.13
N ARG A 44 -6.89 -10.98 0.29
CA ARG A 44 -7.44 -12.25 -0.24
C ARG A 44 -7.74 -12.21 -1.75
N GLU A 45 -7.75 -11.02 -2.34
CA GLU A 45 -8.05 -10.77 -3.76
C GLU A 45 -6.77 -10.47 -4.59
N THR A 46 -5.64 -10.12 -3.94
CA THR A 46 -4.34 -9.88 -4.61
C THR A 46 -3.34 -10.98 -4.30
N SER A 47 -3.15 -11.33 -3.01
CA SER A 47 -2.31 -12.46 -2.57
C SER A 47 -2.68 -13.78 -3.23
N LYS A 48 -3.99 -14.04 -3.46
CA LYS A 48 -4.50 -15.16 -4.26
C LYS A 48 -3.85 -15.24 -5.65
N VAL A 49 -3.82 -14.12 -6.38
CA VAL A 49 -3.23 -14.05 -7.73
C VAL A 49 -1.72 -14.23 -7.67
N ILE A 50 -1.06 -13.57 -6.71
CA ILE A 50 0.39 -13.69 -6.53
C ILE A 50 0.77 -15.15 -6.19
N TYR A 51 -0.03 -15.84 -5.37
CA TYR A 51 0.12 -17.26 -5.05
C TYR A 51 -0.12 -18.18 -6.25
N ASP A 52 -1.18 -17.94 -7.03
CA ASP A 52 -1.49 -18.71 -8.24
C ASP A 52 -0.35 -18.71 -9.27
N PHE A 53 0.44 -17.64 -9.31
CA PHE A 53 1.68 -17.56 -10.10
C PHE A 53 2.73 -18.55 -9.58
N ILE A 54 3.02 -18.56 -8.28
CA ILE A 54 4.01 -19.48 -7.69
C ILE A 54 3.59 -20.94 -7.89
N GLU A 55 2.30 -21.25 -7.79
CA GLU A 55 1.77 -22.62 -8.00
C GLU A 55 1.90 -23.10 -9.46
N LYS A 56 2.20 -22.21 -10.42
CA LYS A 56 2.31 -22.53 -11.85
C LYS A 56 3.67 -22.20 -12.49
N THR A 57 4.47 -21.34 -11.83
CA THR A 57 5.71 -20.76 -12.37
C THR A 57 6.83 -20.61 -11.33
N GLY A 58 6.46 -20.49 -10.05
CA GLY A 58 7.41 -20.53 -8.92
C GLY A 58 7.85 -21.96 -8.64
N GLY A 59 7.23 -22.62 -7.66
CA GLY A 59 7.55 -23.97 -7.17
C GLY A 59 9.00 -24.14 -6.69
N VAL A 60 9.20 -24.48 -5.41
CA VAL A 60 10.54 -24.55 -4.79
C VAL A 60 11.55 -25.42 -5.57
N GLU A 61 11.10 -26.49 -6.22
CA GLU A 61 11.93 -27.35 -7.08
C GLU A 61 12.09 -26.83 -8.52
N ALA A 62 11.10 -26.08 -9.03
CA ALA A 62 11.09 -25.51 -10.37
C ALA A 62 12.15 -24.41 -10.58
N VAL A 63 12.39 -23.57 -9.57
CA VAL A 63 13.41 -22.53 -9.57
C VAL A 63 14.83 -23.08 -9.37
N LYS A 64 15.00 -24.30 -8.83
CA LYS A 64 16.30 -24.99 -8.75
C LYS A 64 16.82 -25.44 -10.14
N ASN A 65 15.94 -25.95 -11.01
CA ASN A 65 16.28 -26.48 -12.35
C ASN A 65 15.10 -26.39 -13.34
N GLY B 1 4.11 -2.89 9.93
CA GLY B 1 4.51 -3.07 8.52
C GLY B 1 4.55 -1.75 7.76
N SER B 2 5.57 -1.56 6.91
CA SER B 2 5.82 -0.34 6.12
C SER B 2 4.96 -0.21 4.84
N HIS B 3 3.64 -0.31 5.01
CA HIS B 3 2.64 -0.21 3.94
C HIS B 3 1.42 0.64 4.38
N MET B 4 0.74 1.28 3.42
CA MET B 4 -0.49 2.08 3.61
C MET B 4 -0.40 3.12 4.75
N LYS B 5 0.81 3.65 4.92
CA LYS B 5 1.23 4.55 6.02
C LYS B 5 1.96 5.83 5.58
N LYS B 6 2.00 6.10 4.27
CA LYS B 6 2.62 7.30 3.66
C LYS B 6 2.15 8.60 4.31
N GLN B 7 0.85 8.68 4.62
CA GLN B 7 0.25 9.70 5.48
C GLN B 7 -1.09 9.21 6.06
N LYS B 8 -1.32 9.42 7.36
CA LYS B 8 -2.58 9.16 8.06
C LYS B 8 -3.01 10.37 8.91
N VAL B 9 -4.22 10.33 9.44
CA VAL B 9 -4.75 11.30 10.41
C VAL B 9 -5.55 10.59 11.52
N LYS B 10 -5.63 11.24 12.68
CA LYS B 10 -6.53 10.88 13.78
C LYS B 10 -7.69 11.86 13.79
N THR B 11 -8.91 11.36 13.76
CA THR B 11 -10.11 12.18 13.92
C THR B 11 -10.21 12.60 15.40
N ILE B 12 -10.23 13.90 15.69
CA ILE B 12 -10.34 14.43 17.07
C ILE B 12 -11.80 14.76 17.44
N PHE B 13 -12.73 14.56 16.50
CA PHE B 13 -14.16 14.83 16.62
C PHE B 13 -14.98 13.94 15.65
N PRO B 14 -16.29 13.73 15.91
CA PRO B 14 -17.19 13.01 15.00
C PRO B 14 -17.53 13.82 13.74
N HIS B 15 -18.11 13.15 12.74
CA HIS B 15 -18.69 13.76 11.53
C HIS B 15 -19.94 12.98 11.06
N THR B 16 -20.91 13.71 10.50
CA THR B 16 -22.22 13.18 10.06
C THR B 16 -22.45 13.52 8.58
N ALA B 17 -22.39 12.47 7.73
CA ALA B 17 -22.55 12.57 6.28
C ALA B 17 -23.92 13.09 5.81
N GLY B 18 -25.00 12.76 6.53
CA GLY B 18 -26.37 13.01 6.07
C GLY B 18 -26.72 12.21 4.79
N SER B 19 -27.46 12.83 3.87
CA SER B 19 -28.05 12.20 2.66
C SER B 19 -27.06 11.83 1.54
N ASN B 20 -25.74 12.00 1.72
CA ASN B 20 -24.72 11.81 0.68
C ASN B 20 -24.03 10.42 0.77
N LYS B 21 -23.58 9.91 -0.39
CA LYS B 21 -22.99 8.56 -0.59
C LYS B 21 -21.48 8.58 -0.90
N THR B 22 -20.86 9.76 -0.90
CA THR B 22 -19.42 10.01 -1.16
C THR B 22 -18.69 10.52 0.09
N LEU B 23 -19.34 10.54 1.26
CA LEU B 23 -18.78 11.00 2.52
C LEU B 23 -18.38 9.85 3.45
N LEU B 24 -17.53 10.17 4.44
CA LEU B 24 -17.04 9.25 5.47
C LEU B 24 -17.39 9.79 6.87
N SER B 25 -18.09 8.98 7.66
CA SER B 25 -18.51 9.28 9.04
C SER B 25 -17.75 8.43 10.07
N PHE B 26 -17.59 8.98 11.27
CA PHE B 26 -16.76 8.43 12.36
C PHE B 26 -17.03 9.13 13.69
N ALA B 27 -16.29 8.75 14.74
CA ALA B 27 -16.27 9.39 16.06
C ALA B 27 -14.90 10.05 16.35
N GLN B 28 -14.72 10.63 17.55
CA GLN B 28 -13.40 11.03 18.05
C GLN B 28 -12.53 9.81 18.39
N GLY B 29 -11.22 9.92 18.17
CA GLY B 29 -10.21 8.91 18.50
C GLY B 29 -10.05 7.82 17.43
N ASP B 30 -10.76 7.95 16.31
CA ASP B 30 -10.66 7.08 15.14
C ASP B 30 -9.49 7.48 14.22
N VAL B 31 -9.14 6.60 13.27
CA VAL B 31 -7.95 6.73 12.40
C VAL B 31 -8.37 6.52 10.93
N ILE B 32 -7.93 7.44 10.06
CA ILE B 32 -8.22 7.42 8.63
C ILE B 32 -6.90 7.50 7.85
N THR B 33 -6.76 6.65 6.83
CA THR B 33 -5.61 6.64 5.92
C THR B 33 -5.93 7.46 4.68
N LEU B 34 -5.14 8.49 4.38
CA LEU B 34 -5.32 9.33 3.18
C LEU B 34 -5.02 8.54 1.90
N LEU B 35 -5.86 8.73 0.88
CA LEU B 35 -5.75 8.08 -0.44
C LEU B 35 -5.46 9.08 -1.59
N ILE B 36 -5.43 10.38 -1.30
CA ILE B 36 -5.24 11.47 -2.26
C ILE B 36 -3.96 12.28 -1.92
N PRO B 37 -3.31 12.93 -2.90
CA PRO B 37 -2.04 13.65 -2.69
C PRO B 37 -2.18 14.99 -1.93
N GLU B 38 -3.36 15.62 -1.99
CA GLU B 38 -3.65 16.93 -1.37
C GLU B 38 -5.15 17.10 -1.09
N GLU B 39 -5.52 18.04 -0.21
CA GLU B 39 -6.92 18.38 0.10
C GLU B 39 -7.65 19.12 -1.01
N LYS B 40 -8.98 19.21 -0.86
CA LYS B 40 -9.85 20.01 -1.75
C LYS B 40 -10.96 20.71 -0.96
N ASP B 41 -11.07 22.03 -1.01
CA ASP B 41 -12.13 22.78 -0.29
C ASP B 41 -12.23 22.47 1.22
N GLY B 42 -11.15 21.98 1.82
CA GLY B 42 -11.09 21.48 3.20
C GLY B 42 -11.51 20.00 3.41
N TRP B 43 -11.99 19.35 2.36
CA TRP B 43 -12.32 17.93 2.29
C TRP B 43 -11.11 17.10 1.87
N LEU B 44 -10.88 16.01 2.60
CA LEU B 44 -9.84 15.01 2.38
C LEU B 44 -10.49 13.64 2.17
N TYR B 45 -9.88 12.77 1.37
CA TYR B 45 -10.42 11.47 1.03
C TYR B 45 -9.51 10.36 1.55
N GLY B 46 -10.13 9.36 2.16
CA GLY B 46 -9.42 8.30 2.88
C GLY B 46 -10.25 7.05 3.11
N GLU B 47 -9.64 6.08 3.78
CA GLU B 47 -10.24 4.80 4.19
C GLU B 47 -10.06 4.61 5.70
N HIS B 48 -11.15 4.32 6.42
CA HIS B 48 -11.14 4.09 7.86
C HIS B 48 -10.45 2.78 8.25
N ASP B 49 -9.55 2.82 9.22
CA ASP B 49 -8.77 1.66 9.69
C ASP B 49 -9.55 0.61 10.54
N VAL B 50 -10.89 0.76 10.70
CA VAL B 50 -11.74 -0.12 11.55
C VAL B 50 -12.91 -0.78 10.81
N SER B 51 -13.29 -0.23 9.66
CA SER B 51 -14.47 -0.63 8.87
C SER B 51 -14.17 -0.71 7.36
N LYS B 52 -13.05 -0.12 6.91
CA LYS B 52 -12.62 -0.01 5.50
C LYS B 52 -13.60 0.79 4.62
N ALA B 53 -14.47 1.58 5.26
CA ALA B 53 -15.30 2.58 4.60
C ALA B 53 -14.43 3.73 4.05
N ARG B 54 -14.79 4.23 2.87
CA ARG B 54 -14.13 5.34 2.18
C ARG B 54 -15.11 6.47 1.90
N GLY B 55 -14.60 7.70 1.83
CA GLY B 55 -15.40 8.90 1.59
C GLY B 55 -14.63 10.17 1.90
N TRP B 56 -15.18 11.31 1.49
CA TRP B 56 -14.66 12.62 1.84
C TRP B 56 -15.00 12.91 3.32
N PHE B 57 -14.01 13.35 4.07
CA PHE B 57 -14.16 13.80 5.45
C PHE B 57 -13.53 15.19 5.68
N PRO B 58 -14.03 15.95 6.67
CA PRO B 58 -13.47 17.25 7.05
C PRO B 58 -12.10 17.11 7.72
N SER B 59 -11.03 17.64 7.10
CA SER B 59 -9.70 17.67 7.74
C SER B 59 -9.70 18.40 9.08
N SER B 60 -10.52 19.44 9.25
CA SER B 60 -10.60 20.27 10.46
C SER B 60 -11.01 19.49 11.73
N TYR B 61 -11.81 18.43 11.59
CA TYR B 61 -12.13 17.47 12.68
C TYR B 61 -11.03 16.41 12.89
N THR B 62 -9.86 16.55 12.28
CA THR B 62 -8.73 15.61 12.35
C THR B 62 -7.39 16.33 12.53
N LYS B 63 -6.33 15.58 12.85
CA LYS B 63 -4.93 16.05 12.84
C LYS B 63 -4.00 14.96 12.30
N LEU B 64 -2.90 15.37 11.68
CA LEU B 64 -1.83 14.49 11.20
C LEU B 64 -1.22 13.60 12.32
N LEU B 65 -0.50 12.57 11.88
CA LEU B 65 0.13 11.54 12.71
C LEU B 65 1.62 11.35 12.37
N GLU B 66 2.27 12.39 11.84
CA GLU B 66 3.73 12.45 11.66
C GLU B 66 4.48 12.39 13.01
N GLU B 67 5.75 11.95 12.98
CA GLU B 67 6.63 11.79 14.16
C GLU B 67 6.86 13.09 14.97
N LEU C 2 15.03 -16.04 -7.87
CA LEU C 2 14.76 -14.57 -7.72
C LEU C 2 14.70 -13.82 -9.07
N PRO C 3 15.83 -13.58 -9.78
CA PRO C 3 15.86 -12.58 -10.87
C PRO C 3 15.02 -12.97 -12.09
N ASP C 4 14.97 -14.26 -12.43
CA ASP C 4 14.11 -14.77 -13.51
C ASP C 4 12.63 -14.81 -13.09
N VAL C 5 12.33 -15.21 -11.85
CA VAL C 5 10.95 -15.30 -11.33
C VAL C 5 10.22 -13.95 -11.42
N ALA C 6 10.88 -12.83 -11.14
CA ALA C 6 10.25 -11.52 -11.31
C ALA C 6 9.97 -11.15 -12.78
N GLN C 7 10.75 -11.66 -13.76
CA GLN C 7 10.55 -11.31 -15.17
C GLN C 7 9.28 -11.95 -15.77
N ARG C 8 8.76 -12.98 -15.09
CA ARG C 8 7.57 -13.77 -15.43
C ARG C 8 6.39 -13.53 -14.48
N LEU C 9 6.64 -13.02 -13.26
CA LEU C 9 5.58 -12.54 -12.36
C LEU C 9 4.80 -11.39 -13.00
N MET C 10 5.49 -10.39 -13.56
CA MET C 10 4.83 -9.21 -14.13
C MET C 10 3.84 -9.59 -15.24
N GLN C 11 4.18 -10.61 -16.03
CA GLN C 11 3.31 -11.17 -17.07
C GLN C 11 2.03 -11.81 -16.50
N HIS C 12 2.11 -12.51 -15.37
CA HIS C 12 0.95 -13.07 -14.68
C HIS C 12 0.03 -11.97 -14.12
N LEU C 13 0.60 -11.00 -13.41
CA LEU C 13 -0.17 -9.96 -12.73
C LEU C 13 -0.98 -9.08 -13.72
N ALA C 14 -0.46 -8.91 -14.95
CA ALA C 14 -1.10 -8.14 -16.02
C ALA C 14 -2.41 -8.79 -16.53
N GLU C 15 -2.58 -10.09 -16.32
CA GLU C 15 -3.74 -10.88 -16.77
C GLU C 15 -4.96 -10.69 -15.88
N HIS C 16 -4.74 -10.24 -14.64
CA HIS C 16 -5.76 -9.98 -13.61
C HIS C 16 -5.84 -8.49 -13.23
N GLY C 17 -4.99 -7.65 -13.83
CA GLY C 17 -4.81 -6.24 -13.50
C GLY C 17 -4.22 -5.98 -12.10
N ILE C 18 -3.59 -6.97 -11.47
CA ILE C 18 -2.78 -6.78 -10.25
C ILE C 18 -1.55 -5.90 -10.58
N GLN C 19 -1.06 -5.20 -9.56
CA GLN C 19 0.16 -4.40 -9.62
C GLN C 19 0.91 -4.40 -8.28
N PRO C 20 2.26 -4.31 -8.28
CA PRO C 20 3.06 -4.19 -7.07
C PRO C 20 2.79 -2.84 -6.36
N ALA C 21 3.03 -2.79 -5.05
CA ALA C 21 2.78 -1.61 -4.21
C ALA C 21 3.67 -0.39 -4.55
N ARG C 22 4.78 -0.61 -5.27
CA ARG C 22 5.60 0.45 -5.90
C ARG C 22 4.82 1.32 -6.91
N ASN C 23 3.75 0.77 -7.51
CA ASN C 23 2.97 1.35 -8.61
C ASN C 23 1.46 1.21 -8.33
N MET C 24 0.94 2.01 -7.39
CA MET C 24 -0.50 2.07 -7.07
C MET C 24 -1.19 3.26 -7.77
N ALA C 25 -2.50 3.12 -8.04
CA ALA C 25 -3.33 4.13 -8.70
C ALA C 25 -4.82 3.97 -8.35
N GLU C 26 -5.52 5.08 -8.16
CA GLU C 26 -6.94 5.15 -7.77
C GLU C 26 -7.70 6.32 -8.43
N HIS C 27 -9.02 6.15 -8.55
CA HIS C 27 -9.93 7.10 -9.21
C HIS C 27 -10.27 8.33 -8.38
N ILE C 28 -10.72 8.08 -7.15
CA ILE C 28 -11.26 9.05 -6.20
C ILE C 28 -12.59 9.72 -6.66
N PRO C 29 -13.61 9.80 -5.79
CA PRO C 29 -14.89 10.47 -6.06
C PRO C 29 -14.78 12.01 -6.22
N PRO C 30 -15.86 12.73 -6.61
CA PRO C 30 -15.85 14.19 -6.77
C PRO C 30 -15.68 14.96 -5.46
N ALA C 31 -16.75 15.09 -4.67
CA ALA C 31 -16.92 15.88 -3.43
C ALA C 31 -18.39 16.33 -3.20
N PRO C 32 -18.75 16.74 -1.96
CA PRO C 32 -20.06 17.32 -1.63
C PRO C 32 -20.29 18.73 -2.20
N ASN C 33 -21.53 19.23 -2.04
CA ASN C 33 -21.98 20.55 -2.50
C ASN C 33 -21.77 21.70 -1.49
N TRP C 34 -21.12 21.44 -0.35
CA TRP C 34 -20.81 22.42 0.71
C TRP C 34 -19.38 22.24 1.25
N PRO C 35 -18.78 23.26 1.89
CA PRO C 35 -17.45 23.17 2.46
C PRO C 35 -17.37 22.30 3.73
N ALA C 36 -16.18 21.81 4.05
CA ALA C 36 -15.95 21.00 5.23
C ALA C 36 -16.22 21.78 6.54
N PRO C 37 -16.97 21.19 7.49
CA PRO C 37 -17.23 21.79 8.81
C PRO C 37 -15.98 21.86 9.70
N THR C 38 -16.06 22.65 10.78
CA THR C 38 -14.93 22.99 11.68
C THR C 38 -15.22 22.67 13.15
N PRO C 39 -14.17 22.39 13.97
CA PRO C 39 -14.29 22.03 15.39
C PRO C 39 -14.81 23.18 16.27
N PRO C 40 -15.23 22.90 17.52
CA PRO C 40 -15.64 23.90 18.51
C PRO C 40 -14.46 24.74 19.01
N VAL C 41 -14.06 25.73 18.19
CA VAL C 41 -12.97 26.66 18.45
C VAL C 41 -13.40 28.06 17.99
N GLN C 42 -13.10 29.08 18.79
CA GLN C 42 -13.45 30.49 18.53
C GLN C 42 -12.21 31.39 18.60
N ASN C 43 -12.20 32.47 17.83
CA ASN C 43 -11.09 33.44 17.78
C ASN C 43 -10.94 34.24 19.09
N GLU C 44 -12.01 34.37 19.88
CA GLU C 44 -12.01 35.08 21.17
C GLU C 44 -11.61 34.21 22.39
N GLN C 45 -11.64 32.88 22.23
CA GLN C 45 -11.13 31.92 23.24
C GLN C 45 -9.59 31.84 23.24
N SER C 46 -9.03 31.11 24.21
CA SER C 46 -7.59 30.94 24.44
C SER C 46 -7.22 29.45 24.57
N ARG C 47 -7.77 28.62 23.68
CA ARG C 47 -7.62 27.16 23.61
C ARG C 47 -7.38 26.66 22.16
N PRO C 48 -6.67 25.52 21.98
CA PRO C 48 -6.34 24.96 20.66
C PRO C 48 -7.56 24.42 19.88
N GLY A 1 4.16 -36.05 7.13
CA GLY A 1 3.49 -34.90 6.51
C GLY A 1 3.19 -35.16 5.04
N SER A 2 1.90 -35.08 4.67
CA SER A 2 1.42 -35.24 3.28
C SER A 2 0.24 -34.29 3.01
N ASN A 3 0.38 -33.43 1.99
CA ASN A 3 -0.60 -32.37 1.66
C ASN A 3 -0.57 -31.98 0.17
N PHE A 4 0.63 -31.82 -0.42
CA PHE A 4 0.86 -31.56 -1.84
C PHE A 4 2.20 -32.15 -2.34
N GLN A 5 2.45 -32.04 -3.65
CA GLN A 5 3.62 -32.60 -4.35
C GLN A 5 4.43 -31.52 -5.08
N HIS A 6 3.84 -30.88 -6.09
CA HIS A 6 4.45 -29.77 -6.86
C HIS A 6 4.63 -28.46 -6.06
N ILE A 7 3.95 -28.36 -4.91
CA ILE A 7 3.91 -27.22 -3.98
C ILE A 7 3.87 -27.76 -2.53
N GLY A 8 3.68 -26.87 -1.56
CA GLY A 8 3.49 -27.21 -0.15
C GLY A 8 4.46 -26.48 0.77
N HIS A 9 5.58 -26.01 0.21
CA HIS A 9 6.57 -25.13 0.85
C HIS A 9 5.98 -23.76 1.26
N VAL A 10 5.13 -23.18 0.41
CA VAL A 10 4.46 -21.89 0.65
C VAL A 10 3.48 -21.99 1.82
N GLY A 11 3.16 -20.84 2.40
CA GLY A 11 2.26 -20.69 3.56
C GLY A 11 1.20 -19.62 3.35
N TRP A 12 0.40 -19.71 2.29
CA TRP A 12 -0.67 -18.75 1.99
C TRP A 12 -2.06 -19.30 2.33
N ASP A 13 -3.00 -18.41 2.69
CA ASP A 13 -4.40 -18.74 2.97
C ASP A 13 -5.42 -17.73 2.40
N PRO A 14 -6.58 -18.19 1.89
CA PRO A 14 -7.66 -17.36 1.29
C PRO A 14 -8.47 -16.52 2.29
N ASN A 15 -8.07 -16.48 3.56
CA ASN A 15 -8.72 -15.72 4.63
C ASN A 15 -7.79 -14.68 5.31
N THR A 16 -6.47 -14.90 5.27
CA THR A 16 -5.48 -14.08 6.00
C THR A 16 -4.29 -13.68 5.14
N GLY A 17 -3.91 -14.48 4.16
CA GLY A 17 -2.84 -14.18 3.20
C GLY A 17 -1.56 -14.97 3.41
N PHE A 18 -0.42 -14.45 2.92
CA PHE A 18 0.90 -15.09 3.05
C PHE A 18 1.40 -15.06 4.50
N ASP A 19 2.06 -16.14 4.92
CA ASP A 19 2.59 -16.30 6.29
C ASP A 19 3.95 -15.62 6.47
N LEU A 20 3.93 -14.30 6.44
CA LEU A 20 5.07 -13.38 6.60
C LEU A 20 6.00 -13.76 7.76
N ASN A 21 5.41 -14.26 8.85
CA ASN A 21 6.10 -14.74 10.06
C ASN A 21 7.09 -15.89 9.78
N ASN A 22 6.83 -16.75 8.78
CA ASN A 22 7.69 -17.89 8.42
C ASN A 22 7.83 -18.10 6.90
N LEU A 23 7.71 -17.04 6.09
CA LEU A 23 7.81 -17.10 4.63
C LEU A 23 9.14 -17.71 4.15
N ASP A 24 9.09 -18.36 2.98
CA ASP A 24 10.24 -19.04 2.35
C ASP A 24 11.40 -18.08 2.04
N PRO A 25 12.64 -18.58 1.91
CA PRO A 25 13.84 -17.78 1.67
C PRO A 25 13.86 -17.05 0.32
N GLU A 26 12.93 -17.41 -0.59
CA GLU A 26 12.82 -16.86 -1.94
C GLU A 26 11.43 -16.23 -2.22
N LEU A 27 10.45 -16.41 -1.32
CA LEU A 27 9.08 -15.88 -1.45
C LEU A 27 9.03 -14.39 -1.19
N LYS A 28 9.27 -13.99 0.06
CA LYS A 28 9.36 -12.57 0.47
C LYS A 28 10.43 -11.80 -0.32
N ASN A 29 11.49 -12.52 -0.70
CA ASN A 29 12.63 -11.98 -1.41
C ASN A 29 12.19 -11.49 -2.81
N LEU A 30 11.41 -12.34 -3.50
CA LEU A 30 10.76 -12.02 -4.78
C LEU A 30 9.71 -10.92 -4.63
N PHE A 31 8.88 -10.98 -3.58
CA PHE A 31 7.81 -10.00 -3.44
C PHE A 31 8.40 -8.57 -3.33
N ASP A 32 9.46 -8.41 -2.54
CA ASP A 32 10.20 -7.15 -2.38
C ASP A 32 11.00 -6.74 -3.65
N MET A 33 11.37 -7.71 -4.49
CA MET A 33 12.09 -7.49 -5.75
C MET A 33 11.18 -6.84 -6.79
N CYS A 34 10.01 -7.45 -7.04
CA CYS A 34 9.06 -6.97 -8.04
C CYS A 34 8.35 -5.67 -7.59
N GLY A 35 8.18 -5.48 -6.28
CA GLY A 35 7.61 -4.27 -5.68
C GLY A 35 6.32 -4.47 -4.88
N ILE A 36 5.91 -5.72 -4.69
CA ILE A 36 4.72 -6.13 -3.93
C ILE A 36 4.91 -5.81 -2.43
N SER A 37 3.85 -5.31 -1.78
CA SER A 37 3.87 -4.96 -0.34
C SER A 37 3.16 -5.99 0.54
N GLU A 38 3.41 -5.95 1.85
CA GLU A 38 2.69 -6.78 2.84
C GLU A 38 1.17 -6.60 2.80
N ALA A 39 0.68 -5.41 2.42
CA ALA A 39 -0.74 -5.16 2.23
C ALA A 39 -1.35 -6.07 1.15
N GLN A 40 -0.66 -6.24 0.00
CA GLN A 40 -1.12 -7.10 -1.08
C GLN A 40 -1.06 -8.58 -0.68
N LEU A 41 -0.02 -8.99 0.07
CA LEU A 41 0.16 -10.34 0.63
C LEU A 41 -0.92 -10.72 1.64
N LYS A 42 -1.56 -9.75 2.30
CA LYS A 42 -2.67 -9.95 3.24
C LYS A 42 -4.05 -9.74 2.61
N ASP A 43 -4.10 -9.38 1.33
CA ASP A 43 -5.34 -9.13 0.58
C ASP A 43 -5.83 -10.46 -0.02
N ARG A 44 -6.98 -10.97 0.42
CA ARG A 44 -7.54 -12.23 -0.08
C ARG A 44 -7.83 -12.23 -1.59
N GLU A 45 -7.87 -11.04 -2.20
CA GLU A 45 -8.14 -10.85 -3.63
C GLU A 45 -6.84 -10.66 -4.44
N THR A 46 -5.77 -10.11 -3.84
CA THR A 46 -4.48 -9.88 -4.51
C THR A 46 -3.48 -11.01 -4.24
N SER A 47 -3.28 -11.36 -2.97
CA SER A 47 -2.42 -12.49 -2.54
C SER A 47 -2.82 -13.82 -3.19
N LYS A 48 -4.12 -14.04 -3.42
CA LYS A 48 -4.65 -15.17 -4.22
C LYS A 48 -4.00 -15.27 -5.61
N VAL A 49 -3.98 -14.16 -6.36
CA VAL A 49 -3.38 -14.11 -7.71
C VAL A 49 -1.87 -14.30 -7.63
N ILE A 50 -1.21 -13.66 -6.67
CA ILE A 50 0.24 -13.77 -6.47
C ILE A 50 0.61 -15.25 -6.14
N TYR A 51 -0.18 -15.94 -5.31
CA TYR A 51 0.00 -17.36 -5.01
C TYR A 51 -0.24 -18.27 -6.24
N ASP A 52 -1.29 -18.01 -7.02
CA ASP A 52 -1.59 -18.76 -8.24
C ASP A 52 -0.40 -18.80 -9.22
N PHE A 53 0.41 -17.73 -9.25
CA PHE A 53 1.66 -17.68 -10.01
C PHE A 53 2.71 -18.65 -9.48
N ILE A 54 2.94 -18.69 -8.16
CA ILE A 54 3.93 -19.61 -7.58
C ILE A 54 3.52 -21.08 -7.82
N GLU A 55 2.23 -21.39 -7.74
CA GLU A 55 1.68 -22.73 -8.00
C GLU A 55 1.83 -23.19 -9.47
N LYS A 56 2.17 -22.28 -10.39
CA LYS A 56 2.22 -22.54 -11.84
C LYS A 56 3.54 -22.14 -12.52
N THR A 57 4.40 -21.41 -11.81
CA THR A 57 5.61 -20.75 -12.36
C THR A 57 6.73 -20.58 -11.33
N GLY A 58 6.38 -20.50 -10.05
CA GLY A 58 7.33 -20.63 -8.94
C GLY A 58 7.68 -22.10 -8.71
N GLY A 59 7.29 -22.67 -7.57
CA GLY A 59 7.72 -23.98 -7.05
C GLY A 59 9.20 -24.02 -6.60
N VAL A 60 9.46 -24.40 -5.35
CA VAL A 60 10.83 -24.45 -4.79
C VAL A 60 11.79 -25.37 -5.57
N GLU A 61 11.29 -26.49 -6.12
CA GLU A 61 12.07 -27.42 -6.95
C GLU A 61 12.20 -26.96 -8.41
N ALA A 62 11.19 -26.24 -8.91
CA ALA A 62 11.12 -25.71 -10.27
C ALA A 62 12.13 -24.57 -10.50
N VAL A 63 12.21 -23.62 -9.56
CA VAL A 63 13.14 -22.47 -9.61
C VAL A 63 14.60 -22.92 -9.47
N LYS A 64 14.84 -24.04 -8.76
CA LYS A 64 16.15 -24.72 -8.63
C LYS A 64 16.67 -25.38 -9.93
N ASN A 65 15.85 -25.46 -10.97
CA ASN A 65 16.13 -26.00 -12.32
C ASN A 65 16.92 -27.33 -12.32
N GLY B 1 8.36 2.84 -0.93
CA GLY B 1 8.75 1.94 0.18
C GLY B 1 8.06 0.59 0.10
N SER B 2 8.68 -0.45 0.67
CA SER B 2 8.17 -1.84 0.67
C SER B 2 7.00 -2.09 1.65
N HIS B 3 6.80 -1.17 2.62
CA HIS B 3 5.69 -1.19 3.58
C HIS B 3 4.77 0.02 3.32
N MET B 4 4.12 0.58 4.35
CA MET B 4 3.30 1.80 4.20
C MET B 4 4.17 3.03 3.85
N LYS B 5 3.54 4.09 3.33
CA LYS B 5 4.24 5.33 2.90
C LYS B 5 5.01 6.00 4.06
N LYS B 6 6.05 6.78 3.73
CA LYS B 6 6.78 7.64 4.69
C LYS B 6 5.84 8.68 5.34
N GLN B 7 6.26 9.19 6.50
CA GLN B 7 5.51 10.06 7.42
C GLN B 7 4.42 9.27 8.18
N LYS B 8 4.67 9.00 9.46
CA LYS B 8 3.73 8.33 10.38
C LYS B 8 3.62 9.06 11.71
N VAL B 9 2.58 8.75 12.50
CA VAL B 9 2.35 9.29 13.85
C VAL B 9 1.86 8.21 14.80
N LYS B 10 2.19 8.35 16.08
CA LYS B 10 1.59 7.58 17.17
C LYS B 10 0.46 8.40 17.78
N THR B 11 -0.72 7.80 17.85
CA THR B 11 -1.85 8.33 18.60
C THR B 11 -1.57 8.18 20.10
N ILE B 12 -1.87 9.20 20.90
CA ILE B 12 -1.66 9.22 22.36
C ILE B 12 -2.98 9.18 23.14
N PHE B 13 -4.11 9.17 22.42
CA PHE B 13 -5.48 9.15 22.96
C PHE B 13 -6.45 8.49 21.95
N PRO B 14 -7.59 7.96 22.41
CA PRO B 14 -8.62 7.38 21.54
C PRO B 14 -9.39 8.43 20.73
N HIS B 15 -10.05 7.98 19.66
CA HIS B 15 -11.00 8.76 18.85
C HIS B 15 -12.16 7.87 18.36
N THR B 16 -13.35 8.47 18.20
CA THR B 16 -14.60 7.80 17.82
C THR B 16 -15.32 8.60 16.71
N ALA B 17 -15.50 7.98 15.55
CA ALA B 17 -16.10 8.59 14.36
C ALA B 17 -17.52 9.14 14.57
N GLY B 18 -18.38 8.43 15.31
CA GLY B 18 -19.76 8.88 15.60
C GLY B 18 -20.67 8.91 14.36
N SER B 19 -20.82 7.76 13.69
CA SER B 19 -21.72 7.55 12.52
C SER B 19 -21.28 8.28 11.25
N ASN B 20 -19.98 8.20 10.92
CA ASN B 20 -19.37 8.76 9.70
C ASN B 20 -18.69 7.66 8.84
N LYS B 21 -18.38 7.99 7.59
CA LYS B 21 -17.77 7.09 6.57
C LYS B 21 -16.45 7.61 5.98
N THR B 22 -15.92 8.68 6.58
CA THR B 22 -14.68 9.39 6.20
C THR B 22 -13.76 9.63 7.39
N LEU B 23 -14.02 9.01 8.55
CA LEU B 23 -13.24 9.16 9.78
C LEU B 23 -12.53 7.85 10.19
N LEU B 24 -11.50 7.99 11.02
CA LEU B 24 -10.65 6.89 11.50
C LEU B 24 -10.69 6.82 13.04
N SER B 25 -11.04 5.66 13.59
CA SER B 25 -11.14 5.42 15.04
C SER B 25 -10.01 4.51 15.53
N PHE B 26 -9.56 4.73 16.77
CA PHE B 26 -8.40 4.07 17.39
C PHE B 26 -8.38 4.25 18.93
N ALA B 27 -7.34 3.70 19.58
CA ALA B 27 -7.04 3.83 21.00
C ALA B 27 -5.63 4.41 21.25
N GLN B 28 -5.32 4.86 22.46
CA GLN B 28 -3.96 5.32 22.81
C GLN B 28 -2.91 4.23 22.50
N GLY B 29 -1.79 4.67 21.92
CA GLY B 29 -0.65 3.81 21.59
C GLY B 29 -0.69 3.25 20.16
N ASP B 30 -1.77 3.50 19.42
CA ASP B 30 -1.94 3.04 18.04
C ASP B 30 -1.16 3.90 17.03
N VAL B 31 -0.85 3.34 15.86
CA VAL B 31 0.04 3.92 14.84
C VAL B 31 -0.71 4.14 13.52
N ILE B 32 -0.56 5.33 12.94
CA ILE B 32 -1.25 5.77 11.72
C ILE B 32 -0.22 6.31 10.71
N THR B 33 -0.44 6.03 9.43
CA THR B 33 0.43 6.41 8.31
C THR B 33 -0.21 7.55 7.52
N LEU B 34 0.41 8.73 7.42
CA LEU B 34 -0.16 9.86 6.67
C LEU B 34 -0.23 9.54 5.16
N LEU B 35 -1.28 10.04 4.52
CA LEU B 35 -1.54 9.90 3.08
C LEU B 35 -1.62 11.28 2.37
N ILE B 36 -1.50 12.39 3.11
CA ILE B 36 -1.66 13.77 2.62
C ILE B 36 -0.42 14.62 3.00
N PRO B 37 -0.09 15.70 2.26
CA PRO B 37 1.11 16.52 2.49
C PRO B 37 1.02 17.46 3.70
N GLU B 38 -0.18 17.89 4.11
CA GLU B 38 -0.42 18.86 5.18
C GLU B 38 -1.80 18.69 5.84
N GLU B 39 -2.00 19.24 7.04
CA GLU B 39 -3.27 19.21 7.76
C GLU B 39 -4.34 20.15 7.20
N LYS B 40 -5.58 19.93 7.65
CA LYS B 40 -6.74 20.79 7.30
C LYS B 40 -7.69 20.92 8.49
N ASP B 41 -7.98 22.13 8.97
CA ASP B 41 -8.91 22.33 10.10
C ASP B 41 -8.57 21.50 11.37
N GLY B 42 -7.29 21.12 11.51
CA GLY B 42 -6.77 20.22 12.55
C GLY B 42 -6.94 18.71 12.28
N TRP B 43 -7.62 18.36 11.18
CA TRP B 43 -7.80 17.00 10.66
C TRP B 43 -6.65 16.61 9.72
N LEU B 44 -6.14 15.40 9.93
CA LEU B 44 -5.12 14.74 9.12
C LEU B 44 -5.68 13.42 8.59
N TYR B 45 -5.21 12.96 7.43
CA TYR B 45 -5.74 11.75 6.78
C TYR B 45 -4.63 10.71 6.63
N GLY B 46 -4.97 9.47 6.95
CA GLY B 46 -4.01 8.38 6.99
C GLY B 46 -4.62 6.99 7.10
N GLU B 47 -3.76 5.99 7.24
CA GLU B 47 -4.08 4.56 7.23
C GLU B 47 -3.46 3.86 8.44
N HIS B 48 -4.29 3.22 9.27
CA HIS B 48 -3.88 2.54 10.50
C HIS B 48 -3.02 1.31 10.24
N ASP B 49 -1.87 1.20 10.92
CA ASP B 49 -0.89 0.11 10.72
C ASP B 49 -1.26 -1.26 11.35
N VAL B 50 -2.48 -1.44 11.86
CA VAL B 50 -2.97 -2.69 12.51
C VAL B 50 -4.26 -3.25 11.88
N SER B 51 -4.99 -2.42 11.16
CA SER B 51 -6.34 -2.68 10.61
C SER B 51 -6.48 -2.24 9.14
N LYS B 52 -5.58 -1.36 8.66
CA LYS B 52 -5.53 -0.80 7.29
C LYS B 52 -6.77 0.05 6.96
N ALA B 53 -7.52 0.45 7.99
CA ALA B 53 -8.59 1.44 7.93
C ALA B 53 -8.03 2.83 7.62
N ARG B 54 -8.72 3.59 6.76
CA ARG B 54 -8.40 4.97 6.39
C ARG B 54 -9.52 5.93 6.76
N GLY B 55 -9.17 7.17 7.09
CA GLY B 55 -10.10 8.22 7.52
C GLY B 55 -9.38 9.45 8.06
N TRP B 56 -10.11 10.56 8.19
CA TRP B 56 -9.60 11.74 8.87
C TRP B 56 -9.54 11.46 10.37
N PHE B 57 -8.43 11.84 11.00
CA PHE B 57 -8.21 11.76 12.43
C PHE B 57 -7.69 13.10 13.02
N PRO B 58 -7.95 13.37 14.30
CA PRO B 58 -7.45 14.56 15.00
C PRO B 58 -5.95 14.50 15.28
N SER B 59 -5.16 15.42 14.70
CA SER B 59 -3.72 15.55 15.03
C SER B 59 -3.47 15.91 16.49
N SER B 60 -4.41 16.58 17.16
CA SER B 60 -4.27 16.93 18.58
C SER B 60 -4.18 15.71 19.52
N TYR B 61 -4.78 14.58 19.13
CA TYR B 61 -4.64 13.27 19.80
C TYR B 61 -3.42 12.46 19.34
N THR B 62 -2.51 13.01 18.52
CA THR B 62 -1.29 12.33 18.03
C THR B 62 -0.06 13.22 18.19
N LYS B 63 1.15 12.68 17.92
CA LYS B 63 2.41 13.46 17.91
C LYS B 63 3.28 13.16 16.69
N LEU B 64 4.11 12.11 16.76
CA LEU B 64 5.09 11.70 15.76
C LEU B 64 5.62 10.28 16.03
N LEU B 65 6.45 9.77 15.11
CA LEU B 65 7.17 8.48 15.23
C LEU B 65 8.66 8.59 14.85
N GLU B 66 9.22 9.81 14.94
CA GLU B 66 10.67 10.05 14.92
C GLU B 66 11.39 9.36 16.09
N GLU B 67 12.73 9.21 15.97
CA GLU B 67 13.63 8.51 16.91
C GLU B 67 13.17 7.07 17.28
N LEU C 2 15.50 -16.23 -7.98
CA LEU C 2 15.06 -14.84 -7.61
C LEU C 2 14.89 -13.92 -8.84
N PRO C 3 15.94 -13.47 -9.55
CA PRO C 3 15.82 -12.37 -10.52
C PRO C 3 14.99 -12.75 -11.77
N ASP C 4 15.07 -14.01 -12.21
CA ASP C 4 14.27 -14.51 -13.33
C ASP C 4 12.79 -14.71 -12.97
N VAL C 5 12.47 -14.99 -11.70
CA VAL C 5 11.08 -15.20 -11.22
C VAL C 5 10.25 -13.91 -11.30
N ALA C 6 10.85 -12.78 -10.98
CA ALA C 6 10.17 -11.48 -11.10
C ALA C 6 9.84 -11.11 -12.56
N GLN C 7 10.66 -11.51 -13.54
CA GLN C 7 10.46 -11.15 -14.95
C GLN C 7 9.24 -11.86 -15.58
N ARG C 8 8.84 -13.00 -14.99
CA ARG C 8 7.66 -13.81 -15.33
C ARG C 8 6.45 -13.51 -14.42
N LEU C 9 6.67 -13.01 -13.21
CA LEU C 9 5.59 -12.56 -12.32
C LEU C 9 4.84 -11.35 -12.89
N MET C 10 5.56 -10.32 -13.36
CA MET C 10 4.90 -9.11 -13.87
C MET C 10 3.94 -9.42 -15.02
N GLN C 11 4.28 -10.41 -15.85
CA GLN C 11 3.43 -10.91 -16.94
C GLN C 11 2.12 -11.52 -16.43
N HIS C 12 2.15 -12.27 -15.31
CA HIS C 12 0.95 -12.82 -14.66
C HIS C 12 0.07 -11.73 -14.04
N LEU C 13 0.67 -10.83 -13.26
CA LEU C 13 -0.07 -9.81 -12.50
C LEU C 13 -0.77 -8.78 -13.40
N ALA C 14 -0.28 -8.60 -14.64
CA ALA C 14 -0.88 -7.71 -15.64
C ALA C 14 -2.18 -8.27 -16.24
N GLU C 15 -2.38 -9.59 -16.17
CA GLU C 15 -3.53 -10.32 -16.74
C GLU C 15 -4.79 -10.17 -15.88
N HIS C 16 -4.61 -9.83 -14.60
CA HIS C 16 -5.67 -9.63 -13.60
C HIS C 16 -5.70 -8.17 -13.08
N GLY C 17 -4.83 -7.31 -13.62
CA GLY C 17 -4.66 -5.90 -13.21
C GLY C 17 -4.18 -5.70 -11.77
N ILE C 18 -3.48 -6.69 -11.19
CA ILE C 18 -2.95 -6.64 -9.82
C ILE C 18 -1.92 -5.54 -9.61
N GLN C 19 -0.82 -5.76 -10.32
CA GLN C 19 0.46 -5.03 -10.30
C GLN C 19 1.13 -4.93 -8.89
N PRO C 20 2.45 -4.71 -8.80
CA PRO C 20 3.13 -4.46 -7.53
C PRO C 20 2.69 -3.13 -6.89
N ALA C 21 2.89 -2.99 -5.58
CA ALA C 21 2.48 -1.80 -4.82
C ALA C 21 3.28 -0.53 -5.20
N ARG C 22 4.48 -0.72 -5.77
CA ARG C 22 5.28 0.29 -6.49
C ARG C 22 4.57 0.95 -7.69
N ASN C 23 3.43 0.41 -8.14
CA ASN C 23 2.64 0.89 -9.27
C ASN C 23 1.14 1.06 -8.89
N MET C 24 0.88 1.44 -7.62
CA MET C 24 -0.46 1.76 -7.09
C MET C 24 -0.49 3.10 -6.33
N ALA C 25 -1.69 3.68 -6.21
CA ALA C 25 -1.96 4.93 -5.50
C ALA C 25 -3.46 5.04 -5.10
N GLU C 26 -3.82 6.15 -4.44
CA GLU C 26 -5.18 6.46 -4.00
C GLU C 26 -5.48 7.98 -3.99
N HIS C 27 -6.78 8.31 -3.96
CA HIS C 27 -7.33 9.64 -3.69
C HIS C 27 -7.51 9.90 -2.18
N ILE C 28 -7.93 11.12 -1.83
CA ILE C 28 -8.20 11.57 -0.46
C ILE C 28 -9.64 12.15 -0.37
N PRO C 29 -10.42 11.81 0.68
CA PRO C 29 -11.78 12.30 0.94
C PRO C 29 -11.86 13.81 1.29
N PRO C 30 -13.07 14.39 1.43
CA PRO C 30 -13.26 15.80 1.83
C PRO C 30 -12.84 16.07 3.28
N ALA C 31 -13.72 15.82 4.25
CA ALA C 31 -13.60 16.10 5.69
C ALA C 31 -14.97 16.15 6.41
N PRO C 32 -15.00 16.06 7.76
CA PRO C 32 -16.22 16.21 8.56
C PRO C 32 -16.73 17.67 8.61
N ASN C 33 -17.92 17.85 9.21
CA ASN C 33 -18.61 19.15 9.35
C ASN C 33 -18.27 19.89 10.67
N TRP C 34 -17.31 19.41 11.46
CA TRP C 34 -16.82 20.02 12.71
C TRP C 34 -15.28 19.93 12.82
N PRO C 35 -14.64 20.79 13.64
CA PRO C 35 -13.20 20.76 13.83
C PRO C 35 -12.70 19.57 14.66
N ALA C 36 -11.42 19.24 14.51
CA ALA C 36 -10.79 18.14 15.24
C ALA C 36 -10.80 18.37 16.76
N PRO C 37 -11.19 17.36 17.56
CA PRO C 37 -11.20 17.43 19.03
C PRO C 37 -9.78 17.47 19.63
N THR C 38 -9.67 17.87 20.90
CA THR C 38 -8.41 18.15 21.62
C THR C 38 -8.23 17.30 22.89
N PRO C 39 -6.97 17.01 23.31
CA PRO C 39 -6.65 16.20 24.47
C PRO C 39 -7.03 16.85 25.82
N PRO C 40 -7.04 16.09 26.93
CA PRO C 40 -7.29 16.58 28.29
C PRO C 40 -6.14 17.45 28.83
N VAL C 41 -5.99 18.65 28.27
CA VAL C 41 -4.96 19.63 28.63
C VAL C 41 -5.60 21.02 28.78
N GLN C 42 -5.97 21.36 30.02
CA GLN C 42 -6.53 22.65 30.43
C GLN C 42 -6.01 23.06 31.82
N ASN C 43 -6.30 24.28 32.26
CA ASN C 43 -6.02 24.77 33.62
C ASN C 43 -6.66 23.87 34.70
N GLU C 44 -6.03 23.80 35.89
CA GLU C 44 -6.53 23.01 37.03
C GLU C 44 -7.65 23.76 37.77
N GLN C 45 -8.81 23.11 37.96
CA GLN C 45 -9.96 23.69 38.68
C GLN C 45 -10.20 23.07 40.06
N SER C 46 -10.09 21.73 40.16
CA SER C 46 -10.42 20.96 41.38
C SER C 46 -9.56 19.70 41.56
N ARG C 47 -9.18 19.03 40.46
CA ARG C 47 -8.26 17.87 40.41
C ARG C 47 -7.01 18.21 39.58
N PRO C 48 -5.85 17.56 39.84
CA PRO C 48 -4.61 17.74 39.07
C PRO C 48 -4.71 17.18 37.63
N GLY A 1 -1.93 -33.27 8.06
CA GLY A 1 -3.31 -32.78 7.87
C GLY A 1 -3.52 -32.16 6.49
N SER A 2 -4.46 -31.22 6.39
CA SER A 2 -4.93 -30.56 5.15
C SER A 2 -3.93 -29.52 4.59
N ASN A 3 -2.76 -29.98 4.13
CA ASN A 3 -1.65 -29.16 3.58
C ASN A 3 -1.10 -29.75 2.27
N PHE A 4 -0.13 -29.06 1.67
CA PHE A 4 0.52 -29.41 0.39
C PHE A 4 2.05 -29.52 0.51
N GLN A 5 2.71 -29.90 -0.60
CA GLN A 5 4.15 -30.11 -0.72
C GLN A 5 4.83 -29.05 -1.60
N HIS A 6 4.69 -29.17 -2.93
CA HIS A 6 5.25 -28.23 -3.92
C HIS A 6 4.76 -26.78 -3.80
N ILE A 7 3.65 -26.56 -3.07
CA ILE A 7 2.93 -25.27 -2.96
C ILE A 7 2.48 -24.93 -1.53
N GLY A 8 2.62 -25.89 -0.61
CA GLY A 8 2.26 -25.73 0.80
C GLY A 8 3.39 -25.11 1.64
N HIS A 9 4.64 -25.20 1.15
CA HIS A 9 5.82 -24.54 1.72
C HIS A 9 5.63 -23.01 1.89
N VAL A 10 4.82 -22.41 1.01
CA VAL A 10 4.52 -20.98 0.92
C VAL A 10 3.67 -20.43 2.09
N GLY A 11 2.94 -21.31 2.79
CA GLY A 11 2.04 -20.98 3.91
C GLY A 11 0.93 -19.96 3.60
N TRP A 12 0.48 -19.86 2.35
CA TRP A 12 -0.60 -18.94 1.97
C TRP A 12 -1.97 -19.53 2.29
N ASP A 13 -2.93 -18.67 2.66
CA ASP A 13 -4.34 -19.04 2.86
C ASP A 13 -5.35 -18.03 2.25
N PRO A 14 -6.49 -18.49 1.71
CA PRO A 14 -7.55 -17.66 1.11
C PRO A 14 -8.39 -16.84 2.11
N ASN A 15 -8.03 -16.85 3.39
CA ASN A 15 -8.69 -16.10 4.47
C ASN A 15 -7.79 -15.05 5.14
N THR A 16 -6.47 -15.22 5.08
CA THR A 16 -5.50 -14.38 5.79
C THR A 16 -4.34 -13.93 4.90
N GLY A 17 -3.92 -14.74 3.94
CA GLY A 17 -2.86 -14.43 2.97
C GLY A 17 -1.57 -15.22 3.21
N PHE A 18 -0.43 -14.71 2.71
CA PHE A 18 0.89 -15.33 2.87
C PHE A 18 1.31 -15.39 4.35
N ASP A 19 2.12 -16.39 4.72
CA ASP A 19 2.65 -16.54 6.09
C ASP A 19 3.98 -15.77 6.27
N LEU A 20 3.96 -14.43 6.30
CA LEU A 20 5.15 -13.56 6.42
C LEU A 20 6.15 -14.01 7.51
N ASN A 21 5.63 -14.40 8.67
CA ASN A 21 6.39 -14.86 9.84
C ASN A 21 7.25 -16.12 9.59
N ASN A 22 6.93 -16.91 8.55
CA ASN A 22 7.56 -18.19 8.21
C ASN A 22 7.74 -18.38 6.69
N LEU A 23 7.75 -17.29 5.92
CA LEU A 23 7.89 -17.32 4.45
C LEU A 23 9.23 -17.93 4.02
N ASP A 24 9.25 -18.50 2.82
CA ASP A 24 10.42 -19.15 2.22
C ASP A 24 11.58 -18.15 1.95
N PRO A 25 12.83 -18.65 1.83
CA PRO A 25 14.02 -17.82 1.63
C PRO A 25 14.05 -17.05 0.30
N GLU A 26 13.17 -17.42 -0.64
CA GLU A 26 13.09 -16.85 -1.98
C GLU A 26 11.74 -16.15 -2.26
N LEU A 27 10.73 -16.39 -1.42
CA LEU A 27 9.35 -15.94 -1.64
C LEU A 27 9.18 -14.45 -1.35
N LYS A 28 9.38 -14.07 -0.07
CA LYS A 28 9.41 -12.66 0.33
C LYS A 28 10.45 -11.87 -0.47
N ASN A 29 11.54 -12.54 -0.84
CA ASN A 29 12.65 -11.98 -1.59
C ASN A 29 12.19 -11.52 -2.98
N LEU A 30 11.43 -12.37 -3.67
CA LEU A 30 10.75 -12.07 -4.95
C LEU A 30 9.70 -10.99 -4.80
N PHE A 31 8.84 -11.08 -3.77
CA PHE A 31 7.76 -10.11 -3.62
C PHE A 31 8.33 -8.68 -3.50
N ASP A 32 9.37 -8.54 -2.68
CA ASP A 32 10.11 -7.31 -2.40
C ASP A 32 10.96 -6.83 -3.60
N MET A 33 11.30 -7.73 -4.54
CA MET A 33 12.04 -7.44 -5.77
C MET A 33 11.14 -6.75 -6.82
N CYS A 34 10.00 -7.36 -7.13
CA CYS A 34 9.05 -6.83 -8.12
C CYS A 34 8.36 -5.55 -7.62
N GLY A 35 8.12 -5.46 -6.30
CA GLY A 35 7.53 -4.29 -5.64
C GLY A 35 6.19 -4.58 -4.94
N ILE A 36 5.86 -5.85 -4.73
CA ILE A 36 4.67 -6.26 -3.98
C ILE A 36 4.89 -5.96 -2.47
N SER A 37 3.91 -5.34 -1.83
CA SER A 37 3.96 -4.99 -0.40
C SER A 37 3.24 -6.03 0.47
N GLU A 38 3.56 -6.09 1.77
CA GLU A 38 2.93 -7.02 2.72
C GLU A 38 1.40 -6.84 2.82
N ALA A 39 0.89 -5.66 2.49
CA ALA A 39 -0.56 -5.43 2.37
C ALA A 39 -1.21 -6.31 1.30
N GLN A 40 -0.57 -6.44 0.12
CA GLN A 40 -1.07 -7.26 -0.98
C GLN A 40 -1.00 -8.75 -0.62
N LEU A 41 0.04 -9.17 0.12
CA LEU A 41 0.23 -10.52 0.65
C LEU A 41 -0.84 -10.93 1.66
N LYS A 42 -1.49 -9.97 2.33
CA LYS A 42 -2.61 -10.23 3.26
C LYS A 42 -3.99 -9.96 2.63
N ASP A 43 -4.03 -9.60 1.35
CA ASP A 43 -5.26 -9.35 0.60
C ASP A 43 -5.75 -10.66 -0.02
N ARG A 44 -6.89 -11.18 0.40
CA ARG A 44 -7.44 -12.45 -0.13
C ARG A 44 -7.75 -12.41 -1.63
N GLU A 45 -7.81 -11.21 -2.21
CA GLU A 45 -8.07 -10.98 -3.63
C GLU A 45 -6.78 -10.78 -4.44
N THR A 46 -5.72 -10.22 -3.83
CA THR A 46 -4.43 -9.97 -4.50
C THR A 46 -3.43 -11.12 -4.25
N SER A 47 -3.23 -11.50 -2.99
CA SER A 47 -2.36 -12.61 -2.58
C SER A 47 -2.73 -13.93 -3.27
N LYS A 48 -4.03 -14.18 -3.50
CA LYS A 48 -4.54 -15.30 -4.30
C LYS A 48 -3.92 -15.38 -5.69
N VAL A 49 -3.91 -14.27 -6.43
CA VAL A 49 -3.34 -14.20 -7.78
C VAL A 49 -1.82 -14.39 -7.75
N ILE A 50 -1.15 -13.72 -6.80
CA ILE A 50 0.30 -13.85 -6.64
C ILE A 50 0.68 -15.31 -6.33
N TYR A 51 -0.09 -16.01 -5.48
CA TYR A 51 0.09 -17.43 -5.18
C TYR A 51 -0.17 -18.33 -6.40
N ASP A 52 -1.21 -18.05 -7.19
CA ASP A 52 -1.52 -18.79 -8.42
C ASP A 52 -0.35 -18.81 -9.41
N PHE A 53 0.48 -17.76 -9.43
CA PHE A 53 1.73 -17.72 -10.19
C PHE A 53 2.76 -18.69 -9.64
N ILE A 54 2.98 -18.74 -8.32
CA ILE A 54 3.95 -19.65 -7.70
C ILE A 54 3.55 -21.12 -7.90
N GLU A 55 2.26 -21.44 -7.81
CA GLU A 55 1.75 -22.81 -8.03
C GLU A 55 1.90 -23.32 -9.48
N LYS A 56 2.19 -22.42 -10.42
CA LYS A 56 2.30 -22.73 -11.86
C LYS A 56 3.67 -22.38 -12.48
N THR A 57 4.48 -21.59 -11.78
CA THR A 57 5.71 -20.94 -12.32
C THR A 57 6.82 -20.81 -11.28
N GLY A 58 6.46 -20.73 -10.00
CA GLY A 58 7.40 -20.78 -8.89
C GLY A 58 7.74 -22.22 -8.59
N GLY A 59 7.26 -22.78 -7.47
CA GLY A 59 7.65 -24.08 -6.90
C GLY A 59 9.12 -24.12 -6.43
N VAL A 60 9.34 -24.48 -5.16
CA VAL A 60 10.68 -24.52 -4.55
C VAL A 60 11.69 -25.41 -5.31
N GLU A 61 11.23 -26.52 -5.89
CA GLU A 61 12.05 -27.44 -6.72
C GLU A 61 12.16 -27.03 -8.19
N ALA A 62 11.16 -26.33 -8.70
CA ALA A 62 11.08 -25.83 -10.08
C ALA A 62 12.07 -24.70 -10.34
N VAL A 63 12.14 -23.70 -9.44
CA VAL A 63 13.06 -22.56 -9.54
C VAL A 63 14.53 -22.99 -9.40
N LYS A 64 14.78 -24.14 -8.75
CA LYS A 64 16.11 -24.77 -8.63
C LYS A 64 16.72 -25.23 -9.97
N ASN A 65 15.92 -25.29 -11.05
CA ASN A 65 16.27 -25.87 -12.36
C ASN A 65 16.09 -24.87 -13.54
N GLY B 1 -4.62 10.64 8.55
CA GLY B 1 -3.21 10.21 8.71
C GLY B 1 -2.97 8.80 8.20
N SER B 2 -1.78 8.25 8.49
CA SER B 2 -1.35 6.87 8.18
C SER B 2 -1.51 6.45 6.69
N HIS B 3 -1.27 7.38 5.77
CA HIS B 3 -1.38 7.18 4.31
C HIS B 3 -0.05 6.77 3.64
N MET B 4 0.91 6.24 4.42
CA MET B 4 2.26 5.84 3.98
C MET B 4 2.62 4.42 4.46
N LYS B 5 3.67 3.82 3.86
CA LYS B 5 4.22 2.52 4.26
C LYS B 5 4.68 2.55 5.74
N LYS B 6 4.31 1.53 6.50
CA LYS B 6 4.51 1.38 7.98
C LYS B 6 5.97 1.22 8.46
N GLN B 7 6.94 1.83 7.78
CA GLN B 7 8.37 1.67 8.02
C GLN B 7 9.04 3.05 8.18
N LYS B 8 9.52 3.34 9.39
CA LYS B 8 10.21 4.59 9.71
C LYS B 8 11.49 4.33 10.51
N VAL B 9 12.38 5.33 10.54
CA VAL B 9 13.65 5.31 11.29
C VAL B 9 13.88 6.65 11.98
N LYS B 10 14.52 6.60 13.15
CA LYS B 10 15.06 7.77 13.83
C LYS B 10 16.52 7.94 13.42
N THR B 11 16.86 9.13 12.95
CA THR B 11 18.26 9.50 12.73
C THR B 11 18.94 9.68 14.10
N ILE B 12 20.19 9.23 14.23
CA ILE B 12 21.00 9.34 15.46
C ILE B 12 22.20 10.30 15.28
N PHE B 13 22.38 10.81 14.06
CA PHE B 13 23.44 11.75 13.66
C PHE B 13 22.98 12.62 12.48
N PRO B 14 23.59 13.81 12.27
CA PRO B 14 23.32 14.67 11.13
C PRO B 14 23.86 14.09 9.80
N HIS B 15 23.35 14.61 8.67
CA HIS B 15 23.87 14.33 7.33
C HIS B 15 23.86 15.61 6.47
N THR B 16 24.99 15.88 5.79
CA THR B 16 25.19 17.05 4.93
C THR B 16 25.10 16.65 3.45
N ALA B 17 23.92 16.86 2.88
CA ALA B 17 23.62 16.60 1.47
C ALA B 17 24.45 17.44 0.48
N GLY B 18 24.95 18.61 0.90
CA GLY B 18 25.70 19.52 0.04
C GLY B 18 24.87 20.08 -1.12
N SER B 19 25.49 20.25 -2.28
CA SER B 19 24.90 20.79 -3.52
C SER B 19 23.92 19.85 -4.27
N ASN B 20 23.75 18.60 -3.82
CA ASN B 20 22.92 17.59 -4.49
C ASN B 20 21.41 17.89 -4.43
N LYS B 21 20.65 17.25 -5.34
CA LYS B 21 19.18 17.35 -5.49
C LYS B 21 18.43 16.01 -5.32
N THR B 22 19.16 14.95 -4.97
CA THR B 22 18.63 13.60 -4.68
C THR B 22 19.03 13.10 -3.29
N LEU B 23 19.50 13.99 -2.40
CA LEU B 23 19.89 13.67 -1.02
C LEU B 23 18.98 14.34 0.01
N LEU B 24 18.91 13.72 1.20
CA LEU B 24 18.10 14.18 2.33
C LEU B 24 19.01 14.54 3.51
N SER B 25 19.05 15.82 3.87
CA SER B 25 19.76 16.33 5.05
C SER B 25 18.87 16.43 6.29
N PHE B 26 19.48 16.33 7.46
CA PHE B 26 18.84 16.34 8.79
C PHE B 26 19.87 16.51 9.91
N ALA B 27 19.38 16.53 11.16
CA ALA B 27 20.18 16.47 12.39
C ALA B 27 19.97 15.12 13.13
N GLN B 28 20.59 14.93 14.29
CA GLN B 28 20.26 13.84 15.24
C GLN B 28 18.86 14.02 15.84
N GLY B 29 18.17 12.91 16.10
CA GLY B 29 16.87 12.89 16.78
C GLY B 29 15.68 13.15 15.85
N ASP B 30 15.95 13.32 14.55
CA ASP B 30 14.94 13.50 13.50
C ASP B 30 14.33 12.15 13.05
N VAL B 31 13.23 12.20 12.30
CA VAL B 31 12.41 11.04 11.91
C VAL B 31 12.17 11.04 10.40
N ILE B 32 12.40 9.89 9.77
CA ILE B 32 12.30 9.70 8.31
C ILE B 32 11.42 8.47 8.01
N THR B 33 10.52 8.60 7.06
CA THR B 33 9.59 7.53 6.61
C THR B 33 10.12 6.90 5.33
N LEU B 34 10.51 5.62 5.36
CA LEU B 34 11.04 4.91 4.18
C LEU B 34 9.96 4.75 3.09
N LEU B 35 10.39 4.90 1.84
CA LEU B 35 9.54 4.85 0.64
C LEU B 35 9.92 3.68 -0.30
N ILE B 36 11.00 2.96 -0.01
CA ILE B 36 11.59 1.91 -0.85
C ILE B 36 11.58 0.53 -0.15
N PRO B 37 11.59 -0.58 -0.91
CA PRO B 37 11.54 -1.93 -0.33
C PRO B 37 12.82 -2.34 0.43
N GLU B 38 14.00 -1.91 -0.05
CA GLU B 38 15.32 -2.31 0.46
C GLU B 38 16.38 -1.22 0.26
N GLU B 39 17.50 -1.30 0.98
CA GLU B 39 18.64 -0.39 0.83
C GLU B 39 19.44 -0.62 -0.47
N LYS B 40 20.28 0.37 -0.78
CA LYS B 40 21.22 0.30 -1.93
C LYS B 40 22.55 0.97 -1.59
N ASP B 41 23.67 0.27 -1.67
CA ASP B 41 25.01 0.85 -1.38
C ASP B 41 25.11 1.56 0.00
N GLY B 42 24.25 1.15 0.95
CA GLY B 42 24.07 1.78 2.27
C GLY B 42 23.16 3.01 2.31
N TRP B 43 22.68 3.47 1.16
CA TRP B 43 21.69 4.53 0.99
C TRP B 43 20.26 3.99 1.03
N LEU B 44 19.42 4.67 1.79
CA LEU B 44 17.98 4.44 1.92
C LEU B 44 17.22 5.70 1.49
N TYR B 45 15.99 5.57 1.02
CA TYR B 45 15.20 6.69 0.51
C TYR B 45 13.89 6.82 1.29
N GLY B 46 13.57 8.05 1.65
CA GLY B 46 12.44 8.36 2.51
C GLY B 46 12.03 9.83 2.46
N GLU B 47 11.04 10.18 3.29
CA GLU B 47 10.48 11.52 3.45
C GLU B 47 10.53 11.93 4.93
N HIS B 48 11.10 13.10 5.22
CA HIS B 48 11.23 13.63 6.59
C HIS B 48 9.89 14.02 7.20
N ASP B 49 9.63 13.62 8.45
CA ASP B 49 8.39 13.88 9.18
C ASP B 49 8.22 15.33 9.74
N VAL B 50 9.11 16.28 9.38
CA VAL B 50 9.08 17.68 9.87
C VAL B 50 9.00 18.75 8.77
N SER B 51 9.41 18.38 7.54
CA SER B 51 9.51 19.30 6.39
C SER B 51 9.00 18.67 5.08
N LYS B 52 8.74 17.35 5.06
CA LYS B 52 8.29 16.56 3.89
C LYS B 52 9.33 16.55 2.74
N ALA B 53 10.58 16.85 3.06
CA ALA B 53 11.74 16.71 2.18
C ALA B 53 12.03 15.22 1.91
N ARG B 54 12.37 14.88 0.66
CA ARG B 54 12.74 13.51 0.24
C ARG B 54 14.13 13.48 -0.39
N GLY B 55 14.80 12.35 -0.28
CA GLY B 55 16.16 12.14 -0.78
C GLY B 55 16.79 10.88 -0.20
N TRP B 56 17.91 10.45 -0.77
CA TRP B 56 18.69 9.36 -0.22
C TRP B 56 19.40 9.85 1.05
N PHE B 57 19.34 9.02 2.10
CA PHE B 57 20.04 9.25 3.36
C PHE B 57 20.86 8.01 3.78
N PRO B 58 21.95 8.20 4.56
CA PRO B 58 22.75 7.11 5.11
C PRO B 58 22.03 6.31 6.19
N SER B 59 21.79 5.01 5.97
CA SER B 59 21.21 4.12 7.00
C SER B 59 22.05 4.10 8.28
N SER B 60 23.38 4.15 8.16
CA SER B 60 24.33 4.05 9.26
C SER B 60 24.21 5.17 10.31
N TYR B 61 23.71 6.36 9.91
CA TYR B 61 23.34 7.46 10.80
C TYR B 61 21.90 7.35 11.36
N THR B 62 21.24 6.20 11.23
CA THR B 62 19.88 5.94 11.72
C THR B 62 19.76 4.55 12.38
N LYS B 63 18.64 4.23 13.02
CA LYS B 63 18.36 2.88 13.55
C LYS B 63 16.95 2.37 13.20
N LEU B 64 15.94 2.76 13.97
CA LEU B 64 14.55 2.26 13.90
C LEU B 64 13.59 3.13 14.73
N LEU B 65 12.29 2.86 14.62
CA LEU B 65 11.21 3.47 15.41
C LEU B 65 10.17 2.44 15.92
N GLU B 66 10.50 1.15 15.89
CA GLU B 66 9.64 0.08 16.45
C GLU B 66 9.56 0.08 18.00
N GLU B 67 10.41 0.85 18.68
CA GLU B 67 10.53 0.96 20.14
C GLU B 67 9.92 2.27 20.69
N LEU C 2 15.36 -16.12 -8.26
CA LEU C 2 15.01 -14.73 -7.83
C LEU C 2 14.89 -13.75 -9.01
N PRO C 3 15.98 -13.31 -9.69
CA PRO C 3 15.90 -12.21 -10.67
C PRO C 3 15.07 -12.56 -11.91
N ASP C 4 15.10 -13.82 -12.34
CA ASP C 4 14.25 -14.32 -13.44
C ASP C 4 12.79 -14.51 -13.02
N VAL C 5 12.51 -14.95 -11.78
CA VAL C 5 11.12 -15.18 -11.30
C VAL C 5 10.30 -13.90 -11.32
N ALA C 6 10.91 -12.74 -11.10
CA ALA C 6 10.20 -11.47 -11.22
C ALA C 6 9.85 -11.09 -12.68
N GLN C 7 10.70 -11.42 -13.66
CA GLN C 7 10.46 -11.08 -15.08
C GLN C 7 9.23 -11.78 -15.68
N ARG C 8 8.88 -12.96 -15.14
CA ARG C 8 7.71 -13.77 -15.48
C ARG C 8 6.49 -13.48 -14.58
N LEU C 9 6.71 -13.03 -13.34
CA LEU C 9 5.62 -12.60 -12.45
C LEU C 9 4.88 -11.37 -12.98
N MET C 10 5.61 -10.34 -13.42
CA MET C 10 4.99 -9.09 -13.89
C MET C 10 4.00 -9.32 -15.03
N GLN C 11 4.30 -10.31 -15.90
CA GLN C 11 3.42 -10.75 -16.98
C GLN C 11 2.11 -11.37 -16.45
N HIS C 12 2.15 -12.18 -15.39
CA HIS C 12 0.96 -12.74 -14.74
C HIS C 12 0.10 -11.66 -14.07
N LEU C 13 0.71 -10.78 -13.29
CA LEU C 13 -0.01 -9.77 -12.50
C LEU C 13 -0.71 -8.71 -13.37
N ALA C 14 -0.23 -8.51 -14.61
CA ALA C 14 -0.83 -7.61 -15.59
C ALA C 14 -2.13 -8.16 -16.21
N GLU C 15 -2.34 -9.48 -16.15
CA GLU C 15 -3.49 -10.18 -16.74
C GLU C 15 -4.76 -10.07 -15.88
N HIS C 16 -4.57 -9.79 -14.59
CA HIS C 16 -5.62 -9.62 -13.57
C HIS C 16 -5.67 -8.19 -13.01
N GLY C 17 -4.80 -7.30 -13.52
CA GLY C 17 -4.65 -5.92 -13.08
C GLY C 17 -4.17 -5.74 -11.63
N ILE C 18 -3.45 -6.73 -11.08
CA ILE C 18 -2.91 -6.70 -9.70
C ILE C 18 -1.91 -5.58 -9.51
N GLN C 19 -0.82 -5.75 -10.23
CA GLN C 19 0.46 -5.00 -10.22
C GLN C 19 1.12 -4.85 -8.82
N PRO C 20 2.44 -4.61 -8.75
CA PRO C 20 3.13 -4.35 -7.47
C PRO C 20 2.66 -3.03 -6.83
N ALA C 21 2.77 -2.92 -5.50
CA ALA C 21 2.38 -1.75 -4.72
C ALA C 21 3.21 -0.50 -5.07
N ARG C 22 4.44 -0.72 -5.55
CA ARG C 22 5.35 0.32 -6.09
C ARG C 22 4.85 0.98 -7.39
N ASN C 23 3.77 0.48 -8.00
CA ASN C 23 3.08 1.10 -9.13
C ASN C 23 1.86 1.95 -8.69
N MET C 24 1.60 2.06 -7.38
CA MET C 24 0.40 2.67 -6.79
C MET C 24 0.74 3.83 -5.84
N ALA C 25 1.89 4.47 -6.08
CA ALA C 25 2.51 5.52 -5.28
C ALA C 25 3.53 6.33 -6.12
N GLU C 26 4.26 7.23 -5.46
CA GLU C 26 5.38 7.98 -6.07
C GLU C 26 6.53 7.09 -6.61
N HIS C 27 7.28 7.66 -7.56
CA HIS C 27 8.57 7.13 -8.04
C HIS C 27 9.71 7.36 -7.04
N ILE C 28 10.87 6.76 -7.32
CA ILE C 28 12.10 6.84 -6.52
C ILE C 28 13.30 7.23 -7.44
N PRO C 29 14.18 8.15 -6.99
CA PRO C 29 15.39 8.60 -7.70
C PRO C 29 16.49 7.52 -7.82
N PRO C 30 17.59 7.77 -8.57
CA PRO C 30 18.72 6.84 -8.71
C PRO C 30 19.53 6.64 -7.43
N ALA C 31 20.42 7.59 -7.10
CA ALA C 31 21.41 7.60 -6.00
C ALA C 31 22.62 8.52 -6.30
N PRO C 32 23.41 8.89 -5.26
CA PRO C 32 24.66 9.66 -5.40
C PRO C 32 25.82 8.83 -6.00
N ASN C 33 26.93 9.52 -6.33
CA ASN C 33 28.14 8.93 -6.93
C ASN C 33 29.12 8.29 -5.92
N TRP C 34 28.82 8.32 -4.61
CA TRP C 34 29.66 7.78 -3.53
C TRP C 34 28.83 6.98 -2.51
N PRO C 35 29.44 6.07 -1.73
CA PRO C 35 28.75 5.29 -0.72
C PRO C 35 28.31 6.10 0.51
N ALA C 36 27.32 5.58 1.24
CA ALA C 36 26.83 6.22 2.45
C ALA C 36 27.91 6.30 3.55
N PRO C 37 28.06 7.47 4.22
CA PRO C 37 28.98 7.65 5.34
C PRO C 37 28.56 6.85 6.60
N THR C 38 29.46 6.77 7.59
CA THR C 38 29.29 5.96 8.81
C THR C 38 29.58 6.76 10.11
N PRO C 39 28.93 6.39 11.23
CA PRO C 39 29.04 7.11 12.52
C PRO C 39 30.45 6.99 13.16
N PRO C 40 30.73 7.82 14.20
CA PRO C 40 32.00 7.81 14.95
C PRO C 40 32.14 6.58 15.88
N VAL C 41 32.16 5.38 15.29
CA VAL C 41 32.27 4.10 15.99
C VAL C 41 33.24 3.18 15.24
N GLN C 42 34.01 2.37 15.96
CA GLN C 42 35.07 1.49 15.43
C GLN C 42 34.97 0.05 15.99
N ASN C 43 33.74 -0.49 16.03
CA ASN C 43 33.43 -1.86 16.50
C ASN C 43 33.89 -2.97 15.52
N GLU C 44 33.72 -4.23 15.92
CA GLU C 44 33.91 -5.43 15.08
C GLU C 44 32.70 -6.39 15.16
N GLN C 45 32.57 -7.29 14.18
CA GLN C 45 31.55 -8.35 14.14
C GLN C 45 31.63 -9.34 15.31
N SER C 46 30.51 -10.05 15.57
CA SER C 46 30.38 -11.10 16.59
C SER C 46 29.38 -12.20 16.18
N ARG C 47 29.30 -13.26 16.99
CA ARG C 47 28.41 -14.44 16.83
C ARG C 47 27.65 -14.74 18.14
N PRO C 48 26.45 -15.38 18.07
CA PRO C 48 25.66 -15.75 19.25
C PRO C 48 26.32 -16.84 20.11
N GLY A 1 2.17 -27.15 7.00
CA GLY A 1 1.39 -28.41 6.98
C GLY A 1 0.61 -28.55 5.67
N SER A 2 1.12 -29.36 4.74
CA SER A 2 0.50 -29.62 3.42
C SER A 2 0.94 -30.99 2.85
N ASN A 3 0.55 -31.29 1.61
CA ASN A 3 0.76 -32.56 0.90
C ASN A 3 1.27 -32.36 -0.54
N PHE A 4 2.11 -31.33 -0.74
CA PHE A 4 2.60 -30.86 -2.04
C PHE A 4 4.08 -30.41 -2.00
N GLN A 5 4.60 -30.02 -3.17
CA GLN A 5 5.99 -29.56 -3.39
C GLN A 5 6.04 -28.10 -3.84
N HIS A 6 5.59 -27.80 -5.07
CA HIS A 6 5.57 -26.45 -5.66
C HIS A 6 4.61 -25.43 -4.99
N ILE A 7 3.83 -25.85 -3.98
CA ILE A 7 2.94 -24.99 -3.16
C ILE A 7 2.95 -25.33 -1.68
N GLY A 8 3.17 -26.60 -1.35
CA GLY A 8 3.24 -27.11 0.03
C GLY A 8 4.34 -26.48 0.90
N HIS A 9 5.41 -25.97 0.28
CA HIS A 9 6.42 -25.14 0.95
C HIS A 9 5.88 -23.79 1.44
N VAL A 10 5.03 -23.14 0.63
CA VAL A 10 4.36 -21.86 0.89
C VAL A 10 3.39 -21.96 2.09
N GLY A 11 3.09 -20.82 2.70
CA GLY A 11 2.22 -20.70 3.87
C GLY A 11 1.04 -19.74 3.69
N TRP A 12 0.53 -19.63 2.46
CA TRP A 12 -0.58 -18.72 2.13
C TRP A 12 -1.94 -19.31 2.47
N ASP A 13 -2.92 -18.46 2.81
CA ASP A 13 -4.33 -18.82 3.00
C ASP A 13 -5.34 -17.83 2.39
N PRO A 14 -6.47 -18.32 1.83
CA PRO A 14 -7.54 -17.53 1.19
C PRO A 14 -8.42 -16.71 2.16
N ASN A 15 -8.05 -16.63 3.44
CA ASN A 15 -8.74 -15.88 4.49
C ASN A 15 -7.86 -14.83 5.20
N THR A 16 -6.53 -14.95 5.10
CA THR A 16 -5.56 -14.11 5.82
C THR A 16 -4.37 -13.68 4.96
N GLY A 17 -3.95 -14.50 4.00
CA GLY A 17 -2.86 -14.22 3.06
C GLY A 17 -1.57 -15.00 3.33
N PHE A 18 -0.43 -14.54 2.80
CA PHE A 18 0.87 -15.17 3.03
C PHE A 18 1.26 -15.13 4.53
N ASP A 19 2.06 -16.10 4.97
CA ASP A 19 2.55 -16.20 6.36
C ASP A 19 3.91 -15.48 6.55
N LEU A 20 3.92 -14.14 6.58
CA LEU A 20 5.15 -13.31 6.65
C LEU A 20 6.13 -13.74 7.75
N ASN A 21 5.60 -14.10 8.93
CA ASN A 21 6.35 -14.56 10.10
C ASN A 21 7.24 -15.78 9.84
N ASN A 22 6.93 -16.59 8.82
CA ASN A 22 7.62 -17.85 8.48
C ASN A 22 7.77 -18.05 6.95
N LEU A 23 7.74 -16.97 6.17
CA LEU A 23 7.82 -17.02 4.70
C LEU A 23 9.13 -17.69 4.22
N ASP A 24 9.04 -18.33 3.06
CA ASP A 24 10.13 -19.06 2.41
C ASP A 24 11.31 -18.16 2.02
N PRO A 25 12.52 -18.71 1.82
CA PRO A 25 13.73 -17.95 1.50
C PRO A 25 13.67 -17.25 0.14
N GLU A 26 12.69 -17.58 -0.70
CA GLU A 26 12.50 -16.99 -2.03
C GLU A 26 11.25 -16.08 -2.08
N LEU A 27 10.26 -16.34 -1.22
CA LEU A 27 8.90 -15.78 -1.34
C LEU A 27 8.90 -14.28 -1.09
N LYS A 28 9.21 -13.91 0.17
CA LYS A 28 9.39 -12.52 0.59
C LYS A 28 10.46 -11.78 -0.22
N ASN A 29 11.46 -12.54 -0.69
CA ASN A 29 12.61 -12.01 -1.42
C ASN A 29 12.19 -11.48 -2.80
N LEU A 30 11.39 -12.27 -3.53
CA LEU A 30 10.70 -11.84 -4.75
C LEU A 30 9.72 -10.69 -4.48
N PHE A 31 8.91 -10.77 -3.42
CA PHE A 31 7.93 -9.73 -3.13
C PHE A 31 8.59 -8.35 -2.98
N ASP A 32 9.72 -8.29 -2.28
CA ASP A 32 10.55 -7.09 -2.14
C ASP A 32 11.29 -6.70 -3.45
N MET A 33 11.42 -7.64 -4.40
CA MET A 33 12.08 -7.43 -5.70
C MET A 33 11.11 -6.83 -6.74
N CYS A 34 9.97 -7.49 -7.02
CA CYS A 34 9.01 -6.94 -8.00
C CYS A 34 8.32 -5.66 -7.48
N GLY A 35 8.25 -5.47 -6.16
CA GLY A 35 7.72 -4.26 -5.52
C GLY A 35 6.46 -4.47 -4.68
N ILE A 36 6.03 -5.72 -4.49
CA ILE A 36 4.86 -6.11 -3.70
C ILE A 36 5.02 -5.74 -2.21
N SER A 37 3.92 -5.30 -1.58
CA SER A 37 3.86 -4.97 -0.14
C SER A 37 3.18 -6.09 0.66
N GLU A 38 3.51 -6.18 1.95
CA GLU A 38 2.78 -7.01 2.93
C GLU A 38 1.26 -6.79 2.90
N ALA A 39 0.81 -5.59 2.56
CA ALA A 39 -0.61 -5.29 2.33
C ALA A 39 -1.24 -6.18 1.24
N GLN A 40 -0.60 -6.30 0.08
CA GLN A 40 -1.07 -7.14 -1.03
C GLN A 40 -1.04 -8.62 -0.64
N LEU A 41 0.00 -9.07 0.08
CA LEU A 41 0.15 -10.42 0.59
C LEU A 41 -0.90 -10.82 1.63
N LYS A 42 -1.50 -9.85 2.33
CA LYS A 42 -2.62 -10.05 3.25
C LYS A 42 -4.00 -9.81 2.57
N ASP A 43 -4.01 -9.46 1.29
CA ASP A 43 -5.22 -9.21 0.52
C ASP A 43 -5.72 -10.51 -0.12
N ARG A 44 -6.86 -11.05 0.30
CA ARG A 44 -7.41 -12.30 -0.28
C ARG A 44 -7.72 -12.21 -1.78
N GLU A 45 -7.75 -10.99 -2.32
CA GLU A 45 -8.04 -10.71 -3.73
C GLU A 45 -6.76 -10.48 -4.56
N THR A 46 -5.62 -10.16 -3.92
CA THR A 46 -4.32 -9.95 -4.59
C THR A 46 -3.33 -11.07 -4.29
N SER A 47 -3.13 -11.42 -3.02
CA SER A 47 -2.31 -12.56 -2.57
C SER A 47 -2.72 -13.89 -3.22
N LYS A 48 -4.02 -14.10 -3.46
CA LYS A 48 -4.55 -15.23 -4.25
C LYS A 48 -3.91 -15.34 -5.63
N VAL A 49 -3.86 -14.23 -6.37
CA VAL A 49 -3.24 -14.18 -7.71
C VAL A 49 -1.73 -14.35 -7.62
N ILE A 50 -1.09 -13.69 -6.65
CA ILE A 50 0.36 -13.81 -6.44
C ILE A 50 0.75 -15.28 -6.11
N TYR A 51 -0.07 -15.99 -5.33
CA TYR A 51 0.08 -17.42 -5.05
C TYR A 51 -0.16 -18.30 -6.29
N ASP A 52 -1.22 -18.04 -7.07
CA ASP A 52 -1.53 -18.78 -8.30
C ASP A 52 -0.39 -18.75 -9.33
N PHE A 53 0.43 -17.69 -9.32
CA PHE A 53 1.66 -17.61 -10.10
C PHE A 53 2.69 -18.66 -9.65
N ILE A 54 2.96 -18.76 -8.34
CA ILE A 54 3.95 -19.72 -7.82
C ILE A 54 3.52 -21.16 -8.12
N GLU A 55 2.22 -21.47 -8.03
CA GLU A 55 1.68 -22.81 -8.34
C GLU A 55 1.87 -23.23 -9.81
N LYS A 56 2.16 -22.29 -10.71
CA LYS A 56 2.26 -22.55 -12.16
C LYS A 56 3.63 -22.17 -12.77
N THR A 57 4.41 -21.34 -12.07
CA THR A 57 5.62 -20.68 -12.62
C THR A 57 6.75 -20.52 -11.62
N GLY A 58 6.43 -20.33 -10.33
CA GLY A 58 7.40 -20.31 -9.24
C GLY A 58 7.87 -21.72 -8.91
N GLY A 59 7.32 -22.32 -7.84
CA GLY A 59 7.64 -23.67 -7.35
C GLY A 59 9.06 -23.85 -6.81
N VAL A 60 9.19 -24.29 -5.55
CA VAL A 60 10.50 -24.49 -4.89
C VAL A 60 11.44 -25.44 -5.65
N GLU A 61 10.91 -26.48 -6.31
CA GLU A 61 11.71 -27.41 -7.15
C GLU A 61 11.93 -26.89 -8.58
N ALA A 62 10.98 -26.12 -9.10
CA ALA A 62 11.03 -25.53 -10.45
C ALA A 62 12.14 -24.47 -10.59
N VAL A 63 12.30 -23.59 -9.60
CA VAL A 63 13.33 -22.52 -9.60
C VAL A 63 14.75 -23.10 -9.43
N LYS A 64 14.89 -24.24 -8.76
CA LYS A 64 16.17 -24.99 -8.65
C LYS A 64 16.70 -25.54 -9.98
N ASN A 65 15.83 -25.78 -10.97
CA ASN A 65 16.15 -26.38 -12.27
C ASN A 65 16.52 -25.32 -13.33
N GLY B 1 -9.66 -3.99 6.49
CA GLY B 1 -9.25 -5.11 5.61
C GLY B 1 -7.74 -5.27 5.56
N SER B 2 -7.10 -4.86 4.46
CA SER B 2 -5.67 -5.11 4.17
C SER B 2 -5.01 -3.98 3.37
N HIS B 3 -5.44 -2.74 3.62
CA HIS B 3 -4.97 -1.52 2.93
C HIS B 3 -4.24 -0.61 3.91
N MET B 4 -2.97 -0.27 3.61
CA MET B 4 -2.08 0.56 4.45
C MET B 4 -1.99 0.11 5.92
N LYS B 5 -2.05 -1.21 6.10
CA LYS B 5 -1.97 -1.96 7.36
C LYS B 5 -0.57 -2.56 7.59
N LYS B 6 0.46 -1.82 7.21
CA LYS B 6 1.87 -2.04 7.59
C LYS B 6 2.05 -2.00 9.11
N GLN B 7 3.28 -2.20 9.60
CA GLN B 7 3.62 -2.01 11.02
C GLN B 7 3.14 -0.64 11.53
N LYS B 8 2.49 -0.62 12.70
CA LYS B 8 1.97 0.61 13.33
C LYS B 8 2.49 0.75 14.77
N VAL B 9 2.38 1.95 15.33
CA VAL B 9 2.74 2.26 16.72
C VAL B 9 1.70 3.18 17.34
N LYS B 10 1.47 3.01 18.65
CA LYS B 10 0.68 3.95 19.46
C LYS B 10 1.66 4.91 20.14
N THR B 11 1.41 6.19 20.01
CA THR B 11 2.15 7.24 20.72
C THR B 11 1.68 7.24 22.19
N ILE B 12 2.60 7.17 23.15
CA ILE B 12 2.31 7.19 24.60
C ILE B 12 2.51 8.59 25.21
N PHE B 13 2.96 9.55 24.39
CA PHE B 13 3.24 10.93 24.75
C PHE B 13 3.07 11.88 23.54
N PRO B 14 2.83 13.19 23.77
CA PRO B 14 2.74 14.19 22.71
C PRO B 14 4.09 14.51 22.05
N HIS B 15 4.05 15.10 20.86
CA HIS B 15 5.21 15.67 20.14
C HIS B 15 4.81 16.95 19.39
N THR B 16 5.77 17.88 19.23
CA THR B 16 5.56 19.22 18.67
C THR B 16 6.72 19.56 17.73
N ALA B 17 6.42 19.65 16.42
CA ALA B 17 7.38 19.92 15.34
C ALA B 17 8.23 21.20 15.53
N GLY B 18 7.65 22.29 16.04
CA GLY B 18 8.36 23.57 16.21
C GLY B 18 8.74 24.22 14.87
N SER B 19 7.74 24.70 14.13
CA SER B 19 7.90 25.45 12.86
C SER B 19 8.56 24.66 11.71
N ASN B 20 8.42 23.32 11.70
CA ASN B 20 9.01 22.40 10.72
C ASN B 20 7.94 21.73 9.82
N LYS B 21 8.34 21.35 8.60
CA LYS B 21 7.48 20.80 7.53
C LYS B 21 7.78 19.31 7.20
N THR B 22 8.78 18.72 7.85
CA THR B 22 9.18 17.30 7.71
C THR B 22 8.94 16.52 9.01
N LEU B 23 8.26 17.10 9.99
CA LEU B 23 7.96 16.49 11.28
C LEU B 23 6.46 16.21 11.46
N LEU B 24 6.14 15.28 12.37
CA LEU B 24 4.78 14.83 12.67
C LEU B 24 4.44 15.09 14.14
N SER B 25 3.46 15.97 14.37
CA SER B 25 2.95 16.29 15.71
C SER B 25 1.71 15.45 16.07
N PHE B 26 1.54 15.16 17.37
CA PHE B 26 0.44 14.35 17.91
C PHE B 26 0.32 14.52 19.45
N ALA B 27 -0.66 13.86 20.05
CA ALA B 27 -0.85 13.73 21.50
C ALA B 27 -0.51 12.29 21.98
N GLN B 28 -0.68 12.00 23.28
CA GLN B 28 -0.74 10.63 23.80
C GLN B 28 -2.04 9.92 23.33
N GLY B 29 -1.96 8.62 23.09
CA GLY B 29 -3.09 7.77 22.71
C GLY B 29 -3.42 7.81 21.22
N ASP B 30 -2.59 8.48 20.43
CA ASP B 30 -2.70 8.55 18.97
C ASP B 30 -1.97 7.39 18.27
N VAL B 31 -2.24 7.19 16.97
CA VAL B 31 -1.80 6.01 16.20
C VAL B 31 -1.14 6.44 14.89
N ILE B 32 0.04 5.87 14.60
CA ILE B 32 0.88 6.20 13.45
C ILE B 32 1.26 4.91 12.70
N THR B 33 1.34 4.99 11.38
CA THR B 33 1.64 3.87 10.47
C THR B 33 3.03 4.06 9.86
N LEU B 34 3.98 3.17 10.12
CA LEU B 34 5.35 3.30 9.60
C LEU B 34 5.39 3.18 8.07
N LEU B 35 6.25 3.99 7.46
CA LEU B 35 6.45 4.06 6.00
C LEU B 35 7.91 3.72 5.58
N ILE B 36 8.78 3.39 6.54
CA ILE B 36 10.22 3.13 6.35
C ILE B 36 10.64 1.80 7.01
N PRO B 37 11.71 1.13 6.54
CA PRO B 37 12.13 -0.20 7.04
C PRO B 37 12.83 -0.19 8.42
N GLU B 38 13.46 0.92 8.80
CA GLU B 38 14.26 1.06 10.04
C GLU B 38 14.33 2.52 10.53
N GLU B 39 14.71 2.75 11.79
CA GLU B 39 14.90 4.09 12.35
C GLU B 39 16.18 4.79 11.88
N LYS B 40 16.23 6.10 12.15
CA LYS B 40 17.42 6.94 11.89
C LYS B 40 17.61 7.98 13.00
N ASP B 41 18.75 8.00 13.69
CA ASP B 41 19.02 8.98 14.77
C ASP B 41 17.92 9.05 15.87
N GLY B 42 17.15 7.96 16.03
CA GLY B 42 15.97 7.85 16.89
C GLY B 42 14.65 8.38 16.30
N TRP B 43 14.71 8.98 15.10
CA TRP B 43 13.57 9.40 14.30
C TRP B 43 13.05 8.28 13.40
N LEU B 44 11.72 8.13 13.39
CA LEU B 44 10.95 7.20 12.57
C LEU B 44 9.95 7.98 11.72
N TYR B 45 9.58 7.48 10.55
CA TYR B 45 8.69 8.19 9.61
C TYR B 45 7.43 7.38 9.33
N GLY B 46 6.30 8.06 9.36
CA GLY B 46 4.99 7.43 9.24
C GLY B 46 3.85 8.40 8.97
N GLU B 47 2.63 7.86 8.95
CA GLU B 47 1.38 8.58 8.68
C GLU B 47 0.39 8.40 9.85
N HIS B 48 -0.17 9.50 10.35
CA HIS B 48 -1.20 9.48 11.39
C HIS B 48 -2.54 8.90 10.90
N ASP B 49 -3.11 7.96 11.65
CA ASP B 49 -4.36 7.26 11.32
C ASP B 49 -5.66 8.07 11.57
N VAL B 50 -5.58 9.38 11.84
CA VAL B 50 -6.73 10.27 12.12
C VAL B 50 -6.83 11.49 11.19
N SER B 51 -5.72 11.88 10.57
CA SER B 51 -5.57 13.12 9.78
C SER B 51 -4.76 12.91 8.48
N LYS B 52 -4.07 11.76 8.34
CA LYS B 52 -3.21 11.40 7.19
C LYS B 52 -1.97 12.29 7.05
N ALA B 53 -1.63 13.03 8.11
CA ALA B 53 -0.39 13.79 8.23
C ALA B 53 0.82 12.85 8.29
N ARG B 54 1.89 13.18 7.56
CA ARG B 54 3.16 12.45 7.53
C ARG B 54 4.33 13.33 7.97
N GLY B 55 5.35 12.72 8.56
CA GLY B 55 6.52 13.42 9.11
C GLY B 55 7.37 12.50 9.98
N TRP B 56 8.59 12.92 10.30
CA TRP B 56 9.43 12.23 11.25
C TRP B 56 8.89 12.46 12.66
N PHE B 57 8.81 11.39 13.45
CA PHE B 57 8.43 11.41 14.86
C PHE B 57 9.43 10.65 15.75
N PRO B 58 9.51 11.00 17.05
CA PRO B 58 10.35 10.31 18.02
C PRO B 58 9.82 8.92 18.39
N SER B 59 10.58 7.86 18.12
CA SER B 59 10.22 6.50 18.57
C SER B 59 10.06 6.39 20.09
N SER B 60 10.85 7.12 20.87
CA SER B 60 10.86 7.07 22.34
C SER B 60 9.52 7.46 22.99
N TYR B 61 8.75 8.33 22.33
CA TYR B 61 7.37 8.69 22.72
C TYR B 61 6.31 7.68 22.22
N THR B 62 6.70 6.52 21.68
CA THR B 62 5.81 5.48 21.15
C THR B 62 6.23 4.08 21.61
N LYS B 63 5.41 3.05 21.35
CA LYS B 63 5.76 1.63 21.61
C LYS B 63 5.45 0.73 20.41
N LEU B 64 4.22 0.22 20.31
CA LEU B 64 3.76 -0.76 19.30
C LEU B 64 2.22 -0.85 19.28
N LEU B 65 1.70 -1.62 18.32
CA LEU B 65 0.27 -1.97 18.19
C LEU B 65 0.05 -3.47 17.89
N GLU B 66 1.06 -4.29 18.16
CA GLU B 66 0.92 -5.76 18.22
C GLU B 66 -0.08 -6.21 19.30
N GLU B 67 -0.65 -7.42 19.13
CA GLU B 67 -1.74 -8.01 19.94
C GLU B 67 -2.94 -7.07 20.20
N LEU C 2 15.36 -16.11 -7.99
CA LEU C 2 14.93 -14.71 -7.69
C LEU C 2 14.81 -13.82 -8.95
N PRO C 3 15.90 -13.37 -9.61
CA PRO C 3 15.81 -12.27 -10.58
C PRO C 3 15.03 -12.62 -11.85
N ASP C 4 15.09 -13.87 -12.29
CA ASP C 4 14.28 -14.37 -13.42
C ASP C 4 12.80 -14.58 -13.06
N VAL C 5 12.49 -14.95 -11.82
CA VAL C 5 11.10 -15.17 -11.35
C VAL C 5 10.29 -13.88 -11.41
N ALA C 6 10.90 -12.73 -11.13
CA ALA C 6 10.23 -11.44 -11.29
C ALA C 6 9.91 -11.08 -12.75
N GLN C 7 10.72 -11.53 -13.73
CA GLN C 7 10.49 -11.21 -15.15
C GLN C 7 9.30 -11.99 -15.75
N ARG C 8 8.83 -13.02 -15.03
CA ARG C 8 7.65 -13.85 -15.35
C ARG C 8 6.46 -13.59 -14.42
N LEU C 9 6.69 -13.07 -13.20
CA LEU C 9 5.62 -12.60 -12.31
C LEU C 9 4.83 -11.46 -12.94
N MET C 10 5.51 -10.45 -13.48
CA MET C 10 4.82 -9.27 -14.03
C MET C 10 3.85 -9.64 -15.17
N GLN C 11 4.22 -10.66 -15.95
CA GLN C 11 3.39 -11.23 -17.02
C GLN C 11 2.12 -11.92 -16.48
N HIS C 12 2.19 -12.59 -15.34
CA HIS C 12 1.02 -13.17 -14.66
C HIS C 12 0.09 -12.10 -14.11
N LEU C 13 0.64 -11.13 -13.37
CA LEU C 13 -0.15 -10.11 -12.68
C LEU C 13 -0.95 -9.22 -13.65
N ALA C 14 -0.44 -9.03 -14.88
CA ALA C 14 -1.08 -8.25 -15.94
C ALA C 14 -2.38 -8.88 -16.46
N GLU C 15 -2.54 -10.20 -16.28
CA GLU C 15 -3.68 -11.00 -16.76
C GLU C 15 -4.92 -10.81 -15.86
N HIS C 16 -4.70 -10.38 -14.61
CA HIS C 16 -5.72 -10.12 -13.60
C HIS C 16 -5.82 -8.64 -13.21
N GLY C 17 -4.97 -7.80 -13.82
CA GLY C 17 -4.80 -6.37 -13.48
C GLY C 17 -4.19 -6.12 -12.09
N ILE C 18 -3.56 -7.12 -11.47
CA ILE C 18 -2.75 -6.92 -10.25
C ILE C 18 -1.50 -6.10 -10.59
N GLN C 19 -1.00 -5.35 -9.60
CA GLN C 19 0.27 -4.61 -9.64
C GLN C 19 1.01 -4.67 -8.29
N PRO C 20 2.35 -4.52 -8.30
CA PRO C 20 3.14 -4.32 -7.08
C PRO C 20 2.84 -2.95 -6.44
N ALA C 21 3.04 -2.83 -5.13
CA ALA C 21 2.75 -1.61 -4.37
C ALA C 21 3.65 -0.43 -4.74
N ARG C 22 4.85 -0.67 -5.31
CA ARG C 22 5.74 0.36 -5.89
C ARG C 22 5.05 1.27 -6.92
N ASN C 23 3.98 0.78 -7.56
CA ASN C 23 3.16 1.50 -8.54
C ASN C 23 2.23 2.57 -7.92
N MET C 24 2.07 2.56 -6.59
CA MET C 24 1.02 3.30 -5.85
C MET C 24 1.47 3.65 -4.42
N ALA C 25 2.64 4.28 -4.31
CA ALA C 25 3.30 4.63 -3.04
C ALA C 25 4.09 5.96 -3.12
N GLU C 26 4.63 6.42 -1.98
CA GLU C 26 5.34 7.70 -1.84
C GLU C 26 6.81 7.54 -1.41
N HIS C 27 7.60 8.59 -1.65
CA HIS C 27 8.96 8.79 -1.16
C HIS C 27 9.01 9.13 0.34
N ILE C 28 10.23 9.21 0.89
CA ILE C 28 10.52 9.55 2.29
C ILE C 28 11.46 10.78 2.36
N PRO C 29 11.19 11.77 3.23
CA PRO C 29 12.00 12.97 3.47
C PRO C 29 13.37 12.69 4.15
N PRO C 30 14.26 13.70 4.31
CA PRO C 30 15.55 13.53 4.96
C PRO C 30 15.47 13.26 6.47
N ALA C 31 15.21 14.31 7.28
CA ALA C 31 15.21 14.36 8.75
C ALA C 31 15.52 15.78 9.30
N PRO C 32 15.22 16.06 10.58
CA PRO C 32 15.57 17.31 11.27
C PRO C 32 17.08 17.43 11.59
N ASN C 33 17.49 18.62 12.05
CA ASN C 33 18.88 18.95 12.40
C ASN C 33 19.32 18.48 13.82
N TRP C 34 18.40 17.98 14.65
CA TRP C 34 18.63 17.54 16.04
C TRP C 34 18.10 16.11 16.29
N PRO C 35 18.59 15.42 17.33
CA PRO C 35 18.14 14.07 17.68
C PRO C 35 16.71 14.02 18.25
N ALA C 36 16.08 12.86 18.14
CA ALA C 36 14.73 12.63 18.64
C ALA C 36 14.64 12.75 20.18
N PRO C 37 13.61 13.46 20.72
CA PRO C 37 13.41 13.60 22.16
C PRO C 37 12.99 12.30 22.87
N THR C 38 13.00 12.34 24.21
CA THR C 38 12.78 11.17 25.09
C THR C 38 11.75 11.44 26.20
N PRO C 39 11.02 10.42 26.66
CA PRO C 39 9.95 10.54 27.66
C PRO C 39 10.47 10.90 29.06
N PRO C 40 9.58 11.30 30.01
CA PRO C 40 9.92 11.59 31.41
C PRO C 40 10.33 10.32 32.19
N VAL C 41 11.56 9.88 31.97
CA VAL C 41 12.14 8.66 32.56
C VAL C 41 13.60 8.95 32.97
N GLN C 42 14.02 8.36 34.11
CA GLN C 42 15.35 8.53 34.70
C GLN C 42 15.81 7.24 35.41
N ASN C 43 17.00 7.26 36.02
CA ASN C 43 17.54 6.13 36.81
C ASN C 43 16.57 5.70 37.93
N GLU C 44 16.51 4.39 38.22
CA GLU C 44 15.51 3.76 39.12
C GLU C 44 14.04 4.09 38.75
N GLN C 45 13.71 4.04 37.45
CA GLN C 45 12.36 4.24 36.91
C GLN C 45 11.29 3.30 37.54
N SER C 46 10.05 3.78 37.62
CA SER C 46 8.86 3.00 38.02
C SER C 46 7.56 3.67 37.54
N ARG C 47 6.46 2.89 37.50
CA ARG C 47 5.10 3.35 37.19
C ARG C 47 4.03 2.52 37.95
N PRO C 48 3.92 2.70 39.28
CA PRO C 48 2.90 2.04 40.11
C PRO C 48 1.46 2.49 39.78
N GLY A 1 2.66 -32.59 5.50
CA GLY A 1 3.44 -33.84 5.35
C GLY A 1 3.30 -34.44 3.97
N SER A 2 4.13 -33.98 3.01
CA SER A 2 4.18 -34.44 1.61
C SER A 2 2.82 -34.45 0.86
N ASN A 3 1.94 -33.49 1.17
CA ASN A 3 0.60 -33.36 0.58
C ASN A 3 0.60 -33.01 -0.93
N PHE A 4 1.71 -32.44 -1.42
CA PHE A 4 1.95 -32.06 -2.82
C PHE A 4 3.41 -32.32 -3.25
N GLN A 5 3.69 -32.12 -4.54
CA GLN A 5 4.99 -32.39 -5.17
C GLN A 5 5.62 -31.13 -5.79
N HIS A 6 4.94 -30.52 -6.78
CA HIS A 6 5.37 -29.27 -7.41
C HIS A 6 5.32 -28.04 -6.47
N ILE A 7 4.59 -28.16 -5.35
CA ILE A 7 4.32 -27.14 -4.34
C ILE A 7 4.33 -27.78 -2.95
N GLY A 8 4.05 -26.98 -1.92
CA GLY A 8 3.82 -27.43 -0.54
C GLY A 8 4.60 -26.58 0.48
N HIS A 9 5.69 -25.95 0.01
CA HIS A 9 6.56 -25.06 0.78
C HIS A 9 5.87 -23.78 1.29
N VAL A 10 5.12 -23.08 0.42
CA VAL A 10 4.46 -21.80 0.71
C VAL A 10 3.39 -21.96 1.82
N GLY A 11 3.09 -20.84 2.49
CA GLY A 11 2.17 -20.78 3.64
C GLY A 11 1.00 -19.80 3.47
N TRP A 12 0.52 -19.60 2.25
CA TRP A 12 -0.58 -18.68 1.95
C TRP A 12 -1.96 -19.28 2.31
N ASP A 13 -2.90 -18.40 2.69
CA ASP A 13 -4.30 -18.76 2.93
C ASP A 13 -5.33 -17.77 2.31
N PRO A 14 -6.47 -18.27 1.77
CA PRO A 14 -7.55 -17.47 1.17
C PRO A 14 -8.39 -16.65 2.17
N ASN A 15 -8.02 -16.65 3.46
CA ASN A 15 -8.71 -15.90 4.52
C ASN A 15 -7.86 -14.78 5.12
N THR A 16 -6.53 -14.91 5.09
CA THR A 16 -5.58 -14.04 5.80
C THR A 16 -4.39 -13.62 4.95
N GLY A 17 -3.94 -14.45 4.01
CA GLY A 17 -2.86 -14.16 3.06
C GLY A 17 -1.58 -14.98 3.27
N PHE A 18 -0.44 -14.51 2.74
CA PHE A 18 0.85 -15.18 2.96
C PHE A 18 1.23 -15.27 4.45
N ASP A 19 2.07 -16.23 4.79
CA ASP A 19 2.63 -16.39 6.15
C ASP A 19 3.85 -15.49 6.39
N LEU A 20 3.67 -14.16 6.31
CA LEU A 20 4.73 -13.14 6.47
C LEU A 20 5.65 -13.39 7.67
N ASN A 21 5.07 -13.84 8.79
CA ASN A 21 5.77 -14.20 10.03
C ASN A 21 6.92 -15.21 9.85
N ASN A 22 6.80 -16.12 8.89
CA ASN A 22 7.72 -17.25 8.65
C ASN A 22 7.86 -17.58 7.14
N LEU A 23 7.75 -16.57 6.27
CA LEU A 23 7.77 -16.73 4.81
C LEU A 23 9.05 -17.41 4.30
N ASP A 24 8.94 -18.08 3.14
CA ASP A 24 10.03 -18.82 2.48
C ASP A 24 11.23 -17.93 2.12
N PRO A 25 12.44 -18.50 1.99
CA PRO A 25 13.68 -17.75 1.73
C PRO A 25 13.72 -17.06 0.35
N GLU A 26 12.81 -17.42 -0.56
CA GLU A 26 12.68 -16.82 -1.89
C GLU A 26 11.38 -15.99 -2.06
N LEU A 27 10.38 -16.20 -1.19
CA LEU A 27 9.03 -15.63 -1.33
C LEU A 27 9.04 -14.12 -1.06
N LYS A 28 9.31 -13.75 0.19
CA LYS A 28 9.49 -12.35 0.61
C LYS A 28 10.60 -11.64 -0.18
N ASN A 29 11.60 -12.42 -0.60
CA ASN A 29 12.75 -11.96 -1.35
C ASN A 29 12.32 -11.46 -2.75
N LEU A 30 11.44 -12.20 -3.42
CA LEU A 30 10.80 -11.80 -4.67
C LEU A 30 9.82 -10.65 -4.46
N PHE A 31 9.02 -10.69 -3.41
CA PHE A 31 8.03 -9.63 -3.15
C PHE A 31 8.71 -8.25 -3.06
N ASP A 32 9.83 -8.17 -2.33
CA ASP A 32 10.66 -6.96 -2.22
C ASP A 32 11.48 -6.66 -3.50
N MET A 33 11.50 -7.58 -4.48
CA MET A 33 12.15 -7.41 -5.78
C MET A 33 11.17 -6.85 -6.82
N CYS A 34 10.02 -7.51 -7.06
CA CYS A 34 9.05 -7.01 -8.05
C CYS A 34 8.32 -5.73 -7.58
N GLY A 35 8.19 -5.57 -6.25
CA GLY A 35 7.65 -4.38 -5.60
C GLY A 35 6.43 -4.63 -4.71
N ILE A 36 5.99 -5.90 -4.58
CA ILE A 36 4.90 -6.32 -3.71
C ILE A 36 5.23 -6.00 -2.24
N SER A 37 4.19 -5.63 -1.47
CA SER A 37 4.29 -5.38 -0.03
C SER A 37 3.26 -6.20 0.73
N GLU A 38 3.45 -6.35 2.05
CA GLU A 38 2.60 -7.19 2.90
C GLU A 38 1.11 -6.84 2.82
N ALA A 39 0.74 -5.60 2.52
CA ALA A 39 -0.65 -5.20 2.31
C ALA A 39 -1.35 -5.96 1.16
N GLN A 40 -0.62 -6.25 0.07
CA GLN A 40 -1.10 -7.07 -1.05
C GLN A 40 -1.06 -8.56 -0.69
N LEU A 41 -0.06 -8.98 0.10
CA LEU A 41 0.13 -10.36 0.56
C LEU A 41 -0.92 -10.79 1.60
N LYS A 42 -1.52 -9.83 2.30
CA LYS A 42 -2.66 -10.02 3.22
C LYS A 42 -4.02 -9.78 2.54
N ASP A 43 -4.01 -9.36 1.27
CA ASP A 43 -5.22 -9.10 0.48
C ASP A 43 -5.73 -10.40 -0.13
N ARG A 44 -6.86 -10.95 0.32
CA ARG A 44 -7.40 -12.21 -0.25
C ARG A 44 -7.71 -12.14 -1.75
N GLU A 45 -7.74 -10.94 -2.31
CA GLU A 45 -8.03 -10.67 -3.72
C GLU A 45 -6.76 -10.42 -4.57
N THR A 46 -5.64 -10.01 -3.96
CA THR A 46 -4.34 -9.83 -4.64
C THR A 46 -3.38 -10.97 -4.34
N SER A 47 -3.19 -11.32 -3.05
CA SER A 47 -2.38 -12.46 -2.60
C SER A 47 -2.78 -13.79 -3.25
N LYS A 48 -4.07 -14.02 -3.49
CA LYS A 48 -4.59 -15.15 -4.29
C LYS A 48 -3.93 -15.25 -5.66
N VAL A 49 -3.88 -14.13 -6.40
CA VAL A 49 -3.25 -14.06 -7.73
C VAL A 49 -1.73 -14.25 -7.64
N ILE A 50 -1.09 -13.60 -6.65
CA ILE A 50 0.35 -13.73 -6.46
C ILE A 50 0.72 -15.20 -6.13
N TYR A 51 -0.09 -15.89 -5.32
CA TYR A 51 0.07 -17.32 -5.03
C TYR A 51 -0.20 -18.22 -6.24
N ASP A 52 -1.26 -17.95 -7.02
CA ASP A 52 -1.58 -18.72 -8.23
C ASP A 52 -0.41 -18.75 -9.22
N PHE A 53 0.41 -17.70 -9.26
CA PHE A 53 1.67 -17.65 -10.00
C PHE A 53 2.70 -18.63 -9.44
N ILE A 54 2.95 -18.64 -8.12
CA ILE A 54 3.92 -19.56 -7.52
C ILE A 54 3.49 -21.02 -7.74
N GLU A 55 2.19 -21.32 -7.66
CA GLU A 55 1.63 -22.67 -7.89
C GLU A 55 1.79 -23.16 -9.36
N LYS A 56 2.16 -22.27 -10.28
CA LYS A 56 2.22 -22.55 -11.73
C LYS A 56 3.54 -22.16 -12.41
N THR A 57 4.39 -21.41 -11.72
CA THR A 57 5.60 -20.76 -12.28
C THR A 57 6.71 -20.56 -11.25
N GLY A 58 6.36 -20.41 -9.97
CA GLY A 58 7.30 -20.48 -8.85
C GLY A 58 7.69 -21.92 -8.57
N GLY A 59 7.25 -22.49 -7.43
CA GLY A 59 7.63 -23.81 -6.91
C GLY A 59 9.10 -23.92 -6.49
N VAL A 60 9.35 -24.33 -5.24
CA VAL A 60 10.72 -24.39 -4.67
C VAL A 60 11.70 -25.25 -5.49
N GLU A 61 11.24 -26.36 -6.10
CA GLU A 61 12.06 -27.22 -6.97
C GLU A 61 12.07 -26.78 -8.44
N ALA A 62 10.99 -26.16 -8.91
CA ALA A 62 10.83 -25.63 -10.26
C ALA A 62 11.81 -24.49 -10.57
N VAL A 63 12.14 -23.65 -9.58
CA VAL A 63 13.07 -22.53 -9.73
C VAL A 63 14.54 -23.00 -9.79
N LYS A 64 14.87 -24.13 -9.12
CA LYS A 64 16.18 -24.79 -9.28
C LYS A 64 16.38 -25.43 -10.66
N ASN A 65 15.31 -25.90 -11.32
CA ASN A 65 15.36 -26.62 -12.60
C ASN A 65 14.07 -26.46 -13.45
N GLY B 1 4.21 -0.34 15.12
CA GLY B 1 4.57 0.33 13.85
C GLY B 1 3.70 -0.14 12.69
N SER B 2 3.64 0.68 11.63
CA SER B 2 2.84 0.40 10.40
C SER B 2 3.45 1.07 9.17
N HIS B 3 3.22 0.48 7.99
CA HIS B 3 3.59 1.02 6.67
C HIS B 3 2.45 1.81 5.99
N MET B 4 1.25 1.84 6.59
CA MET B 4 0.09 2.60 6.09
C MET B 4 0.19 4.12 6.40
N LYS B 5 -0.81 4.89 5.96
CA LYS B 5 -0.93 6.35 6.22
C LYS B 5 -1.02 6.71 7.71
N LYS B 6 -0.87 8.02 8.00
CA LYS B 6 -0.81 8.62 9.35
C LYS B 6 -2.10 9.36 9.79
N GLN B 7 -3.19 9.21 9.02
CA GLN B 7 -4.46 9.96 9.19
C GLN B 7 -5.69 9.08 9.40
N LYS B 8 -5.48 7.82 9.72
CA LYS B 8 -6.53 6.79 9.76
C LYS B 8 -7.61 7.09 10.81
N VAL B 9 -8.71 6.35 10.72
CA VAL B 9 -9.83 6.46 11.67
C VAL B 9 -10.40 5.08 11.99
N LYS B 10 -10.94 4.94 13.20
CA LYS B 10 -11.81 3.83 13.59
C LYS B 10 -13.25 4.34 13.62
N THR B 11 -14.14 3.63 12.94
CA THR B 11 -15.58 3.88 12.99
C THR B 11 -16.09 3.48 14.39
N ILE B 12 -17.09 4.21 14.91
CA ILE B 12 -17.71 3.93 16.22
C ILE B 12 -19.21 3.63 16.08
N PHE B 13 -19.72 3.69 14.86
CA PHE B 13 -21.12 3.44 14.49
C PHE B 13 -21.23 2.93 13.03
N PRO B 14 -22.30 2.18 12.68
CA PRO B 14 -22.54 1.68 11.32
C PRO B 14 -22.97 2.79 10.35
N HIS B 15 -22.85 2.52 9.04
CA HIS B 15 -23.35 3.39 7.96
C HIS B 15 -23.95 2.57 6.81
N THR B 16 -25.11 3.02 6.30
CA THR B 16 -25.87 2.38 5.22
C THR B 16 -25.73 3.18 3.92
N ALA B 17 -24.82 2.72 3.06
CA ALA B 17 -24.57 3.29 1.73
C ALA B 17 -25.76 3.14 0.74
N GLY B 18 -26.65 2.18 0.98
CA GLY B 18 -27.77 1.88 0.07
C GLY B 18 -27.31 1.41 -1.32
N SER B 19 -28.08 1.75 -2.35
CA SER B 19 -27.84 1.39 -3.76
C SER B 19 -26.73 2.21 -4.46
N ASN B 20 -26.08 3.17 -3.77
CA ASN B 20 -25.09 4.07 -4.36
C ASN B 20 -23.79 3.36 -4.82
N LYS B 21 -22.96 4.08 -5.60
CA LYS B 21 -21.70 3.58 -6.21
C LYS B 21 -20.45 4.36 -5.78
N THR B 22 -20.61 5.37 -4.92
CA THR B 22 -19.55 6.24 -4.39
C THR B 22 -19.55 6.34 -2.86
N LEU B 23 -20.37 5.54 -2.16
CA LEU B 23 -20.42 5.48 -0.70
C LEU B 23 -19.73 4.23 -0.12
N LEU B 24 -19.32 4.32 1.16
CA LEU B 24 -18.65 3.27 1.92
C LEU B 24 -19.50 2.86 3.12
N SER B 25 -19.98 1.61 3.13
CA SER B 25 -20.70 1.01 4.27
C SER B 25 -19.77 0.25 5.22
N PHE B 26 -20.15 0.19 6.49
CA PHE B 26 -19.42 -0.49 7.57
C PHE B 26 -20.28 -0.66 8.82
N ALA B 27 -19.72 -1.30 9.85
CA ALA B 27 -20.26 -1.39 11.20
C ALA B 27 -19.45 -0.52 12.18
N GLN B 28 -19.81 -0.52 13.48
CA GLN B 28 -18.96 -0.02 14.57
C GLN B 28 -17.70 -0.89 14.72
N GLY B 29 -16.58 -0.25 15.12
CA GLY B 29 -15.31 -0.93 15.43
C GLY B 29 -14.48 -1.29 14.18
N ASP B 30 -14.96 -0.91 13.00
CA ASP B 30 -14.24 -1.04 11.73
C ASP B 30 -13.19 0.07 11.55
N VAL B 31 -12.28 -0.08 10.57
CA VAL B 31 -11.10 0.78 10.40
C VAL B 31 -10.97 1.22 8.93
N ILE B 32 -10.60 2.49 8.70
CA ILE B 32 -10.67 3.14 7.39
C ILE B 32 -9.44 4.04 7.22
N THR B 33 -8.87 4.06 6.01
CA THR B 33 -7.70 4.87 5.63
C THR B 33 -8.16 6.02 4.73
N LEU B 34 -8.03 7.26 5.19
CA LEU B 34 -8.37 8.44 4.38
C LEU B 34 -7.52 8.50 3.10
N LEU B 35 -8.12 8.98 2.02
CA LEU B 35 -7.52 9.11 0.69
C LEU B 35 -7.51 10.58 0.20
N ILE B 36 -8.00 11.52 1.01
CA ILE B 36 -8.17 12.95 0.69
C ILE B 36 -7.55 13.84 1.79
N PRO B 37 -7.16 15.11 1.47
CA PRO B 37 -6.51 16.01 2.43
C PRO B 37 -7.45 16.66 3.46
N GLU B 38 -8.75 16.79 3.14
CA GLU B 38 -9.76 17.48 3.97
C GLU B 38 -11.19 16.96 3.69
N GLU B 39 -12.13 17.20 4.62
CA GLU B 39 -13.54 16.83 4.47
C GLU B 39 -14.33 17.71 3.50
N LYS B 40 -15.53 17.23 3.15
CA LYS B 40 -16.50 17.97 2.32
C LYS B 40 -17.93 17.72 2.77
N ASP B 41 -18.70 18.75 3.13
CA ASP B 41 -20.11 18.60 3.57
C ASP B 41 -20.31 17.56 4.72
N GLY B 42 -19.26 17.31 5.50
CA GLY B 42 -19.19 16.28 6.54
C GLY B 42 -18.83 14.86 6.05
N TRP B 43 -18.73 14.67 4.74
CA TRP B 43 -18.26 13.45 4.08
C TRP B 43 -16.75 13.43 3.90
N LEU B 44 -16.16 12.28 4.23
CA LEU B 44 -14.74 11.96 4.09
C LEU B 44 -14.59 10.72 3.19
N TYR B 45 -13.50 10.62 2.43
CA TYR B 45 -13.28 9.52 1.49
C TYR B 45 -12.07 8.70 1.90
N GLY B 46 -12.22 7.37 1.83
CA GLY B 46 -11.22 6.42 2.30
C GLY B 46 -11.46 4.99 1.84
N GLU B 47 -10.56 4.09 2.26
CA GLU B 47 -10.53 2.66 1.94
C GLU B 47 -10.58 1.82 3.23
N HIS B 48 -11.48 0.84 3.31
CA HIS B 48 -11.65 -0.05 4.46
C HIS B 48 -10.52 -1.08 4.63
N ASP B 49 -10.06 -1.28 5.87
CA ASP B 49 -8.99 -2.22 6.25
C ASP B 49 -9.41 -3.72 6.31
N VAL B 50 -10.63 -4.09 5.87
CA VAL B 50 -11.17 -5.48 5.93
C VAL B 50 -11.71 -6.02 4.61
N SER B 51 -11.88 -5.13 3.62
CA SER B 51 -12.48 -5.45 2.31
C SER B 51 -11.89 -4.61 1.15
N LYS B 52 -11.08 -3.57 1.46
CA LYS B 52 -10.52 -2.60 0.51
C LYS B 52 -11.58 -1.80 -0.26
N ALA B 53 -12.82 -1.80 0.23
CA ALA B 53 -13.91 -0.99 -0.30
C ALA B 53 -13.63 0.51 -0.10
N ARG B 54 -13.92 1.30 -1.13
CA ARG B 54 -13.69 2.75 -1.17
C ARG B 54 -15.01 3.48 -1.35
N GLY B 55 -15.14 4.65 -0.72
CA GLY B 55 -16.35 5.46 -0.79
C GLY B 55 -16.36 6.60 0.22
N TRP B 56 -17.29 7.53 0.05
CA TRP B 56 -17.54 8.57 1.02
C TRP B 56 -18.23 7.96 2.25
N PHE B 57 -17.73 8.30 3.43
CA PHE B 57 -18.31 7.92 4.72
C PHE B 57 -18.50 9.14 5.65
N PRO B 58 -19.45 9.07 6.59
CA PRO B 58 -19.68 10.11 7.59
C PRO B 58 -18.57 10.16 8.66
N SER B 59 -17.81 11.27 8.72
CA SER B 59 -16.84 11.51 9.82
C SER B 59 -17.50 11.51 11.20
N SER B 60 -18.77 11.90 11.30
CA SER B 60 -19.53 11.91 12.56
C SER B 60 -19.70 10.52 13.20
N TYR B 61 -19.73 9.44 12.40
CA TYR B 61 -19.70 8.04 12.86
C TYR B 61 -18.28 7.47 13.05
N THR B 62 -17.23 8.29 12.94
CA THR B 62 -15.83 7.92 13.20
C THR B 62 -15.15 8.96 14.12
N LYS B 63 -13.83 8.86 14.32
CA LYS B 63 -13.06 9.83 15.14
C LYS B 63 -11.61 9.97 14.67
N LEU B 64 -10.71 9.13 15.17
CA LEU B 64 -9.28 9.06 14.86
C LEU B 64 -8.74 7.62 15.11
N LEU B 65 -7.42 7.41 14.96
CA LEU B 65 -6.74 6.17 15.36
C LEU B 65 -5.43 6.41 16.17
N GLU B 66 -5.28 7.61 16.74
CA GLU B 66 -4.12 7.97 17.58
C GLU B 66 -3.90 7.05 18.81
N GLU B 67 -2.66 7.05 19.32
CA GLU B 67 -2.12 6.11 20.33
C GLU B 67 -3.00 5.89 21.59
N LEU C 2 15.35 -16.24 -7.99
CA LEU C 2 14.98 -14.85 -7.61
C LEU C 2 14.85 -13.92 -8.83
N PRO C 3 15.93 -13.49 -9.52
CA PRO C 3 15.86 -12.39 -10.50
C PRO C 3 15.05 -12.76 -11.76
N ASP C 4 15.10 -14.02 -12.19
CA ASP C 4 14.31 -14.51 -13.33
C ASP C 4 12.83 -14.70 -12.98
N VAL C 5 12.49 -15.02 -11.72
CA VAL C 5 11.10 -15.22 -11.27
C VAL C 5 10.29 -13.93 -11.36
N ALA C 6 10.90 -12.77 -11.08
CA ALA C 6 10.23 -11.48 -11.25
C ALA C 6 9.93 -11.13 -12.72
N GLN C 7 10.73 -11.62 -13.68
CA GLN C 7 10.54 -11.33 -15.11
C GLN C 7 9.26 -12.01 -15.67
N ARG C 8 8.84 -13.10 -15.02
CA ARG C 8 7.65 -13.91 -15.34
C ARG C 8 6.47 -13.62 -14.42
N LEU C 9 6.69 -13.10 -13.20
CA LEU C 9 5.63 -12.61 -12.31
C LEU C 9 4.85 -11.46 -12.94
N MET C 10 5.54 -10.45 -13.48
CA MET C 10 4.88 -9.27 -14.06
C MET C 10 3.91 -9.63 -15.20
N GLN C 11 4.26 -10.66 -15.98
CA GLN C 11 3.40 -11.22 -17.04
C GLN C 11 2.12 -11.86 -16.48
N HIS C 12 2.19 -12.56 -15.34
CA HIS C 12 1.01 -13.12 -14.66
C HIS C 12 0.09 -12.03 -14.11
N LEU C 13 0.65 -11.06 -13.39
CA LEU C 13 -0.12 -10.02 -12.72
C LEU C 13 -0.90 -9.14 -13.71
N ALA C 14 -0.39 -8.98 -14.93
CA ALA C 14 -1.03 -8.21 -16.00
C ALA C 14 -2.32 -8.87 -16.53
N GLU C 15 -2.49 -10.18 -16.31
CA GLU C 15 -3.63 -10.97 -16.77
C GLU C 15 -4.89 -10.77 -15.89
N HIS C 16 -4.68 -10.30 -14.65
CA HIS C 16 -5.71 -10.00 -13.65
C HIS C 16 -5.78 -8.51 -13.30
N GLY C 17 -4.91 -7.70 -13.90
CA GLY C 17 -4.72 -6.29 -13.57
C GLY C 17 -4.18 -6.02 -12.15
N ILE C 18 -3.55 -7.00 -11.50
CA ILE C 18 -2.78 -6.78 -10.26
C ILE C 18 -1.57 -5.89 -10.54
N GLN C 19 -1.14 -5.14 -9.52
CA GLN C 19 0.09 -4.35 -9.51
C GLN C 19 0.88 -4.55 -8.20
N PRO C 20 2.22 -4.42 -8.23
CA PRO C 20 3.03 -4.35 -7.02
C PRO C 20 2.73 -3.06 -6.23
N ALA C 21 3.02 -3.08 -4.92
CA ALA C 21 2.77 -1.97 -4.00
C ALA C 21 3.61 -0.71 -4.27
N ARG C 22 4.72 -0.87 -5.02
CA ARG C 22 5.51 0.25 -5.59
C ARG C 22 4.73 1.12 -6.60
N ASN C 23 3.57 0.68 -7.06
CA ASN C 23 2.72 1.31 -8.08
C ASN C 23 1.25 1.40 -7.60
N MET C 24 0.98 2.28 -6.63
CA MET C 24 -0.35 2.47 -6.01
C MET C 24 -0.75 3.95 -6.02
N ALA C 25 -1.71 4.29 -6.89
CA ALA C 25 -2.29 5.64 -7.00
C ALA C 25 -3.68 5.62 -7.69
N GLU C 26 -4.52 6.60 -7.35
CA GLU C 26 -5.90 6.73 -7.83
C GLU C 26 -6.49 8.14 -7.62
N HIS C 27 -7.63 8.39 -8.29
CA HIS C 27 -8.45 9.59 -8.17
C HIS C 27 -9.50 9.50 -7.04
N ILE C 28 -10.25 10.59 -6.82
CA ILE C 28 -11.32 10.70 -5.81
C ILE C 28 -12.67 11.06 -6.49
N PRO C 29 -13.77 10.38 -6.11
CA PRO C 29 -15.14 10.63 -6.60
C PRO C 29 -15.73 11.99 -6.19
N PRO C 30 -16.94 12.38 -6.69
CA PRO C 30 -17.62 13.62 -6.31
C PRO C 30 -18.12 13.62 -4.86
N ALA C 31 -19.26 12.96 -4.59
CA ALA C 31 -20.03 12.92 -3.33
C ALA C 31 -21.53 12.63 -3.56
N PRO C 32 -22.29 12.23 -2.50
CA PRO C 32 -23.74 12.06 -2.54
C PRO C 32 -24.53 13.39 -2.62
N ASN C 33 -25.85 13.28 -2.81
CA ASN C 33 -26.78 14.41 -2.93
C ASN C 33 -27.38 14.90 -1.58
N TRP C 34 -26.93 14.36 -0.44
CA TRP C 34 -27.35 14.73 0.92
C TRP C 34 -26.15 14.82 1.88
N PRO C 35 -26.27 15.55 3.00
CA PRO C 35 -25.20 15.67 4.00
C PRO C 35 -24.96 14.39 4.81
N ALA C 36 -23.76 14.28 5.39
CA ALA C 36 -23.39 13.14 6.21
C ALA C 36 -24.26 13.02 7.48
N PRO C 37 -24.76 11.81 7.81
CA PRO C 37 -25.56 11.55 9.02
C PRO C 37 -24.73 11.65 10.31
N THR C 38 -25.41 11.69 11.46
CA THR C 38 -24.82 11.97 12.79
C THR C 38 -25.21 10.91 13.86
N PRO C 39 -24.33 10.66 14.86
CA PRO C 39 -24.53 9.66 15.90
C PRO C 39 -25.68 10.00 16.88
N PRO C 40 -26.13 9.02 17.70
CA PRO C 40 -27.13 9.23 18.74
C PRO C 40 -26.56 10.04 19.92
N VAL C 41 -26.52 11.37 19.75
CA VAL C 41 -26.00 12.33 20.73
C VAL C 41 -26.92 13.55 20.77
N GLN C 42 -27.70 13.66 21.85
CA GLN C 42 -28.69 14.72 22.09
C GLN C 42 -28.87 14.94 23.62
N ASN C 43 -29.98 15.55 24.04
CA ASN C 43 -30.36 15.66 25.46
C ASN C 43 -30.63 14.26 26.08
N GLU C 44 -29.66 13.72 26.80
CA GLU C 44 -29.71 12.40 27.49
C GLU C 44 -29.68 12.58 29.03
N GLN C 45 -30.15 11.55 29.75
CA GLN C 45 -30.21 11.55 31.22
C GLN C 45 -28.83 11.35 31.87
N SER C 46 -27.96 10.56 31.23
CA SER C 46 -26.62 10.13 31.67
C SER C 46 -26.47 9.72 33.15
N ARG C 47 -27.53 9.14 33.73
CA ARG C 47 -27.75 8.80 35.16
C ARG C 47 -27.74 10.00 36.13
N PRO C 48 -28.49 9.94 37.26
CA PRO C 48 -28.52 11.01 38.27
C PRO C 48 -27.18 11.18 39.01
N GLY A 1 1.92 -37.14 8.66
CA GLY A 1 2.14 -36.81 7.23
C GLY A 1 0.82 -36.55 6.52
N SER A 2 0.41 -35.27 6.48
CA SER A 2 -0.89 -34.80 5.96
C SER A 2 -0.77 -33.39 5.36
N ASN A 3 0.16 -33.23 4.42
CA ASN A 3 0.55 -31.95 3.78
C ASN A 3 0.69 -32.08 2.25
N PHE A 4 0.85 -30.93 1.57
CA PHE A 4 0.99 -30.85 0.10
C PHE A 4 2.30 -31.46 -0.45
N GLN A 5 2.33 -31.67 -1.77
CA GLN A 5 3.43 -32.29 -2.52
C GLN A 5 4.18 -31.29 -3.40
N HIS A 6 3.54 -30.78 -4.46
CA HIS A 6 4.09 -29.79 -5.39
C HIS A 6 4.29 -28.38 -4.80
N ILE A 7 3.67 -28.12 -3.63
CA ILE A 7 3.71 -26.87 -2.87
C ILE A 7 3.80 -27.19 -1.35
N GLY A 8 3.58 -26.19 -0.51
CA GLY A 8 3.44 -26.32 0.94
C GLY A 8 4.35 -25.32 1.67
N HIS A 9 5.50 -25.07 1.06
CA HIS A 9 6.50 -24.05 1.42
C HIS A 9 5.98 -22.60 1.47
N VAL A 10 4.92 -22.28 0.72
CA VAL A 10 4.40 -20.92 0.55
C VAL A 10 3.55 -20.45 1.76
N GLY A 11 2.78 -21.35 2.37
CA GLY A 11 1.93 -21.08 3.53
C GLY A 11 0.82 -20.02 3.33
N TRP A 12 0.35 -19.81 2.11
CA TRP A 12 -0.71 -18.85 1.81
C TRP A 12 -2.11 -19.41 2.15
N ASP A 13 -3.03 -18.52 2.56
CA ASP A 13 -4.45 -18.85 2.74
C ASP A 13 -5.44 -17.81 2.17
N PRO A 14 -6.59 -18.23 1.62
CA PRO A 14 -7.63 -17.38 1.03
C PRO A 14 -8.45 -16.54 2.03
N ASN A 15 -8.08 -16.56 3.31
CA ASN A 15 -8.75 -15.81 4.40
C ASN A 15 -7.82 -14.82 5.13
N THR A 16 -6.50 -15.01 5.06
CA THR A 16 -5.50 -14.22 5.81
C THR A 16 -4.30 -13.81 4.97
N GLY A 17 -3.87 -14.63 4.00
CA GLY A 17 -2.80 -14.32 3.06
C GLY A 17 -1.52 -15.15 3.24
N PHE A 18 -0.39 -14.66 2.72
CA PHE A 18 0.92 -15.34 2.83
C PHE A 18 1.40 -15.41 4.28
N ASP A 19 2.12 -16.49 4.63
CA ASP A 19 2.65 -16.69 6.00
C ASP A 19 3.98 -15.99 6.25
N LEU A 20 3.93 -14.65 6.25
CA LEU A 20 5.03 -13.71 6.49
C LEU A 20 5.91 -14.05 7.69
N ASN A 21 5.29 -14.57 8.76
CA ASN A 21 5.94 -15.01 9.99
C ASN A 21 7.08 -16.02 9.76
N ASN A 22 6.97 -16.86 8.72
CA ASN A 22 7.90 -17.96 8.40
C ASN A 22 8.00 -18.20 6.88
N LEU A 23 7.87 -17.15 6.06
CA LEU A 23 7.98 -17.24 4.59
C LEU A 23 9.33 -17.84 4.15
N ASP A 24 9.31 -18.47 2.97
CA ASP A 24 10.47 -19.14 2.36
C ASP A 24 11.64 -18.17 2.09
N PRO A 25 12.88 -18.67 1.96
CA PRO A 25 14.06 -17.84 1.66
C PRO A 25 14.03 -17.19 0.27
N GLU A 26 13.07 -17.58 -0.58
CA GLU A 26 12.81 -16.97 -1.89
C GLU A 26 11.52 -16.13 -1.91
N LEU A 27 10.52 -16.47 -1.11
CA LEU A 27 9.15 -15.98 -1.34
C LEU A 27 9.05 -14.46 -1.12
N LYS A 28 9.35 -14.05 0.11
CA LYS A 28 9.47 -12.64 0.48
C LYS A 28 10.53 -11.89 -0.34
N ASN A 29 11.61 -12.57 -0.74
CA ASN A 29 12.69 -11.96 -1.51
C ASN A 29 12.19 -11.54 -2.91
N LEU A 30 11.42 -12.42 -3.57
CA LEU A 30 10.74 -12.14 -4.83
C LEU A 30 9.71 -11.04 -4.67
N PHE A 31 8.92 -11.08 -3.60
CA PHE A 31 7.87 -10.08 -3.41
C PHE A 31 8.48 -8.67 -3.34
N ASP A 32 9.55 -8.50 -2.55
CA ASP A 32 10.28 -7.24 -2.41
C ASP A 32 11.04 -6.82 -3.69
N MET A 33 11.38 -7.79 -4.55
CA MET A 33 12.10 -7.56 -5.81
C MET A 33 11.19 -6.91 -6.86
N CYS A 34 10.02 -7.50 -7.12
CA CYS A 34 9.04 -6.95 -8.07
C CYS A 34 8.39 -5.67 -7.52
N GLY A 35 8.31 -5.52 -6.19
CA GLY A 35 7.83 -4.31 -5.50
C GLY A 35 6.58 -4.52 -4.65
N ILE A 36 6.13 -5.76 -4.50
CA ILE A 36 4.97 -6.15 -3.69
C ILE A 36 5.25 -5.87 -2.20
N SER A 37 4.18 -5.54 -1.46
CA SER A 37 4.25 -5.31 0.00
C SER A 37 3.23 -6.18 0.75
N GLU A 38 3.42 -6.37 2.05
CA GLU A 38 2.59 -7.22 2.92
C GLU A 38 1.09 -6.92 2.83
N ALA A 39 0.71 -5.66 2.55
CA ALA A 39 -0.68 -5.29 2.28
C ALA A 39 -1.32 -6.13 1.15
N GLN A 40 -0.59 -6.35 0.05
CA GLN A 40 -1.05 -7.18 -1.06
C GLN A 40 -1.08 -8.66 -0.68
N LEU A 41 -0.06 -9.13 0.04
CA LEU A 41 0.07 -10.51 0.51
C LEU A 41 -0.98 -10.91 1.53
N LYS A 42 -1.55 -9.95 2.27
CA LYS A 42 -2.68 -10.14 3.19
C LYS A 42 -4.04 -9.88 2.53
N ASP A 43 -4.05 -9.44 1.27
CA ASP A 43 -5.25 -9.14 0.51
C ASP A 43 -5.79 -10.40 -0.15
N ARG A 44 -6.95 -10.91 0.28
CA ARG A 44 -7.54 -12.14 -0.28
C ARG A 44 -7.84 -12.08 -1.78
N GLU A 45 -7.81 -10.88 -2.36
CA GLU A 45 -8.10 -10.61 -3.77
C GLU A 45 -6.82 -10.36 -4.60
N THR A 46 -5.70 -9.98 -3.96
CA THR A 46 -4.40 -9.77 -4.63
C THR A 46 -3.44 -10.93 -4.37
N SER A 47 -3.25 -11.31 -3.11
CA SER A 47 -2.43 -12.46 -2.68
C SER A 47 -2.83 -13.77 -3.38
N LYS A 48 -4.13 -13.98 -3.61
CA LYS A 48 -4.69 -15.09 -4.41
C LYS A 48 -4.04 -15.21 -5.79
N VAL A 49 -3.95 -14.09 -6.51
CA VAL A 49 -3.34 -14.04 -7.85
C VAL A 49 -1.83 -14.26 -7.77
N ILE A 50 -1.17 -13.60 -6.81
CA ILE A 50 0.28 -13.75 -6.63
C ILE A 50 0.63 -15.23 -6.29
N TYR A 51 -0.19 -15.89 -5.48
CA TYR A 51 -0.06 -17.32 -5.15
C TYR A 51 -0.30 -18.24 -6.34
N ASP A 52 -1.34 -17.99 -7.14
CA ASP A 52 -1.65 -18.77 -8.35
C ASP A 52 -0.45 -18.81 -9.33
N PHE A 53 0.36 -17.75 -9.36
CA PHE A 53 1.63 -17.72 -10.09
C PHE A 53 2.65 -18.69 -9.51
N ILE A 54 2.90 -18.69 -8.20
CA ILE A 54 3.92 -19.58 -7.61
C ILE A 54 3.54 -21.06 -7.79
N GLU A 55 2.25 -21.41 -7.65
CA GLU A 55 1.75 -22.79 -7.80
C GLU A 55 1.80 -23.29 -9.27
N LYS A 56 2.12 -22.40 -10.23
CA LYS A 56 2.15 -22.73 -11.67
C LYS A 56 3.48 -22.36 -12.38
N THR A 57 4.31 -21.52 -11.75
CA THR A 57 5.49 -20.87 -12.37
C THR A 57 6.65 -20.65 -11.39
N GLY A 58 6.35 -20.46 -10.10
CA GLY A 58 7.35 -20.38 -9.03
C GLY A 58 7.86 -21.78 -8.65
N GLY A 59 7.39 -22.33 -7.52
CA GLY A 59 7.82 -23.61 -6.93
C GLY A 59 9.27 -23.65 -6.44
N VAL A 60 9.47 -24.08 -5.19
CA VAL A 60 10.83 -24.19 -4.58
C VAL A 60 11.80 -25.06 -5.38
N GLU A 61 11.31 -26.13 -6.02
CA GLU A 61 12.12 -27.05 -6.86
C GLU A 61 12.17 -26.63 -8.34
N ALA A 62 11.10 -26.02 -8.85
CA ALA A 62 10.98 -25.55 -10.23
C ALA A 62 12.01 -24.47 -10.60
N VAL A 63 12.30 -23.54 -9.68
CA VAL A 63 13.30 -22.47 -9.87
C VAL A 63 14.74 -23.04 -9.80
N LYS A 64 14.93 -24.07 -8.98
CA LYS A 64 16.20 -24.82 -8.81
C LYS A 64 16.58 -25.69 -10.03
N ASN A 65 15.61 -26.11 -10.85
CA ASN A 65 15.83 -26.84 -12.11
C ASN A 65 16.56 -25.98 -13.17
N GLY B 1 12.85 1.58 9.65
CA GLY B 1 12.48 1.38 8.23
C GLY B 1 11.06 1.87 7.94
N SER B 2 10.78 2.21 6.68
CA SER B 2 9.46 2.68 6.20
C SER B 2 9.17 2.22 4.76
N HIS B 3 7.88 2.02 4.44
CA HIS B 3 7.42 1.79 3.07
C HIS B 3 7.49 3.08 2.23
N MET B 4 7.08 4.20 2.83
CA MET B 4 7.11 5.53 2.21
C MET B 4 8.50 6.19 2.32
N LYS B 5 8.69 7.28 1.56
CA LYS B 5 9.88 8.14 1.57
C LYS B 5 10.30 8.59 2.98
N LYS B 6 11.61 8.75 3.20
CA LYS B 6 12.25 9.07 4.49
C LYS B 6 12.22 10.58 4.79
N GLN B 7 11.01 11.16 4.84
CA GLN B 7 10.76 12.57 5.14
C GLN B 7 9.44 12.74 5.90
N LYS B 8 9.53 13.14 7.18
CA LYS B 8 8.38 13.42 8.05
C LYS B 8 8.61 14.67 8.90
N VAL B 9 7.54 15.16 9.53
CA VAL B 9 7.55 16.26 10.50
C VAL B 9 6.66 15.92 11.71
N LYS B 10 6.97 16.54 12.85
CA LYS B 10 6.08 16.63 13.99
C LYS B 10 5.47 18.02 14.01
N THR B 11 4.14 18.09 14.06
CA THR B 11 3.42 19.34 14.32
C THR B 11 3.61 19.72 15.80
N ILE B 12 3.87 20.99 16.08
CA ILE B 12 4.09 21.53 17.44
C ILE B 12 2.94 22.43 17.89
N PHE B 13 1.94 22.64 17.02
CA PHE B 13 0.75 23.47 17.26
C PHE B 13 -0.43 23.00 16.39
N PRO B 14 -1.69 23.31 16.77
CA PRO B 14 -2.88 23.01 15.97
C PRO B 14 -3.01 23.93 14.74
N HIS B 15 -3.85 23.53 13.78
CA HIS B 15 -4.25 24.31 12.60
C HIS B 15 -5.70 23.97 12.20
N THR B 16 -6.41 24.93 11.58
CA THR B 16 -7.84 24.85 11.26
C THR B 16 -8.08 25.38 9.84
N ALA B 17 -8.68 24.56 8.98
CA ALA B 17 -8.84 24.84 7.55
C ALA B 17 -9.72 26.07 7.24
N GLY B 18 -10.97 26.08 7.72
CA GLY B 18 -11.94 27.16 7.49
C GLY B 18 -12.41 27.27 6.02
N SER B 19 -13.53 26.60 5.69
CA SER B 19 -14.17 26.55 4.37
C SER B 19 -13.24 26.23 3.17
N ASN B 20 -12.29 25.32 3.40
CA ASN B 20 -11.36 24.78 2.39
C ASN B 20 -11.46 23.24 2.30
N LYS B 21 -11.04 22.69 1.15
CA LYS B 21 -11.00 21.23 0.86
C LYS B 21 -9.59 20.75 0.44
N THR B 22 -8.58 21.60 0.67
CA THR B 22 -7.16 21.40 0.31
C THR B 22 -6.22 21.62 1.50
N LEU B 23 -6.75 21.76 2.72
CA LEU B 23 -5.99 21.98 3.96
C LEU B 23 -6.08 20.77 4.91
N LEU B 24 -5.12 20.67 5.82
CA LEU B 24 -4.96 19.58 6.79
C LEU B 24 -5.04 20.13 8.23
N SER B 25 -5.82 19.49 9.08
CA SER B 25 -6.06 19.86 10.48
C SER B 25 -5.62 18.76 11.45
N PHE B 26 -5.17 19.20 12.61
CA PHE B 26 -4.48 18.41 13.64
C PHE B 26 -4.33 19.19 14.97
N ALA B 27 -3.69 18.58 15.96
CA ALA B 27 -3.30 19.18 17.24
C ALA B 27 -1.78 19.10 17.47
N GLN B 28 -1.26 19.83 18.44
CA GLN B 28 0.15 19.72 18.85
C GLN B 28 0.53 18.27 19.19
N GLY B 29 1.72 17.85 18.73
CA GLY B 29 2.28 16.53 18.99
C GLY B 29 1.95 15.49 17.92
N ASP B 30 1.13 15.85 16.92
CA ASP B 30 0.75 14.97 15.82
C ASP B 30 1.85 14.89 14.74
N VAL B 31 1.87 13.81 13.96
CA VAL B 31 2.93 13.47 13.00
C VAL B 31 2.34 13.36 11.57
N ILE B 32 3.03 13.97 10.62
CA ILE B 32 2.63 14.03 9.21
C ILE B 32 3.80 13.56 8.32
N THR B 33 3.52 12.70 7.35
CA THR B 33 4.49 12.23 6.35
C THR B 33 4.37 13.08 5.09
N LEU B 34 5.48 13.62 4.57
CA LEU B 34 5.45 14.45 3.35
C LEU B 34 5.12 13.61 2.10
N LEU B 35 4.46 14.27 1.15
CA LEU B 35 4.05 13.71 -0.16
C LEU B 35 4.61 14.52 -1.35
N ILE B 36 5.37 15.59 -1.08
CA ILE B 36 5.93 16.52 -2.07
C ILE B 36 7.46 16.67 -1.87
N PRO B 37 8.24 17.03 -2.90
CA PRO B 37 9.71 17.13 -2.81
C PRO B 37 10.22 18.38 -2.07
N GLU B 38 9.44 19.47 -2.04
CA GLU B 38 9.81 20.77 -1.45
C GLU B 38 8.57 21.60 -1.04
N GLU B 39 8.73 22.57 -0.14
CA GLU B 39 7.64 23.45 0.30
C GLU B 39 7.30 24.56 -0.69
N LYS B 40 6.20 25.27 -0.40
CA LYS B 40 5.69 26.36 -1.25
C LYS B 40 5.03 27.45 -0.40
N ASP B 41 5.49 28.69 -0.45
CA ASP B 41 4.91 29.79 0.34
C ASP B 41 4.76 29.52 1.86
N GLY B 42 5.62 28.62 2.39
CA GLY B 42 5.55 28.08 3.74
C GLY B 42 4.48 27.01 4.00
N TRP B 43 3.77 26.59 2.96
CA TRP B 43 2.88 25.44 2.97
C TRP B 43 3.63 24.18 2.54
N LEU B 44 3.27 23.07 3.18
CA LEU B 44 3.76 21.71 2.92
C LEU B 44 2.59 20.74 2.79
N TYR B 45 2.76 19.65 2.05
CA TYR B 45 1.67 18.70 1.79
C TYR B 45 2.09 17.28 2.19
N GLY B 46 1.19 16.61 2.90
CA GLY B 46 1.46 15.33 3.55
C GLY B 46 0.19 14.58 3.94
N GLU B 47 0.38 13.44 4.59
CA GLU B 47 -0.67 12.55 5.11
C GLU B 47 -0.43 12.27 6.59
N HIS B 48 -1.45 12.47 7.42
CA HIS B 48 -1.40 12.27 8.87
C HIS B 48 -1.29 10.78 9.24
N ASP B 49 -0.33 10.42 10.11
CA ASP B 49 -0.03 9.05 10.51
C ASP B 49 -1.07 8.35 11.44
N VAL B 50 -2.20 9.02 11.76
CA VAL B 50 -3.23 8.53 12.72
C VAL B 50 -4.66 8.53 12.15
N SER B 51 -4.89 9.34 11.10
CA SER B 51 -6.21 9.63 10.52
C SER B 51 -6.22 9.45 8.98
N LYS B 52 -5.03 9.43 8.35
CA LYS B 52 -4.81 9.30 6.89
C LYS B 52 -5.39 10.47 6.08
N ALA B 53 -5.74 11.56 6.76
CA ALA B 53 -6.11 12.84 6.16
C ALA B 53 -4.90 13.48 5.45
N ARG B 54 -5.15 14.07 4.28
CA ARG B 54 -4.19 14.83 3.48
C ARG B 54 -4.66 16.27 3.25
N GLY B 55 -3.69 17.16 3.06
CA GLY B 55 -3.92 18.60 2.82
C GLY B 55 -2.65 19.42 3.01
N TRP B 56 -2.68 20.70 2.60
CA TRP B 56 -1.59 21.62 2.89
C TRP B 56 -1.63 21.99 4.37
N PHE B 57 -0.48 21.87 5.03
CA PHE B 57 -0.26 22.30 6.41
C PHE B 57 0.85 23.38 6.49
N PRO B 58 0.78 24.28 7.49
CA PRO B 58 1.79 25.32 7.69
C PRO B 58 3.10 24.79 8.28
N SER B 59 4.18 24.98 7.52
CA SER B 59 5.57 24.65 7.92
C SER B 59 6.00 25.34 9.22
N SER B 60 5.46 26.53 9.54
CA SER B 60 5.77 27.28 10.76
C SER B 60 5.32 26.57 12.04
N TYR B 61 4.20 25.83 11.99
CA TYR B 61 3.64 25.04 13.09
C TYR B 61 4.22 23.62 13.16
N THR B 62 5.23 23.28 12.37
CA THR B 62 5.88 21.95 12.39
C THR B 62 7.41 22.05 12.42
N LYS B 63 8.08 20.94 12.73
CA LYS B 63 9.54 20.78 12.62
C LYS B 63 9.90 19.39 12.10
N LEU B 64 10.99 19.29 11.34
CA LEU B 64 11.47 18.01 10.79
C LEU B 64 11.85 17.01 11.89
N LEU B 65 11.77 15.73 11.52
CA LEU B 65 12.15 14.58 12.36
C LEU B 65 13.46 13.92 11.87
N GLU B 66 14.23 14.62 11.03
CA GLU B 66 15.61 14.28 10.66
C GLU B 66 16.54 14.13 11.89
N GLU B 67 17.54 13.25 11.78
CA GLU B 67 18.57 12.99 12.81
C GLU B 67 19.42 14.22 13.21
N LEU C 2 15.61 -16.25 -8.27
CA LEU C 2 15.01 -14.95 -7.82
C LEU C 2 14.81 -13.93 -8.95
N PRO C 3 15.86 -13.28 -9.52
CA PRO C 3 15.66 -12.12 -10.40
C PRO C 3 14.93 -12.43 -11.72
N ASP C 4 15.04 -13.67 -12.22
CA ASP C 4 14.28 -14.14 -13.38
C ASP C 4 12.79 -14.36 -13.05
N VAL C 5 12.45 -14.85 -11.85
CA VAL C 5 11.05 -15.12 -11.43
C VAL C 5 10.19 -13.86 -11.46
N ALA C 6 10.74 -12.72 -11.06
CA ALA C 6 10.04 -11.44 -11.14
C ALA C 6 9.73 -11.01 -12.60
N GLN C 7 10.56 -11.39 -13.58
CA GLN C 7 10.36 -11.01 -14.99
C GLN C 7 9.13 -11.70 -15.62
N ARG C 8 8.77 -12.88 -15.08
CA ARG C 8 7.60 -13.69 -15.48
C ARG C 8 6.38 -13.46 -14.58
N LEU C 9 6.57 -13.00 -13.35
CA LEU C 9 5.47 -12.56 -12.48
C LEU C 9 4.69 -11.39 -13.08
N MET C 10 5.38 -10.35 -13.58
CA MET C 10 4.71 -9.16 -14.11
C MET C 10 3.72 -9.50 -15.25
N GLN C 11 4.09 -10.50 -16.08
CA GLN C 11 3.24 -11.01 -17.15
C GLN C 11 1.96 -11.71 -16.65
N HIS C 12 2.03 -12.43 -15.51
CA HIS C 12 0.85 -13.01 -14.85
C HIS C 12 -0.06 -11.93 -14.26
N LEU C 13 0.52 -11.00 -13.51
CA LEU C 13 -0.23 -9.97 -12.79
C LEU C 13 -1.04 -9.05 -13.74
N ALA C 14 -0.53 -8.83 -14.96
CA ALA C 14 -1.17 -8.02 -16.00
C ALA C 14 -2.49 -8.62 -16.51
N GLU C 15 -2.68 -9.93 -16.36
CA GLU C 15 -3.84 -10.70 -16.83
C GLU C 15 -5.06 -10.53 -15.91
N HIS C 16 -4.81 -10.10 -14.67
CA HIS C 16 -5.80 -9.86 -13.61
C HIS C 16 -5.85 -8.38 -13.18
N GLY C 17 -5.01 -7.54 -13.80
CA GLY C 17 -4.81 -6.13 -13.44
C GLY C 17 -4.15 -5.90 -12.07
N ILE C 18 -3.53 -6.92 -11.47
CA ILE C 18 -2.70 -6.78 -10.26
C ILE C 18 -1.42 -5.99 -10.58
N GLN C 19 -0.90 -5.31 -9.56
CA GLN C 19 0.37 -4.56 -9.59
C GLN C 19 1.13 -4.67 -8.25
N PRO C 20 2.46 -4.47 -8.25
CA PRO C 20 3.23 -4.32 -7.02
C PRO C 20 2.88 -3.02 -6.29
N ALA C 21 3.20 -2.95 -5.00
CA ALA C 21 2.93 -1.79 -4.15
C ALA C 21 3.80 -0.56 -4.51
N ARG C 22 4.94 -0.77 -5.18
CA ARG C 22 5.79 0.31 -5.75
C ARG C 22 5.11 1.13 -6.86
N ASN C 23 4.00 0.64 -7.44
CA ASN C 23 3.25 1.29 -8.53
C ASN C 23 2.02 2.06 -7.99
N MET C 24 2.13 2.60 -6.76
CA MET C 24 1.05 3.29 -6.04
C MET C 24 1.50 4.67 -5.57
N ALA C 25 0.77 5.71 -6.01
CA ALA C 25 1.04 7.11 -5.74
C ALA C 25 -0.19 7.99 -5.99
N GLU C 26 -0.12 9.27 -5.60
CA GLU C 26 -1.21 10.24 -5.71
C GLU C 26 -0.74 11.61 -6.23
N HIS C 27 -1.66 12.35 -6.84
CA HIS C 27 -1.51 13.76 -7.20
C HIS C 27 -1.42 14.68 -5.97
N ILE C 28 -1.05 15.94 -6.22
CA ILE C 28 -0.93 16.99 -5.20
C ILE C 28 -1.80 18.21 -5.61
N PRO C 29 -2.59 18.78 -4.69
CA PRO C 29 -3.44 19.98 -4.89
C PRO C 29 -2.63 21.28 -5.12
N PRO C 30 -3.28 22.41 -5.46
CA PRO C 30 -2.61 23.71 -5.67
C PRO C 30 -2.01 24.31 -4.41
N ALA C 31 -2.86 24.89 -3.54
CA ALA C 31 -2.57 25.66 -2.31
C ALA C 31 -3.69 26.68 -1.98
N PRO C 32 -3.74 27.19 -0.73
CA PRO C 32 -4.66 28.26 -0.32
C PRO C 32 -4.29 29.65 -0.89
N ASN C 33 -5.19 30.63 -0.73
CA ASN C 33 -5.03 32.02 -1.20
C ASN C 33 -4.32 32.97 -0.21
N TRP C 34 -3.76 32.45 0.89
CA TRP C 34 -2.96 33.19 1.88
C TRP C 34 -1.72 32.39 2.29
N PRO C 35 -0.66 33.05 2.81
CA PRO C 35 0.53 32.37 3.29
C PRO C 35 0.30 31.59 4.59
N ALA C 36 1.18 30.62 4.87
CA ALA C 36 1.11 29.85 6.10
C ALA C 36 1.25 30.75 7.34
N PRO C 37 0.38 30.58 8.37
CA PRO C 37 0.45 31.31 9.64
C PRO C 37 1.73 30.99 10.44
N THR C 38 1.94 31.66 11.58
CA THR C 38 3.15 31.54 12.41
C THR C 38 2.82 31.30 13.91
N PRO C 39 3.69 30.58 14.65
CA PRO C 39 3.48 30.20 16.05
C PRO C 39 3.53 31.38 17.03
N PRO C 40 3.08 31.20 18.29
CA PRO C 40 3.14 32.19 19.36
C PRO C 40 4.58 32.42 19.87
N VAL C 41 5.40 33.04 19.03
CA VAL C 41 6.81 33.39 19.29
C VAL C 41 7.06 34.81 18.79
N GLN C 42 7.88 35.57 19.54
CA GLN C 42 8.22 36.97 19.23
C GLN C 42 9.72 37.21 19.46
N ASN C 43 10.46 37.49 18.39
CA ASN C 43 11.89 37.78 18.43
C ASN C 43 12.19 39.05 19.25
N GLU C 44 13.13 38.94 20.20
CA GLU C 44 13.59 40.04 21.06
C GLU C 44 15.02 39.76 21.55
N GLN C 45 15.85 40.80 21.71
CA GLN C 45 17.22 40.71 22.23
C GLN C 45 17.33 41.15 23.70
N SER C 46 18.16 40.45 24.46
CA SER C 46 18.53 40.76 25.85
C SER C 46 19.88 40.15 26.22
N ARG C 47 20.59 40.81 27.16
CA ARG C 47 21.91 40.44 27.70
C ARG C 47 22.90 39.83 26.67
N PRO C 48 23.23 40.55 25.58
CA PRO C 48 24.08 40.05 24.49
C PRO C 48 25.53 39.73 24.94
N GLY A 1 -1.71 -36.46 4.09
CA GLY A 1 -1.60 -35.26 3.23
C GLY A 1 -2.96 -34.62 3.00
N SER A 2 -3.17 -33.41 3.51
CA SER A 2 -4.41 -32.61 3.33
C SER A 2 -4.21 -31.35 2.45
N ASN A 3 -3.02 -31.20 1.86
CA ASN A 3 -2.60 -30.09 1.00
C ASN A 3 -1.95 -30.62 -0.30
N PHE A 4 -1.58 -29.71 -1.20
CA PHE A 4 -0.95 -30.00 -2.50
C PHE A 4 0.41 -30.75 -2.43
N GLN A 5 0.84 -31.24 -3.59
CA GLN A 5 2.04 -32.09 -3.79
C GLN A 5 3.20 -31.38 -4.50
N HIS A 6 2.92 -30.75 -5.65
CA HIS A 6 3.87 -29.97 -6.45
C HIS A 6 4.43 -28.71 -5.74
N ILE A 7 3.81 -28.29 -4.62
CA ILE A 7 4.23 -27.15 -3.80
C ILE A 7 4.58 -27.65 -2.38
N GLY A 8 3.67 -27.49 -1.42
CA GLY A 8 3.83 -28.02 -0.06
C GLY A 8 4.93 -27.33 0.75
N HIS A 9 5.26 -26.09 0.36
CA HIS A 9 6.35 -25.28 0.92
C HIS A 9 5.85 -23.89 1.35
N VAL A 10 5.03 -23.26 0.50
CA VAL A 10 4.46 -21.93 0.72
C VAL A 10 3.57 -21.89 1.96
N GLY A 11 3.42 -20.69 2.50
CA GLY A 11 2.50 -20.37 3.59
C GLY A 11 1.55 -19.27 3.16
N TRP A 12 0.45 -19.63 2.48
CA TRP A 12 -0.64 -18.70 2.15
C TRP A 12 -2.02 -19.30 2.41
N ASP A 13 -3.00 -18.45 2.76
CA ASP A 13 -4.40 -18.81 2.93
C ASP A 13 -5.41 -17.82 2.29
N PRO A 14 -6.54 -18.32 1.72
CA PRO A 14 -7.59 -17.49 1.10
C PRO A 14 -8.44 -16.67 2.08
N ASN A 15 -8.16 -16.75 3.38
CA ASN A 15 -8.88 -16.03 4.45
C ASN A 15 -8.07 -14.88 5.07
N THR A 16 -6.74 -14.95 4.99
CA THR A 16 -5.82 -14.03 5.68
C THR A 16 -4.69 -13.55 4.78
N GLY A 17 -4.09 -14.45 3.98
CA GLY A 17 -3.02 -14.16 3.01
C GLY A 17 -1.72 -14.93 3.29
N PHE A 18 -0.61 -14.42 2.79
CA PHE A 18 0.73 -14.98 3.05
C PHE A 18 1.10 -14.85 4.53
N ASP A 19 1.87 -15.82 5.02
CA ASP A 19 2.31 -15.94 6.41
C ASP A 19 3.70 -15.33 6.63
N LEU A 20 3.81 -13.99 6.68
CA LEU A 20 5.07 -13.24 6.80
C LEU A 20 6.03 -13.78 7.88
N ASN A 21 5.46 -14.15 9.03
CA ASN A 21 6.15 -14.72 10.20
C ASN A 21 6.97 -16.01 9.89
N ASN A 22 6.62 -16.74 8.83
CA ASN A 22 7.20 -18.03 8.45
C ASN A 22 7.41 -18.17 6.92
N LEU A 23 7.48 -17.05 6.19
CA LEU A 23 7.67 -17.04 4.73
C LEU A 23 8.99 -17.68 4.29
N ASP A 24 8.97 -18.27 3.09
CA ASP A 24 10.11 -18.94 2.43
C ASP A 24 11.27 -17.99 2.09
N PRO A 25 12.51 -18.51 1.89
CA PRO A 25 13.70 -17.72 1.59
C PRO A 25 13.69 -17.05 0.21
N GLU A 26 12.73 -17.42 -0.65
CA GLU A 26 12.57 -16.85 -2.00
C GLU A 26 11.24 -16.09 -2.17
N LEU A 27 10.27 -16.30 -1.26
CA LEU A 27 8.92 -15.73 -1.37
C LEU A 27 8.94 -14.21 -1.10
N LYS A 28 9.23 -13.84 0.15
CA LYS A 28 9.38 -12.44 0.56
C LYS A 28 10.42 -11.68 -0.25
N ASN A 29 11.46 -12.39 -0.70
CA ASN A 29 12.60 -11.85 -1.41
C ASN A 29 12.20 -11.37 -2.82
N LEU A 30 11.43 -12.19 -3.55
CA LEU A 30 10.75 -11.79 -4.78
C LEU A 30 9.73 -10.67 -4.55
N PHE A 31 8.92 -10.75 -3.50
CA PHE A 31 7.91 -9.71 -3.24
C PHE A 31 8.57 -8.32 -3.14
N ASP A 32 9.69 -8.24 -2.42
CA ASP A 32 10.51 -7.03 -2.32
C ASP A 32 11.27 -6.68 -3.62
N MET A 33 11.45 -7.65 -4.53
CA MET A 33 12.09 -7.46 -5.84
C MET A 33 11.15 -6.79 -6.82
N CYS A 34 10.00 -7.42 -7.13
CA CYS A 34 9.04 -6.82 -8.09
C CYS A 34 8.44 -5.51 -7.54
N GLY A 35 8.27 -5.43 -6.21
CA GLY A 35 7.76 -4.25 -5.50
C GLY A 35 6.46 -4.51 -4.72
N ILE A 36 6.03 -5.77 -4.60
CA ILE A 36 4.87 -6.15 -3.78
C ILE A 36 5.14 -5.83 -2.29
N SER A 37 4.09 -5.41 -1.56
CA SER A 37 4.16 -5.11 -0.12
C SER A 37 3.24 -6.03 0.70
N GLU A 38 3.50 -6.14 2.00
CA GLU A 38 2.75 -6.95 2.97
C GLU A 38 1.23 -6.72 2.95
N ALA A 39 0.77 -5.51 2.58
CA ALA A 39 -0.65 -5.24 2.36
C ALA A 39 -1.27 -6.10 1.24
N GLN A 40 -0.58 -6.25 0.10
CA GLN A 40 -1.05 -7.09 -1.01
C GLN A 40 -1.03 -8.57 -0.62
N LEU A 41 0.00 -9.00 0.13
CA LEU A 41 0.16 -10.34 0.66
C LEU A 41 -0.95 -10.73 1.65
N LYS A 42 -1.54 -9.76 2.34
CA LYS A 42 -2.68 -9.98 3.25
C LYS A 42 -4.03 -9.68 2.59
N ASP A 43 -4.04 -9.35 1.30
CA ASP A 43 -5.26 -9.10 0.52
C ASP A 43 -5.73 -10.41 -0.09
N ARG A 44 -6.88 -10.94 0.33
CA ARG A 44 -7.44 -12.21 -0.19
C ARG A 44 -7.73 -12.17 -1.70
N GLU A 45 -7.76 -10.97 -2.27
CA GLU A 45 -8.03 -10.73 -3.69
C GLU A 45 -6.73 -10.53 -4.51
N THR A 46 -5.65 -10.02 -3.90
CA THR A 46 -4.34 -9.81 -4.57
C THR A 46 -3.38 -10.96 -4.30
N SER A 47 -3.18 -11.31 -3.02
CA SER A 47 -2.35 -12.44 -2.58
C SER A 47 -2.73 -13.77 -3.24
N LYS A 48 -4.04 -14.01 -3.48
CA LYS A 48 -4.56 -15.15 -4.26
C LYS A 48 -3.90 -15.24 -5.65
N VAL A 49 -3.87 -14.14 -6.39
CA VAL A 49 -3.27 -14.07 -7.74
C VAL A 49 -1.75 -14.28 -7.66
N ILE A 50 -1.09 -13.62 -6.71
CA ILE A 50 0.37 -13.74 -6.55
C ILE A 50 0.75 -15.20 -6.18
N TYR A 51 -0.05 -15.87 -5.32
CA TYR A 51 0.10 -17.28 -4.97
C TYR A 51 -0.13 -18.22 -6.16
N ASP A 52 -1.19 -18.00 -6.95
CA ASP A 52 -1.50 -18.80 -8.14
C ASP A 52 -0.33 -18.85 -9.14
N PHE A 53 0.47 -17.78 -9.20
CA PHE A 53 1.70 -17.75 -9.99
C PHE A 53 2.78 -18.68 -9.44
N ILE A 54 3.01 -18.72 -8.13
CA ILE A 54 4.00 -19.65 -7.55
C ILE A 54 3.57 -21.11 -7.77
N GLU A 55 2.28 -21.41 -7.66
CA GLU A 55 1.66 -22.73 -7.91
C GLU A 55 1.86 -23.22 -9.36
N LYS A 56 2.26 -22.34 -10.30
CA LYS A 56 2.32 -22.63 -11.74
C LYS A 56 3.64 -22.24 -12.43
N THR A 57 4.46 -21.43 -11.77
CA THR A 57 5.66 -20.77 -12.35
C THR A 57 6.79 -20.58 -11.35
N GLY A 58 6.46 -20.39 -10.06
CA GLY A 58 7.42 -20.50 -8.95
C GLY A 58 7.77 -21.95 -8.68
N GLY A 59 7.33 -22.51 -7.55
CA GLY A 59 7.66 -23.84 -7.05
C GLY A 59 9.11 -23.97 -6.54
N VAL A 60 9.28 -24.39 -5.29
CA VAL A 60 10.60 -24.48 -4.63
C VAL A 60 11.60 -25.40 -5.36
N GLU A 61 11.13 -26.45 -6.03
CA GLU A 61 11.95 -27.35 -6.86
C GLU A 61 12.09 -26.90 -8.32
N ALA A 62 11.08 -26.19 -8.85
CA ALA A 62 11.01 -25.69 -10.22
C ALA A 62 12.05 -24.60 -10.51
N VAL A 63 12.16 -23.60 -9.64
CA VAL A 63 13.13 -22.48 -9.78
C VAL A 63 14.58 -22.96 -9.68
N LYS A 64 14.82 -24.06 -8.93
CA LYS A 64 16.11 -24.75 -8.81
C LYS A 64 16.61 -25.43 -10.10
N ASN A 65 15.76 -25.55 -11.12
CA ASN A 65 16.02 -26.21 -12.41
C ASN A 65 15.56 -25.33 -13.60
N GLY B 1 -10.33 7.86 17.99
CA GLY B 1 -8.96 8.36 18.19
C GLY B 1 -8.22 8.52 16.86
N SER B 2 -6.98 8.02 16.79
CA SER B 2 -6.11 8.11 15.60
C SER B 2 -6.70 7.39 14.36
N HIS B 3 -6.59 8.02 13.17
CA HIS B 3 -7.15 7.51 11.92
C HIS B 3 -6.14 6.76 11.04
N MET B 4 -4.85 7.09 11.14
CA MET B 4 -3.74 6.56 10.31
C MET B 4 -2.57 6.12 11.21
N LYS B 5 -1.72 5.22 10.70
CA LYS B 5 -0.72 4.48 11.50
C LYS B 5 0.74 4.76 11.09
N LYS B 6 0.96 5.38 9.92
CA LYS B 6 2.23 6.02 9.52
C LYS B 6 2.56 7.21 10.42
N GLN B 7 3.78 7.73 10.30
CA GLN B 7 4.26 8.87 11.10
C GLN B 7 3.38 10.13 10.89
N LYS B 8 3.03 10.81 11.99
CA LYS B 8 2.19 12.02 11.99
C LYS B 8 2.76 13.11 12.90
N VAL B 9 2.20 14.32 12.75
CA VAL B 9 2.43 15.47 13.62
C VAL B 9 1.11 16.13 13.98
N LYS B 10 1.10 16.78 15.14
CA LYS B 10 0.09 17.78 15.51
C LYS B 10 0.67 19.17 15.28
N THR B 11 -0.02 20.00 14.52
CA THR B 11 0.29 21.43 14.44
C THR B 11 -0.05 22.08 15.78
N ILE B 12 0.75 23.04 16.23
CA ILE B 12 0.55 23.78 17.49
C ILE B 12 0.33 25.29 17.25
N PHE B 13 0.40 25.71 15.98
CA PHE B 13 0.21 27.09 15.50
C PHE B 13 -0.27 27.11 14.03
N PRO B 14 -0.92 28.20 13.57
CA PRO B 14 -1.33 28.37 12.18
C PRO B 14 -0.14 28.65 11.24
N HIS B 15 -0.37 28.50 9.92
CA HIS B 15 0.58 28.87 8.86
C HIS B 15 -0.15 29.45 7.64
N THR B 16 0.44 30.48 7.02
CA THR B 16 -0.15 31.24 5.90
C THR B 16 0.70 31.06 4.64
N ALA B 17 0.21 30.19 3.74
CA ALA B 17 0.84 29.86 2.46
C ALA B 17 0.92 31.04 1.46
N GLY B 18 0.07 32.06 1.60
CA GLY B 18 -0.03 33.17 0.65
C GLY B 18 -0.47 32.71 -0.75
N SER B 19 0.27 33.12 -1.78
CA SER B 19 -0.02 32.85 -3.19
C SER B 19 0.63 31.57 -3.76
N ASN B 20 1.45 30.85 -2.98
CA ASN B 20 2.14 29.62 -3.40
C ASN B 20 1.18 28.45 -3.70
N LYS B 21 1.69 27.46 -4.47
CA LYS B 21 0.99 26.23 -4.90
C LYS B 21 1.73 24.95 -4.46
N THR B 22 2.65 25.08 -3.50
CA THR B 22 3.44 23.99 -2.89
C THR B 22 3.48 24.08 -1.36
N LEU B 23 2.57 24.85 -0.74
CA LEU B 23 2.49 25.05 0.72
C LEU B 23 1.15 24.57 1.28
N LEU B 24 1.15 24.24 2.58
CA LEU B 24 -0.01 23.71 3.32
C LEU B 24 -0.37 24.67 4.46
N SER B 25 -1.63 25.09 4.51
CA SER B 25 -2.19 26.00 5.51
C SER B 25 -3.17 25.28 6.46
N PHE B 26 -3.24 25.75 7.70
CA PHE B 26 -3.99 25.16 8.81
C PHE B 26 -4.08 26.12 10.02
N ALA B 27 -4.74 25.67 11.09
CA ALA B 27 -4.77 26.32 12.40
C ALA B 27 -3.92 25.54 13.43
N GLN B 28 -3.92 25.98 14.69
CA GLN B 28 -3.42 25.20 15.83
C GLN B 28 -4.31 23.98 16.14
N GLY B 29 -3.71 22.88 16.59
CA GLY B 29 -4.38 21.67 17.06
C GLY B 29 -4.78 20.71 15.94
N ASP B 30 -4.49 21.07 14.69
CA ASP B 30 -4.71 20.24 13.50
C ASP B 30 -3.69 19.08 13.39
N VAL B 31 -3.97 18.11 12.52
CA VAL B 31 -3.18 16.88 12.37
C VAL B 31 -2.82 16.66 10.90
N ILE B 32 -1.54 16.40 10.64
CA ILE B 32 -0.97 16.21 9.31
C ILE B 32 -0.21 14.88 9.29
N THR B 33 -0.43 14.09 8.23
CA THR B 33 0.21 12.78 8.01
C THR B 33 1.38 12.96 7.05
N LEU B 34 2.60 12.62 7.47
CA LEU B 34 3.81 12.81 6.66
C LEU B 34 3.81 11.86 5.45
N LEU B 35 4.25 12.39 4.30
CA LEU B 35 4.34 11.69 3.02
C LEU B 35 5.79 11.49 2.54
N ILE B 36 6.78 11.98 3.31
CA ILE B 36 8.22 11.97 2.99
C ILE B 36 9.01 11.29 4.13
N PRO B 37 10.17 10.67 3.85
CA PRO B 37 10.95 9.93 4.86
C PRO B 37 11.69 10.82 5.88
N GLU B 38 12.02 12.06 5.51
CA GLU B 38 12.76 13.04 6.34
C GLU B 38 12.47 14.49 5.93
N GLU B 39 12.70 15.45 6.83
CA GLU B 39 12.50 16.88 6.59
C GLU B 39 13.59 17.54 5.72
N LYS B 40 13.35 18.80 5.35
CA LYS B 40 14.28 19.59 4.52
C LYS B 40 14.23 21.07 4.89
N ASP B 41 15.34 21.69 5.30
CA ASP B 41 15.38 23.13 5.66
C ASP B 41 14.33 23.56 6.72
N GLY B 42 13.88 22.60 7.55
CA GLY B 42 12.77 22.73 8.49
C GLY B 42 11.36 22.69 7.89
N TRP B 43 11.24 22.44 6.59
CA TRP B 43 10.00 22.11 5.92
C TRP B 43 9.76 20.60 5.90
N LEU B 44 8.49 20.24 6.02
CA LEU B 44 7.97 18.87 5.97
C LEU B 44 6.78 18.78 5.01
N TYR B 45 6.53 17.63 4.42
CA TYR B 45 5.44 17.45 3.44
C TYR B 45 4.50 16.34 3.87
N GLY B 46 3.21 16.63 3.78
CA GLY B 46 2.15 15.77 4.30
C GLY B 46 0.78 16.10 3.72
N GLU B 47 -0.23 15.38 4.20
CA GLU B 47 -1.64 15.58 3.87
C GLU B 47 -2.45 15.80 5.18
N HIS B 48 -3.29 16.82 5.20
CA HIS B 48 -4.15 17.15 6.34
C HIS B 48 -5.29 16.13 6.54
N ASP B 49 -5.45 15.63 7.76
CA ASP B 49 -6.44 14.58 8.12
C ASP B 49 -7.93 15.05 8.13
N VAL B 50 -8.23 16.30 7.76
CA VAL B 50 -9.59 16.91 7.84
C VAL B 50 -10.11 17.51 6.52
N SER B 51 -9.18 17.78 5.58
CA SER B 51 -9.43 18.51 4.33
C SER B 51 -8.74 17.86 3.11
N LYS B 52 -7.76 16.96 3.36
CA LYS B 52 -6.92 16.27 2.35
C LYS B 52 -6.04 17.22 1.52
N ALA B 53 -5.86 18.45 2.02
CA ALA B 53 -4.88 19.41 1.50
C ALA B 53 -3.45 18.90 1.73
N ARG B 54 -2.58 19.08 0.72
CA ARG B 54 -1.16 18.72 0.73
C ARG B 54 -0.29 19.93 0.40
N GLY B 55 0.94 19.93 0.91
CA GLY B 55 1.91 21.01 0.74
C GLY B 55 3.05 20.95 1.75
N TRP B 56 4.09 21.74 1.56
CA TRP B 56 5.13 21.90 2.57
C TRP B 56 4.58 22.72 3.74
N PHE B 57 4.72 22.19 4.96
CA PHE B 57 4.42 22.88 6.21
C PHE B 57 5.69 23.06 7.06
N PRO B 58 5.75 24.13 7.88
CA PRO B 58 6.87 24.38 8.79
C PRO B 58 6.88 23.44 10.00
N SER B 59 7.96 22.67 10.10
CA SER B 59 8.21 21.74 11.22
C SER B 59 8.12 22.41 12.58
N SER B 60 8.67 23.61 12.75
CA SER B 60 8.71 24.35 14.02
C SER B 60 7.33 24.73 14.60
N TYR B 61 6.31 24.90 13.75
CA TYR B 61 4.90 25.07 14.16
C TYR B 61 4.17 23.74 14.45
N THR B 62 4.87 22.61 14.48
CA THR B 62 4.31 21.26 14.73
C THR B 62 5.18 20.45 15.70
N LYS B 63 4.63 19.33 16.20
CA LYS B 63 5.36 18.34 17.02
C LYS B 63 4.94 16.92 16.63
N LEU B 64 5.90 15.99 16.64
CA LEU B 64 5.68 14.57 16.37
C LEU B 64 4.70 13.94 17.37
N LEU B 65 3.94 12.96 16.88
CA LEU B 65 3.00 12.15 17.66
C LEU B 65 3.58 10.75 17.97
N GLU B 66 4.91 10.60 17.85
CA GLU B 66 5.61 9.39 18.32
C GLU B 66 5.43 9.13 19.84
N GLU B 67 5.62 7.86 20.25
CA GLU B 67 5.52 7.40 21.66
C GLU B 67 6.58 8.04 22.59
N LEU C 2 15.23 -16.01 -7.92
CA LEU C 2 14.85 -14.57 -7.73
C LEU C 2 14.75 -13.79 -9.06
N PRO C 3 15.86 -13.41 -9.74
CA PRO C 3 15.81 -12.36 -10.78
C PRO C 3 15.02 -12.77 -12.04
N ASP C 4 15.07 -14.05 -12.43
CA ASP C 4 14.27 -14.58 -13.53
C ASP C 4 12.78 -14.74 -13.17
N VAL C 5 12.46 -15.06 -11.92
CA VAL C 5 11.07 -15.25 -11.46
C VAL C 5 10.26 -13.95 -11.57
N ALA C 6 10.87 -12.80 -11.28
CA ALA C 6 10.20 -11.51 -11.43
C ALA C 6 9.88 -11.14 -12.89
N GLN C 7 10.69 -11.58 -13.88
CA GLN C 7 10.45 -11.24 -15.29
C GLN C 7 9.20 -11.94 -15.86
N ARG C 8 8.81 -13.06 -15.24
CA ARG C 8 7.61 -13.86 -15.53
C ARG C 8 6.43 -13.55 -14.61
N LEU C 9 6.67 -13.06 -13.39
CA LEU C 9 5.61 -12.59 -12.48
C LEU C 9 4.82 -11.43 -13.08
N MET C 10 5.49 -10.41 -13.63
CA MET C 10 4.80 -9.22 -14.15
C MET C 10 3.80 -9.57 -15.26
N GLN C 11 4.15 -10.57 -16.08
CA GLN C 11 3.29 -11.11 -17.14
C GLN C 11 2.04 -11.79 -16.59
N HIS C 12 2.12 -12.49 -15.45
CA HIS C 12 0.96 -13.07 -14.75
C HIS C 12 0.04 -11.99 -14.16
N LEU C 13 0.62 -11.04 -13.42
CA LEU C 13 -0.14 -10.02 -12.70
C LEU C 13 -0.95 -9.12 -13.66
N ALA C 14 -0.46 -8.91 -14.89
CA ALA C 14 -1.12 -8.12 -15.92
C ALA C 14 -2.43 -8.75 -16.44
N GLU C 15 -2.59 -10.06 -16.26
CA GLU C 15 -3.76 -10.85 -16.71
C GLU C 15 -4.98 -10.66 -15.79
N HIS C 16 -4.73 -10.21 -14.55
CA HIS C 16 -5.71 -9.94 -13.51
C HIS C 16 -5.77 -8.46 -13.10
N GLY C 17 -4.94 -7.63 -13.74
CA GLY C 17 -4.72 -6.22 -13.39
C GLY C 17 -4.09 -5.98 -12.01
N ILE C 18 -3.46 -6.99 -11.41
CA ILE C 18 -2.64 -6.83 -10.19
C ILE C 18 -1.38 -6.02 -10.52
N GLN C 19 -0.88 -5.29 -9.52
CA GLN C 19 0.34 -4.48 -9.58
C GLN C 19 1.10 -4.51 -8.23
N PRO C 20 2.42 -4.27 -8.24
CA PRO C 20 3.21 -4.10 -7.02
C PRO C 20 2.86 -2.78 -6.30
N ALA C 21 3.12 -2.71 -4.99
CA ALA C 21 2.87 -1.52 -4.17
C ALA C 21 3.75 -0.32 -4.55
N ARG C 22 4.91 -0.58 -5.18
CA ARG C 22 5.76 0.42 -5.87
C ARG C 22 5.02 1.24 -6.95
N ASN C 23 3.89 0.75 -7.46
CA ASN C 23 3.04 1.45 -8.44
C ASN C 23 1.86 2.21 -7.78
N MET C 24 1.77 2.22 -6.45
CA MET C 24 0.60 2.70 -5.67
C MET C 24 1.01 3.78 -4.65
N ALA C 25 1.69 4.80 -5.16
CA ALA C 25 2.31 5.90 -4.40
C ALA C 25 2.15 7.25 -5.13
N GLU C 26 2.74 8.33 -4.59
CA GLU C 26 2.70 9.68 -5.17
C GLU C 26 4.07 10.40 -5.13
N HIS C 27 4.21 11.38 -6.02
CA HIS C 27 5.33 12.32 -6.07
C HIS C 27 5.30 13.32 -4.89
N ILE C 28 6.44 14.01 -4.71
CA ILE C 28 6.62 15.09 -3.73
C ILE C 28 7.20 16.34 -4.45
N PRO C 29 6.67 17.55 -4.17
CA PRO C 29 7.14 18.84 -4.72
C PRO C 29 8.56 19.24 -4.23
N PRO C 30 9.16 20.33 -4.79
CA PRO C 30 10.48 20.81 -4.38
C PRO C 30 10.54 21.37 -2.97
N ALA C 31 10.01 22.58 -2.75
CA ALA C 31 10.04 23.42 -1.54
C ALA C 31 9.95 24.93 -1.88
N PRO C 32 9.60 25.79 -0.89
CA PRO C 32 9.62 27.25 -1.03
C PRO C 32 11.05 27.85 -1.09
N ASN C 33 11.13 29.15 -1.38
CA ASN C 33 12.39 29.90 -1.54
C ASN C 33 12.90 30.58 -0.24
N TRP C 34 12.31 30.24 0.92
CA TRP C 34 12.71 30.72 2.26
C TRP C 34 12.60 29.60 3.30
N PRO C 35 13.31 29.70 4.44
CA PRO C 35 13.25 28.71 5.51
C PRO C 35 11.91 28.72 6.27
N ALA C 36 11.59 27.60 6.91
CA ALA C 36 10.38 27.47 7.71
C ALA C 36 10.34 28.46 8.90
N PRO C 37 9.24 29.21 9.09
CA PRO C 37 9.07 30.14 10.20
C PRO C 37 8.97 29.43 11.57
N THR C 38 9.23 30.18 12.65
CA THR C 38 9.34 29.66 14.04
C THR C 38 8.26 30.22 14.97
N PRO C 39 7.87 29.48 16.03
CA PRO C 39 6.78 29.83 16.95
C PRO C 39 7.05 31.09 17.80
N PRO C 40 6.01 31.64 18.48
CA PRO C 40 6.12 32.71 19.46
C PRO C 40 6.77 32.20 20.76
N VAL C 41 8.09 32.04 20.72
CA VAL C 41 8.92 31.56 21.83
C VAL C 41 10.22 32.37 21.89
N GLN C 42 10.82 32.44 23.08
CA GLN C 42 12.08 33.15 23.33
C GLN C 42 13.09 32.17 23.96
N ASN C 43 14.33 32.21 23.48
CA ASN C 43 15.40 31.29 23.87
C ASN C 43 16.68 32.08 24.19
N GLU C 44 17.38 31.66 25.25
CA GLU C 44 18.65 32.28 25.66
C GLU C 44 19.75 32.05 24.61
N GLN C 45 20.70 33.00 24.51
CA GLN C 45 21.83 32.95 23.58
C GLN C 45 23.15 33.40 24.25
N SER C 46 24.25 32.83 23.79
CA SER C 46 25.61 33.13 24.26
C SER C 46 26.66 32.78 23.18
N ARG C 47 27.80 33.48 23.18
CA ARG C 47 28.97 33.17 22.35
C ARG C 47 29.62 31.83 22.74
N PRO C 48 30.31 31.14 21.81
CA PRO C 48 31.00 29.87 22.06
C PRO C 48 32.20 30.01 23.02
N GLY A 1 -5.00 -37.98 6.21
CA GLY A 1 -3.86 -37.08 5.98
C GLY A 1 -3.34 -37.16 4.55
N SER A 2 -3.03 -35.99 3.97
CA SER A 2 -2.61 -35.82 2.57
C SER A 2 -1.57 -34.69 2.43
N ASN A 3 -0.84 -34.66 1.31
CA ASN A 3 0.22 -33.69 0.99
C ASN A 3 0.32 -33.41 -0.53
N PHE A 4 1.30 -32.59 -0.93
CA PHE A 4 1.54 -32.15 -2.32
C PHE A 4 2.92 -32.55 -2.85
N GLN A 5 3.12 -32.34 -4.16
CA GLN A 5 4.31 -32.72 -4.93
C GLN A 5 5.05 -31.50 -5.49
N HIS A 6 4.43 -30.80 -6.46
CA HIS A 6 4.96 -29.59 -7.09
C HIS A 6 5.00 -28.35 -6.18
N ILE A 7 4.28 -28.40 -5.04
CA ILE A 7 4.11 -27.33 -4.04
C ILE A 7 4.12 -27.96 -2.64
N GLY A 8 3.84 -27.13 -1.62
CA GLY A 8 3.67 -27.55 -0.23
C GLY A 8 4.49 -26.67 0.73
N HIS A 9 5.56 -26.06 0.20
CA HIS A 9 6.47 -25.15 0.90
C HIS A 9 5.83 -23.81 1.33
N VAL A 10 4.89 -23.27 0.53
CA VAL A 10 4.26 -21.97 0.76
C VAL A 10 3.29 -22.02 1.95
N GLY A 11 2.95 -20.83 2.48
CA GLY A 11 2.12 -20.65 3.69
C GLY A 11 0.96 -19.66 3.52
N TRP A 12 0.39 -19.54 2.31
CA TRP A 12 -0.71 -18.63 2.01
C TRP A 12 -2.08 -19.22 2.38
N ASP A 13 -3.05 -18.36 2.70
CA ASP A 13 -4.45 -18.73 2.92
C ASP A 13 -5.48 -17.71 2.35
N PRO A 14 -6.63 -18.18 1.82
CA PRO A 14 -7.69 -17.36 1.19
C PRO A 14 -8.52 -16.50 2.16
N ASN A 15 -8.15 -16.44 3.43
CA ASN A 15 -8.81 -15.64 4.48
C ASN A 15 -7.89 -14.65 5.20
N THR A 16 -6.57 -14.84 5.13
CA THR A 16 -5.56 -14.05 5.86
C THR A 16 -4.37 -13.64 5.00
N GLY A 17 -4.01 -14.44 3.99
CA GLY A 17 -2.92 -14.17 3.05
C GLY A 17 -1.64 -14.96 3.31
N PHE A 18 -0.52 -14.51 2.74
CA PHE A 18 0.80 -15.10 2.96
C PHE A 18 1.21 -15.00 4.44
N ASP A 19 1.88 -16.05 4.94
CA ASP A 19 2.34 -16.09 6.34
C ASP A 19 3.74 -15.46 6.49
N LEU A 20 3.83 -14.13 6.53
CA LEU A 20 5.09 -13.37 6.61
C LEU A 20 6.07 -13.91 7.68
N ASN A 21 5.53 -14.24 8.85
CA ASN A 21 6.26 -14.81 9.99
C ASN A 21 6.99 -16.14 9.68
N ASN A 22 6.55 -16.90 8.67
CA ASN A 22 7.14 -18.19 8.29
C ASN A 22 7.39 -18.32 6.77
N LEU A 23 7.45 -17.20 6.04
CA LEU A 23 7.69 -17.18 4.59
C LEU A 23 9.04 -17.81 4.19
N ASP A 24 9.05 -18.37 2.97
CA ASP A 24 10.22 -19.00 2.35
C ASP A 24 11.38 -18.02 2.10
N PRO A 25 12.63 -18.52 1.98
CA PRO A 25 13.82 -17.69 1.73
C PRO A 25 13.82 -17.00 0.35
N GLU A 26 12.89 -17.39 -0.53
CA GLU A 26 12.76 -16.87 -1.90
C GLU A 26 11.37 -16.24 -2.18
N LEU A 27 10.40 -16.40 -1.27
CA LEU A 27 9.03 -15.87 -1.44
C LEU A 27 9.00 -14.35 -1.22
N LYS A 28 9.24 -13.93 0.03
CA LYS A 28 9.37 -12.51 0.41
C LYS A 28 10.45 -11.77 -0.38
N ASN A 29 11.48 -12.52 -0.79
CA ASN A 29 12.62 -12.00 -1.55
C ASN A 29 12.19 -11.50 -2.93
N LEU A 30 11.30 -12.24 -3.59
CA LEU A 30 10.66 -11.84 -4.85
C LEU A 30 9.66 -10.70 -4.64
N PHE A 31 8.85 -10.76 -3.58
CA PHE A 31 7.86 -9.73 -3.30
C PHE A 31 8.54 -8.35 -3.21
N ASP A 32 9.65 -8.26 -2.46
CA ASP A 32 10.47 -7.04 -2.36
C ASP A 32 11.24 -6.70 -3.66
N MET A 33 11.45 -7.68 -4.55
CA MET A 33 12.12 -7.48 -5.84
C MET A 33 11.18 -6.80 -6.85
N CYS A 34 10.02 -7.39 -7.13
CA CYS A 34 9.06 -6.83 -8.10
C CYS A 34 8.41 -5.54 -7.60
N GLY A 35 8.25 -5.42 -6.26
CA GLY A 35 7.74 -4.25 -5.57
C GLY A 35 6.47 -4.51 -4.77
N ILE A 36 6.02 -5.77 -4.65
CA ILE A 36 4.89 -6.16 -3.81
C ILE A 36 5.22 -5.93 -2.31
N SER A 37 4.21 -5.57 -1.52
CA SER A 37 4.36 -5.38 -0.06
C SER A 37 3.35 -6.19 0.75
N GLU A 38 3.58 -6.28 2.06
CA GLU A 38 2.80 -7.06 3.03
C GLU A 38 1.28 -6.79 3.00
N ALA A 39 0.85 -5.58 2.63
CA ALA A 39 -0.56 -5.27 2.40
C ALA A 39 -1.21 -6.11 1.28
N GLN A 40 -0.52 -6.26 0.13
CA GLN A 40 -1.00 -7.08 -0.98
C GLN A 40 -0.99 -8.56 -0.62
N LEU A 41 0.04 -9.01 0.12
CA LEU A 41 0.19 -10.38 0.63
C LEU A 41 -0.88 -10.77 1.63
N LYS A 42 -1.49 -9.80 2.33
CA LYS A 42 -2.61 -10.00 3.25
C LYS A 42 -3.98 -9.71 2.60
N ASP A 43 -4.00 -9.34 1.32
CA ASP A 43 -5.22 -9.07 0.56
C ASP A 43 -5.75 -10.35 -0.08
N ARG A 44 -6.93 -10.84 0.31
CA ARG A 44 -7.52 -12.07 -0.29
C ARG A 44 -7.78 -11.97 -1.79
N GLU A 45 -7.77 -10.76 -2.34
CA GLU A 45 -8.03 -10.48 -3.76
C GLU A 45 -6.74 -10.27 -4.56
N THR A 46 -5.62 -9.94 -3.91
CA THR A 46 -4.30 -9.75 -4.56
C THR A 46 -3.36 -10.92 -4.28
N SER A 47 -3.18 -11.28 -3.01
CA SER A 47 -2.37 -12.43 -2.58
C SER A 47 -2.80 -13.76 -3.23
N LYS A 48 -4.11 -13.94 -3.47
CA LYS A 48 -4.66 -15.08 -4.26
C LYS A 48 -4.01 -15.21 -5.64
N VAL A 49 -3.93 -14.12 -6.38
CA VAL A 49 -3.33 -14.08 -7.72
C VAL A 49 -1.82 -14.30 -7.64
N ILE A 50 -1.16 -13.65 -6.69
CA ILE A 50 0.29 -13.79 -6.47
C ILE A 50 0.64 -15.25 -6.12
N TYR A 51 -0.17 -15.93 -5.30
CA TYR A 51 -0.01 -17.36 -4.97
C TYR A 51 -0.23 -18.28 -6.18
N ASP A 52 -1.29 -18.04 -6.97
CA ASP A 52 -1.59 -18.82 -8.18
C ASP A 52 -0.39 -18.85 -9.16
N PHE A 53 0.39 -17.78 -9.19
CA PHE A 53 1.65 -17.70 -9.95
C PHE A 53 2.73 -18.63 -9.40
N ILE A 54 2.94 -18.67 -8.08
CA ILE A 54 3.94 -19.58 -7.50
C ILE A 54 3.57 -21.05 -7.74
N GLU A 55 2.29 -21.39 -7.62
CA GLU A 55 1.79 -22.76 -7.86
C GLU A 55 2.01 -23.24 -9.32
N LYS A 56 2.16 -22.29 -10.26
CA LYS A 56 2.28 -22.59 -11.70
C LYS A 56 3.68 -22.28 -12.29
N THR A 57 4.52 -21.52 -11.56
CA THR A 57 5.79 -20.96 -12.06
C THR A 57 6.89 -20.83 -10.99
N GLY A 58 6.54 -20.63 -9.71
CA GLY A 58 7.48 -20.19 -8.65
C GLY A 58 7.97 -21.28 -7.68
N GLY A 59 7.27 -22.43 -7.61
CA GLY A 59 7.61 -23.68 -6.94
C GLY A 59 9.09 -23.88 -6.65
N VAL A 60 9.40 -24.06 -5.37
CA VAL A 60 10.76 -24.18 -4.79
C VAL A 60 11.72 -25.14 -5.52
N GLU A 61 11.20 -26.20 -6.16
CA GLU A 61 11.99 -27.13 -6.99
C GLU A 61 12.17 -26.67 -8.44
N ALA A 62 11.20 -25.92 -8.98
CA ALA A 62 11.24 -25.38 -10.34
C ALA A 62 12.33 -24.31 -10.54
N VAL A 63 12.51 -23.43 -9.55
CA VAL A 63 13.55 -22.41 -9.52
C VAL A 63 14.96 -22.98 -9.29
N LYS A 64 15.08 -24.17 -8.69
CA LYS A 64 16.36 -24.88 -8.48
C LYS A 64 17.00 -25.35 -9.80
N ASN A 65 16.20 -25.86 -10.74
CA ASN A 65 16.63 -26.38 -12.05
C ASN A 65 15.48 -26.36 -13.08
N GLY B 1 1.77 -2.56 7.41
CA GLY B 1 1.10 -3.72 8.07
C GLY B 1 -0.39 -3.76 7.77
N SER B 2 -0.82 -4.59 6.81
CA SER B 2 -2.23 -4.91 6.48
C SER B 2 -3.16 -3.69 6.27
N HIS B 3 -2.65 -2.62 5.64
CA HIS B 3 -3.34 -1.34 5.47
C HIS B 3 -3.18 -0.73 4.07
N MET B 4 -3.95 0.33 3.81
CA MET B 4 -4.12 0.99 2.50
C MET B 4 -3.08 2.08 2.19
N LYS B 5 -1.98 2.04 2.95
CA LYS B 5 -0.88 3.02 3.10
C LYS B 5 -1.32 4.49 3.27
N LYS B 6 -2.47 4.70 3.94
CA LYS B 6 -3.12 6.00 4.18
C LYS B 6 -3.66 6.10 5.63
N GLN B 7 -4.02 7.32 6.02
CA GLN B 7 -4.57 7.68 7.34
C GLN B 7 -5.92 6.99 7.65
N LYS B 8 -6.30 6.93 8.93
CA LYS B 8 -7.61 6.42 9.38
C LYS B 8 -8.33 7.40 10.30
N VAL B 9 -9.64 7.18 10.46
CA VAL B 9 -10.52 7.89 11.40
C VAL B 9 -11.47 6.91 12.08
N LYS B 10 -11.88 7.27 13.30
CA LYS B 10 -12.99 6.64 14.01
C LYS B 10 -14.23 7.51 13.81
N THR B 11 -15.32 6.91 13.36
CA THR B 11 -16.63 7.54 13.35
C THR B 11 -17.11 7.64 14.82
N ILE B 12 -17.55 8.82 15.25
CA ILE B 12 -18.11 9.04 16.61
C ILE B 12 -19.64 9.16 16.59
N PHE B 13 -20.23 9.07 15.40
CA PHE B 13 -21.66 9.20 15.14
C PHE B 13 -22.08 8.42 13.88
N PRO B 14 -23.35 8.00 13.76
CA PRO B 14 -23.87 7.29 12.59
C PRO B 14 -24.03 8.20 11.35
N HIS B 15 -24.13 7.59 10.17
CA HIS B 15 -24.47 8.26 8.90
C HIS B 15 -25.33 7.34 8.02
N THR B 16 -26.20 7.94 7.20
CA THR B 16 -27.21 7.26 6.37
C THR B 16 -27.18 7.82 4.94
N ALA B 17 -26.71 7.00 4.00
CA ALA B 17 -26.58 7.34 2.58
C ALA B 17 -27.92 7.69 1.87
N GLY B 18 -29.06 7.17 2.35
CA GLY B 18 -30.36 7.40 1.70
C GLY B 18 -30.48 6.75 0.32
N SER B 19 -29.96 5.51 0.18
CA SER B 19 -29.99 4.69 -1.05
C SER B 19 -29.07 5.16 -2.20
N ASN B 20 -28.10 6.03 -1.90
CA ASN B 20 -27.07 6.48 -2.87
C ASN B 20 -26.08 5.35 -3.26
N LYS B 21 -25.31 5.55 -4.35
CA LYS B 21 -24.30 4.61 -4.88
C LYS B 21 -22.85 5.13 -4.79
N THR B 22 -22.64 6.29 -4.17
CA THR B 22 -21.33 6.94 -3.92
C THR B 22 -21.12 7.34 -2.45
N LEU B 23 -22.06 7.03 -1.54
CA LEU B 23 -21.93 7.31 -0.10
C LEU B 23 -21.63 6.05 0.73
N LEU B 24 -21.16 6.28 1.96
CA LEU B 24 -20.78 5.25 2.94
C LEU B 24 -21.59 5.44 4.23
N SER B 25 -22.33 4.40 4.65
CA SER B 25 -23.11 4.39 5.90
C SER B 25 -22.42 3.59 7.00
N PHE B 26 -22.60 4.00 8.25
CA PHE B 26 -21.99 3.38 9.44
C PHE B 26 -22.72 3.80 10.73
N ALA B 27 -22.27 3.26 11.87
CA ALA B 27 -22.70 3.65 13.22
C ALA B 27 -21.59 4.43 13.97
N GLN B 28 -21.82 4.79 15.22
CA GLN B 28 -20.76 5.28 16.13
C GLN B 28 -19.79 4.15 16.51
N GLY B 29 -18.50 4.49 16.69
CA GLY B 29 -17.45 3.58 17.14
C GLY B 29 -16.83 2.73 16.04
N ASP B 30 -17.27 2.91 14.80
CA ASP B 30 -16.74 2.26 13.60
C ASP B 30 -15.46 2.96 13.08
N VAL B 31 -14.73 2.30 12.17
CA VAL B 31 -13.40 2.72 11.69
C VAL B 31 -13.34 2.71 10.17
N ILE B 32 -12.83 3.79 9.59
CA ILE B 32 -12.75 4.03 8.14
C ILE B 32 -11.31 4.38 7.76
N THR B 33 -10.83 3.82 6.65
CA THR B 33 -9.48 4.05 6.11
C THR B 33 -9.58 5.00 4.92
N LEU B 34 -8.94 6.17 4.98
CA LEU B 34 -8.99 7.17 3.89
C LEU B 34 -8.35 6.61 2.61
N LEU B 35 -8.85 7.09 1.47
CA LEU B 35 -8.35 6.75 0.13
C LEU B 35 -8.01 8.00 -0.72
N ILE B 36 -8.12 9.21 -0.13
CA ILE B 36 -7.89 10.51 -0.77
C ILE B 36 -6.91 11.38 0.05
N PRO B 37 -6.16 12.33 -0.58
CA PRO B 37 -5.17 13.17 0.11
C PRO B 37 -5.75 14.30 0.96
N GLU B 38 -6.96 14.79 0.66
CA GLU B 38 -7.62 15.92 1.32
C GLU B 38 -9.16 15.85 1.19
N GLU B 39 -9.88 16.57 2.04
CA GLU B 39 -11.35 16.65 1.99
C GLU B 39 -11.90 17.50 0.84
N LYS B 40 -13.21 17.37 0.61
CA LYS B 40 -13.95 18.17 -0.38
C LYS B 40 -15.34 18.53 0.14
N ASP B 41 -15.71 19.81 0.24
CA ASP B 41 -17.03 20.24 0.73
C ASP B 41 -17.46 19.63 2.09
N GLY B 42 -16.48 19.21 2.90
CA GLY B 42 -16.65 18.49 4.16
C GLY B 42 -16.80 16.95 4.03
N TRP B 43 -16.89 16.44 2.81
CA TRP B 43 -16.90 15.02 2.46
C TRP B 43 -15.49 14.47 2.29
N LEU B 44 -15.27 13.30 2.89
CA LEU B 44 -14.05 12.50 2.82
C LEU B 44 -14.38 11.12 2.26
N TYR B 45 -13.42 10.44 1.63
CA TYR B 45 -13.65 9.15 0.96
C TYR B 45 -12.70 8.09 1.50
N GLY B 46 -13.25 6.92 1.78
CA GLY B 46 -12.54 5.82 2.43
C GLY B 46 -13.22 4.47 2.29
N GLU B 47 -12.64 3.46 2.92
CA GLU B 47 -13.11 2.07 2.96
C GLU B 47 -13.23 1.60 4.43
N HIS B 48 -14.41 1.09 4.80
CA HIS B 48 -14.72 0.64 6.15
C HIS B 48 -13.94 -0.63 6.54
N ASP B 49 -13.27 -0.61 7.69
CA ASP B 49 -12.40 -1.69 8.19
C ASP B 49 -13.14 -2.94 8.75
N VAL B 50 -14.46 -3.07 8.52
CA VAL B 50 -15.30 -4.20 9.01
C VAL B 50 -16.18 -4.84 7.92
N SER B 51 -16.37 -4.14 6.81
CA SER B 51 -17.34 -4.46 5.74
C SER B 51 -16.74 -4.27 4.32
N LYS B 52 -15.66 -3.49 4.19
CA LYS B 52 -14.96 -3.14 2.94
C LYS B 52 -15.82 -2.29 1.98
N ALA B 53 -16.94 -1.76 2.47
CA ALA B 53 -17.74 -0.75 1.79
C ALA B 53 -16.96 0.57 1.64
N ARG B 54 -17.11 1.24 0.49
CA ARG B 54 -16.49 2.53 0.17
C ARG B 54 -17.56 3.55 -0.21
N GLY B 55 -17.25 4.82 0.00
CA GLY B 55 -18.14 5.93 -0.28
C GLY B 55 -17.69 7.22 0.39
N TRP B 56 -18.28 8.35 -0.01
CA TRP B 56 -18.08 9.62 0.66
C TRP B 56 -18.81 9.58 2.01
N PHE B 57 -18.11 10.00 3.07
CA PHE B 57 -18.64 10.13 4.41
C PHE B 57 -18.35 11.53 5.02
N PRO B 58 -19.18 12.00 5.96
CA PRO B 58 -18.98 13.26 6.67
C PRO B 58 -17.82 13.19 7.68
N SER B 59 -16.75 13.97 7.47
CA SER B 59 -15.67 14.12 8.46
C SER B 59 -16.16 14.70 9.80
N SER B 60 -17.23 15.50 9.79
CA SER B 60 -17.79 16.07 11.03
C SER B 60 -18.30 15.01 12.03
N TYR B 61 -18.78 13.86 11.54
CA TYR B 61 -19.14 12.68 12.34
C TYR B 61 -17.95 11.76 12.68
N THR B 62 -16.71 12.13 12.35
CA THR B 62 -15.50 11.33 12.61
C THR B 62 -14.39 12.16 13.25
N LYS B 63 -13.32 11.49 13.70
CA LYS B 63 -12.05 12.13 14.10
C LYS B 63 -10.87 11.19 13.90
N LEU B 64 -9.65 11.74 13.85
CA LEU B 64 -8.41 10.99 13.67
C LEU B 64 -8.22 9.87 14.70
N LEU B 65 -7.43 8.86 14.31
CA LEU B 65 -7.02 7.73 15.16
C LEU B 65 -5.56 7.88 15.63
N GLU B 66 -4.98 9.08 15.50
CA GLU B 66 -3.65 9.42 16.05
C GLU B 66 -3.61 9.47 17.61
N GLU B 67 -4.77 9.53 18.27
CA GLU B 67 -4.93 9.49 19.73
C GLU B 67 -4.45 8.20 20.43
N LEU C 2 15.11 -16.25 -8.25
CA LEU C 2 14.79 -14.83 -7.89
C LEU C 2 14.69 -13.90 -9.12
N PRO C 3 15.79 -13.52 -9.80
CA PRO C 3 15.76 -12.42 -10.79
C PRO C 3 14.95 -12.79 -12.06
N ASP C 4 15.02 -14.05 -12.50
CA ASP C 4 14.22 -14.56 -13.62
C ASP C 4 12.73 -14.63 -13.28
N VAL C 5 12.37 -15.07 -12.06
CA VAL C 5 10.97 -15.28 -11.63
C VAL C 5 10.15 -13.99 -11.71
N ALA C 6 10.73 -12.85 -11.32
CA ALA C 6 10.07 -11.55 -11.40
C ALA C 6 9.68 -11.16 -12.84
N GLN C 7 10.51 -11.51 -13.83
CA GLN C 7 10.21 -11.23 -15.24
C GLN C 7 8.95 -11.99 -15.73
N ARG C 8 8.66 -13.15 -15.11
CA ARG C 8 7.48 -14.00 -15.36
C ARG C 8 6.29 -13.57 -14.51
N LEU C 9 6.53 -13.08 -13.29
CA LEU C 9 5.49 -12.56 -12.40
C LEU C 9 4.74 -11.39 -13.04
N MET C 10 5.46 -10.41 -13.58
CA MET C 10 4.81 -9.21 -14.16
C MET C 10 3.83 -9.57 -15.29
N GLN C 11 4.17 -10.59 -16.08
CA GLN C 11 3.32 -11.14 -17.14
C GLN C 11 2.03 -11.77 -16.59
N HIS C 12 2.10 -12.48 -15.45
CA HIS C 12 0.92 -13.04 -14.78
C HIS C 12 0.02 -11.95 -14.19
N LEU C 13 0.60 -11.00 -13.46
CA LEU C 13 -0.17 -9.97 -12.75
C LEU C 13 -0.96 -9.06 -13.71
N ALA C 14 -0.44 -8.87 -14.94
CA ALA C 14 -1.08 -8.06 -15.98
C ALA C 14 -2.39 -8.69 -16.52
N GLU C 15 -2.57 -10.00 -16.34
CA GLU C 15 -3.71 -10.78 -16.80
C GLU C 15 -4.95 -10.61 -15.90
N HIS C 16 -4.72 -10.15 -14.66
CA HIS C 16 -5.73 -9.91 -13.62
C HIS C 16 -5.79 -8.43 -13.21
N GLY C 17 -4.95 -7.59 -13.82
CA GLY C 17 -4.75 -6.18 -13.46
C GLY C 17 -4.15 -5.95 -12.06
N ILE C 18 -3.52 -6.95 -11.44
CA ILE C 18 -2.71 -6.78 -10.22
C ILE C 18 -1.48 -5.92 -10.53
N GLN C 19 -1.02 -5.17 -9.53
CA GLN C 19 0.20 -4.36 -9.59
C GLN C 19 0.94 -4.40 -8.23
N PRO C 20 2.28 -4.21 -8.22
CA PRO C 20 3.06 -4.11 -6.98
C PRO C 20 2.69 -2.85 -6.19
N ALA C 21 3.04 -2.80 -4.89
CA ALA C 21 2.82 -1.64 -4.01
C ALA C 21 3.69 -0.43 -4.41
N ARG C 22 4.74 -0.66 -5.21
CA ARG C 22 5.51 0.38 -5.92
C ARG C 22 4.74 1.04 -7.08
N ASN C 23 3.52 0.59 -7.38
CA ASN C 23 2.66 1.10 -8.47
C ASN C 23 1.18 1.24 -8.05
N MET C 24 0.89 1.53 -6.78
CA MET C 24 -0.48 1.77 -6.31
C MET C 24 -1.11 3.01 -6.96
N ALA C 25 -2.39 2.91 -7.30
CA ALA C 25 -3.21 4.00 -7.81
C ALA C 25 -4.70 3.72 -7.61
N GLU C 26 -5.53 4.75 -7.86
CA GLU C 26 -6.98 4.75 -7.69
C GLU C 26 -7.63 5.84 -8.57
N HIS C 27 -8.96 6.00 -8.44
CA HIS C 27 -9.78 6.93 -9.24
C HIS C 27 -10.56 7.93 -8.40
N ILE C 28 -11.27 7.40 -7.41
CA ILE C 28 -12.19 8.09 -6.52
C ILE C 28 -13.45 8.66 -7.24
N PRO C 29 -14.67 8.41 -6.71
CA PRO C 29 -15.94 8.93 -7.22
C PRO C 29 -16.08 10.46 -7.11
N PRO C 30 -17.12 11.10 -7.70
CA PRO C 30 -17.31 12.55 -7.66
C PRO C 30 -17.59 13.11 -6.27
N ALA C 31 -18.82 12.90 -5.77
CA ALA C 31 -19.43 13.43 -4.54
C ALA C 31 -20.97 13.59 -4.67
N PRO C 32 -21.70 13.73 -3.55
CA PRO C 32 -23.14 14.03 -3.52
C PRO C 32 -23.48 15.48 -3.92
N ASN C 33 -24.77 15.76 -4.08
CA ASN C 33 -25.33 17.07 -4.48
C ASN C 33 -25.52 18.07 -3.30
N TRP C 34 -25.20 17.69 -2.06
CA TRP C 34 -25.36 18.50 -0.85
C TRP C 34 -24.12 18.41 0.06
N PRO C 35 -23.92 19.38 0.98
CA PRO C 35 -22.78 19.38 1.89
C PRO C 35 -22.86 18.31 2.99
N ALA C 36 -21.71 17.95 3.54
CA ALA C 36 -21.62 16.96 4.60
C ALA C 36 -22.31 17.43 5.91
N PRO C 37 -23.11 16.55 6.57
CA PRO C 37 -23.79 16.85 7.83
C PRO C 37 -22.84 17.02 9.03
N THR C 38 -23.38 17.53 10.15
CA THR C 38 -22.63 17.93 11.36
C THR C 38 -23.18 17.30 12.65
N PRO C 39 -22.34 17.06 13.68
CA PRO C 39 -22.73 16.42 14.94
C PRO C 39 -23.65 17.31 15.80
N PRO C 40 -24.24 16.76 16.88
CA PRO C 40 -25.07 17.50 17.84
C PRO C 40 -24.24 18.46 18.70
N VAL C 41 -23.87 19.60 18.13
CA VAL C 41 -23.04 20.62 18.78
C VAL C 41 -23.47 22.04 18.33
N GLN C 42 -23.89 22.87 19.30
CA GLN C 42 -24.27 24.27 19.14
C GLN C 42 -23.91 25.07 20.42
N ASN C 43 -24.25 26.37 20.44
CA ASN C 43 -24.21 27.25 21.62
C ASN C 43 -25.35 26.94 22.62
N GLU C 44 -25.19 25.91 23.45
CA GLU C 44 -26.14 25.55 24.53
C GLU C 44 -25.44 25.17 25.86
N GLN C 45 -26.22 24.95 26.92
CA GLN C 45 -25.76 24.46 28.22
C GLN C 45 -26.12 22.98 28.46
N SER C 46 -25.31 22.31 29.29
CA SER C 46 -25.45 20.90 29.70
C SER C 46 -24.90 20.68 31.13
N ARG C 47 -25.04 19.44 31.65
CA ARG C 47 -24.56 19.01 32.99
C ARG C 47 -24.99 19.98 34.12
N PRO C 48 -26.31 20.13 34.39
CA PRO C 48 -26.85 20.98 35.45
C PRO C 48 -26.41 20.56 36.86
N GLY A 1 -2.85 -32.02 5.65
CA GLY A 1 -2.16 -30.98 6.45
C GLY A 1 -1.61 -29.87 5.57
N SER A 2 -0.28 -29.81 5.42
CA SER A 2 0.47 -28.69 4.81
C SER A 2 1.67 -29.13 3.95
N ASN A 3 1.58 -30.30 3.32
CA ASN A 3 2.62 -30.90 2.47
C ASN A 3 2.04 -31.45 1.16
N PHE A 4 2.74 -31.24 0.04
CA PHE A 4 2.30 -31.55 -1.34
C PHE A 4 3.48 -31.99 -2.23
N GLN A 5 3.24 -32.22 -3.53
CA GLN A 5 4.28 -32.59 -4.50
C GLN A 5 5.01 -31.37 -5.11
N HIS A 6 4.36 -30.67 -6.05
CA HIS A 6 4.89 -29.49 -6.74
C HIS A 6 4.99 -28.21 -5.88
N ILE A 7 4.36 -28.22 -4.70
CA ILE A 7 4.25 -27.12 -3.73
C ILE A 7 4.39 -27.67 -2.31
N GLY A 8 4.20 -26.81 -1.32
CA GLY A 8 4.01 -27.18 0.09
C GLY A 8 4.72 -26.18 1.02
N HIS A 9 5.85 -25.65 0.54
CA HIS A 9 6.67 -24.61 1.17
C HIS A 9 5.93 -23.28 1.45
N VAL A 10 5.07 -22.82 0.53
CA VAL A 10 4.26 -21.60 0.67
C VAL A 10 3.12 -21.82 1.68
N GLY A 11 2.94 -20.86 2.59
CA GLY A 11 1.99 -20.91 3.71
C GLY A 11 0.79 -19.96 3.58
N TRP A 12 0.40 -19.61 2.35
CA TRP A 12 -0.68 -18.68 2.06
C TRP A 12 -2.06 -19.26 2.40
N ASP A 13 -3.00 -18.38 2.76
CA ASP A 13 -4.42 -18.73 2.93
C ASP A 13 -5.42 -17.71 2.33
N PRO A 14 -6.57 -18.19 1.78
CA PRO A 14 -7.63 -17.37 1.18
C PRO A 14 -8.46 -16.54 2.19
N ASN A 15 -8.10 -16.57 3.48
CA ASN A 15 -8.77 -15.83 4.57
C ASN A 15 -7.90 -14.73 5.18
N THR A 16 -6.58 -14.91 5.16
CA THR A 16 -5.60 -14.07 5.90
C THR A 16 -4.40 -13.64 5.07
N GLY A 17 -3.94 -14.47 4.13
CA GLY A 17 -2.85 -14.15 3.19
C GLY A 17 -1.56 -14.96 3.41
N PHE A 18 -0.43 -14.48 2.88
CA PHE A 18 0.88 -15.14 3.03
C PHE A 18 1.33 -15.15 4.50
N ASP A 19 2.02 -16.22 4.93
CA ASP A 19 2.51 -16.36 6.32
C ASP A 19 3.84 -15.62 6.54
N LEU A 20 3.76 -14.29 6.56
CA LEU A 20 4.87 -13.35 6.74
C LEU A 20 5.81 -13.70 7.91
N ASN A 21 5.22 -14.23 9.00
CA ASN A 21 5.93 -14.71 10.18
C ASN A 21 6.93 -15.86 9.89
N ASN A 22 6.69 -16.69 8.86
CA ASN A 22 7.54 -17.84 8.51
C ASN A 22 7.77 -18.00 6.99
N LEU A 23 7.67 -16.92 6.22
CA LEU A 23 7.80 -16.93 4.76
C LEU A 23 9.16 -17.50 4.28
N ASP A 24 9.13 -18.13 3.11
CA ASP A 24 10.29 -18.81 2.51
C ASP A 24 11.44 -17.84 2.18
N PRO A 25 12.70 -18.32 2.05
CA PRO A 25 13.89 -17.51 1.76
C PRO A 25 13.88 -16.84 0.38
N GLU A 26 12.93 -17.20 -0.48
CA GLU A 26 12.77 -16.68 -1.84
C GLU A 26 11.45 -15.92 -2.05
N LEU A 27 10.45 -16.16 -1.18
CA LEU A 27 9.07 -15.66 -1.33
C LEU A 27 8.99 -14.15 -1.07
N LYS A 28 9.21 -13.76 0.19
CA LYS A 28 9.34 -12.36 0.59
C LYS A 28 10.41 -11.61 -0.21
N ASN A 29 11.46 -12.34 -0.61
CA ASN A 29 12.60 -11.83 -1.35
C ASN A 29 12.15 -11.35 -2.75
N LEU A 30 11.34 -12.15 -3.45
CA LEU A 30 10.68 -11.79 -4.71
C LEU A 30 9.64 -10.67 -4.51
N PHE A 31 8.82 -10.74 -3.46
CA PHE A 31 7.83 -9.71 -3.20
C PHE A 31 8.49 -8.32 -3.11
N ASP A 32 9.59 -8.21 -2.37
CA ASP A 32 10.41 -7.00 -2.28
C ASP A 32 11.17 -6.66 -3.59
N MET A 33 11.43 -7.65 -4.45
CA MET A 33 12.11 -7.47 -5.73
C MET A 33 11.21 -6.77 -6.75
N CYS A 34 10.05 -7.37 -7.06
CA CYS A 34 9.11 -6.82 -8.03
C CYS A 34 8.45 -5.52 -7.52
N GLY A 35 8.18 -5.45 -6.21
CA GLY A 35 7.62 -4.28 -5.53
C GLY A 35 6.32 -4.53 -4.76
N ILE A 36 5.89 -5.79 -4.63
CA ILE A 36 4.75 -6.18 -3.81
C ILE A 36 5.00 -5.85 -2.32
N SER A 37 3.95 -5.45 -1.61
CA SER A 37 4.00 -5.11 -0.17
C SER A 37 3.03 -5.97 0.66
N GLU A 38 3.24 -6.02 1.97
CA GLU A 38 2.44 -6.83 2.92
C GLU A 38 0.93 -6.61 2.80
N ALA A 39 0.49 -5.39 2.45
CA ALA A 39 -0.91 -5.10 2.19
C ALA A 39 -1.52 -6.01 1.10
N GLN A 40 -0.79 -6.23 0.00
CA GLN A 40 -1.22 -7.11 -1.09
C GLN A 40 -1.18 -8.58 -0.67
N LEU A 41 -0.15 -9.00 0.08
CA LEU A 41 0.01 -10.36 0.61
C LEU A 41 -1.05 -10.75 1.63
N LYS A 42 -1.66 -9.77 2.31
CA LYS A 42 -2.81 -9.95 3.21
C LYS A 42 -4.16 -9.76 2.52
N ASP A 43 -4.16 -9.36 1.25
CA ASP A 43 -5.39 -9.13 0.48
C ASP A 43 -5.87 -10.44 -0.14
N ARG A 44 -7.02 -10.96 0.28
CA ARG A 44 -7.59 -12.21 -0.25
C ARG A 44 -7.89 -12.17 -1.75
N GLU A 45 -7.88 -10.98 -2.34
CA GLU A 45 -8.15 -10.73 -3.76
C GLU A 45 -6.87 -10.48 -4.58
N THR A 46 -5.75 -10.12 -3.93
CA THR A 46 -4.44 -9.89 -4.59
C THR A 46 -3.45 -11.02 -4.30
N SER A 47 -3.26 -11.37 -3.03
CA SER A 47 -2.42 -12.50 -2.58
C SER A 47 -2.82 -13.82 -3.23
N LYS A 48 -4.12 -14.04 -3.48
CA LYS A 48 -4.65 -15.16 -4.27
C LYS A 48 -3.99 -15.28 -5.65
N VAL A 49 -3.92 -14.19 -6.40
CA VAL A 49 -3.31 -14.14 -7.74
C VAL A 49 -1.80 -14.34 -7.65
N ILE A 50 -1.15 -13.69 -6.68
CA ILE A 50 0.30 -13.81 -6.48
C ILE A 50 0.66 -15.27 -6.13
N TYR A 51 -0.15 -15.94 -5.31
CA TYR A 51 0.00 -17.36 -4.97
C TYR A 51 -0.25 -18.29 -6.17
N ASP A 52 -1.30 -18.06 -6.95
CA ASP A 52 -1.60 -18.83 -8.17
C ASP A 52 -0.41 -18.89 -9.14
N PHE A 53 0.39 -17.81 -9.20
CA PHE A 53 1.63 -17.77 -9.97
C PHE A 53 2.69 -18.73 -9.41
N ILE A 54 2.98 -18.71 -8.11
CA ILE A 54 4.00 -19.61 -7.54
C ILE A 54 3.56 -21.08 -7.70
N GLU A 55 2.27 -21.39 -7.55
CA GLU A 55 1.71 -22.74 -7.73
C GLU A 55 1.82 -23.27 -9.18
N LYS A 56 2.17 -22.40 -10.14
CA LYS A 56 2.16 -22.71 -11.58
C LYS A 56 3.44 -22.33 -12.35
N THR A 57 4.31 -21.54 -11.71
CA THR A 57 5.48 -20.89 -12.34
C THR A 57 6.65 -20.67 -11.36
N GLY A 58 6.37 -20.59 -10.07
CA GLY A 58 7.38 -20.63 -9.00
C GLY A 58 7.81 -22.07 -8.70
N GLY A 59 7.44 -22.59 -7.53
CA GLY A 59 7.89 -23.86 -6.94
C GLY A 59 9.40 -23.98 -6.68
N VAL A 60 9.79 -24.30 -5.45
CA VAL A 60 11.21 -24.47 -5.05
C VAL A 60 11.97 -25.48 -5.91
N GLU A 61 11.35 -26.60 -6.29
CA GLU A 61 11.97 -27.63 -7.16
C GLU A 61 11.98 -27.25 -8.64
N ALA A 62 11.03 -26.42 -9.06
CA ALA A 62 10.92 -25.88 -10.42
C ALA A 62 11.99 -24.81 -10.71
N VAL A 63 12.23 -23.90 -9.74
CA VAL A 63 13.20 -22.79 -9.84
C VAL A 63 14.65 -23.28 -9.93
N LYS A 64 14.95 -24.50 -9.44
CA LYS A 64 16.25 -25.18 -9.62
C LYS A 64 16.65 -25.42 -11.09
N ASN A 65 15.68 -25.44 -12.00
CA ASN A 65 15.80 -25.68 -13.46
C ASN A 65 16.76 -26.84 -13.83
N GLY B 1 1.91 3.90 7.09
CA GLY B 1 2.09 3.36 5.72
C GLY B 1 1.25 4.13 4.70
N SER B 2 0.60 3.42 3.78
CA SER B 2 -0.23 4.01 2.71
C SER B 2 -1.43 4.80 3.27
N HIS B 3 -1.56 6.07 2.86
CA HIS B 3 -2.67 6.97 3.21
C HIS B 3 -2.79 8.12 2.19
N MET B 4 -3.98 8.71 2.06
CA MET B 4 -4.20 9.98 1.35
C MET B 4 -3.50 11.19 2.03
N LYS B 5 -3.51 12.37 1.39
CA LYS B 5 -2.99 13.62 1.97
C LYS B 5 -3.70 14.00 3.28
N LYS B 6 -3.01 14.79 4.11
CA LYS B 6 -3.45 15.26 5.44
C LYS B 6 -4.25 16.59 5.42
N GLN B 7 -4.75 17.00 4.26
CA GLN B 7 -5.52 18.23 4.06
C GLN B 7 -6.89 17.91 3.46
N LYS B 8 -7.95 18.46 4.06
CA LYS B 8 -9.36 18.27 3.64
C LYS B 8 -10.17 19.55 3.83
N VAL B 9 -11.38 19.59 3.26
CA VAL B 9 -12.36 20.69 3.40
C VAL B 9 -13.79 20.16 3.54
N LYS B 10 -14.66 21.00 4.11
CA LYS B 10 -16.11 20.82 4.08
C LYS B 10 -16.71 21.76 3.04
N THR B 11 -17.51 21.23 2.13
CA THR B 11 -18.32 22.04 1.21
C THR B 11 -19.48 22.68 1.99
N ILE B 12 -19.87 23.90 1.64
CA ILE B 12 -20.96 24.67 2.29
C ILE B 12 -22.10 24.98 1.31
N PHE B 13 -21.94 24.59 0.04
CA PHE B 13 -22.91 24.75 -1.04
C PHE B 13 -22.73 23.66 -2.11
N PRO B 14 -23.78 23.34 -2.91
CA PRO B 14 -23.70 22.37 -4.00
C PRO B 14 -22.87 22.88 -5.20
N HIS B 15 -22.42 21.95 -6.05
CA HIS B 15 -21.77 22.23 -7.34
C HIS B 15 -22.21 21.22 -8.42
N THR B 16 -22.28 21.68 -9.67
CA THR B 16 -22.85 20.95 -10.82
C THR B 16 -21.90 21.03 -12.01
N ALA B 17 -21.18 19.93 -12.26
CA ALA B 17 -20.22 19.79 -13.36
C ALA B 17 -20.83 19.92 -14.76
N GLY B 18 -22.12 19.59 -14.91
CA GLY B 18 -22.91 19.71 -16.14
C GLY B 18 -22.59 18.63 -17.19
N SER B 19 -21.44 18.74 -17.84
CA SER B 19 -21.01 17.87 -18.97
C SER B 19 -19.49 17.56 -19.01
N ASN B 20 -18.70 18.07 -18.05
CA ASN B 20 -17.25 17.88 -17.98
C ASN B 20 -16.84 16.51 -17.38
N LYS B 21 -15.56 16.16 -17.56
CA LYS B 21 -14.93 14.91 -17.07
C LYS B 21 -13.72 15.20 -16.14
N THR B 22 -13.53 16.47 -15.75
CA THR B 22 -12.47 16.95 -14.85
C THR B 22 -13.04 17.77 -13.69
N LEU B 23 -14.35 17.70 -13.42
CA LEU B 23 -15.04 18.42 -12.34
C LEU B 23 -15.64 17.46 -11.29
N LEU B 24 -15.84 17.98 -10.07
CA LEU B 24 -16.37 17.24 -8.93
C LEU B 24 -17.69 17.87 -8.43
N SER B 25 -18.77 17.10 -8.42
CA SER B 25 -20.11 17.52 -7.95
C SER B 25 -20.41 16.99 -6.54
N PHE B 26 -21.26 17.73 -5.82
CA PHE B 26 -21.65 17.48 -4.42
C PHE B 26 -22.82 18.38 -3.98
N ALA B 27 -23.24 18.22 -2.72
CA ALA B 27 -24.18 19.10 -2.02
C ALA B 27 -23.46 19.92 -0.92
N GLN B 28 -24.21 20.74 -0.17
CA GLN B 28 -23.75 21.35 1.09
C GLN B 28 -23.51 20.29 2.18
N GLY B 29 -22.51 20.52 3.03
CA GLY B 29 -22.19 19.69 4.21
C GLY B 29 -21.36 18.44 3.87
N ASP B 30 -21.04 18.24 2.58
CA ASP B 30 -20.17 17.18 2.10
C ASP B 30 -18.68 17.45 2.40
N VAL B 31 -17.83 16.43 2.24
CA VAL B 31 -16.41 16.46 2.64
C VAL B 31 -15.53 15.97 1.49
N ILE B 32 -14.47 16.73 1.20
CA ILE B 32 -13.54 16.50 0.10
C ILE B 32 -12.11 16.53 0.65
N THR B 33 -11.33 15.50 0.33
CA THR B 33 -9.89 15.46 0.62
C THR B 33 -9.14 16.12 -0.54
N LEU B 34 -8.30 17.11 -0.28
CA LEU B 34 -7.44 17.72 -1.31
C LEU B 34 -6.36 16.73 -1.75
N LEU B 35 -6.03 16.74 -3.04
CA LEU B 35 -5.02 15.89 -3.68
C LEU B 35 -3.83 16.71 -4.22
N ILE B 36 -3.84 18.04 -4.04
CA ILE B 36 -2.86 19.00 -4.59
C ILE B 36 -2.33 19.93 -3.47
N PRO B 37 -1.12 20.49 -3.59
CA PRO B 37 -0.48 21.30 -2.54
C PRO B 37 -1.05 22.72 -2.39
N GLU B 38 -1.63 23.29 -3.45
CA GLU B 38 -2.16 24.66 -3.51
C GLU B 38 -3.30 24.80 -4.54
N GLU B 39 -4.09 25.88 -4.47
CA GLU B 39 -5.20 26.12 -5.42
C GLU B 39 -4.77 26.79 -6.73
N LYS B 40 -5.72 26.87 -7.68
CA LYS B 40 -5.48 27.45 -9.01
C LYS B 40 -6.73 28.15 -9.54
N ASP B 41 -6.69 29.45 -9.82
CA ASP B 41 -7.86 30.20 -10.34
C ASP B 41 -9.15 30.07 -9.49
N GLY B 42 -8.97 29.76 -8.20
CA GLY B 42 -10.05 29.41 -7.25
C GLY B 42 -10.62 28.00 -7.36
N TRP B 43 -10.06 27.17 -8.24
CA TRP B 43 -10.30 25.75 -8.32
C TRP B 43 -9.33 24.98 -7.44
N LEU B 44 -9.83 23.90 -6.85
CA LEU B 44 -9.11 22.94 -6.00
C LEU B 44 -9.40 21.52 -6.46
N TYR B 45 -8.42 20.61 -6.43
CA TYR B 45 -8.60 19.23 -6.86
C TYR B 45 -8.56 18.29 -5.66
N GLY B 46 -9.47 17.33 -5.66
CA GLY B 46 -9.67 16.44 -4.52
C GLY B 46 -10.49 15.20 -4.82
N GLU B 47 -10.80 14.45 -3.77
CA GLU B 47 -11.58 13.21 -3.78
C GLU B 47 -12.63 13.25 -2.65
N HIS B 48 -13.90 12.99 -2.99
CA HIS B 48 -15.02 12.99 -2.06
C HIS B 48 -14.96 11.81 -1.06
N ASP B 49 -15.12 12.08 0.24
CA ASP B 49 -15.02 11.07 1.30
C ASP B 49 -16.29 10.19 1.50
N VAL B 50 -17.23 10.20 0.54
CA VAL B 50 -18.47 9.39 0.57
C VAL B 50 -18.67 8.49 -0.67
N SER B 51 -18.01 8.85 -1.78
CA SER B 51 -18.15 8.19 -3.09
C SER B 51 -16.83 8.02 -3.85
N LYS B 52 -15.72 8.59 -3.36
CA LYS B 52 -14.37 8.55 -3.95
C LYS B 52 -14.31 9.15 -5.38
N ALA B 53 -15.29 10.00 -5.70
CA ALA B 53 -15.34 10.80 -6.92
C ALA B 53 -14.28 11.93 -6.86
N ARG B 54 -13.63 12.22 -7.98
CA ARG B 54 -12.52 13.19 -8.09
C ARG B 54 -12.77 14.20 -9.21
N GLY B 55 -12.20 15.38 -9.06
CA GLY B 55 -12.37 16.50 -10.00
C GLY B 55 -11.99 17.85 -9.38
N TRP B 56 -11.92 18.88 -10.21
CA TRP B 56 -11.79 20.25 -9.73
C TRP B 56 -13.13 20.69 -9.14
N PHE B 57 -13.07 21.23 -7.91
CA PHE B 57 -14.19 21.85 -7.22
C PHE B 57 -13.90 23.33 -6.90
N PRO B 58 -14.94 24.18 -6.82
CA PRO B 58 -14.81 25.58 -6.47
C PRO B 58 -14.48 25.80 -4.99
N SER B 59 -13.35 26.44 -4.73
CA SER B 59 -12.92 26.87 -3.40
C SER B 59 -13.97 27.73 -2.68
N SER B 60 -14.65 28.63 -3.41
CA SER B 60 -15.65 29.57 -2.85
C SER B 60 -16.87 28.89 -2.21
N TYR B 61 -17.27 27.70 -2.71
CA TYR B 61 -18.31 26.85 -2.13
C TYR B 61 -17.80 25.95 -0.97
N THR B 62 -16.56 26.13 -0.50
CA THR B 62 -15.93 25.38 0.59
C THR B 62 -15.20 26.32 1.57
N LYS B 63 -14.53 25.76 2.59
CA LYS B 63 -13.71 26.52 3.55
C LYS B 63 -12.51 25.71 4.05
N LEU B 64 -12.65 25.07 5.22
CA LEU B 64 -11.74 24.12 5.87
C LEU B 64 -12.56 23.01 6.56
N LEU B 65 -11.88 22.01 7.09
CA LEU B 65 -12.44 21.00 8.00
C LEU B 65 -11.83 21.06 9.42
N GLU B 66 -11.01 22.09 9.70
CA GLU B 66 -10.41 22.31 11.02
C GLU B 66 -11.46 22.64 12.10
N GLU B 67 -11.09 22.40 13.38
CA GLU B 67 -11.94 22.52 14.59
C GLU B 67 -13.34 21.88 14.48
N LEU C 2 14.82 -16.34 -7.74
CA LEU C 2 14.64 -14.87 -7.56
C LEU C 2 14.58 -14.09 -8.89
N PRO C 3 15.70 -13.83 -9.61
CA PRO C 3 15.73 -12.80 -10.67
C PRO C 3 14.92 -13.19 -11.92
N ASP C 4 14.94 -14.46 -12.32
CA ASP C 4 14.13 -14.97 -13.44
C ASP C 4 12.63 -15.06 -13.09
N VAL C 5 12.31 -15.37 -11.83
CA VAL C 5 10.93 -15.51 -11.35
C VAL C 5 10.18 -14.18 -11.43
N ALA C 6 10.82 -13.06 -11.11
CA ALA C 6 10.19 -11.74 -11.26
C ALA C 6 9.94 -11.36 -12.74
N GLN C 7 10.74 -11.88 -13.68
CA GLN C 7 10.59 -11.60 -15.11
C GLN C 7 9.27 -12.13 -15.69
N ARG C 8 8.75 -13.20 -15.05
CA ARG C 8 7.51 -13.92 -15.39
C ARG C 8 6.35 -13.61 -14.44
N LEU C 9 6.63 -13.13 -13.22
CA LEU C 9 5.60 -12.64 -12.29
C LEU C 9 4.89 -11.41 -12.86
N MET C 10 5.66 -10.40 -13.30
CA MET C 10 5.08 -9.14 -13.77
C MET C 10 4.16 -9.33 -15.00
N GLN C 11 4.45 -10.35 -15.81
CA GLN C 11 3.59 -10.80 -16.90
C GLN C 11 2.27 -11.42 -16.39
N HIS C 12 2.30 -12.25 -15.34
CA HIS C 12 1.10 -12.81 -14.70
C HIS C 12 0.22 -11.73 -14.05
N LEU C 13 0.81 -10.83 -13.27
CA LEU C 13 0.06 -9.82 -12.50
C LEU C 13 -0.63 -8.78 -13.39
N ALA C 14 -0.14 -8.57 -14.63
CA ALA C 14 -0.72 -7.68 -15.62
C ALA C 14 -2.02 -8.24 -16.24
N GLU C 15 -2.22 -9.57 -16.19
CA GLU C 15 -3.36 -10.28 -16.78
C GLU C 15 -4.63 -10.17 -15.93
N HIS C 16 -4.45 -9.85 -14.64
CA HIS C 16 -5.52 -9.68 -13.64
C HIS C 16 -5.57 -8.24 -13.10
N GLY C 17 -4.73 -7.34 -13.63
CA GLY C 17 -4.60 -5.94 -13.23
C GLY C 17 -4.13 -5.73 -11.77
N ILE C 18 -3.39 -6.69 -11.20
CA ILE C 18 -2.92 -6.66 -9.81
C ILE C 18 -1.94 -5.52 -9.56
N GLN C 19 -0.82 -5.65 -10.25
CA GLN C 19 0.44 -4.89 -10.17
C GLN C 19 1.06 -4.79 -8.74
N PRO C 20 2.38 -4.53 -8.62
CA PRO C 20 3.04 -4.36 -7.33
C PRO C 20 2.59 -3.06 -6.60
N ALA C 21 2.85 -2.99 -5.29
CA ALA C 21 2.53 -1.81 -4.47
C ALA C 21 3.37 -0.57 -4.83
N ARG C 22 4.50 -0.78 -5.51
CA ARG C 22 5.30 0.24 -6.23
C ARG C 22 4.61 0.89 -7.43
N ASN C 23 3.36 0.51 -7.75
CA ASN C 23 2.55 1.04 -8.85
C ASN C 23 1.16 1.49 -8.32
N MET C 24 1.17 2.56 -7.52
CA MET C 24 0.00 3.19 -6.88
C MET C 24 0.05 4.73 -6.97
N ALA C 25 -1.02 5.39 -6.51
CA ALA C 25 -1.28 6.82 -6.64
C ALA C 25 -1.44 7.33 -8.11
N GLU C 26 -1.71 8.62 -8.28
CA GLU C 26 -2.12 9.21 -9.58
C GLU C 26 -1.70 10.68 -9.77
N HIS C 27 -1.81 11.14 -11.02
CA HIS C 27 -1.57 12.52 -11.49
C HIS C 27 -2.78 13.45 -11.24
N ILE C 28 -2.61 14.73 -11.57
CA ILE C 28 -3.64 15.77 -11.43
C ILE C 28 -4.01 16.33 -12.83
N PRO C 29 -5.30 16.51 -13.14
CA PRO C 29 -5.82 17.09 -14.39
C PRO C 29 -5.48 18.59 -14.57
N PRO C 30 -5.75 19.20 -15.75
CA PRO C 30 -5.50 20.62 -16.00
C PRO C 30 -6.37 21.57 -15.17
N ALA C 31 -7.65 21.70 -15.54
CA ALA C 31 -8.68 22.63 -15.04
C ALA C 31 -9.74 22.98 -16.12
N PRO C 32 -10.92 23.50 -15.73
CA PRO C 32 -11.94 24.00 -16.66
C PRO C 32 -11.57 25.31 -17.36
N ASN C 33 -12.36 25.70 -18.37
CA ASN C 33 -12.15 26.89 -19.19
C ASN C 33 -12.65 28.22 -18.55
N TRP C 34 -13.33 28.15 -17.40
CA TRP C 34 -13.90 29.30 -16.67
C TRP C 34 -13.47 29.31 -15.20
N PRO C 35 -13.54 30.47 -14.50
CA PRO C 35 -13.20 30.55 -13.09
C PRO C 35 -14.24 29.88 -12.18
N ALA C 36 -13.82 29.51 -10.98
CA ALA C 36 -14.68 28.88 -9.99
C ALA C 36 -15.89 29.75 -9.61
N PRO C 37 -17.12 29.20 -9.60
CA PRO C 37 -18.33 29.93 -9.20
C PRO C 37 -18.31 30.35 -7.72
N THR C 38 -19.21 31.29 -7.36
CA THR C 38 -19.24 31.95 -6.05
C THR C 38 -20.62 31.80 -5.36
N PRO C 39 -20.65 31.73 -4.01
CA PRO C 39 -21.86 31.43 -3.22
C PRO C 39 -22.91 32.55 -3.26
N PRO C 40 -24.18 32.24 -2.90
CA PRO C 40 -25.28 33.20 -2.81
C PRO C 40 -25.13 34.14 -1.60
N VAL C 41 -24.25 35.14 -1.75
CA VAL C 41 -23.95 36.16 -0.73
C VAL C 41 -24.05 37.54 -1.34
N GLN C 42 -25.30 38.01 -1.50
CA GLN C 42 -25.65 39.35 -1.98
C GLN C 42 -27.05 39.74 -1.46
N ASN C 43 -27.48 41.00 -1.69
CA ASN C 43 -28.84 41.47 -1.38
C ASN C 43 -29.94 40.64 -2.08
N GLU C 44 -31.16 40.67 -1.54
CA GLU C 44 -32.32 39.90 -2.02
C GLU C 44 -32.65 40.15 -3.51
N GLN C 45 -32.82 39.06 -4.27
CA GLN C 45 -33.14 39.09 -5.71
C GLN C 45 -34.62 39.48 -5.99
N SER C 46 -34.92 39.78 -7.25
CA SER C 46 -36.27 40.11 -7.77
C SER C 46 -36.55 39.41 -9.12
N ARG C 47 -37.83 39.35 -9.52
CA ARG C 47 -38.30 38.65 -10.74
C ARG C 47 -39.44 39.43 -11.45
N PRO C 48 -39.19 40.68 -11.88
CA PRO C 48 -40.19 41.54 -12.55
C PRO C 48 -40.66 40.98 -13.91
N GLY A 1 8.11 -24.62 7.54
CA GLY A 1 7.46 -25.05 6.28
C GLY A 1 5.95 -24.96 6.37
N SER A 2 5.26 -24.96 5.22
CA SER A 2 3.78 -24.94 5.15
C SER A 2 3.16 -26.35 5.12
N ASN A 3 1.82 -26.41 5.07
CA ASN A 3 1.03 -27.64 5.16
C ASN A 3 0.60 -28.22 3.79
N PHE A 4 1.12 -27.66 2.68
CA PHE A 4 0.78 -28.04 1.30
C PHE A 4 1.47 -29.33 0.80
N GLN A 5 1.09 -29.76 -0.41
CA GLN A 5 1.52 -31.02 -1.06
C GLN A 5 2.20 -30.78 -2.42
N HIS A 6 1.48 -30.22 -3.40
CA HIS A 6 2.01 -29.84 -4.72
C HIS A 6 3.10 -28.75 -4.70
N ILE A 7 3.28 -28.05 -3.57
CA ILE A 7 4.25 -26.96 -3.40
C ILE A 7 5.05 -27.10 -2.10
N GLY A 8 4.36 -26.98 -0.96
CA GLY A 8 4.92 -27.27 0.38
C GLY A 8 5.91 -26.23 0.91
N HIS A 9 6.08 -25.11 0.19
CA HIS A 9 7.02 -24.02 0.51
C HIS A 9 6.35 -22.65 0.66
N VAL A 10 5.01 -22.63 0.67
CA VAL A 10 4.20 -21.41 0.62
C VAL A 10 3.05 -21.52 1.62
N GLY A 11 2.93 -20.56 2.53
CA GLY A 11 2.00 -20.59 3.68
C GLY A 11 0.80 -19.66 3.53
N TRP A 12 0.30 -19.49 2.31
CA TRP A 12 -0.81 -18.58 2.02
C TRP A 12 -2.19 -19.19 2.34
N ASP A 13 -3.15 -18.34 2.71
CA ASP A 13 -4.55 -18.73 2.89
C ASP A 13 -5.56 -17.72 2.30
N PRO A 14 -6.70 -18.19 1.74
CA PRO A 14 -7.74 -17.35 1.12
C PRO A 14 -8.57 -16.49 2.09
N ASN A 15 -8.27 -16.55 3.40
CA ASN A 15 -8.93 -15.74 4.44
C ASN A 15 -8.04 -14.63 5.01
N THR A 16 -6.71 -14.85 5.04
CA THR A 16 -5.74 -14.00 5.76
C THR A 16 -4.55 -13.59 4.90
N GLY A 17 -4.19 -14.39 3.91
CA GLY A 17 -3.07 -14.13 3.00
C GLY A 17 -1.81 -14.93 3.31
N PHE A 18 -0.66 -14.48 2.77
CA PHE A 18 0.65 -15.06 3.01
C PHE A 18 1.04 -15.01 4.50
N ASP A 19 1.76 -16.02 4.97
CA ASP A 19 2.21 -16.12 6.37
C ASP A 19 3.63 -15.50 6.56
N LEU A 20 3.73 -14.16 6.62
CA LEU A 20 5.00 -13.42 6.73
C LEU A 20 5.96 -13.99 7.80
N ASN A 21 5.42 -14.32 8.97
CA ASN A 21 6.14 -14.87 10.13
C ASN A 21 6.86 -16.20 9.84
N ASN A 22 6.48 -16.93 8.78
CA ASN A 22 7.00 -18.25 8.41
C ASN A 22 7.27 -18.38 6.90
N LEU A 23 7.38 -17.27 6.17
CA LEU A 23 7.65 -17.24 4.73
C LEU A 23 9.03 -17.84 4.38
N ASP A 24 9.11 -18.40 3.18
CA ASP A 24 10.30 -19.04 2.59
C ASP A 24 11.45 -18.04 2.34
N PRO A 25 12.71 -18.52 2.18
CA PRO A 25 13.86 -17.67 1.89
C PRO A 25 13.81 -17.01 0.50
N GLU A 26 12.88 -17.41 -0.36
CA GLU A 26 12.71 -16.89 -1.72
C GLU A 26 11.43 -16.06 -1.87
N LEU A 27 10.41 -16.31 -1.04
CA LEU A 27 9.04 -15.82 -1.24
C LEU A 27 8.96 -14.32 -1.00
N LYS A 28 9.20 -13.91 0.25
CA LYS A 28 9.30 -12.51 0.65
C LYS A 28 10.34 -11.73 -0.15
N ASN A 29 11.40 -12.43 -0.56
CA ASN A 29 12.54 -11.86 -1.28
C ASN A 29 12.14 -11.42 -2.70
N LEU A 30 11.44 -12.30 -3.43
CA LEU A 30 10.77 -12.01 -4.70
C LEU A 30 9.70 -10.93 -4.54
N PHE A 31 8.88 -10.99 -3.49
CA PHE A 31 7.82 -10.00 -3.33
C PHE A 31 8.41 -8.58 -3.26
N ASP A 32 9.48 -8.40 -2.47
CA ASP A 32 10.21 -7.13 -2.38
C ASP A 32 10.98 -6.76 -3.66
N MET A 33 11.34 -7.75 -4.48
CA MET A 33 12.06 -7.55 -5.75
C MET A 33 11.19 -6.83 -6.78
N CYS A 34 10.03 -7.41 -7.09
CA CYS A 34 9.09 -6.85 -8.07
C CYS A 34 8.45 -5.55 -7.52
N GLY A 35 8.25 -5.49 -6.19
CA GLY A 35 7.76 -4.31 -5.47
C GLY A 35 6.46 -4.53 -4.71
N ILE A 36 6.01 -5.77 -4.55
CA ILE A 36 4.85 -6.17 -3.77
C ILE A 36 5.11 -5.89 -2.28
N SER A 37 4.08 -5.41 -1.56
CA SER A 37 4.15 -5.13 -0.12
C SER A 37 3.27 -6.09 0.70
N GLU A 38 3.58 -6.24 1.98
CA GLU A 38 2.85 -7.08 2.95
C GLU A 38 1.33 -6.81 2.99
N ALA A 39 0.90 -5.59 2.67
CA ALA A 39 -0.52 -5.26 2.48
C ALA A 39 -1.19 -6.10 1.39
N GLN A 40 -0.53 -6.27 0.22
CA GLN A 40 -1.04 -7.05 -0.90
C GLN A 40 -1.01 -8.55 -0.61
N LEU A 41 0.01 -9.01 0.12
CA LEU A 41 0.14 -10.38 0.65
C LEU A 41 -0.96 -10.75 1.64
N LYS A 42 -1.55 -9.78 2.32
CA LYS A 42 -2.68 -9.97 3.25
C LYS A 42 -4.05 -9.66 2.61
N ASP A 43 -4.06 -9.30 1.32
CA ASP A 43 -5.27 -9.00 0.56
C ASP A 43 -5.80 -10.28 -0.08
N ARG A 44 -6.96 -10.79 0.34
CA ARG A 44 -7.56 -12.02 -0.21
C ARG A 44 -7.84 -11.95 -1.72
N GLU A 45 -7.81 -10.75 -2.30
CA GLU A 45 -8.08 -10.47 -3.71
C GLU A 45 -6.81 -10.26 -4.54
N THR A 46 -5.69 -9.88 -3.90
CA THR A 46 -4.37 -9.68 -4.57
C THR A 46 -3.42 -10.86 -4.29
N SER A 47 -3.25 -11.23 -3.01
CA SER A 47 -2.44 -12.38 -2.59
C SER A 47 -2.85 -13.69 -3.24
N LYS A 48 -4.17 -13.90 -3.48
CA LYS A 48 -4.70 -15.02 -4.25
C LYS A 48 -4.04 -15.18 -5.62
N VAL A 49 -3.95 -14.08 -6.37
CA VAL A 49 -3.33 -14.06 -7.71
C VAL A 49 -1.82 -14.26 -7.63
N ILE A 50 -1.17 -13.58 -6.69
CA ILE A 50 0.28 -13.71 -6.48
C ILE A 50 0.64 -15.18 -6.12
N TYR A 51 -0.19 -15.83 -5.30
CA TYR A 51 -0.05 -17.24 -4.94
C TYR A 51 -0.29 -18.19 -6.13
N ASP A 52 -1.33 -17.95 -6.93
CA ASP A 52 -1.64 -18.75 -8.13
C ASP A 52 -0.45 -18.81 -9.12
N PHE A 53 0.36 -17.73 -9.17
CA PHE A 53 1.61 -17.70 -9.93
C PHE A 53 2.66 -18.66 -9.38
N ILE A 54 2.90 -18.68 -8.07
CA ILE A 54 3.92 -19.56 -7.49
C ILE A 54 3.53 -21.03 -7.67
N GLU A 55 2.25 -21.37 -7.56
CA GLU A 55 1.71 -22.72 -7.78
C GLU A 55 1.79 -23.20 -9.25
N LYS A 56 2.23 -22.32 -10.18
CA LYS A 56 2.26 -22.60 -11.63
C LYS A 56 3.56 -22.16 -12.35
N THR A 57 4.41 -21.39 -11.68
CA THR A 57 5.58 -20.70 -12.28
C THR A 57 6.72 -20.47 -11.28
N GLY A 58 6.38 -20.31 -9.99
CA GLY A 58 7.31 -20.53 -8.88
C GLY A 58 7.61 -22.01 -8.70
N GLY A 59 7.39 -22.54 -7.49
CA GLY A 59 7.88 -23.85 -7.01
C GLY A 59 9.40 -23.91 -6.80
N VAL A 60 9.85 -24.26 -5.60
CA VAL A 60 11.30 -24.35 -5.27
C VAL A 60 12.07 -25.30 -6.22
N GLU A 61 11.51 -26.46 -6.56
CA GLU A 61 12.13 -27.42 -7.49
C GLU A 61 12.07 -26.96 -8.95
N ALA A 62 11.01 -26.21 -9.30
CA ALA A 62 10.81 -25.64 -10.61
C ALA A 62 11.80 -24.49 -10.92
N VAL A 63 12.06 -23.63 -9.93
CA VAL A 63 12.98 -22.47 -10.04
C VAL A 63 14.45 -22.90 -10.10
N LYS A 64 14.81 -24.06 -9.51
CA LYS A 64 16.16 -24.67 -9.67
C LYS A 64 16.48 -25.10 -11.11
N ASN A 65 15.47 -25.49 -11.90
CA ASN A 65 15.63 -26.07 -13.25
C ASN A 65 15.75 -24.99 -14.36
N GLY B 1 -14.93 -2.13 -2.68
CA GLY B 1 -14.53 -1.49 -3.96
C GLY B 1 -14.82 0.00 -4.00
N SER B 2 -14.91 0.57 -5.20
CA SER B 2 -15.24 1.98 -5.49
C SER B 2 -14.48 3.01 -4.62
N HIS B 3 -13.15 2.81 -4.56
CA HIS B 3 -12.20 3.56 -3.73
C HIS B 3 -12.18 5.09 -3.98
N MET B 4 -12.64 5.55 -5.15
CA MET B 4 -12.85 6.96 -5.49
C MET B 4 -14.13 7.12 -6.33
N LYS B 5 -14.91 8.17 -6.02
CA LYS B 5 -16.17 8.53 -6.72
C LYS B 5 -16.30 10.03 -7.04
N LYS B 6 -15.25 10.84 -6.79
CA LYS B 6 -15.26 12.30 -7.06
C LYS B 6 -15.48 12.62 -8.54
N GLN B 7 -14.89 11.81 -9.44
CA GLN B 7 -15.22 11.79 -10.87
C GLN B 7 -14.79 10.46 -11.52
N LYS B 8 -15.69 9.84 -12.29
CA LYS B 8 -15.47 8.62 -13.09
C LYS B 8 -16.12 8.72 -14.47
N VAL B 9 -15.75 7.80 -15.37
CA VAL B 9 -16.33 7.67 -16.72
C VAL B 9 -16.58 6.21 -17.06
N LYS B 10 -17.55 5.98 -17.95
CA LYS B 10 -17.77 4.70 -18.63
C LYS B 10 -17.23 4.83 -20.05
N THR B 11 -16.35 3.90 -20.42
CA THR B 11 -15.94 3.69 -21.80
C THR B 11 -17.11 3.06 -22.57
N ILE B 12 -17.38 3.52 -23.78
CA ILE B 12 -18.47 3.02 -24.65
C ILE B 12 -17.91 2.35 -25.92
N PHE B 13 -16.58 2.29 -26.03
CA PHE B 13 -15.84 1.70 -27.15
C PHE B 13 -14.45 1.21 -26.70
N PRO B 14 -13.84 0.22 -27.38
CA PRO B 14 -12.50 -0.27 -27.07
C PRO B 14 -11.38 0.70 -27.50
N HIS B 15 -10.16 0.49 -26.98
CA HIS B 15 -8.94 1.22 -27.38
C HIS B 15 -7.71 0.29 -27.30
N THR B 16 -6.72 0.54 -28.19
CA THR B 16 -5.55 -0.32 -28.42
C THR B 16 -4.26 0.49 -28.27
N ALA B 17 -3.68 0.42 -27.06
CA ALA B 17 -2.47 1.14 -26.67
C ALA B 17 -1.19 0.73 -27.44
N GLY B 18 -1.08 -0.53 -27.89
CA GLY B 18 0.15 -1.07 -28.46
C GLY B 18 1.33 -1.08 -27.48
N SER B 19 2.54 -0.83 -27.99
CA SER B 19 3.79 -0.82 -27.21
C SER B 19 3.95 0.34 -26.22
N ASN B 20 3.11 1.39 -26.29
CA ASN B 20 3.18 2.58 -25.43
C ASN B 20 2.89 2.26 -23.95
N LYS B 21 3.85 2.53 -23.06
CA LYS B 21 3.77 2.32 -21.60
C LYS B 21 3.02 3.42 -20.83
N THR B 22 2.45 4.40 -21.53
CA THR B 22 1.71 5.56 -20.99
C THR B 22 0.25 5.58 -21.47
N LEU B 23 -0.23 4.49 -22.06
CA LEU B 23 -1.61 4.36 -22.58
C LEU B 23 -2.40 3.26 -21.84
N LEU B 24 -3.73 3.36 -21.90
CA LEU B 24 -4.68 2.49 -21.21
C LEU B 24 -5.65 1.84 -22.23
N SER B 25 -5.89 0.53 -22.09
CA SER B 25 -6.71 -0.29 -22.98
C SER B 25 -7.84 -1.02 -22.23
N PHE B 26 -8.94 -1.26 -22.94
CA PHE B 26 -10.23 -1.75 -22.40
C PHE B 26 -11.19 -2.15 -23.54
N ALA B 27 -12.40 -2.58 -23.17
CA ALA B 27 -13.52 -2.87 -24.07
C ALA B 27 -14.73 -1.94 -23.80
N GLN B 28 -15.72 -1.93 -24.68
CA GLN B 28 -16.98 -1.20 -24.42
C GLN B 28 -17.65 -1.66 -23.12
N GLY B 29 -18.16 -0.69 -22.35
CA GLY B 29 -18.89 -0.91 -21.10
C GLY B 29 -18.01 -0.89 -19.84
N ASP B 30 -16.69 -0.77 -20.01
CA ASP B 30 -15.74 -0.74 -18.91
C ASP B 30 -15.69 0.63 -18.22
N VAL B 31 -15.27 0.67 -16.95
CA VAL B 31 -15.33 1.85 -16.08
C VAL B 31 -13.92 2.25 -15.62
N ILE B 32 -13.63 3.55 -15.70
CA ILE B 32 -12.32 4.14 -15.41
C ILE B 32 -12.50 5.30 -14.43
N THR B 33 -11.67 5.34 -13.40
CA THR B 33 -11.64 6.41 -12.39
C THR B 33 -10.60 7.45 -12.76
N LEU B 34 -10.98 8.73 -12.86
CA LEU B 34 -10.05 9.80 -13.24
C LEU B 34 -9.01 10.05 -12.13
N LEU B 35 -7.76 10.24 -12.54
CA LEU B 35 -6.60 10.51 -11.65
C LEU B 35 -6.06 11.95 -11.81
N ILE B 36 -6.66 12.76 -12.71
CA ILE B 36 -6.23 14.13 -13.06
C ILE B 36 -7.42 15.11 -12.98
N PRO B 37 -7.18 16.42 -12.76
CA PRO B 37 -8.24 17.42 -12.60
C PRO B 37 -8.96 17.81 -13.89
N GLU B 38 -8.31 17.69 -15.06
CA GLU B 38 -8.84 18.08 -16.37
C GLU B 38 -8.18 17.30 -17.53
N GLU B 39 -8.83 17.21 -18.69
CA GLU B 39 -8.33 16.53 -19.88
C GLU B 39 -7.29 17.35 -20.67
N LYS B 40 -6.66 16.69 -21.65
CA LYS B 40 -5.58 17.29 -22.46
C LYS B 40 -5.54 16.73 -23.88
N ASP B 41 -5.72 17.56 -24.91
CA ASP B 41 -5.73 17.09 -26.32
C ASP B 41 -6.76 15.96 -26.61
N GLY B 42 -7.81 15.90 -25.79
CA GLY B 42 -8.80 14.82 -25.76
C GLY B 42 -8.34 13.51 -25.09
N TRP B 43 -7.16 13.50 -24.48
CA TRP B 43 -6.67 12.43 -23.62
C TRP B 43 -7.02 12.71 -22.16
N LEU B 44 -7.34 11.64 -21.46
CA LEU B 44 -7.66 11.61 -20.03
C LEU B 44 -6.84 10.54 -19.33
N TYR B 45 -6.44 10.75 -18.08
CA TYR B 45 -5.64 9.79 -17.33
C TYR B 45 -6.43 9.28 -16.13
N GLY B 46 -6.38 7.97 -15.93
CA GLY B 46 -7.22 7.27 -14.96
C GLY B 46 -6.71 5.86 -14.66
N GLU B 47 -7.49 5.14 -13.86
CA GLU B 47 -7.25 3.78 -13.43
C GLU B 47 -8.52 2.94 -13.58
N HIS B 48 -8.43 1.78 -14.25
CA HIS B 48 -9.55 0.88 -14.48
C HIS B 48 -10.09 0.24 -13.18
N ASP B 49 -11.41 0.29 -12.95
CA ASP B 49 -12.06 -0.21 -11.72
C ASP B 49 -12.13 -1.77 -11.59
N VAL B 50 -11.59 -2.52 -12.57
CA VAL B 50 -11.63 -4.00 -12.62
C VAL B 50 -10.25 -4.65 -12.85
N SER B 51 -9.31 -3.86 -13.37
CA SER B 51 -7.99 -4.29 -13.86
C SER B 51 -6.86 -3.39 -13.31
N LYS B 52 -7.18 -2.31 -12.58
CA LYS B 52 -6.25 -1.32 -11.98
C LYS B 52 -5.22 -0.74 -12.97
N ALA B 53 -5.39 -0.99 -14.26
CA ALA B 53 -4.53 -0.52 -15.33
C ALA B 53 -4.64 0.99 -15.44
N ARG B 54 -3.50 1.67 -15.59
CA ARG B 54 -3.40 3.13 -15.72
C ARG B 54 -2.74 3.53 -17.03
N GLY B 55 -3.10 4.70 -17.51
CA GLY B 55 -2.61 5.27 -18.77
C GLY B 55 -3.52 6.36 -19.31
N TRP B 56 -3.08 7.08 -20.34
CA TRP B 56 -3.93 7.99 -21.07
C TRP B 56 -4.92 7.17 -21.91
N PHE B 57 -6.20 7.48 -21.78
CA PHE B 57 -7.28 6.95 -22.62
C PHE B 57 -7.99 8.07 -23.41
N PRO B 58 -8.56 7.75 -24.58
CA PRO B 58 -9.28 8.72 -25.40
C PRO B 58 -10.66 9.07 -24.83
N SER B 59 -10.84 10.36 -24.53
CA SER B 59 -12.09 10.92 -24.01
C SER B 59 -13.30 10.63 -24.92
N SER B 60 -13.15 10.71 -26.24
CA SER B 60 -14.23 10.51 -27.21
C SER B 60 -14.83 9.09 -27.22
N TYR B 61 -14.06 8.07 -26.81
CA TYR B 61 -14.55 6.70 -26.58
C TYR B 61 -15.20 6.52 -25.19
N THR B 62 -15.39 7.58 -24.41
CA THR B 62 -15.96 7.53 -23.05
C THR B 62 -17.02 8.63 -22.81
N LYS B 63 -17.72 8.54 -21.68
CA LYS B 63 -18.67 9.55 -21.19
C LYS B 63 -18.77 9.50 -19.66
N LEU B 64 -19.17 10.60 -19.04
CA LEU B 64 -19.32 10.70 -17.58
C LEU B 64 -20.34 9.69 -17.03
N LEU B 65 -20.22 9.41 -15.72
CA LEU B 65 -21.13 8.55 -14.96
C LEU B 65 -22.04 9.36 -13.99
N GLU B 66 -22.15 10.68 -14.21
CA GLU B 66 -23.17 11.52 -13.58
C GLU B 66 -24.61 11.02 -13.87
N GLU B 67 -25.52 11.19 -12.89
CA GLU B 67 -26.92 10.69 -12.86
C GLU B 67 -27.11 9.27 -13.46
N LEU C 2 15.18 -15.99 -7.61
CA LEU C 2 14.77 -14.56 -7.44
C LEU C 2 14.64 -13.79 -8.77
N PRO C 3 15.74 -13.40 -9.47
CA PRO C 3 15.65 -12.40 -10.55
C PRO C 3 14.86 -12.88 -11.78
N ASP C 4 14.97 -14.16 -12.13
CA ASP C 4 14.17 -14.75 -13.22
C ASP C 4 12.68 -14.86 -12.83
N VAL C 5 12.37 -15.16 -11.57
CA VAL C 5 10.98 -15.31 -11.10
C VAL C 5 10.20 -13.99 -11.20
N ALA C 6 10.82 -12.87 -10.85
CA ALA C 6 10.17 -11.56 -11.01
C ALA C 6 9.91 -11.19 -12.48
N GLN C 7 10.72 -11.69 -13.42
CA GLN C 7 10.59 -11.37 -14.85
C GLN C 7 9.34 -12.01 -15.48
N ARG C 8 8.88 -13.13 -14.88
CA ARG C 8 7.69 -13.91 -15.26
C ARG C 8 6.47 -13.63 -14.37
N LEU C 9 6.68 -13.13 -13.15
CA LEU C 9 5.59 -12.64 -12.30
C LEU C 9 4.81 -11.50 -12.95
N MET C 10 5.52 -10.50 -13.49
CA MET C 10 4.85 -9.32 -14.07
C MET C 10 3.90 -9.71 -15.22
N GLN C 11 4.26 -10.73 -15.99
CA GLN C 11 3.43 -11.31 -17.05
C GLN C 11 2.14 -11.96 -16.51
N HIS C 12 2.22 -12.67 -15.37
CA HIS C 12 1.04 -13.24 -14.70
C HIS C 12 0.12 -12.15 -14.14
N LEU C 13 0.68 -11.19 -13.41
CA LEU C 13 -0.11 -10.15 -12.74
C LEU C 13 -0.90 -9.29 -13.73
N ALA C 14 -0.39 -9.11 -14.96
CA ALA C 14 -1.03 -8.34 -16.03
C ALA C 14 -2.33 -9.00 -16.55
N GLU C 15 -2.49 -10.31 -16.33
CA GLU C 15 -3.64 -11.11 -16.78
C GLU C 15 -4.87 -10.93 -15.88
N HIS C 16 -4.65 -10.46 -14.65
CA HIS C 16 -5.66 -10.16 -13.63
C HIS C 16 -5.70 -8.66 -13.28
N GLY C 17 -4.79 -7.88 -13.85
CA GLY C 17 -4.60 -6.47 -13.53
C GLY C 17 -3.92 -6.18 -12.17
N ILE C 18 -3.36 -7.20 -11.51
CA ILE C 18 -2.53 -6.98 -10.32
C ILE C 18 -1.26 -6.19 -10.68
N GLN C 19 -0.71 -5.50 -9.68
CA GLN C 19 0.49 -4.65 -9.77
C GLN C 19 1.19 -4.58 -8.40
N PRO C 20 2.52 -4.36 -8.36
CA PRO C 20 3.25 -4.19 -7.11
C PRO C 20 2.86 -2.90 -6.37
N ALA C 21 3.14 -2.81 -5.08
CA ALA C 21 2.87 -1.63 -4.26
C ALA C 21 3.79 -0.43 -4.58
N ARG C 22 4.91 -0.69 -5.27
CA ARG C 22 5.75 0.32 -5.95
C ARG C 22 5.09 0.94 -7.20
N ASN C 23 3.86 0.55 -7.55
CA ASN C 23 3.06 1.11 -8.65
C ASN C 23 1.75 1.80 -8.19
N MET C 24 1.63 2.10 -6.88
CA MET C 24 0.58 2.97 -6.33
C MET C 24 0.78 4.45 -6.73
N ALA C 25 -0.05 5.36 -6.19
CA ALA C 25 -0.03 6.80 -6.48
C ALA C 25 1.37 7.44 -6.35
N GLU C 26 1.82 8.13 -7.40
CA GLU C 26 3.17 8.71 -7.52
C GLU C 26 3.15 10.07 -8.25
N HIS C 27 2.60 10.10 -9.46
CA HIS C 27 2.61 11.23 -10.41
C HIS C 27 1.77 10.88 -11.66
N ILE C 28 1.60 11.84 -12.58
CA ILE C 28 0.90 11.66 -13.86
C ILE C 28 1.91 11.76 -15.03
N PRO C 29 1.84 10.84 -16.02
CA PRO C 29 2.70 10.82 -17.22
C PRO C 29 2.47 12.01 -18.18
N PRO C 30 3.31 12.17 -19.25
CA PRO C 30 3.15 13.23 -20.25
C PRO C 30 1.90 13.07 -21.11
N ALA C 31 1.95 12.23 -22.15
CA ALA C 31 0.93 11.97 -23.19
C ALA C 31 1.55 11.38 -24.48
N PRO C 32 0.72 10.76 -25.35
CA PRO C 32 1.16 10.25 -26.66
C PRO C 32 1.48 11.36 -27.69
N ASN C 33 2.04 10.97 -28.83
CA ASN C 33 2.46 11.86 -29.93
C ASN C 33 1.36 12.12 -30.99
N TRP C 34 0.12 11.68 -30.75
CA TRP C 34 -1.06 11.90 -31.61
C TRP C 34 -2.31 12.21 -30.78
N PRO C 35 -3.33 12.85 -31.37
CA PRO C 35 -4.58 13.14 -30.67
C PRO C 35 -5.43 11.90 -30.42
N ALA C 36 -6.33 11.99 -29.43
CA ALA C 36 -7.24 10.90 -29.11
C ALA C 36 -8.18 10.55 -30.29
N PRO C 37 -8.31 9.26 -30.65
CA PRO C 37 -9.20 8.79 -31.71
C PRO C 37 -10.70 8.98 -31.37
N THR C 38 -11.55 8.92 -32.39
CA THR C 38 -13.00 9.23 -32.31
C THR C 38 -13.89 8.04 -32.70
N PRO C 39 -15.12 7.95 -32.13
CA PRO C 39 -16.06 6.84 -32.36
C PRO C 39 -16.63 6.77 -33.79
N PRO C 40 -17.31 5.66 -34.15
CA PRO C 40 -18.02 5.50 -35.43
C PRO C 40 -19.30 6.35 -35.48
N VAL C 41 -19.13 7.66 -35.67
CA VAL C 41 -20.21 8.64 -35.71
C VAL C 41 -19.92 9.74 -36.76
N GLN C 42 -20.98 10.23 -37.41
CA GLN C 42 -20.93 11.20 -38.53
C GLN C 42 -19.97 10.78 -39.67
N ASN C 43 -19.72 9.47 -39.84
CA ASN C 43 -18.81 8.87 -40.82
C ASN C 43 -19.29 7.47 -41.28
N GLU C 44 -18.54 6.85 -42.18
CA GLU C 44 -18.77 5.47 -42.67
C GLU C 44 -17.43 4.77 -42.94
N GLN C 45 -17.35 3.47 -42.63
CA GLN C 45 -16.12 2.66 -42.68
C GLN C 45 -16.39 1.23 -43.20
N SER C 46 -15.32 0.45 -43.40
CA SER C 46 -15.35 -0.93 -43.92
C SER C 46 -14.70 -1.93 -42.93
N ARG C 47 -14.78 -1.61 -41.62
CA ARG C 47 -14.19 -2.35 -40.49
C ARG C 47 -15.21 -2.57 -39.35
N PRO C 48 -16.37 -3.21 -39.61
CA PRO C 48 -17.42 -3.46 -38.62
C PRO C 48 -16.97 -4.41 -37.49
#